data_1OZO
#
_entry.id   1OZO
#
_cell.length_a   1.000
_cell.length_b   1.000
_cell.length_c   1.000
_cell.angle_alpha   90.00
_cell.angle_beta   90.00
_cell.angle_gamma   90.00
#
_symmetry.space_group_name_H-M   'P 1'
#
_entity_poly.entity_id   1
_entity_poly.type   'polypeptide(L)'
_entity_poly.pdbx_seq_one_letter_code
;MTELEAAMGMIIDVFSRYSGSEGSTQTLTKGELKVLMEKELPGFLQSGKDKDAVDKLLKDLDANGDAQVDFSEFIVFVAA
ITSASHKYFEKTGLK
;
_entity_poly.pdbx_strand_id   A,B
#
# COMPACT_ATOMS: atom_id res chain seq x y z
N MET A 1 -7.41 12.13 2.65
CA MET A 1 -7.81 10.83 3.23
C MET A 1 -9.18 10.34 2.70
N THR A 2 -9.27 9.94 1.43
CA THR A 2 -10.35 9.11 0.83
C THR A 2 -10.35 7.65 1.33
N GLU A 3 -11.13 6.73 0.74
CA GLU A 3 -11.16 5.31 1.11
C GLU A 3 -9.78 4.63 1.07
N LEU A 4 -9.09 4.66 -0.09
CA LEU A 4 -7.73 4.11 -0.20
C LEU A 4 -6.78 4.81 0.79
N GLU A 5 -6.84 6.13 0.81
CA GLU A 5 -5.98 6.96 1.65
C GLU A 5 -6.22 6.76 3.16
N ALA A 6 -7.45 6.40 3.57
CA ALA A 6 -7.87 6.06 4.93
C ALA A 6 -7.43 4.67 5.35
N ALA A 7 -7.54 3.67 4.46
CA ALA A 7 -6.93 2.36 4.68
C ALA A 7 -5.43 2.48 4.97
N MET A 8 -4.69 3.20 4.11
CA MET A 8 -3.30 3.55 4.39
C MET A 8 -3.15 4.37 5.67
N GLY A 9 -4.09 5.29 5.92
CA GLY A 9 -4.27 5.92 7.21
C GLY A 9 -4.22 4.94 8.39
N MET A 10 -4.94 3.81 8.32
CA MET A 10 -4.90 2.76 9.34
C MET A 10 -3.64 1.88 9.30
N ILE A 11 -2.90 1.82 8.19
CA ILE A 11 -1.62 1.09 8.10
C ILE A 11 -0.50 1.93 8.71
N ILE A 12 -0.46 3.22 8.36
CA ILE A 12 0.29 4.26 9.06
C ILE A 12 -0.14 4.30 10.54
N ASP A 13 -1.43 4.13 10.87
CA ASP A 13 -1.90 3.94 12.24
C ASP A 13 -1.30 2.68 12.88
N VAL A 14 -1.46 1.48 12.28
CA VAL A 14 -0.82 0.22 12.72
C VAL A 14 0.66 0.45 13.03
N PHE A 15 1.40 1.03 12.08
CA PHE A 15 2.79 1.40 12.30
C PHE A 15 2.96 2.33 13.52
N SER A 16 2.08 3.31 13.68
CA SER A 16 1.97 4.22 14.84
C SER A 16 1.44 3.55 16.12
N ARG A 17 1.00 2.28 16.09
CA ARG A 17 0.69 1.45 17.28
C ARG A 17 1.91 0.65 17.73
N TYR A 18 2.66 0.09 16.76
CA TYR A 18 3.76 -0.84 17.03
C TYR A 18 5.14 -0.16 17.03
N SER A 19 5.47 0.70 16.06
CA SER A 19 6.50 1.74 16.32
C SER A 19 6.00 2.74 17.38
N GLY A 20 4.67 2.83 17.58
CA GLY A 20 4.00 3.39 18.76
C GLY A 20 4.03 4.90 18.92
N SER A 21 4.87 5.58 18.11
CA SER A 21 5.39 6.95 18.16
C SER A 21 6.90 6.86 17.97
N GLU A 22 7.61 6.25 18.93
CA GLU A 22 8.98 5.75 18.85
C GLU A 22 9.07 4.42 19.60
N GLY A 23 9.97 3.51 19.18
CA GLY A 23 10.21 2.22 19.85
C GLY A 23 11.62 1.68 19.62
N SER A 24 12.54 2.57 19.23
CA SER A 24 13.78 2.29 18.50
C SER A 24 14.63 3.54 18.19
N THR A 25 14.02 4.72 18.20
CA THR A 25 13.76 5.61 17.05
C THR A 25 12.34 5.32 16.52
N GLN A 26 11.82 6.09 15.56
CA GLN A 26 10.46 5.90 15.01
C GLN A 26 10.43 4.92 13.84
N THR A 27 10.77 3.67 14.18
CA THR A 27 10.86 2.53 13.26
C THR A 27 10.38 1.26 13.95
N LEU A 28 10.01 0.24 13.17
CA LEU A 28 10.09 -1.15 13.63
C LEU A 28 11.55 -1.62 13.49
N THR A 29 12.25 -1.82 14.62
CA THR A 29 13.30 -2.84 14.62
C THR A 29 12.67 -4.23 14.45
N LYS A 30 13.47 -5.19 13.97
CA LYS A 30 13.19 -6.63 13.90
C LYS A 30 12.55 -7.17 15.18
N GLY A 31 13.02 -6.70 16.34
CA GLY A 31 12.52 -7.11 17.65
C GLY A 31 11.18 -6.49 18.06
N GLU A 32 10.75 -5.39 17.43
CA GLU A 32 9.42 -4.80 17.59
C GLU A 32 8.45 -5.47 16.62
N LEU A 33 8.80 -5.45 15.32
CA LEU A 33 8.10 -6.01 14.17
C LEU A 33 7.39 -7.35 14.47
N LYS A 34 8.01 -8.23 15.24
CA LYS A 34 7.44 -9.53 15.60
C LYS A 34 6.09 -9.47 16.34
N VAL A 35 5.87 -8.48 17.24
CA VAL A 35 4.70 -8.50 18.13
C VAL A 35 3.43 -8.06 17.38
N LEU A 36 3.63 -7.22 16.36
CA LEU A 36 2.75 -6.80 15.28
C LEU A 36 2.32 -8.00 14.39
N MET A 37 3.26 -8.90 14.07
CA MET A 37 3.05 -9.90 13.02
C MET A 37 1.91 -10.87 13.31
N GLU A 38 1.87 -11.41 14.52
CA GLU A 38 0.88 -12.40 14.97
C GLU A 38 -0.56 -11.88 14.91
N LYS A 39 -0.70 -10.56 14.80
CA LYS A 39 -1.91 -9.78 14.91
C LYS A 39 -2.31 -9.28 13.53
N GLU A 40 -1.40 -8.53 12.88
CA GLU A 40 -1.68 -7.79 11.65
C GLU A 40 -1.05 -8.42 10.39
N LEU A 41 -0.17 -9.43 10.53
CA LEU A 41 0.45 -10.19 9.43
C LEU A 41 0.36 -11.74 9.57
N PRO A 42 -0.79 -12.34 9.99
CA PRO A 42 -1.09 -13.76 9.71
C PRO A 42 -0.69 -14.24 8.30
N GLY A 43 -0.24 -15.50 8.21
CA GLY A 43 0.22 -16.12 6.97
C GLY A 43 1.71 -15.91 6.69
N PHE A 44 2.25 -14.73 7.01
CA PHE A 44 3.72 -14.50 7.09
C PHE A 44 4.35 -15.21 8.30
N LEU A 45 3.49 -15.79 9.15
CA LEU A 45 3.78 -16.59 10.33
C LEU A 45 4.12 -18.07 10.01
N GLN A 46 4.33 -18.44 8.75
CA GLN A 46 4.79 -19.78 8.35
C GLN A 46 6.07 -20.22 9.09
N SER A 47 6.96 -19.26 9.43
CA SER A 47 8.05 -19.45 10.40
C SER A 47 7.70 -18.95 11.82
N GLY A 48 6.80 -17.95 11.93
CA GLY A 48 6.26 -17.46 13.20
C GLY A 48 7.08 -16.37 13.89
N LYS A 49 8.41 -16.39 13.72
CA LYS A 49 9.36 -15.29 13.98
C LYS A 49 10.82 -15.65 13.69
N ASP A 50 11.32 -16.70 14.37
CA ASP A 50 12.69 -17.14 14.71
C ASP A 50 13.91 -16.40 14.09
N LYS A 51 13.88 -15.06 14.08
CA LYS A 51 14.88 -14.20 13.46
C LYS A 51 15.13 -14.49 11.97
N ASP A 52 14.20 -15.21 11.31
CA ASP A 52 14.34 -15.78 9.96
C ASP A 52 13.33 -15.19 8.96
N ALA A 53 12.08 -14.96 9.38
CA ALA A 53 10.97 -14.47 8.55
C ALA A 53 10.37 -13.16 9.07
N VAL A 54 10.38 -12.92 10.39
CA VAL A 54 10.37 -11.57 10.95
C VAL A 54 11.49 -10.72 10.34
N ASP A 55 12.63 -11.37 10.06
CA ASP A 55 13.75 -10.85 9.29
C ASP A 55 13.42 -10.56 7.82
N LYS A 56 12.45 -11.24 7.20
CA LYS A 56 12.10 -11.02 5.78
C LYS A 56 10.98 -10.01 5.62
N LEU A 57 10.06 -9.97 6.57
CA LEU A 57 9.15 -8.84 6.79
C LEU A 57 9.89 -7.59 7.27
N LEU A 58 11.20 -7.71 7.54
CA LEU A 58 12.17 -6.63 7.63
C LEU A 58 12.87 -6.44 6.27
N LYS A 59 13.78 -7.36 5.87
CA LYS A 59 14.74 -7.30 4.74
C LYS A 59 14.16 -6.82 3.41
N ASP A 60 12.91 -7.16 3.13
CA ASP A 60 12.14 -6.63 2.00
C ASP A 60 12.06 -5.09 2.01
N LEU A 61 11.63 -4.50 3.15
CA LEU A 61 11.36 -3.08 3.35
C LEU A 61 12.61 -2.30 3.80
N ASP A 62 13.35 -2.89 4.74
CA ASP A 62 14.70 -2.60 5.26
C ASP A 62 15.67 -1.95 4.25
N ALA A 63 15.56 -2.31 2.96
CA ALA A 63 16.22 -1.64 1.84
C ALA A 63 16.03 -0.11 1.77
N ASN A 64 14.94 0.42 2.32
CA ASN A 64 14.59 1.84 2.38
C ASN A 64 15.19 2.52 3.64
N GLY A 65 15.81 1.77 4.57
CA GLY A 65 16.46 2.29 5.78
C GLY A 65 17.78 1.59 6.06
N ASP A 66 17.75 0.53 6.88
CA ASP A 66 18.91 -0.32 7.22
C ASP A 66 18.56 -1.72 7.75
N ALA A 67 17.50 -1.78 8.57
CA ALA A 67 17.02 -2.85 9.47
C ALA A 67 16.18 -2.31 10.65
N GLN A 68 16.12 -0.99 10.82
CA GLN A 68 15.11 -0.27 11.56
C GLN A 68 14.16 0.38 10.56
N VAL A 69 13.07 -0.34 10.26
CA VAL A 69 12.04 -0.06 9.25
C VAL A 69 11.19 1.16 9.63
N ASP A 70 11.41 2.31 8.97
CA ASP A 70 10.57 3.51 9.02
C ASP A 70 9.14 3.26 8.48
N PHE A 71 8.22 4.21 8.75
CA PHE A 71 6.83 4.17 8.27
C PHE A 71 6.77 4.12 6.75
N SER A 72 7.71 4.76 6.04
CA SER A 72 7.84 4.75 4.58
C SER A 72 8.05 3.32 4.08
N GLU A 73 9.08 2.66 4.62
CA GLU A 73 9.45 1.28 4.30
C GLU A 73 8.26 0.35 4.55
N PHE A 74 7.66 0.49 5.73
CA PHE A 74 6.46 -0.25 6.11
C PHE A 74 5.29 -0.03 5.16
N ILE A 75 4.80 1.21 4.99
CA ILE A 75 3.63 1.50 4.14
C ILE A 75 3.84 1.06 2.68
N VAL A 76 5.05 1.28 2.13
CA VAL A 76 5.47 0.80 0.81
C VAL A 76 5.35 -0.72 0.74
N PHE A 77 5.89 -1.45 1.73
CA PHE A 77 5.78 -2.91 1.73
C PHE A 77 4.46 -3.47 2.24
N VAL A 78 3.57 -2.70 2.87
CA VAL A 78 2.18 -3.16 3.06
C VAL A 78 1.48 -3.30 1.70
N ALA A 79 1.80 -2.40 0.76
CA ALA A 79 1.48 -2.54 -0.66
C ALA A 79 2.35 -3.58 -1.41
N ALA A 80 3.33 -4.22 -0.76
CA ALA A 80 3.95 -5.44 -1.28
C ALA A 80 3.34 -6.71 -0.65
N ILE A 81 2.98 -6.67 0.64
CA ILE A 81 2.35 -7.72 1.45
C ILE A 81 1.06 -8.20 0.80
N THR A 82 0.20 -7.29 0.34
CA THR A 82 -0.91 -7.58 -0.58
C THR A 82 -0.48 -8.48 -1.75
N SER A 83 0.56 -8.07 -2.48
CA SER A 83 1.14 -8.79 -3.62
C SER A 83 1.96 -10.03 -3.23
N ALA A 84 2.19 -10.27 -1.95
CA ALA A 84 2.73 -11.51 -1.40
C ALA A 84 1.58 -12.47 -1.08
N SER A 85 0.64 -12.06 -0.24
CA SER A 85 -0.55 -12.85 0.11
C SER A 85 -1.36 -13.25 -1.13
N HIS A 86 -1.52 -12.39 -2.13
CA HIS A 86 -2.24 -12.81 -3.35
C HIS A 86 -1.53 -13.90 -4.18
N LYS A 87 -0.25 -14.25 -3.90
CA LYS A 87 0.42 -15.41 -4.52
C LYS A 87 -0.26 -16.73 -4.15
N TYR A 88 -0.78 -16.80 -2.91
CA TYR A 88 -1.68 -17.81 -2.35
C TYR A 88 -1.98 -17.39 -0.90
N PHE A 89 -3.22 -16.96 -0.61
CA PHE A 89 -3.65 -16.64 0.76
C PHE A 89 -4.37 -17.86 1.34
N GLU A 90 -5.68 -17.95 1.10
CA GLU A 90 -6.48 -19.18 1.17
C GLU A 90 -6.66 -19.80 -0.24
N LYS A 91 -6.62 -18.97 -1.29
CA LYS A 91 -6.75 -19.35 -2.71
C LYS A 91 -5.72 -18.73 -3.66
N THR A 92 -5.28 -17.49 -3.35
CA THR A 92 -4.67 -16.42 -4.19
C THR A 92 -5.48 -15.15 -3.91
N GLY A 93 -5.32 -14.58 -2.70
CA GLY A 93 -6.24 -13.65 -2.02
C GLY A 93 -7.21 -12.86 -2.90
N LEU A 94 -6.69 -12.00 -3.79
CA LEU A 94 -7.42 -11.23 -4.80
C LEU A 94 -7.12 -11.66 -6.26
N LYS A 95 -6.18 -12.60 -6.45
CA LYS A 95 -5.49 -12.92 -7.71
C LYS A 95 -5.16 -11.63 -8.48
N MET B 1 -6.07 -12.03 4.61
CA MET B 1 -6.66 -10.87 5.28
C MET B 1 -6.36 -10.91 6.77
N THR B 2 -6.13 -9.73 7.35
CA THR B 2 -5.69 -9.37 8.71
C THR B 2 -6.29 -7.96 8.97
N GLU B 3 -5.93 -7.21 10.04
CA GLU B 3 -6.28 -5.78 10.05
C GLU B 3 -5.52 -5.01 8.95
N LEU B 4 -4.19 -5.20 8.89
CA LEU B 4 -3.30 -4.64 7.87
C LEU B 4 -3.79 -4.96 6.46
N GLU B 5 -4.21 -6.19 6.24
CA GLU B 5 -4.74 -6.64 4.95
C GLU B 5 -6.25 -6.40 4.78
N ALA B 6 -7.00 -6.00 5.81
CA ALA B 6 -8.34 -5.44 5.64
C ALA B 6 -8.23 -3.98 5.18
N ALA B 7 -7.29 -3.23 5.74
CA ALA B 7 -6.80 -1.99 5.15
C ALA B 7 -6.29 -2.23 3.72
N MET B 8 -5.40 -3.21 3.47
CA MET B 8 -5.06 -3.56 2.09
C MET B 8 -6.27 -3.94 1.25
N GLY B 9 -7.24 -4.65 1.86
CA GLY B 9 -8.58 -4.87 1.35
C GLY B 9 -9.18 -3.60 0.76
N MET B 10 -9.18 -2.47 1.48
CA MET B 10 -9.71 -1.18 0.99
C MET B 10 -8.77 -0.41 0.04
N ILE B 11 -7.43 -0.48 0.19
CA ILE B 11 -6.55 0.11 -0.85
C ILE B 11 -6.62 -0.65 -2.18
N ILE B 12 -6.71 -1.98 -2.15
CA ILE B 12 -7.08 -2.78 -3.31
C ILE B 12 -8.56 -2.54 -3.65
N ASP B 13 -9.45 -2.27 -2.69
CA ASP B 13 -10.88 -2.24 -3.00
C ASP B 13 -11.18 -1.25 -4.10
N VAL B 14 -10.63 -0.03 -4.07
CA VAL B 14 -10.77 0.95 -5.17
C VAL B 14 -10.54 0.33 -6.56
N PHE B 15 -9.57 -0.59 -6.66
CA PHE B 15 -9.25 -1.40 -7.84
C PHE B 15 -10.17 -2.63 -8.04
N SER B 16 -10.66 -3.23 -6.94
CA SER B 16 -11.79 -4.16 -6.83
C SER B 16 -13.18 -3.51 -7.11
N ARG B 17 -13.27 -2.17 -7.22
CA ARG B 17 -14.47 -1.44 -7.68
C ARG B 17 -14.38 -1.16 -9.20
N TYR B 18 -13.39 -0.38 -9.65
CA TYR B 18 -13.33 0.10 -11.04
C TYR B 18 -12.96 -0.99 -12.04
N SER B 19 -11.69 -1.43 -12.06
CA SER B 19 -11.20 -2.67 -12.68
C SER B 19 -11.78 -3.94 -12.03
N GLY B 20 -12.90 -3.84 -11.32
CA GLY B 20 -13.32 -4.64 -10.17
C GLY B 20 -13.75 -6.08 -10.45
N SER B 21 -13.44 -6.59 -11.63
CA SER B 21 -13.54 -7.99 -12.04
C SER B 21 -12.79 -8.11 -13.36
N GLU B 22 -13.23 -7.30 -14.34
CA GLU B 22 -12.58 -6.89 -15.58
C GLU B 22 -13.08 -5.48 -15.91
N GLY B 23 -12.35 -4.75 -16.75
CA GLY B 23 -12.75 -3.50 -17.43
C GLY B 23 -11.92 -3.17 -18.68
N SER B 24 -10.99 -4.06 -19.06
CA SER B 24 -9.74 -3.74 -19.77
C SER B 24 -9.07 -4.97 -20.42
N THR B 25 -9.44 -6.21 -20.05
CA THR B 25 -8.69 -7.09 -19.12
C THR B 25 -9.01 -6.71 -17.67
N GLN B 26 -8.23 -7.11 -16.66
CA GLN B 26 -8.43 -6.70 -15.26
C GLN B 26 -7.31 -5.79 -14.77
N THR B 27 -7.22 -4.66 -15.45
CA THR B 27 -6.32 -3.54 -15.20
C THR B 27 -7.11 -2.24 -15.21
N LEU B 28 -6.60 -1.19 -14.55
CA LEU B 28 -6.93 0.17 -14.93
C LEU B 28 -6.28 0.44 -16.29
N THR B 29 -7.09 0.41 -17.35
CA THR B 29 -6.78 1.26 -18.50
C THR B 29 -6.97 2.74 -18.12
N LYS B 30 -6.15 3.60 -18.71
CA LYS B 30 -6.21 5.06 -18.66
C LYS B 30 -7.63 5.64 -18.78
N GLY B 31 -8.44 5.05 -19.67
CA GLY B 31 -9.81 5.48 -19.93
C GLY B 31 -10.83 5.11 -18.84
N GLU B 32 -10.52 4.08 -18.03
CA GLU B 32 -11.29 3.67 -16.85
C GLU B 32 -10.85 4.50 -15.63
N LEU B 33 -9.53 4.54 -15.39
CA LEU B 33 -8.85 5.31 -14.35
C LEU B 33 -9.44 6.72 -14.18
N LYS B 34 -9.62 7.46 -15.28
CA LYS B 34 -9.87 8.91 -15.27
C LYS B 34 -11.07 9.41 -14.45
N VAL B 35 -12.03 8.54 -14.10
CA VAL B 35 -13.24 8.87 -13.31
C VAL B 35 -13.12 8.40 -11.85
N LEU B 36 -12.13 7.56 -11.54
CA LEU B 36 -11.78 7.06 -10.21
C LEU B 36 -11.04 8.12 -9.38
N MET B 37 -10.10 8.81 -10.01
CA MET B 37 -9.15 9.71 -9.33
C MET B 37 -9.87 10.93 -8.75
N GLU B 38 -10.98 11.35 -9.37
CA GLU B 38 -11.92 12.37 -8.86
C GLU B 38 -12.49 12.00 -7.49
N LYS B 39 -12.48 10.71 -7.15
CA LYS B 39 -13.15 10.11 -5.99
C LYS B 39 -12.11 9.69 -4.96
N GLU B 40 -10.99 9.10 -5.41
CA GLU B 40 -9.99 8.48 -4.54
C GLU B 40 -8.57 9.07 -4.63
N LEU B 41 -8.31 10.00 -5.55
CA LEU B 41 -7.12 10.88 -5.52
C LEU B 41 -7.44 12.39 -5.73
N PRO B 42 -8.48 13.00 -5.10
CA PRO B 42 -8.82 14.43 -5.15
C PRO B 42 -7.69 15.48 -5.12
N GLY B 43 -6.49 15.16 -4.61
CA GLY B 43 -5.33 16.06 -4.64
C GLY B 43 -4.51 16.02 -5.93
N PHE B 44 -4.60 14.96 -6.73
CA PHE B 44 -4.07 14.96 -8.10
C PHE B 44 -4.88 15.89 -9.02
N LEU B 45 -6.17 16.05 -8.73
CA LEU B 45 -7.16 16.74 -9.57
C LEU B 45 -6.89 18.25 -9.73
N GLN B 46 -5.84 18.76 -9.09
CA GLN B 46 -5.12 20.00 -9.44
C GLN B 46 -4.65 20.02 -10.91
N SER B 47 -4.41 18.85 -11.53
CA SER B 47 -4.34 18.71 -13.00
C SER B 47 -5.73 18.36 -13.55
N GLY B 48 -6.26 17.18 -13.22
CA GLY B 48 -7.66 16.82 -13.43
C GLY B 48 -7.91 15.69 -14.42
N LYS B 49 -7.21 15.70 -15.57
CA LYS B 49 -7.32 14.66 -16.61
C LYS B 49 -6.24 14.81 -17.69
N ASP B 50 -6.41 15.81 -18.56
CA ASP B 50 -5.41 16.38 -19.47
C ASP B 50 -4.88 15.45 -20.58
N LYS B 51 -5.37 14.20 -20.65
CA LYS B 51 -4.83 12.99 -21.33
C LYS B 51 -3.32 12.73 -21.20
N ASP B 52 -2.59 13.60 -20.50
CA ASP B 52 -1.16 13.59 -20.22
C ASP B 52 -0.84 13.65 -18.73
N ALA B 53 -1.85 13.74 -17.84
CA ALA B 53 -1.68 13.79 -16.40
C ALA B 53 -2.38 12.61 -15.69
N VAL B 54 -3.62 12.28 -16.11
CA VAL B 54 -4.19 10.94 -15.89
C VAL B 54 -3.23 9.86 -16.40
N ASP B 55 -2.50 10.16 -17.48
CA ASP B 55 -1.41 9.40 -18.08
C ASP B 55 -0.15 9.30 -17.23
N LYS B 56 0.06 10.18 -16.25
CA LYS B 56 1.25 10.17 -15.38
C LYS B 56 0.91 9.48 -14.05
N LEU B 57 -0.33 9.68 -13.59
CA LEU B 57 -1.07 8.81 -12.67
C LEU B 57 -1.36 7.41 -13.26
N LEU B 58 -0.92 7.18 -14.51
CA LEU B 58 -0.77 5.89 -15.16
C LEU B 58 0.74 5.55 -15.22
N LYS B 59 1.57 6.28 -15.98
CA LYS B 59 3.00 6.06 -16.24
C LYS B 59 3.87 5.75 -15.00
N ASP B 60 3.50 6.21 -13.81
CA ASP B 60 4.14 5.84 -12.53
C ASP B 60 3.91 4.38 -12.07
N LEU B 61 2.87 3.69 -12.58
CA LEU B 61 2.38 2.35 -12.15
C LEU B 61 2.22 1.38 -13.34
N ASP B 62 1.92 1.94 -14.50
CA ASP B 62 2.11 1.50 -15.89
C ASP B 62 3.49 0.89 -16.18
N ALA B 63 4.47 1.07 -15.31
CA ALA B 63 5.71 0.29 -15.21
C ALA B 63 5.48 -1.23 -15.41
N ASN B 64 4.31 -1.74 -15.00
CA ASN B 64 3.77 -3.07 -15.28
C ASN B 64 3.47 -3.39 -16.75
N GLY B 65 2.88 -2.46 -17.50
CA GLY B 65 2.08 -2.78 -18.68
C GLY B 65 1.71 -1.60 -19.60
N ASP B 66 2.55 -0.55 -19.68
CA ASP B 66 2.62 0.58 -20.64
C ASP B 66 1.34 1.42 -20.90
N ALA B 67 0.21 1.03 -20.35
CA ALA B 67 -1.02 1.80 -20.14
C ALA B 67 -2.11 1.00 -19.40
N GLN B 68 -1.87 -0.29 -19.12
CA GLN B 68 -2.77 -1.17 -18.40
C GLN B 68 -2.11 -1.58 -17.07
N VAL B 69 -2.51 -0.85 -16.03
CA VAL B 69 -2.08 -0.95 -14.63
C VAL B 69 -2.80 -2.12 -13.96
N ASP B 70 -2.10 -3.18 -13.51
CA ASP B 70 -2.67 -4.22 -12.65
C ASP B 70 -2.84 -3.78 -11.18
N PHE B 71 -3.55 -4.59 -10.38
CA PHE B 71 -3.88 -4.36 -8.98
C PHE B 71 -2.64 -4.08 -8.13
N SER B 72 -1.66 -5.00 -8.22
CA SER B 72 -0.37 -4.97 -7.52
C SER B 72 0.55 -3.82 -7.93
N GLU B 73 0.09 -2.91 -8.82
CA GLU B 73 0.86 -1.87 -9.48
C GLU B 73 0.25 -0.51 -9.11
N PHE B 74 -1.08 -0.40 -9.29
CA PHE B 74 -1.90 0.59 -8.59
C PHE B 74 -1.56 0.61 -7.10
N ILE B 75 -1.47 -0.56 -6.46
CA ILE B 75 -1.23 -0.60 -5.01
C ILE B 75 0.13 -0.02 -4.59
N VAL B 76 1.19 -0.18 -5.39
CA VAL B 76 2.51 0.44 -5.13
C VAL B 76 2.37 1.96 -5.14
N PHE B 77 1.71 2.48 -6.17
CA PHE B 77 1.43 3.90 -6.34
C PHE B 77 0.54 4.44 -5.23
N VAL B 78 -0.49 3.70 -4.85
CA VAL B 78 -1.33 3.97 -3.68
C VAL B 78 -0.45 4.12 -2.43
N ALA B 79 0.51 3.22 -2.15
CA ALA B 79 1.52 3.42 -1.10
C ALA B 79 2.58 4.51 -1.35
N ALA B 80 2.50 5.27 -2.45
CA ALA B 80 3.05 6.64 -2.54
C ALA B 80 1.97 7.68 -2.19
N ILE B 81 0.73 7.51 -2.67
CA ILE B 81 -0.45 8.35 -2.34
C ILE B 81 -0.74 8.39 -0.83
N THR B 82 -0.30 7.40 -0.04
CA THR B 82 -0.24 7.52 1.43
C THR B 82 0.47 8.79 1.92
N SER B 83 1.47 9.28 1.18
CA SER B 83 2.18 10.53 1.48
C SER B 83 1.44 11.78 0.98
N ALA B 84 0.28 11.61 0.32
CA ALA B 84 -0.70 12.65 -0.01
C ALA B 84 -1.94 12.56 0.89
N SER B 85 -2.31 11.35 1.36
CA SER B 85 -3.44 11.03 2.24
C SER B 85 -3.65 12.04 3.37
N HIS B 86 -2.53 12.37 4.04
CA HIS B 86 -2.39 13.05 5.33
C HIS B 86 -3.62 13.83 5.79
N LYS B 87 -3.81 15.06 5.28
CA LYS B 87 -4.71 16.10 5.83
C LYS B 87 -4.24 16.71 7.17
N TYR B 88 -3.64 15.99 8.13
CA TYR B 88 -3.31 16.66 9.42
C TYR B 88 -2.08 16.21 10.25
N PHE B 89 -1.58 14.97 10.21
CA PHE B 89 -0.38 14.60 11.01
C PHE B 89 0.41 13.43 10.39
N GLU B 90 0.56 12.31 11.10
CA GLU B 90 1.14 11.05 10.61
C GLU B 90 0.32 10.53 9.42
N LYS B 91 -1.00 10.63 9.58
CA LYS B 91 -2.06 10.54 8.60
C LYS B 91 -2.84 11.86 8.79
N THR B 92 -3.97 11.86 9.48
CA THR B 92 -4.68 12.99 10.04
C THR B 92 -4.94 12.66 11.51
N GLY B 93 -4.08 13.21 12.39
CA GLY B 93 -4.08 12.91 13.82
C GLY B 93 -5.35 13.33 14.57
N LEU B 94 -6.21 14.14 13.93
CA LEU B 94 -7.54 14.53 14.40
C LEU B 94 -8.69 13.92 13.57
N LYS B 95 -8.36 12.97 12.67
CA LYS B 95 -9.15 12.36 11.58
C LYS B 95 -9.83 13.35 10.63
N MET A 1 -7.58 13.07 3.44
CA MET A 1 -8.28 11.77 3.52
C MET A 1 -9.24 11.66 2.35
N THR A 2 -9.47 10.43 1.90
CA THR A 2 -10.31 9.96 0.81
C THR A 2 -10.71 8.51 1.16
N GLU A 3 -11.45 7.79 0.31
CA GLU A 3 -11.70 6.35 0.52
C GLU A 3 -10.37 5.57 0.64
N LEU A 4 -9.52 5.73 -0.38
CA LEU A 4 -8.17 5.20 -0.51
C LEU A 4 -7.31 5.55 0.72
N GLU A 5 -7.31 6.85 1.07
CA GLU A 5 -6.44 7.42 2.09
C GLU A 5 -6.92 7.18 3.52
N ALA A 6 -8.23 7.00 3.75
CA ALA A 6 -8.77 6.50 5.01
C ALA A 6 -8.22 5.11 5.31
N ALA A 7 -8.44 4.17 4.38
CA ALA A 7 -7.90 2.82 4.45
C ALA A 7 -6.38 2.83 4.68
N MET A 8 -5.60 3.63 3.94
CA MET A 8 -4.17 3.76 4.24
C MET A 8 -3.84 4.41 5.58
N GLY A 9 -4.69 5.31 6.08
CA GLY A 9 -4.67 5.75 7.47
C GLY A 9 -4.79 4.59 8.47
N MET A 10 -5.34 3.43 8.08
CA MET A 10 -5.43 2.24 8.94
C MET A 10 -4.17 1.36 8.90
N ILE A 11 -3.36 1.39 7.83
CA ILE A 11 -2.05 0.71 7.82
C ILE A 11 -0.91 1.64 8.24
N ILE A 12 -1.04 2.95 8.06
CA ILE A 12 -0.29 3.92 8.87
C ILE A 12 -0.76 3.89 10.33
N ASP A 13 -2.03 3.60 10.67
CA ASP A 13 -2.41 3.28 12.06
C ASP A 13 -1.60 2.08 12.57
N VAL A 14 -1.60 0.95 11.88
CA VAL A 14 -0.80 -0.24 12.27
C VAL A 14 0.67 0.11 12.55
N PHE A 15 1.31 1.02 11.78
CA PHE A 15 2.62 1.57 12.13
C PHE A 15 2.59 2.55 13.32
N SER A 16 1.61 3.44 13.38
CA SER A 16 1.33 4.41 14.46
C SER A 16 1.01 3.75 15.81
N ARG A 17 0.82 2.44 15.78
CA ARG A 17 0.39 1.50 16.81
C ARG A 17 1.52 0.54 17.21
N TYR A 18 2.38 0.13 16.25
CA TYR A 18 3.50 -0.78 16.51
C TYR A 18 4.92 -0.19 16.45
N SER A 19 5.11 1.04 15.96
CA SER A 19 6.19 1.91 16.45
C SER A 19 5.67 2.99 17.41
N GLY A 20 4.35 3.00 17.72
CA GLY A 20 3.71 4.12 18.38
C GLY A 20 3.84 5.43 17.57
N SER A 21 3.97 5.31 16.25
CA SER A 21 4.43 6.32 15.28
C SER A 21 5.93 6.62 15.44
N GLU A 22 6.39 6.91 16.67
CA GLU A 22 7.80 7.00 17.02
C GLU A 22 8.10 6.41 18.41
N GLY A 23 9.33 5.93 18.62
CA GLY A 23 9.74 5.20 19.83
C GLY A 23 11.09 4.47 19.77
N SER A 24 11.80 4.61 18.65
CA SER A 24 12.90 3.75 18.18
C SER A 24 13.94 4.56 17.38
N THR A 25 13.71 5.87 17.22
CA THR A 25 13.49 6.58 15.93
C THR A 25 12.01 6.38 15.51
N GLN A 26 11.65 6.57 14.24
CA GLN A 26 10.28 6.40 13.72
C GLN A 26 10.15 5.10 12.91
N THR A 27 10.63 4.00 13.50
CA THR A 27 11.07 2.79 12.79
C THR A 27 10.76 1.51 13.56
N LEU A 28 10.15 0.49 12.93
CA LEU A 28 10.12 -0.89 13.41
C LEU A 28 11.54 -1.48 13.45
N THR A 29 12.18 -1.60 14.64
CA THR A 29 13.30 -2.56 14.77
C THR A 29 12.79 -4.02 14.74
N LYS A 30 13.70 -4.99 14.55
CA LYS A 30 13.39 -6.44 14.41
C LYS A 30 12.60 -7.00 15.60
N GLY A 31 12.79 -6.45 16.80
CA GLY A 31 12.09 -6.81 18.03
C GLY A 31 10.76 -6.07 18.27
N GLU A 32 10.57 -4.92 17.61
CA GLU A 32 9.39 -4.06 17.62
C GLU A 32 8.37 -4.56 16.58
N LEU A 33 8.90 -4.98 15.43
CA LEU A 33 8.23 -5.63 14.29
C LEU A 33 7.47 -6.92 14.64
N LYS A 34 7.94 -7.73 15.59
CA LYS A 34 7.43 -9.11 15.76
C LYS A 34 6.01 -9.21 16.32
N VAL A 35 5.66 -8.38 17.31
CA VAL A 35 4.36 -8.43 18.03
C VAL A 35 3.20 -7.87 17.17
N LEU A 36 3.57 -7.23 16.07
CA LEU A 36 2.77 -6.84 14.92
C LEU A 36 2.49 -8.02 13.96
N MET A 37 3.44 -8.96 13.80
CA MET A 37 3.33 -10.04 12.84
C MET A 37 2.28 -11.07 13.29
N GLU A 38 2.41 -11.58 14.52
CA GLU A 38 1.49 -12.55 15.14
C GLU A 38 0.02 -12.13 14.99
N LYS A 39 -0.18 -10.81 15.06
CA LYS A 39 -1.42 -10.07 15.02
C LYS A 39 -1.88 -9.79 13.59
N GLU A 40 -1.16 -8.96 12.84
CA GLU A 40 -1.66 -8.38 11.58
C GLU A 40 -1.01 -9.01 10.33
N LEU A 41 -0.04 -9.92 10.47
CA LEU A 41 0.57 -10.70 9.38
C LEU A 41 0.68 -12.24 9.68
N PRO A 42 -0.44 -12.93 10.00
CA PRO A 42 -0.59 -14.37 9.78
C PRO A 42 -0.02 -14.91 8.46
N GLY A 43 0.34 -16.20 8.43
CA GLY A 43 0.98 -16.85 7.28
C GLY A 43 2.50 -16.71 7.31
N PHE A 44 3.01 -15.47 7.34
CA PHE A 44 4.44 -15.16 7.53
C PHE A 44 5.02 -15.80 8.82
N LEU A 45 4.13 -16.08 9.78
CA LEU A 45 4.36 -16.86 11.00
C LEU A 45 4.81 -18.32 10.77
N GLN A 46 4.68 -18.87 9.55
CA GLN A 46 5.23 -20.19 9.21
C GLN A 46 6.75 -20.27 9.38
N SER A 47 7.45 -19.13 9.26
CA SER A 47 8.82 -18.97 9.74
C SER A 47 8.86 -18.21 11.07
N GLY A 48 8.05 -17.15 11.23
CA GLY A 48 7.73 -16.49 12.52
C GLY A 48 8.86 -15.83 13.32
N LYS A 49 10.11 -16.09 12.95
CA LYS A 49 11.41 -15.52 13.34
C LYS A 49 12.51 -16.39 12.71
N ASP A 50 13.38 -17.03 13.50
CA ASP A 50 14.36 -18.05 13.09
C ASP A 50 15.21 -17.63 11.88
N LYS A 51 15.48 -16.31 11.78
CA LYS A 51 16.02 -15.52 10.67
C LYS A 51 15.36 -15.69 9.28
N ASP A 52 14.42 -16.62 9.10
CA ASP A 52 13.71 -16.83 7.83
C ASP A 52 12.47 -15.94 7.68
N ALA A 53 11.89 -15.45 8.79
CA ALA A 53 10.96 -14.32 8.81
C ALA A 53 11.23 -13.42 10.03
N VAL A 54 10.37 -12.41 10.25
CA VAL A 54 10.61 -11.23 11.10
C VAL A 54 11.80 -10.41 10.57
N ASP A 55 12.99 -11.01 10.53
CA ASP A 55 14.16 -10.54 9.80
C ASP A 55 13.90 -10.30 8.31
N LYS A 56 13.07 -11.12 7.65
CA LYS A 56 12.73 -10.95 6.22
C LYS A 56 11.50 -10.08 5.97
N LEU A 57 10.66 -9.90 6.99
CA LEU A 57 9.62 -8.85 7.03
C LEU A 57 10.26 -7.47 7.36
N LEU A 58 11.58 -7.45 7.51
CA LEU A 58 12.46 -6.31 7.67
C LEU A 58 13.32 -6.16 6.41
N LYS A 59 14.21 -7.13 6.12
CA LYS A 59 15.24 -7.10 5.05
C LYS A 59 14.72 -6.79 3.65
N ASP A 60 13.46 -7.11 3.35
CA ASP A 60 12.84 -6.81 2.07
C ASP A 60 12.49 -5.31 1.93
N LEU A 61 12.12 -4.64 3.03
CA LEU A 61 11.70 -3.23 3.09
C LEU A 61 12.86 -2.29 3.43
N ASP A 62 13.72 -2.74 4.34
CA ASP A 62 15.03 -2.25 4.81
C ASP A 62 15.86 -1.47 3.76
N ALA A 63 15.79 -1.86 2.49
CA ALA A 63 16.36 -1.15 1.35
C ALA A 63 15.92 0.33 1.22
N ASN A 64 14.78 0.72 1.79
CA ASN A 64 14.23 2.07 1.80
C ASN A 64 14.82 2.93 2.96
N GLY A 65 15.53 2.36 3.94
CA GLY A 65 16.11 3.14 5.04
C GLY A 65 17.34 2.51 5.67
N ASP A 66 17.16 1.45 6.46
CA ASP A 66 18.23 0.89 7.31
C ASP A 66 18.12 -0.64 7.48
N ALA A 67 17.02 -1.08 8.09
CA ALA A 67 16.79 -2.32 8.85
C ALA A 67 15.83 -1.99 10.00
N GLN A 68 16.13 -0.96 10.78
CA GLN A 68 15.11 -0.21 11.51
C GLN A 68 14.14 0.43 10.50
N VAL A 69 13.00 -0.25 10.27
CA VAL A 69 12.07 -0.03 9.16
C VAL A 69 11.14 1.16 9.44
N ASP A 70 11.43 2.31 8.83
CA ASP A 70 10.60 3.52 8.82
C ASP A 70 9.20 3.28 8.23
N PHE A 71 8.25 4.20 8.51
CA PHE A 71 6.88 4.14 8.03
C PHE A 71 6.78 4.08 6.51
N SER A 72 7.68 4.73 5.76
CA SER A 72 7.76 4.66 4.30
C SER A 72 8.07 3.24 3.84
N GLU A 73 9.17 2.68 4.36
CA GLU A 73 9.60 1.29 4.11
C GLU A 73 8.46 0.32 4.41
N PHE A 74 7.84 0.47 5.59
CA PHE A 74 6.68 -0.30 6.01
C PHE A 74 5.53 -0.13 5.02
N ILE A 75 4.93 1.07 4.88
CA ILE A 75 3.72 1.25 4.08
C ILE A 75 3.89 0.83 2.61
N VAL A 76 5.08 1.04 2.02
CA VAL A 76 5.45 0.54 0.69
C VAL A 76 5.41 -0.99 0.65
N PHE A 77 6.10 -1.69 1.56
CA PHE A 77 6.09 -3.15 1.55
C PHE A 77 4.86 -3.78 2.18
N VAL A 78 4.04 -3.07 2.94
CA VAL A 78 2.67 -3.45 3.27
C VAL A 78 1.90 -3.67 1.95
N ALA A 79 1.95 -2.73 1.02
CA ALA A 79 1.44 -2.95 -0.34
C ALA A 79 2.15 -4.06 -1.14
N ALA A 80 3.34 -4.53 -0.72
CA ALA A 80 3.93 -5.77 -1.22
C ALA A 80 3.37 -7.01 -0.51
N ILE A 81 3.11 -6.97 0.81
CA ILE A 81 2.52 -8.05 1.61
C ILE A 81 1.20 -8.52 1.03
N THR A 82 0.30 -7.58 0.68
CA THR A 82 -0.97 -7.93 0.01
C THR A 82 -0.76 -8.54 -1.38
N SER A 83 0.37 -8.31 -2.05
CA SER A 83 0.71 -9.05 -3.28
C SER A 83 1.34 -10.40 -2.95
N ALA A 84 2.26 -10.48 -1.98
CA ALA A 84 2.92 -11.71 -1.53
C ALA A 84 1.92 -12.80 -1.11
N SER A 85 0.88 -12.41 -0.37
CA SER A 85 -0.23 -13.27 0.07
C SER A 85 -1.22 -13.66 -1.04
N HIS A 86 -1.07 -13.21 -2.29
CA HIS A 86 -2.05 -13.44 -3.36
C HIS A 86 -2.42 -14.92 -3.55
N LYS A 87 -1.49 -15.80 -3.94
CA LYS A 87 -1.79 -17.14 -4.49
C LYS A 87 -2.83 -17.08 -5.63
N TYR A 88 -2.95 -15.92 -6.29
CA TYR A 88 -4.02 -15.50 -7.19
C TYR A 88 -5.47 -15.70 -6.68
N PHE A 89 -5.72 -15.70 -5.36
CA PHE A 89 -7.06 -15.51 -4.79
C PHE A 89 -7.05 -14.41 -3.73
N GLU A 90 -8.22 -13.93 -3.28
CA GLU A 90 -8.44 -12.67 -2.54
C GLU A 90 -8.04 -11.40 -3.34
N LYS A 91 -6.98 -11.48 -4.15
CA LYS A 91 -6.34 -10.42 -4.92
C LYS A 91 -6.66 -10.50 -6.44
N THR A 92 -7.09 -11.66 -6.96
CA THR A 92 -7.62 -11.77 -8.34
C THR A 92 -8.76 -12.80 -8.48
N GLY A 93 -8.58 -14.06 -8.06
CA GLY A 93 -9.56 -15.14 -8.24
C GLY A 93 -10.91 -15.02 -7.51
N LEU A 94 -11.11 -13.97 -6.70
CA LEU A 94 -12.42 -13.51 -6.24
C LEU A 94 -12.47 -11.96 -6.09
N LYS A 95 -11.69 -11.25 -6.91
CA LYS A 95 -11.63 -9.79 -7.02
C LYS A 95 -12.84 -9.25 -7.77
N MET B 1 -5.86 -11.97 4.02
CA MET B 1 -6.56 -10.90 4.75
C MET B 1 -6.34 -11.06 6.25
N THR B 2 -6.19 -9.95 6.99
CA THR B 2 -5.80 -9.92 8.42
C THR B 2 -6.57 -8.80 9.14
N GLU B 3 -5.90 -7.68 9.42
CA GLU B 3 -6.49 -6.35 9.64
C GLU B 3 -5.72 -5.35 8.79
N LEU B 4 -4.38 -5.34 8.91
CA LEU B 4 -3.46 -4.74 7.95
C LEU B 4 -3.80 -5.15 6.50
N GLU B 5 -3.99 -6.45 6.23
CA GLU B 5 -4.47 -6.87 4.92
C GLU B 5 -5.98 -6.64 4.72
N ALA B 6 -6.80 -6.46 5.76
CA ALA B 6 -8.22 -6.14 5.58
C ALA B 6 -8.41 -4.69 5.14
N ALA B 7 -7.64 -3.77 5.71
CA ALA B 7 -7.48 -2.40 5.23
C ALA B 7 -6.91 -2.40 3.80
N MET B 8 -5.89 -3.22 3.50
CA MET B 8 -5.49 -3.40 2.10
C MET B 8 -6.56 -4.04 1.22
N GLY B 9 -7.44 -4.88 1.78
CA GLY B 9 -8.67 -5.31 1.13
C GLY B 9 -9.58 -4.15 0.72
N MET B 10 -9.43 -2.94 1.30
CA MET B 10 -10.16 -1.73 0.93
C MET B 10 -9.46 -0.93 -0.19
N ILE B 11 -8.12 -0.87 -0.21
CA ILE B 11 -7.42 -0.28 -1.37
C ILE B 11 -7.34 -1.24 -2.57
N ILE B 12 -7.40 -2.57 -2.34
CA ILE B 12 -7.75 -3.57 -3.35
C ILE B 12 -9.26 -3.51 -3.69
N ASP B 13 -10.18 -3.21 -2.76
CA ASP B 13 -11.59 -2.92 -3.10
C ASP B 13 -11.67 -1.81 -4.13
N VAL B 14 -10.99 -0.67 -3.93
CA VAL B 14 -10.92 0.41 -4.94
C VAL B 14 -10.56 -0.14 -6.32
N PHE B 15 -9.45 -0.91 -6.42
CA PHE B 15 -9.11 -1.59 -7.68
C PHE B 15 -10.26 -2.44 -8.21
N SER B 16 -10.85 -3.24 -7.31
CA SER B 16 -11.98 -4.15 -7.52
C SER B 16 -13.29 -3.48 -7.90
N ARG B 17 -13.38 -2.14 -7.81
CA ARG B 17 -14.46 -1.36 -8.42
C ARG B 17 -14.01 -0.90 -9.81
N TYR B 18 -12.96 -0.06 -9.88
CA TYR B 18 -12.66 0.65 -11.13
C TYR B 18 -11.95 -0.18 -12.19
N SER B 19 -11.42 -1.35 -11.83
CA SER B 19 -11.13 -2.48 -12.72
C SER B 19 -11.76 -3.78 -12.20
N GLY B 20 -12.75 -3.67 -11.32
CA GLY B 20 -13.95 -4.52 -11.36
C GLY B 20 -14.55 -4.58 -12.76
N SER B 21 -14.43 -3.49 -13.53
CA SER B 21 -14.67 -3.42 -14.97
C SER B 21 -13.93 -4.47 -15.80
N GLU B 22 -12.76 -4.95 -15.34
CA GLU B 22 -11.73 -5.65 -16.12
C GLU B 22 -11.71 -5.17 -17.58
N GLY B 23 -12.00 -6.03 -18.57
CA GLY B 23 -12.24 -5.71 -19.99
C GLY B 23 -11.05 -5.16 -20.80
N SER B 24 -10.21 -4.33 -20.17
CA SER B 24 -8.91 -3.77 -20.62
C SER B 24 -7.81 -4.87 -20.78
N THR B 25 -8.18 -6.10 -20.44
CA THR B 25 -7.48 -7.31 -19.97
C THR B 25 -8.12 -7.53 -18.59
N GLN B 26 -7.44 -7.19 -17.49
CA GLN B 26 -8.02 -7.01 -16.16
C GLN B 26 -7.41 -5.78 -15.44
N THR B 27 -7.17 -4.72 -16.22
CA THR B 27 -6.35 -3.54 -15.93
C THR B 27 -7.14 -2.22 -16.03
N LEU B 28 -6.51 -1.07 -15.71
CA LEU B 28 -6.95 0.25 -16.18
C LEU B 28 -6.11 0.69 -17.37
N THR B 29 -6.76 0.81 -18.53
CA THR B 29 -6.41 1.87 -19.49
C THR B 29 -6.68 3.25 -18.87
N LYS B 30 -5.84 4.21 -19.29
CA LYS B 30 -5.90 5.66 -19.00
C LYS B 30 -7.31 6.27 -19.10
N GLY B 31 -8.13 5.77 -20.02
CA GLY B 31 -9.49 6.24 -20.26
C GLY B 31 -10.55 5.75 -19.28
N GLU B 32 -10.35 4.60 -18.63
CA GLU B 32 -11.25 4.08 -17.57
C GLU B 32 -10.90 4.75 -16.24
N LEU B 33 -9.61 4.76 -15.90
CA LEU B 33 -9.00 5.27 -14.67
C LEU B 33 -9.67 6.55 -14.13
N LYS B 34 -9.86 7.55 -14.99
CA LYS B 34 -10.28 8.92 -14.62
C LYS B 34 -11.50 9.00 -13.70
N VAL B 35 -12.55 8.19 -13.93
CA VAL B 35 -13.87 8.39 -13.27
C VAL B 35 -13.83 8.15 -11.75
N LEU B 36 -12.89 7.31 -11.32
CA LEU B 36 -12.62 7.02 -9.92
C LEU B 36 -11.88 8.17 -9.24
N MET B 37 -10.91 8.79 -9.94
CA MET B 37 -9.98 9.76 -9.35
C MET B 37 -10.69 10.93 -8.67
N GLU B 38 -11.86 11.31 -9.19
CA GLU B 38 -12.81 12.30 -8.65
C GLU B 38 -13.30 11.98 -7.23
N LYS B 39 -13.19 10.72 -6.79
CA LYS B 39 -13.89 10.14 -5.65
C LYS B 39 -12.90 9.76 -4.54
N GLU B 40 -11.80 9.10 -4.89
CA GLU B 40 -10.82 8.60 -3.91
C GLU B 40 -9.38 9.17 -4.06
N LEU B 41 -9.12 9.98 -5.09
CA LEU B 41 -7.93 10.82 -5.28
C LEU B 41 -8.23 12.32 -5.55
N PRO B 42 -9.28 12.97 -5.00
CA PRO B 42 -9.67 14.38 -5.24
C PRO B 42 -8.57 15.46 -5.30
N GLY B 43 -7.43 15.31 -4.61
CA GLY B 43 -6.36 16.30 -4.66
C GLY B 43 -5.68 16.38 -6.04
N PHE B 44 -5.55 15.25 -6.74
CA PHE B 44 -4.90 15.17 -8.05
C PHE B 44 -5.76 15.75 -9.19
N LEU B 45 -7.05 15.99 -8.92
CA LEU B 45 -8.01 16.62 -9.83
C LEU B 45 -7.74 18.12 -10.08
N GLN B 46 -6.62 18.66 -9.59
CA GLN B 46 -6.06 19.94 -10.05
C GLN B 46 -6.02 20.09 -11.58
N SER B 47 -5.84 18.98 -12.32
CA SER B 47 -5.95 18.88 -13.78
C SER B 47 -7.36 18.50 -14.26
N GLY B 48 -8.09 17.70 -13.48
CA GLY B 48 -9.42 17.15 -13.78
C GLY B 48 -9.54 16.28 -15.05
N LYS B 49 -8.40 15.95 -15.69
CA LYS B 49 -8.13 15.16 -16.91
C LYS B 49 -7.64 16.05 -18.07
N ASP B 50 -6.38 15.86 -18.43
CA ASP B 50 -5.50 16.70 -19.25
C ASP B 50 -4.59 15.84 -20.17
N LYS B 51 -4.83 14.52 -20.15
CA LYS B 51 -3.96 13.41 -20.58
C LYS B 51 -2.52 13.48 -20.07
N ASP B 52 -2.26 14.20 -18.97
CA ASP B 52 -0.92 14.42 -18.36
C ASP B 52 -0.83 14.17 -16.84
N ALA B 53 -1.89 14.32 -16.04
CA ALA B 53 -1.91 13.99 -14.61
C ALA B 53 -2.70 12.69 -14.35
N VAL B 54 -3.84 12.52 -15.04
CA VAL B 54 -4.46 11.20 -15.27
C VAL B 54 -3.45 10.21 -15.85
N ASP B 55 -2.47 10.73 -16.61
CA ASP B 55 -1.31 10.01 -17.13
C ASP B 55 -0.21 9.73 -16.11
N LYS B 56 -0.06 10.49 -15.02
CA LYS B 56 0.98 10.22 -14.00
C LYS B 56 0.47 9.25 -12.94
N LEU B 57 -0.80 9.45 -12.54
CA LEU B 57 -1.68 8.50 -11.87
C LEU B 57 -1.81 7.18 -12.66
N LEU B 58 -1.32 7.13 -13.91
CA LEU B 58 -1.00 5.94 -14.69
C LEU B 58 0.53 5.63 -14.63
N LYS B 59 1.41 6.52 -15.14
CA LYS B 59 2.87 6.33 -15.32
C LYS B 59 3.63 5.81 -14.10
N ASP B 60 3.22 6.16 -12.88
CA ASP B 60 3.87 5.67 -11.64
C ASP B 60 3.62 4.16 -11.37
N LEU B 61 2.74 3.49 -12.13
CA LEU B 61 2.24 2.13 -11.91
C LEU B 61 2.14 1.29 -13.21
N ASP B 62 1.82 1.96 -14.31
CA ASP B 62 2.11 1.67 -15.72
C ASP B 62 3.50 1.07 -15.97
N ALA B 63 4.47 1.39 -15.09
CA ALA B 63 5.82 0.85 -15.05
C ALA B 63 5.91 -0.68 -15.12
N ASN B 64 4.86 -1.40 -14.73
CA ASN B 64 4.71 -2.85 -14.89
C ASN B 64 4.45 -3.30 -16.34
N GLY B 65 3.93 -2.42 -17.21
CA GLY B 65 3.41 -2.74 -18.54
C GLY B 65 3.83 -1.76 -19.63
N ASP B 66 3.16 -0.60 -19.69
CA ASP B 66 3.02 0.24 -20.89
C ASP B 66 2.22 1.53 -20.64
N ALA B 67 1.03 1.35 -20.03
CA ALA B 67 -0.16 2.22 -19.97
C ALA B 67 -1.44 1.46 -19.50
N GLN B 68 -1.38 0.15 -19.25
CA GLN B 68 -2.46 -0.65 -18.67
C GLN B 68 -2.08 -1.18 -17.28
N VAL B 69 -2.61 -0.51 -16.24
CA VAL B 69 -2.30 -0.70 -14.81
C VAL B 69 -3.00 -1.93 -14.23
N ASP B 70 -2.30 -2.74 -13.41
CA ASP B 70 -2.85 -3.91 -12.70
C ASP B 70 -2.92 -3.70 -11.16
N PHE B 71 -3.63 -4.58 -10.44
CA PHE B 71 -3.96 -4.45 -9.02
C PHE B 71 -2.71 -4.32 -8.17
N SER B 72 -1.75 -5.22 -8.40
CA SER B 72 -0.44 -5.30 -7.76
C SER B 72 0.47 -4.13 -8.09
N GLU B 73 0.08 -3.23 -9.00
CA GLU B 73 0.83 -2.04 -9.41
C GLU B 73 0.18 -0.78 -8.86
N PHE B 74 -1.15 -0.66 -9.01
CA PHE B 74 -1.94 0.37 -8.33
C PHE B 74 -1.66 0.35 -6.84
N ILE B 75 -1.69 -0.82 -6.19
CA ILE B 75 -1.46 -0.92 -4.75
C ILE B 75 -0.10 -0.36 -4.29
N VAL B 76 0.95 -0.42 -5.13
CA VAL B 76 2.27 0.18 -4.82
C VAL B 76 2.20 1.71 -4.92
N PHE B 77 1.62 2.21 -6.01
CA PHE B 77 1.38 3.64 -6.21
C PHE B 77 0.51 4.23 -5.10
N VAL B 78 -0.56 3.53 -4.72
CA VAL B 78 -1.40 3.82 -3.56
C VAL B 78 -0.52 4.01 -2.31
N ALA B 79 0.38 3.06 -2.00
CA ALA B 79 1.38 3.21 -0.94
C ALA B 79 2.44 4.32 -1.16
N ALA B 80 2.53 4.95 -2.33
CA ALA B 80 3.21 6.23 -2.52
C ALA B 80 2.29 7.41 -2.22
N ILE B 81 1.00 7.36 -2.62
CA ILE B 81 0.00 8.40 -2.36
C ILE B 81 -0.11 8.76 -0.89
N THR B 82 -0.16 7.75 -0.01
CA THR B 82 -0.15 7.95 1.45
C THR B 82 1.07 8.69 2.00
N SER B 83 2.09 8.96 1.18
CA SER B 83 3.18 9.90 1.45
C SER B 83 3.03 11.18 0.62
N ALA B 84 2.70 11.07 -0.68
CA ALA B 84 2.51 12.19 -1.60
C ALA B 84 1.52 13.25 -1.07
N SER B 85 0.44 12.82 -0.41
CA SER B 85 -0.56 13.67 0.26
C SER B 85 -0.05 14.47 1.47
N HIS B 86 1.26 14.42 1.78
CA HIS B 86 1.98 15.03 2.91
C HIS B 86 1.28 16.19 3.65
N LYS B 87 0.84 17.23 2.91
CA LYS B 87 0.05 18.37 3.41
C LYS B 87 -1.01 17.97 4.43
N TYR B 88 -1.69 16.84 4.24
CA TYR B 88 -2.91 16.47 4.97
C TYR B 88 -2.77 16.36 6.49
N PHE B 89 -1.55 16.26 7.04
CA PHE B 89 -1.16 16.14 8.46
C PHE B 89 -1.83 15.04 9.32
N GLU B 90 -2.94 14.47 8.87
CA GLU B 90 -3.22 13.03 8.78
C GLU B 90 -2.01 12.22 8.24
N LYS B 91 -1.11 12.89 7.49
CA LYS B 91 0.19 12.39 7.03
C LYS B 91 1.27 12.85 8.02
N THR B 92 2.08 13.87 7.67
CA THR B 92 3.08 14.48 8.56
C THR B 92 2.38 15.29 9.67
N GLY B 93 2.18 14.65 10.82
CA GLY B 93 1.36 15.06 11.98
C GLY B 93 0.62 13.88 12.62
N LEU B 94 0.45 12.76 11.89
CA LEU B 94 0.26 11.41 12.44
C LEU B 94 1.61 10.66 12.43
N LYS B 95 2.38 10.83 11.36
CA LYS B 95 3.80 10.48 11.25
C LYS B 95 4.64 11.73 10.92
N MET A 1 -6.38 12.80 2.51
CA MET A 1 -7.22 11.63 2.78
C MET A 1 -8.44 11.62 1.88
N THR A 2 -8.86 10.39 1.56
CA THR A 2 -9.91 9.88 0.64
C THR A 2 -10.29 8.50 1.20
N GLU A 3 -11.13 7.63 0.61
CA GLU A 3 -11.23 6.27 1.19
C GLU A 3 -9.91 5.52 0.94
N LEU A 4 -9.35 5.62 -0.27
CA LEU A 4 -8.01 5.13 -0.62
C LEU A 4 -6.98 5.54 0.43
N GLU A 5 -6.82 6.85 0.65
CA GLU A 5 -5.80 7.40 1.52
C GLU A 5 -6.15 7.26 3.01
N ALA A 6 -7.43 7.25 3.42
CA ALA A 6 -7.80 6.99 4.82
C ALA A 6 -7.63 5.52 5.17
N ALA A 7 -7.97 4.61 4.25
CA ALA A 7 -7.65 3.19 4.38
C ALA A 7 -6.13 3.00 4.45
N MET A 8 -5.31 3.66 3.60
CA MET A 8 -3.87 3.59 3.80
C MET A 8 -3.37 4.34 5.05
N GLY A 9 -4.08 5.38 5.47
CA GLY A 9 -4.10 5.89 6.83
C GLY A 9 -4.19 4.77 7.86
N MET A 10 -5.09 3.79 7.71
CA MET A 10 -5.20 2.65 8.63
C MET A 10 -3.99 1.69 8.64
N ILE A 11 -3.24 1.51 7.54
CA ILE A 11 -2.01 0.69 7.57
C ILE A 11 -0.77 1.49 7.99
N ILE A 12 -0.76 2.82 7.79
CA ILE A 12 0.05 3.72 8.63
C ILE A 12 -0.42 3.60 10.10
N ASP A 13 -1.72 3.40 10.37
CA ASP A 13 -2.24 3.27 11.74
C ASP A 13 -1.96 1.87 12.37
N VAL A 14 -1.63 0.85 11.56
CA VAL A 14 -1.00 -0.38 12.06
C VAL A 14 0.50 -0.17 12.40
N PHE A 15 1.14 0.85 11.83
CA PHE A 15 2.45 1.35 12.29
C PHE A 15 2.29 2.31 13.52
N SER A 16 1.15 3.01 13.62
CA SER A 16 0.65 3.69 14.82
C SER A 16 0.35 2.73 15.99
N ARG A 17 -0.06 1.47 15.72
CA ARG A 17 -0.09 0.41 16.75
C ARG A 17 1.32 0.18 17.32
N TYR A 18 2.27 -0.26 16.48
CA TYR A 18 3.41 -1.05 16.98
C TYR A 18 4.69 -0.29 17.22
N SER A 19 5.10 0.55 16.27
CA SER A 19 6.03 1.66 16.50
C SER A 19 5.42 2.76 17.39
N GLY A 20 4.14 2.66 17.74
CA GLY A 20 3.38 3.69 18.46
C GLY A 20 3.07 4.94 17.61
N SER A 21 3.43 4.87 16.33
CA SER A 21 3.62 5.90 15.28
C SER A 21 5.09 5.88 14.92
N GLU A 22 5.90 6.35 15.87
CA GLU A 22 7.36 6.46 15.86
C GLU A 22 7.80 6.44 17.35
N GLY A 23 9.06 6.09 17.65
CA GLY A 23 9.55 6.01 19.03
C GLY A 23 10.73 5.06 19.25
N SER A 24 10.82 4.00 18.44
CA SER A 24 11.94 3.09 18.20
C SER A 24 13.26 3.77 17.73
N THR A 25 13.19 5.10 17.58
CA THR A 25 13.77 6.04 16.61
C THR A 25 12.54 6.57 15.85
N GLN A 26 12.28 6.10 14.62
CA GLN A 26 11.04 6.36 13.86
C GLN A 26 10.50 5.07 13.20
N THR A 27 10.75 3.92 13.85
CA THR A 27 10.93 2.64 13.17
C THR A 27 10.22 1.43 13.81
N LEU A 28 10.29 0.27 13.15
CA LEU A 28 10.17 -1.08 13.69
C LEU A 28 11.56 -1.72 13.76
N THR A 29 12.06 -2.00 14.97
CA THR A 29 13.15 -2.99 15.13
C THR A 29 12.62 -4.43 15.04
N LYS A 30 13.52 -5.40 14.88
CA LYS A 30 13.23 -6.83 14.67
C LYS A 30 12.35 -7.45 15.77
N GLY A 31 12.50 -6.97 17.02
CA GLY A 31 11.71 -7.39 18.18
C GLY A 31 10.40 -6.62 18.40
N GLU A 32 10.18 -5.55 17.64
CA GLU A 32 8.99 -4.67 17.65
C GLU A 32 8.07 -5.03 16.48
N LEU A 33 8.69 -5.36 15.34
CA LEU A 33 8.13 -6.02 14.18
C LEU A 33 7.44 -7.35 14.51
N LYS A 34 8.01 -8.23 15.34
CA LYS A 34 7.44 -9.57 15.57
C LYS A 34 6.03 -9.55 16.22
N VAL A 35 5.85 -8.75 17.27
CA VAL A 35 4.59 -8.62 18.04
C VAL A 35 3.45 -7.98 17.24
N LEU A 36 3.81 -7.31 16.13
CA LEU A 36 2.93 -6.86 15.05
C LEU A 36 2.54 -7.99 14.11
N MET A 37 3.40 -8.99 13.89
CA MET A 37 3.21 -10.01 12.84
C MET A 37 2.43 -11.22 13.35
N GLU A 38 2.66 -11.62 14.61
CA GLU A 38 1.83 -12.57 15.38
C GLU A 38 0.34 -12.20 15.34
N LYS A 39 0.09 -10.90 15.17
CA LYS A 39 -1.19 -10.21 15.17
C LYS A 39 -1.69 -9.95 13.76
N GLU A 40 -0.94 -9.18 12.97
CA GLU A 40 -1.42 -8.56 11.73
C GLU A 40 -0.76 -9.10 10.44
N LEU A 41 0.17 -10.08 10.56
CA LEU A 41 0.74 -10.87 9.45
C LEU A 41 0.84 -12.41 9.73
N PRO A 42 -0.16 -13.11 10.33
CA PRO A 42 -0.15 -14.56 10.59
C PRO A 42 0.41 -15.51 9.50
N GLY A 43 0.25 -15.18 8.20
CA GLY A 43 0.78 -15.99 7.10
C GLY A 43 2.31 -16.01 7.01
N PHE A 44 3.00 -15.03 7.61
CA PHE A 44 4.46 -14.93 7.64
C PHE A 44 5.05 -15.68 8.85
N LEU A 45 4.20 -16.06 9.81
CA LEU A 45 4.54 -16.72 11.06
C LEU A 45 4.56 -18.26 10.94
N GLN A 46 4.38 -18.78 9.73
CA GLN A 46 4.77 -20.15 9.38
C GLN A 46 6.31 -20.34 9.44
N SER A 47 7.07 -19.23 9.42
CA SER A 47 8.44 -19.14 9.90
C SER A 47 8.42 -18.56 11.32
N GLY A 48 8.31 -17.22 11.45
CA GLY A 48 8.00 -16.53 12.70
C GLY A 48 9.18 -16.11 13.59
N LYS A 49 10.41 -16.62 13.39
CA LYS A 49 11.60 -16.13 14.12
C LYS A 49 12.90 -16.34 13.33
N ASP A 50 13.57 -17.48 13.50
CA ASP A 50 14.50 -18.14 12.57
C ASP A 50 15.75 -17.34 12.16
N LYS A 51 15.95 -16.14 12.74
CA LYS A 51 16.71 -15.00 12.20
C LYS A 51 16.50 -14.77 10.69
N ASP A 52 15.30 -15.10 10.19
CA ASP A 52 14.76 -14.87 8.84
C ASP A 52 13.33 -14.32 8.99
N ALA A 53 12.51 -14.30 7.93
CA ALA A 53 11.10 -13.87 7.88
C ALA A 53 10.76 -12.55 8.61
N VAL A 54 10.67 -12.54 9.95
CA VAL A 54 10.73 -11.35 10.81
C VAL A 54 11.91 -10.45 10.41
N ASP A 55 13.09 -11.03 10.17
CA ASP A 55 14.29 -10.36 9.66
C ASP A 55 14.15 -9.88 8.20
N LYS A 56 13.24 -10.46 7.39
CA LYS A 56 13.07 -10.12 5.96
C LYS A 56 11.99 -9.07 5.75
N LEU A 57 10.89 -9.15 6.51
CA LEU A 57 9.93 -8.07 6.73
C LEU A 57 10.57 -6.84 7.40
N LEU A 58 11.83 -6.97 7.82
CA LEU A 58 12.77 -5.90 8.02
C LEU A 58 13.58 -5.70 6.71
N LYS A 59 14.58 -6.54 6.41
CA LYS A 59 15.58 -6.35 5.33
C LYS A 59 15.03 -5.96 3.96
N ASP A 60 13.91 -6.53 3.51
CA ASP A 60 13.34 -6.28 2.18
C ASP A 60 12.85 -4.82 2.02
N LEU A 61 12.37 -4.21 3.11
CA LEU A 61 11.88 -2.83 3.15
C LEU A 61 12.93 -1.87 3.70
N ASP A 62 13.70 -2.30 4.71
CA ASP A 62 14.86 -1.57 5.25
C ASP A 62 15.97 -1.33 4.21
N ALA A 63 15.83 -1.87 2.99
CA ALA A 63 16.55 -1.40 1.80
C ALA A 63 16.45 0.13 1.58
N ASN A 64 15.39 0.78 2.10
CA ASN A 64 15.25 2.23 2.15
C ASN A 64 16.02 2.90 3.32
N GLY A 65 16.46 2.14 4.34
CA GLY A 65 17.02 2.62 5.60
C GLY A 65 18.30 1.88 6.00
N ASP A 66 18.22 0.88 6.88
CA ASP A 66 19.33 -0.01 7.26
C ASP A 66 18.81 -1.34 7.84
N ALA A 67 18.46 -1.35 9.13
CA ALA A 67 17.96 -2.51 9.87
C ALA A 67 16.96 -2.11 10.99
N GLN A 68 16.30 -0.95 10.85
CA GLN A 68 15.12 -0.56 11.62
C GLN A 68 14.11 0.14 10.68
N VAL A 69 12.98 -0.54 10.41
CA VAL A 69 12.00 -0.21 9.35
C VAL A 69 11.22 1.08 9.63
N ASP A 70 11.40 2.15 8.86
CA ASP A 70 10.59 3.38 8.92
C ASP A 70 9.16 3.20 8.33
N PHE A 71 8.26 4.16 8.58
CA PHE A 71 6.85 4.12 8.13
C PHE A 71 6.70 4.06 6.60
N SER A 72 7.59 4.71 5.85
CA SER A 72 7.60 4.70 4.38
C SER A 72 7.89 3.29 3.85
N GLU A 73 8.99 2.73 4.35
CA GLU A 73 9.51 1.38 4.14
C GLU A 73 8.42 0.36 4.44
N PHE A 74 7.81 0.49 5.62
CA PHE A 74 6.62 -0.26 6.00
C PHE A 74 5.52 -0.11 4.96
N ILE A 75 4.92 1.08 4.78
CA ILE A 75 3.72 1.22 3.95
C ILE A 75 3.91 0.74 2.49
N VAL A 76 5.09 0.98 1.90
CA VAL A 76 5.47 0.48 0.57
C VAL A 76 5.44 -1.05 0.54
N PHE A 77 6.10 -1.73 1.49
CA PHE A 77 6.07 -3.19 1.52
C PHE A 77 4.80 -3.78 2.13
N VAL A 78 4.01 -3.02 2.88
CA VAL A 78 2.64 -3.40 3.21
C VAL A 78 1.86 -3.59 1.90
N ALA A 79 1.94 -2.65 0.95
CA ALA A 79 1.44 -2.87 -0.41
C ALA A 79 2.13 -4.02 -1.19
N ALA A 80 3.28 -4.55 -0.74
CA ALA A 80 3.83 -5.81 -1.21
C ALA A 80 3.29 -7.03 -0.42
N ILE A 81 2.83 -6.88 0.82
CA ILE A 81 2.25 -7.93 1.68
C ILE A 81 0.87 -8.34 1.19
N THR A 82 0.02 -7.39 0.79
CA THR A 82 -1.17 -7.71 -0.01
C THR A 82 -0.79 -8.48 -1.29
N SER A 83 0.29 -8.07 -1.99
CA SER A 83 0.81 -8.82 -3.14
C SER A 83 1.36 -10.22 -2.78
N ALA A 84 1.74 -10.46 -1.52
CA ALA A 84 2.13 -11.78 -1.01
C ALA A 84 0.93 -12.73 -0.82
N SER A 85 -0.31 -12.21 -0.90
CA SER A 85 -1.47 -13.05 -1.21
C SER A 85 -1.42 -13.55 -2.67
N HIS A 86 -1.01 -12.69 -3.62
CA HIS A 86 -1.31 -12.81 -5.04
C HIS A 86 -0.20 -13.47 -5.90
N LYS A 87 1.08 -13.22 -5.58
CA LYS A 87 2.32 -13.59 -6.30
C LYS A 87 2.27 -13.53 -7.86
N TYR A 88 1.38 -12.72 -8.45
CA TYR A 88 1.13 -12.59 -9.89
C TYR A 88 0.88 -13.93 -10.65
N PHE A 89 -0.16 -14.71 -10.30
CA PHE A 89 -0.67 -15.80 -11.18
C PHE A 89 -2.12 -16.16 -10.84
N GLU A 90 -3.02 -16.19 -11.84
CA GLU A 90 -4.50 -16.32 -11.71
C GLU A 90 -5.11 -15.16 -10.89
N LYS A 91 -4.69 -15.07 -9.62
CA LYS A 91 -4.80 -13.96 -8.70
C LYS A 91 -4.38 -12.63 -9.32
N THR A 92 -3.52 -12.62 -10.36
CA THR A 92 -3.38 -11.52 -11.34
C THR A 92 -2.64 -11.90 -12.62
N GLY A 93 -1.59 -12.72 -12.58
CA GLY A 93 -0.69 -12.98 -13.72
C GLY A 93 -1.26 -13.85 -14.85
N LEU A 94 -2.57 -13.81 -15.03
CA LEU A 94 -3.38 -14.44 -16.09
C LEU A 94 -4.35 -13.43 -16.73
N LYS A 95 -4.53 -12.23 -16.14
CA LYS A 95 -5.57 -11.26 -16.50
C LYS A 95 -5.00 -9.85 -16.55
N MET B 1 -6.49 -12.12 5.65
CA MET B 1 -6.90 -10.78 6.12
C MET B 1 -6.66 -10.65 7.62
N THR B 2 -6.32 -9.43 8.03
CA THR B 2 -5.82 -8.96 9.34
C THR B 2 -6.22 -7.47 9.48
N GLU B 3 -5.87 -6.70 10.53
CA GLU B 3 -6.10 -5.23 10.48
C GLU B 3 -5.37 -4.64 9.25
N LEU B 4 -4.10 -5.02 9.07
CA LEU B 4 -3.24 -4.65 7.97
C LEU B 4 -3.85 -5.03 6.61
N GLU B 5 -4.12 -6.32 6.41
CA GLU B 5 -4.61 -6.85 5.14
C GLU B 5 -6.08 -6.50 4.87
N ALA B 6 -6.94 -6.34 5.88
CA ALA B 6 -8.34 -5.91 5.68
C ALA B 6 -8.42 -4.44 5.30
N ALA B 7 -7.60 -3.58 5.91
CA ALA B 7 -7.42 -2.21 5.44
C ALA B 7 -6.91 -2.20 3.99
N MET B 8 -5.91 -3.02 3.63
CA MET B 8 -5.55 -3.19 2.22
C MET B 8 -6.65 -3.76 1.33
N GLY B 9 -7.50 -4.62 1.88
CA GLY B 9 -8.78 -5.00 1.29
C GLY B 9 -9.60 -3.80 0.83
N MET B 10 -9.55 -2.65 1.51
CA MET B 10 -10.25 -1.42 1.11
C MET B 10 -9.58 -0.70 -0.08
N ILE B 11 -8.25 -0.74 -0.23
CA ILE B 11 -7.57 -0.10 -1.37
C ILE B 11 -7.44 -1.03 -2.58
N ILE B 12 -7.42 -2.35 -2.35
CA ILE B 12 -7.81 -3.33 -3.36
C ILE B 12 -9.31 -3.19 -3.71
N ASP B 13 -10.19 -2.89 -2.74
CA ASP B 13 -11.58 -2.55 -3.05
C ASP B 13 -11.70 -1.27 -3.87
N VAL B 14 -10.99 -0.19 -3.56
CA VAL B 14 -10.98 1.02 -4.41
C VAL B 14 -10.65 0.72 -5.88
N PHE B 15 -9.83 -0.30 -6.15
CA PHE B 15 -9.58 -0.83 -7.50
C PHE B 15 -10.67 -1.81 -7.99
N SER B 16 -11.25 -2.59 -7.07
CA SER B 16 -12.36 -3.54 -7.25
C SER B 16 -13.75 -2.89 -7.21
N ARG B 17 -13.83 -1.56 -7.04
CA ARG B 17 -14.92 -0.66 -7.43
C ARG B 17 -14.96 -0.56 -8.95
N TYR B 18 -13.85 -0.09 -9.53
CA TYR B 18 -13.73 0.40 -10.91
C TYR B 18 -13.41 -0.75 -11.87
N SER B 19 -12.16 -1.25 -11.88
CA SER B 19 -11.81 -2.51 -12.57
C SER B 19 -12.64 -3.71 -12.07
N GLY B 20 -13.25 -3.55 -10.88
CA GLY B 20 -14.33 -4.34 -10.29
C GLY B 20 -15.42 -4.83 -11.24
N SER B 21 -15.66 -4.15 -12.35
CA SER B 21 -16.36 -4.76 -13.48
C SER B 21 -15.82 -4.27 -14.82
N GLU B 22 -14.52 -4.54 -15.00
CA GLU B 22 -13.78 -4.53 -16.26
C GLU B 22 -13.43 -3.16 -16.85
N GLY B 23 -12.63 -3.24 -17.91
CA GLY B 23 -12.16 -2.13 -18.73
C GLY B 23 -10.95 -2.50 -19.61
N SER B 24 -10.58 -3.79 -19.67
CA SER B 24 -9.24 -4.27 -19.99
C SER B 24 -9.32 -5.81 -20.02
N THR B 25 -8.44 -6.47 -19.28
CA THR B 25 -8.61 -7.76 -18.61
C THR B 25 -8.51 -7.51 -17.11
N GLN B 26 -9.43 -6.68 -16.61
CA GLN B 26 -9.52 -6.03 -15.30
C GLN B 26 -8.18 -5.52 -14.78
N THR B 27 -7.89 -4.33 -15.30
CA THR B 27 -6.87 -3.38 -14.91
C THR B 27 -7.53 -1.99 -14.93
N LEU B 28 -6.86 -0.96 -14.44
CA LEU B 28 -7.14 0.43 -14.82
C LEU B 28 -6.44 0.72 -16.15
N THR B 29 -7.19 0.73 -17.24
CA THR B 29 -6.79 1.53 -18.41
C THR B 29 -6.87 3.01 -18.05
N LYS B 30 -6.06 3.85 -18.70
CA LYS B 30 -6.01 5.32 -18.53
C LYS B 30 -7.39 5.99 -18.57
N GLY B 31 -8.30 5.47 -19.41
CA GLY B 31 -9.66 5.97 -19.54
C GLY B 31 -10.61 5.58 -18.40
N GLU B 32 -10.34 4.47 -17.70
CA GLU B 32 -11.06 4.02 -16.51
C GLU B 32 -10.50 4.71 -15.26
N LEU B 33 -9.17 4.84 -15.21
CA LEU B 33 -8.38 5.45 -14.15
C LEU B 33 -8.91 6.82 -13.68
N LYS B 34 -9.38 7.68 -14.60
CA LYS B 34 -9.78 9.06 -14.31
C LYS B 34 -10.96 9.19 -13.32
N VAL B 35 -12.06 8.44 -13.53
CA VAL B 35 -13.35 8.62 -12.81
C VAL B 35 -13.34 8.09 -11.37
N LEU B 36 -12.27 7.37 -11.04
CA LEU B 36 -11.81 6.97 -9.72
C LEU B 36 -11.11 8.13 -8.99
N MET B 37 -10.29 8.90 -9.70
CA MET B 37 -9.36 9.88 -9.12
C MET B 37 -10.09 11.08 -8.53
N GLU B 38 -11.20 11.51 -9.17
CA GLU B 38 -12.12 12.53 -8.66
C GLU B 38 -12.59 12.23 -7.22
N LYS B 39 -12.72 10.93 -6.91
CA LYS B 39 -13.33 10.38 -5.71
C LYS B 39 -12.25 10.04 -4.69
N GLU B 40 -11.23 9.32 -5.13
CA GLU B 40 -10.27 8.63 -4.27
C GLU B 40 -8.86 9.26 -4.29
N LEU B 41 -8.62 10.25 -5.17
CA LEU B 41 -7.39 11.07 -5.21
C LEU B 41 -7.62 12.61 -5.49
N PRO B 42 -8.66 13.32 -4.96
CA PRO B 42 -9.04 14.74 -5.17
C PRO B 42 -8.02 15.92 -5.31
N GLY B 43 -6.71 15.70 -5.43
CA GLY B 43 -5.69 16.75 -5.63
C GLY B 43 -4.67 16.49 -6.73
N PHE B 44 -4.64 15.30 -7.34
CA PHE B 44 -4.08 15.14 -8.69
C PHE B 44 -5.01 15.73 -9.77
N LEU B 45 -6.24 16.06 -9.36
CA LEU B 45 -7.30 16.69 -10.14
C LEU B 45 -7.01 18.16 -10.50
N GLN B 46 -5.94 18.73 -9.96
CA GLN B 46 -5.33 19.98 -10.43
C GLN B 46 -4.82 19.87 -11.89
N SER B 47 -4.54 18.65 -12.36
CA SER B 47 -4.47 18.30 -13.79
C SER B 47 -5.71 17.54 -14.24
N GLY B 48 -6.10 16.48 -13.50
CA GLY B 48 -7.33 15.72 -13.70
C GLY B 48 -7.45 14.88 -14.96
N LYS B 49 -6.65 15.16 -16.00
CA LYS B 49 -6.45 14.36 -17.23
C LYS B 49 -5.33 14.82 -18.17
N ASP B 50 -4.70 15.98 -17.94
CA ASP B 50 -4.11 16.78 -19.03
C ASP B 50 -2.69 16.37 -19.44
N LYS B 51 -2.47 15.06 -19.63
CA LYS B 51 -1.23 14.38 -20.04
C LYS B 51 -0.10 14.45 -19.00
N ASP B 52 -0.08 15.47 -18.14
CA ASP B 52 0.80 15.62 -16.98
C ASP B 52 0.33 14.86 -15.74
N ALA B 53 -0.96 14.49 -15.66
CA ALA B 53 -1.51 13.52 -14.71
C ALA B 53 -2.63 12.68 -15.36
N VAL B 54 -3.26 11.79 -14.57
CA VAL B 54 -3.98 10.57 -15.00
C VAL B 54 -3.02 9.62 -15.74
N ASP B 55 -2.47 10.05 -16.87
CA ASP B 55 -1.34 9.42 -17.55
C ASP B 55 -0.13 9.15 -16.62
N LYS B 56 0.07 9.98 -15.58
CA LYS B 56 1.15 9.82 -14.59
C LYS B 56 0.72 9.15 -13.29
N LEU B 57 -0.60 9.04 -13.04
CA LEU B 57 -1.16 8.10 -12.08
C LEU B 57 -1.29 6.69 -12.70
N LEU B 58 -0.95 6.58 -13.99
CA LEU B 58 -0.68 5.37 -14.74
C LEU B 58 0.83 5.14 -14.77
N LYS B 59 1.60 5.91 -15.58
CA LYS B 59 3.03 5.73 -15.93
C LYS B 59 3.98 5.38 -14.78
N ASP B 60 3.75 5.92 -13.58
CA ASP B 60 4.44 5.58 -12.35
C ASP B 60 4.36 4.07 -12.01
N LEU B 61 3.16 3.49 -12.07
CA LEU B 61 2.83 2.11 -11.67
C LEU B 61 2.87 1.13 -12.85
N ASP B 62 2.35 1.60 -13.98
CA ASP B 62 2.46 1.11 -15.37
C ASP B 62 3.85 0.54 -15.75
N ALA B 63 4.91 0.96 -15.06
CA ALA B 63 6.22 0.33 -15.04
C ALA B 63 6.21 -1.20 -14.83
N ASN B 64 5.20 -1.75 -14.12
CA ASN B 64 5.00 -3.20 -13.96
C ASN B 64 4.27 -3.84 -15.17
N GLY B 65 3.58 -3.07 -16.01
CA GLY B 65 2.71 -3.52 -17.09
C GLY B 65 3.01 -2.84 -18.44
N ASP B 66 2.27 -1.79 -18.79
CA ASP B 66 2.39 -1.06 -20.06
C ASP B 66 1.68 0.31 -20.09
N ALA B 67 0.46 0.35 -19.52
CA ALA B 67 -0.63 1.34 -19.61
C ALA B 67 -2.03 0.76 -19.27
N GLN B 68 -2.12 -0.55 -19.01
CA GLN B 68 -3.27 -1.20 -18.38
C GLN B 68 -2.85 -1.69 -16.98
N VAL B 69 -2.99 -0.79 -16.00
CA VAL B 69 -2.49 -0.87 -14.62
C VAL B 69 -3.25 -1.92 -13.79
N ASP B 70 -2.65 -3.09 -13.57
CA ASP B 70 -3.17 -4.16 -12.70
C ASP B 70 -3.23 -3.74 -11.21
N PHE B 71 -3.96 -4.50 -10.35
CA PHE B 71 -4.11 -4.16 -8.94
C PHE B 71 -2.81 -4.17 -8.16
N SER B 72 -1.81 -4.95 -8.56
CA SER B 72 -0.45 -4.94 -8.01
C SER B 72 0.18 -3.56 -8.20
N GLU B 73 0.27 -3.11 -9.44
CA GLU B 73 0.76 -1.81 -9.88
C GLU B 73 0.03 -0.70 -9.11
N PHE B 74 -1.31 -0.76 -9.12
CA PHE B 74 -2.15 0.14 -8.33
C PHE B 74 -1.78 0.12 -6.85
N ILE B 75 -1.89 -1.02 -6.16
CA ILE B 75 -1.70 -1.08 -4.71
C ILE B 75 -0.29 -0.66 -4.27
N VAL B 76 0.73 -1.04 -5.04
CA VAL B 76 2.13 -0.59 -4.86
C VAL B 76 2.22 0.93 -4.88
N PHE B 77 1.63 1.60 -5.88
CA PHE B 77 1.68 3.06 -5.94
C PHE B 77 0.59 3.76 -5.13
N VAL B 78 -0.46 3.08 -4.69
CA VAL B 78 -1.32 3.55 -3.59
C VAL B 78 -0.47 3.75 -2.32
N ALA B 79 0.54 2.90 -2.09
CA ALA B 79 1.58 3.15 -1.07
C ALA B 79 2.65 4.19 -1.45
N ALA B 80 2.54 4.85 -2.62
CA ALA B 80 3.14 6.16 -2.87
C ALA B 80 2.10 7.28 -2.65
N ILE B 81 0.85 7.10 -3.08
CA ILE B 81 -0.27 8.05 -2.87
C ILE B 81 -0.52 8.28 -1.37
N THR B 82 -0.27 7.29 -0.51
CA THR B 82 -0.25 7.46 0.95
C THR B 82 0.74 8.52 1.46
N SER B 83 1.78 8.86 0.69
CA SER B 83 2.68 10.00 0.95
C SER B 83 2.14 11.31 0.38
N ALA B 84 1.38 11.24 -0.73
CA ALA B 84 0.58 12.33 -1.27
C ALA B 84 -0.69 12.64 -0.46
N SER B 85 -0.95 11.89 0.64
CA SER B 85 -2.10 12.00 1.56
C SER B 85 -2.53 13.43 1.87
N HIS B 86 -1.55 14.34 1.95
CA HIS B 86 -1.68 15.78 2.04
C HIS B 86 -2.64 16.39 0.98
N LYS B 87 -2.12 16.74 -0.21
CA LYS B 87 -2.68 17.73 -1.16
C LYS B 87 -3.07 19.05 -0.47
N TYR B 88 -4.28 19.10 0.08
CA TYR B 88 -4.90 20.21 0.80
C TYR B 88 -5.90 19.70 1.87
N PHE B 89 -5.45 18.68 2.58
CA PHE B 89 -5.93 18.13 3.84
C PHE B 89 -4.65 17.67 4.57
N GLU B 90 -4.64 17.48 5.90
CA GLU B 90 -3.45 17.04 6.69
C GLU B 90 -2.28 18.06 6.67
N LYS B 91 -1.90 18.62 5.51
CA LYS B 91 -1.13 19.85 5.32
C LYS B 91 -2.04 21.09 5.38
N THR B 92 -3.05 21.25 4.51
CA THR B 92 -3.99 22.39 4.64
C THR B 92 -5.06 22.18 5.73
N GLY B 93 -5.16 20.95 6.25
CA GLY B 93 -5.76 20.69 7.57
C GLY B 93 -5.06 21.46 8.71
N LEU B 94 -3.86 22.01 8.48
CA LEU B 94 -3.15 22.95 9.34
C LEU B 94 -2.63 24.19 8.57
N LYS B 95 -3.31 24.54 7.46
CA LYS B 95 -3.00 25.51 6.38
C LYS B 95 -1.80 25.18 5.48
N MET A 1 -5.37 12.79 2.63
CA MET A 1 -6.37 11.89 3.24
C MET A 1 -7.69 11.95 2.48
N THR A 2 -8.18 10.79 2.02
CA THR A 2 -9.25 10.56 1.02
C THR A 2 -9.89 9.20 1.31
N GLU A 3 -10.76 8.59 0.47
CA GLU A 3 -11.12 7.17 0.66
C GLU A 3 -9.83 6.33 0.65
N LEU A 4 -9.05 6.49 -0.43
CA LEU A 4 -7.74 5.87 -0.66
C LEU A 4 -6.79 6.12 0.52
N GLU A 5 -6.53 7.39 0.81
CA GLU A 5 -5.48 7.81 1.74
C GLU A 5 -5.92 7.73 3.22
N ALA A 6 -7.22 7.74 3.55
CA ALA A 6 -7.69 7.37 4.90
C ALA A 6 -7.52 5.87 5.11
N ALA A 7 -8.00 5.07 4.16
CA ALA A 7 -7.89 3.62 4.25
C ALA A 7 -6.42 3.17 4.33
N MET A 8 -5.49 3.77 3.57
CA MET A 8 -4.06 3.52 3.81
C MET A 8 -3.48 4.23 5.04
N GLY A 9 -4.08 5.35 5.45
CA GLY A 9 -3.98 5.86 6.81
C GLY A 9 -4.23 4.78 7.88
N MET A 10 -5.09 3.77 7.65
CA MET A 10 -5.34 2.68 8.60
C MET A 10 -4.21 1.64 8.68
N ILE A 11 -3.29 1.56 7.69
CA ILE A 11 -2.09 0.70 7.73
C ILE A 11 -0.81 1.47 8.11
N ILE A 12 -0.74 2.77 7.85
CA ILE A 12 0.14 3.63 8.65
C ILE A 12 -0.37 3.64 10.12
N ASP A 13 -1.68 3.53 10.37
CA ASP A 13 -2.17 3.24 11.71
C ASP A 13 -1.80 1.83 12.19
N VAL A 14 -1.72 0.79 11.34
CA VAL A 14 -1.21 -0.54 11.75
C VAL A 14 0.20 -0.41 12.31
N PHE A 15 1.11 0.21 11.54
CA PHE A 15 2.41 0.63 12.04
C PHE A 15 2.27 1.36 13.38
N SER A 16 1.34 2.31 13.46
CA SER A 16 1.08 3.11 14.66
C SER A 16 0.47 2.33 15.84
N ARG A 17 -0.09 1.13 15.67
CA ARG A 17 -0.35 0.19 16.79
C ARG A 17 1.00 -0.31 17.32
N TYR A 18 1.90 -0.68 16.41
CA TYR A 18 2.98 -1.66 16.64
C TYR A 18 4.41 -1.12 16.69
N SER A 19 4.67 0.09 16.22
CA SER A 19 5.72 0.98 16.75
C SER A 19 5.13 2.13 17.58
N GLY A 20 3.81 2.12 17.82
CA GLY A 20 3.11 3.09 18.69
C GLY A 20 3.03 4.52 18.13
N SER A 21 3.49 4.72 16.89
CA SER A 21 3.96 5.94 16.23
C SER A 21 5.49 5.98 16.32
N GLU A 22 6.08 6.21 17.51
CA GLU A 22 7.49 5.95 17.79
C GLU A 22 7.68 5.19 19.11
N GLY A 23 8.74 4.37 19.20
CA GLY A 23 8.87 3.33 20.24
C GLY A 23 10.18 2.51 20.28
N SER A 24 11.07 2.72 19.31
CA SER A 24 12.18 1.85 18.89
C SER A 24 13.38 2.65 18.32
N THR A 25 13.31 3.99 18.34
CA THR A 25 13.18 4.89 17.16
C THR A 25 11.76 4.76 16.55
N GLN A 26 11.53 5.04 15.27
CA GLN A 26 10.20 4.96 14.65
C GLN A 26 10.08 3.76 13.71
N THR A 27 10.37 2.55 14.23
CA THR A 27 10.68 1.38 13.39
C THR A 27 10.23 0.04 14.00
N LEU A 28 9.63 -0.83 13.20
CA LEU A 28 9.50 -2.26 13.49
C LEU A 28 10.89 -2.94 13.52
N THR A 29 11.48 -3.13 14.70
CA THR A 29 12.59 -4.10 14.86
C THR A 29 12.09 -5.55 14.78
N LYS A 30 13.00 -6.52 14.61
CA LYS A 30 12.72 -7.94 14.40
C LYS A 30 11.90 -8.58 15.55
N GLY A 31 12.04 -8.06 16.77
CA GLY A 31 11.25 -8.47 17.95
C GLY A 31 9.90 -7.74 18.11
N GLU A 32 9.72 -6.60 17.43
CA GLU A 32 8.54 -5.71 17.47
C GLU A 32 7.56 -6.09 16.35
N LEU A 33 8.13 -6.46 15.19
CA LEU A 33 7.52 -6.98 13.98
C LEU A 33 6.66 -8.24 14.20
N LYS A 34 7.02 -9.13 15.14
CA LYS A 34 6.40 -10.46 15.26
C LYS A 34 4.98 -10.45 15.86
N VAL A 35 4.74 -9.67 16.92
CA VAL A 35 3.44 -9.58 17.63
C VAL A 35 2.36 -8.90 16.78
N LEU A 36 2.81 -8.18 15.74
CA LEU A 36 2.07 -7.64 14.62
C LEU A 36 1.63 -8.74 13.63
N MET A 37 2.36 -9.86 13.51
CA MET A 37 2.14 -10.84 12.45
C MET A 37 1.24 -12.01 12.87
N GLU A 38 1.09 -12.27 14.17
CA GLU A 38 0.07 -13.17 14.74
C GLU A 38 -1.38 -12.66 14.52
N LYS A 39 -1.50 -11.43 14.01
CA LYS A 39 -2.57 -10.49 14.27
C LYS A 39 -2.98 -9.80 12.96
N GLU A 40 -2.06 -9.08 12.31
CA GLU A 40 -2.34 -8.40 11.03
C GLU A 40 -1.75 -9.15 9.82
N LEU A 41 -0.88 -10.16 10.01
CA LEU A 41 -0.30 -10.96 8.93
C LEU A 41 -0.38 -12.51 9.15
N PRO A 42 -1.50 -13.11 9.64
CA PRO A 42 -1.63 -14.56 9.66
C PRO A 42 -1.37 -15.21 8.29
N GLY A 43 -0.72 -16.38 8.33
CA GLY A 43 -0.29 -17.16 7.17
C GLY A 43 1.20 -17.05 6.87
N PHE A 44 1.82 -15.88 7.11
CA PHE A 44 3.29 -15.79 7.20
C PHE A 44 3.83 -16.53 8.46
N LEU A 45 2.92 -16.79 9.41
CA LEU A 45 3.11 -17.60 10.62
C LEU A 45 3.22 -19.12 10.34
N GLN A 46 3.23 -19.56 9.07
CA GLN A 46 3.71 -20.90 8.67
C GLN A 46 5.12 -21.23 9.21
N SER A 47 5.91 -20.19 9.48
CA SER A 47 7.13 -20.24 10.29
C SER A 47 6.89 -19.53 11.63
N GLY A 48 6.58 -18.23 11.55
CA GLY A 48 6.42 -17.32 12.69
C GLY A 48 7.71 -16.65 13.17
N LYS A 49 8.90 -17.09 12.70
CA LYS A 49 10.22 -16.69 13.22
C LYS A 49 11.37 -17.17 12.30
N ASP A 50 12.02 -18.26 12.70
CA ASP A 50 13.10 -19.06 12.11
C ASP A 50 14.29 -18.31 11.50
N LYS A 51 14.45 -17.02 11.85
CA LYS A 51 15.39 -16.02 11.30
C LYS A 51 15.43 -15.93 9.76
N ASP A 52 14.43 -16.49 9.08
CA ASP A 52 14.23 -16.39 7.63
C ASP A 52 12.76 -16.10 7.23
N ALA A 53 11.83 -15.89 8.18
CA ALA A 53 10.43 -15.53 7.88
C ALA A 53 10.05 -14.15 8.43
N VAL A 54 10.01 -14.00 9.77
CA VAL A 54 9.93 -12.68 10.44
C VAL A 54 11.08 -11.77 9.97
N ASP A 55 12.25 -12.38 9.73
CA ASP A 55 13.43 -11.74 9.17
C ASP A 55 13.27 -11.30 7.70
N LYS A 56 12.33 -11.86 6.93
CA LYS A 56 12.14 -11.56 5.50
C LYS A 56 11.05 -10.52 5.27
N LEU A 57 9.97 -10.62 6.04
CA LEU A 57 9.04 -9.51 6.32
C LEU A 57 9.74 -8.30 7.02
N LEU A 58 11.04 -8.44 7.32
CA LEU A 58 11.99 -7.37 7.57
C LEU A 58 12.85 -7.12 6.31
N LYS A 59 13.74 -8.05 5.91
CA LYS A 59 14.75 -7.92 4.86
C LYS A 59 14.26 -7.44 3.49
N ASP A 60 13.00 -7.67 3.12
CA ASP A 60 12.47 -7.18 1.83
C ASP A 60 12.22 -5.65 1.85
N LEU A 61 11.82 -5.10 3.01
CA LEU A 61 11.46 -3.69 3.19
C LEU A 61 12.65 -2.86 3.70
N ASP A 62 13.41 -3.45 4.61
CA ASP A 62 14.74 -3.10 5.15
C ASP A 62 15.65 -2.32 4.18
N ALA A 63 15.65 -2.65 2.89
CA ALA A 63 16.31 -1.91 1.81
C ALA A 63 16.03 -0.39 1.79
N ASN A 64 14.93 0.07 2.39
CA ASN A 64 14.54 1.48 2.44
C ASN A 64 15.16 2.21 3.65
N GLY A 65 15.65 1.54 4.70
CA GLY A 65 16.18 2.20 5.89
C GLY A 65 17.36 1.47 6.53
N ASP A 66 17.09 0.32 7.18
CA ASP A 66 18.07 -0.38 8.01
C ASP A 66 17.85 -1.90 8.05
N ALA A 67 16.70 -2.31 8.58
CA ALA A 67 16.36 -3.59 9.22
C ALA A 67 15.37 -3.30 10.36
N GLN A 68 15.71 -2.34 11.23
CA GLN A 68 14.72 -1.55 11.94
C GLN A 68 13.87 -0.78 10.91
N VAL A 69 12.70 -1.35 10.57
CA VAL A 69 11.82 -0.98 9.46
C VAL A 69 10.92 0.22 9.80
N ASP A 70 11.20 1.41 9.24
CA ASP A 70 10.37 2.62 9.33
C ASP A 70 8.97 2.45 8.67
N PHE A 71 8.03 3.34 9.00
CA PHE A 71 6.68 3.34 8.43
C PHE A 71 6.68 3.43 6.90
N SER A 72 7.67 4.11 6.30
CA SER A 72 7.87 4.25 4.85
C SER A 72 8.12 2.87 4.22
N GLU A 73 9.10 2.15 4.78
CA GLU A 73 9.50 0.81 4.38
C GLU A 73 8.33 -0.15 4.54
N PHE A 74 7.66 -0.06 5.71
CA PHE A 74 6.48 -0.83 6.03
C PHE A 74 5.37 -0.58 5.01
N ILE A 75 4.82 0.64 4.88
CA ILE A 75 3.66 0.89 4.01
C ILE A 75 3.89 0.44 2.55
N VAL A 76 5.10 0.67 2.00
CA VAL A 76 5.47 0.21 0.65
C VAL A 76 5.35 -1.31 0.50
N PHE A 77 5.90 -2.09 1.44
CA PHE A 77 5.84 -3.54 1.36
C PHE A 77 4.58 -4.15 1.99
N VAL A 78 3.84 -3.45 2.85
CA VAL A 78 2.44 -3.75 3.17
C VAL A 78 1.64 -3.83 1.87
N ALA A 79 1.80 -2.84 1.00
CA ALA A 79 1.23 -2.88 -0.35
C ALA A 79 1.83 -3.94 -1.29
N ALA A 80 2.97 -4.56 -0.95
CA ALA A 80 3.36 -5.84 -1.55
C ALA A 80 2.53 -6.97 -0.96
N ILE A 81 2.42 -7.07 0.38
CA ILE A 81 1.76 -8.16 1.13
C ILE A 81 0.37 -8.50 0.60
N THR A 82 -0.50 -7.50 0.38
CA THR A 82 -1.84 -7.68 -0.23
C THR A 82 -1.84 -8.50 -1.53
N SER A 83 -0.81 -8.36 -2.38
CA SER A 83 -0.65 -9.18 -3.58
C SER A 83 0.26 -10.40 -3.32
N ALA A 84 1.34 -10.27 -2.55
CA ALA A 84 2.28 -11.35 -2.22
C ALA A 84 1.63 -12.51 -1.43
N SER A 85 0.92 -12.21 -0.34
CA SER A 85 0.28 -13.22 0.54
C SER A 85 -0.64 -14.12 -0.28
N HIS A 86 -1.51 -13.48 -1.06
CA HIS A 86 -2.60 -14.13 -1.78
C HIS A 86 -2.14 -15.10 -2.89
N LYS A 87 -0.83 -15.15 -3.22
CA LYS A 87 -0.29 -16.19 -4.11
C LYS A 87 -0.24 -17.59 -3.47
N TYR A 88 -0.44 -17.72 -2.15
CA TYR A 88 -0.11 -18.95 -1.41
C TYR A 88 -1.29 -19.94 -1.18
N PHE A 89 -2.53 -19.47 -0.99
CA PHE A 89 -3.62 -20.17 -0.25
C PHE A 89 -3.31 -20.37 1.23
N GLU A 90 -4.31 -20.74 2.05
CA GLU A 90 -4.52 -20.24 3.42
C GLU A 90 -4.77 -18.72 3.38
N LYS A 91 -3.81 -17.96 2.83
CA LYS A 91 -3.82 -16.51 2.59
C LYS A 91 -5.01 -16.13 1.69
N THR A 92 -4.96 -16.37 0.36
CA THR A 92 -6.11 -16.08 -0.52
C THR A 92 -7.28 -17.03 -0.37
N GLY A 93 -7.09 -18.15 0.35
CA GLY A 93 -8.21 -18.94 0.88
C GLY A 93 -9.09 -18.13 1.85
N LEU A 94 -8.63 -16.94 2.25
CA LEU A 94 -9.27 -15.99 3.16
C LEU A 94 -9.11 -14.53 2.68
N LYS A 95 -8.54 -14.25 1.49
CA LYS A 95 -8.15 -12.88 1.05
C LYS A 95 -8.20 -12.65 -0.46
N MET B 1 -7.55 -12.26 4.80
CA MET B 1 -7.83 -10.85 5.12
C MET B 1 -7.73 -10.71 6.64
N THR B 2 -7.20 -9.59 7.15
CA THR B 2 -6.67 -9.52 8.51
C THR B 2 -7.18 -8.27 9.25
N GLU B 3 -6.36 -7.22 9.32
CA GLU B 3 -6.65 -5.86 9.76
C GLU B 3 -5.83 -4.94 8.85
N LEU B 4 -4.51 -5.15 8.79
CA LEU B 4 -3.63 -4.79 7.69
C LEU B 4 -4.20 -5.14 6.30
N GLU B 5 -4.47 -6.43 6.03
CA GLU B 5 -5.05 -6.82 4.74
C GLU B 5 -6.51 -6.33 4.67
N ALA B 6 -7.25 -6.27 5.77
CA ALA B 6 -8.66 -5.85 5.73
C ALA B 6 -8.82 -4.36 5.41
N ALA B 7 -7.90 -3.52 5.89
CA ALA B 7 -7.74 -2.13 5.48
C ALA B 7 -7.28 -2.04 4.02
N MET B 8 -6.28 -2.82 3.58
CA MET B 8 -5.94 -2.86 2.14
C MET B 8 -7.07 -3.40 1.26
N GLY B 9 -7.93 -4.25 1.81
CA GLY B 9 -9.23 -4.64 1.29
C GLY B 9 -10.15 -3.46 0.94
N MET B 10 -9.80 -2.23 1.36
CA MET B 10 -10.50 -0.98 1.06
C MET B 10 -9.81 -0.16 -0.04
N ILE B 11 -8.58 -0.50 -0.45
CA ILE B 11 -7.84 0.17 -1.54
C ILE B 11 -7.52 -0.75 -2.73
N ILE B 12 -7.68 -2.06 -2.58
CA ILE B 12 -8.13 -2.91 -3.70
C ILE B 12 -9.62 -2.65 -4.03
N ASP B 13 -10.31 -1.82 -3.22
CA ASP B 13 -11.74 -1.55 -3.32
C ASP B 13 -12.05 -0.07 -3.62
N VAL B 14 -11.19 0.90 -3.26
CA VAL B 14 -11.06 2.12 -4.08
C VAL B 14 -10.64 1.77 -5.53
N PHE B 15 -9.93 0.64 -5.71
CA PHE B 15 -9.72 0.00 -7.02
C PHE B 15 -10.95 -0.79 -7.52
N SER B 16 -11.99 -1.06 -6.70
CA SER B 16 -13.30 -1.52 -7.20
C SER B 16 -13.98 -0.33 -7.87
N ARG B 17 -14.80 0.50 -7.19
CA ARG B 17 -15.25 1.87 -7.57
C ARG B 17 -15.04 2.19 -9.07
N TYR B 18 -13.81 2.57 -9.34
CA TYR B 18 -12.93 2.67 -10.52
C TYR B 18 -13.03 1.49 -11.52
N SER B 19 -12.24 0.41 -11.34
CA SER B 19 -12.19 -0.77 -12.20
C SER B 19 -13.36 -1.76 -12.07
N GLY B 20 -14.33 -1.49 -11.18
CA GLY B 20 -15.29 -2.33 -10.42
C GLY B 20 -16.18 -3.32 -11.17
N SER B 21 -15.91 -3.53 -12.45
CA SER B 21 -16.19 -4.75 -13.18
C SER B 21 -15.14 -4.84 -14.29
N GLU B 22 -15.11 -3.82 -15.16
CA GLU B 22 -14.07 -3.58 -16.16
C GLU B 22 -13.79 -2.06 -16.32
N GLY B 23 -12.53 -1.62 -16.15
CA GLY B 23 -12.01 -0.24 -16.30
C GLY B 23 -10.96 -0.09 -17.41
N SER B 24 -11.17 -0.87 -18.48
CA SER B 24 -10.30 -1.46 -19.54
C SER B 24 -10.51 -2.98 -19.63
N THR B 25 -11.13 -3.51 -18.58
CA THR B 25 -11.04 -4.79 -17.87
C THR B 25 -10.57 -4.45 -16.45
N GLN B 26 -10.51 -5.36 -15.47
CA GLN B 26 -10.17 -4.95 -14.09
C GLN B 26 -8.66 -4.64 -13.91
N THR B 27 -8.35 -3.45 -14.41
CA THR B 27 -7.12 -2.70 -14.63
C THR B 27 -7.55 -1.25 -14.86
N LEU B 28 -6.66 -0.25 -14.85
CA LEU B 28 -6.99 1.11 -15.32
C LEU B 28 -6.20 1.48 -16.57
N THR B 29 -6.87 1.75 -17.70
CA THR B 29 -6.28 2.67 -18.70
C THR B 29 -6.20 4.09 -18.12
N LYS B 30 -5.29 4.91 -18.65
CA LYS B 30 -5.16 6.36 -18.42
C LYS B 30 -6.50 7.10 -18.54
N GLY B 31 -7.32 6.66 -19.49
CA GLY B 31 -8.68 7.15 -19.73
C GLY B 31 -9.63 6.92 -18.56
N GLU B 32 -9.50 5.81 -17.82
CA GLU B 32 -10.22 5.57 -16.57
C GLU B 32 -9.50 6.24 -15.40
N LEU B 33 -8.16 6.10 -15.33
CA LEU B 33 -7.32 6.53 -14.21
C LEU B 33 -7.67 7.94 -13.72
N LYS B 34 -7.92 8.90 -14.62
CA LYS B 34 -8.36 10.26 -14.30
C LYS B 34 -9.58 10.36 -13.35
N VAL B 35 -10.61 9.49 -13.47
CA VAL B 35 -11.95 9.80 -12.93
C VAL B 35 -11.99 9.75 -11.40
N LEU B 36 -11.32 8.77 -10.80
CA LEU B 36 -11.20 8.65 -9.34
C LEU B 36 -10.28 9.73 -8.76
N MET B 37 -9.22 10.10 -9.48
CA MET B 37 -8.14 10.96 -8.96
C MET B 37 -8.67 12.30 -8.43
N GLU B 38 -9.65 12.88 -9.13
CA GLU B 38 -10.37 14.09 -8.76
C GLU B 38 -11.07 14.01 -7.39
N LYS B 39 -11.28 12.79 -6.89
CA LYS B 39 -12.11 12.46 -5.75
C LYS B 39 -11.21 11.90 -4.63
N GLU B 40 -10.39 10.89 -4.94
CA GLU B 40 -9.59 10.15 -3.96
C GLU B 40 -8.06 10.39 -4.01
N LEU B 41 -7.58 11.25 -4.92
CA LEU B 41 -6.23 11.83 -4.91
C LEU B 41 -6.16 13.39 -5.07
N PRO B 42 -7.10 14.23 -4.55
CA PRO B 42 -7.07 15.70 -4.68
C PRO B 42 -5.75 16.46 -4.40
N GLY B 43 -4.79 15.88 -3.67
CA GLY B 43 -3.44 16.45 -3.57
C GLY B 43 -2.70 16.41 -4.91
N PHE B 44 -2.68 15.24 -5.56
CA PHE B 44 -2.04 15.06 -6.87
C PHE B 44 -2.68 15.95 -7.95
N LEU B 45 -3.99 16.25 -7.83
CA LEU B 45 -4.76 17.10 -8.74
C LEU B 45 -4.28 18.55 -8.86
N GLN B 46 -3.29 19.00 -8.09
CA GLN B 46 -2.54 20.23 -8.41
C GLN B 46 -1.69 20.07 -9.70
N SER B 47 -1.54 18.84 -10.21
CA SER B 47 -1.05 18.48 -11.55
C SER B 47 -2.20 18.34 -12.58
N GLY B 48 -3.45 18.21 -12.10
CA GLY B 48 -4.69 18.10 -12.85
C GLY B 48 -4.78 16.86 -13.76
N LYS B 49 -4.27 17.00 -14.99
CA LYS B 49 -4.09 15.96 -16.01
C LYS B 49 -3.28 16.48 -17.21
N ASP B 50 -3.84 17.41 -18.00
CA ASP B 50 -3.26 18.02 -19.22
C ASP B 50 -2.97 17.05 -20.40
N LYS B 51 -2.39 15.87 -20.09
CA LYS B 51 -1.99 14.63 -20.81
C LYS B 51 -0.63 14.10 -20.34
N ASP B 52 0.18 14.90 -19.62
CA ASP B 52 1.46 14.51 -19.00
C ASP B 52 1.37 14.25 -17.50
N ALA B 53 0.34 14.78 -16.81
CA ALA B 53 -0.14 14.26 -15.54
C ALA B 53 -1.32 13.31 -15.80
N VAL B 54 -1.75 12.57 -14.77
CA VAL B 54 -2.55 11.32 -14.86
C VAL B 54 -1.75 10.22 -15.57
N ASP B 55 -1.13 10.53 -16.70
CA ASP B 55 0.05 9.87 -17.26
C ASP B 55 1.13 9.61 -16.20
N LYS B 56 1.63 10.65 -15.51
CA LYS B 56 2.67 10.52 -14.48
C LYS B 56 2.18 9.93 -13.14
N LEU B 57 0.89 9.60 -13.00
CA LEU B 57 0.48 8.51 -12.11
C LEU B 57 0.66 7.18 -12.84
N LEU B 58 -0.08 6.96 -13.94
CA LEU B 58 -0.06 5.73 -14.73
C LEU B 58 1.36 5.16 -14.86
N LYS B 59 2.27 5.89 -15.53
CA LYS B 59 3.65 5.54 -15.88
C LYS B 59 4.53 5.13 -14.69
N ASP B 60 4.20 5.56 -13.46
CA ASP B 60 4.86 5.11 -12.24
C ASP B 60 4.37 3.72 -11.83
N LEU B 61 3.05 3.52 -11.70
CA LEU B 61 2.45 2.22 -11.35
C LEU B 61 2.70 1.16 -12.44
N ASP B 62 2.51 1.56 -13.71
CA ASP B 62 2.69 0.88 -15.00
C ASP B 62 3.91 -0.04 -15.10
N ALA B 63 5.04 0.34 -14.48
CA ALA B 63 6.24 -0.50 -14.40
C ALA B 63 6.02 -1.90 -13.81
N ASN B 64 4.90 -2.14 -13.12
CA ASN B 64 4.60 -3.42 -12.46
C ASN B 64 3.83 -4.41 -13.37
N GLY B 65 3.21 -3.99 -14.49
CA GLY B 65 2.43 -4.93 -15.33
C GLY B 65 2.37 -4.57 -16.81
N ASP B 66 1.70 -3.47 -17.16
CA ASP B 66 1.43 -3.11 -18.56
C ASP B 66 1.58 -1.62 -18.84
N ALA B 67 0.72 -0.83 -18.19
CA ALA B 67 0.16 0.47 -18.57
C ALA B 67 -1.33 0.48 -18.19
N GLN B 68 -2.08 -0.53 -18.64
CA GLN B 68 -3.39 -0.86 -18.08
C GLN B 68 -3.22 -1.53 -16.71
N VAL B 69 -3.12 -0.68 -15.68
CA VAL B 69 -2.63 -0.97 -14.32
C VAL B 69 -3.51 -1.97 -13.55
N ASP B 70 -3.00 -3.18 -13.27
CA ASP B 70 -3.56 -4.17 -12.32
C ASP B 70 -3.65 -3.63 -10.87
N PHE B 71 -4.45 -4.30 -10.03
CA PHE B 71 -4.57 -4.00 -8.61
C PHE B 71 -3.21 -4.01 -7.91
N SER B 72 -2.30 -4.92 -8.28
CA SER B 72 -0.94 -5.00 -7.72
C SER B 72 -0.15 -3.72 -8.01
N GLU B 73 -0.21 -3.24 -9.25
CA GLU B 73 0.43 -2.00 -9.71
C GLU B 73 -0.14 -0.80 -8.93
N PHE B 74 -1.48 -0.70 -8.90
CA PHE B 74 -2.18 0.37 -8.20
C PHE B 74 -1.86 0.37 -6.71
N ILE B 75 -2.09 -0.76 -6.02
CA ILE B 75 -1.97 -0.87 -4.57
C ILE B 75 -0.55 -0.57 -4.08
N VAL B 76 0.50 -1.06 -4.77
CA VAL B 76 1.91 -0.73 -4.49
C VAL B 76 2.13 0.79 -4.47
N PHE B 77 1.64 1.51 -5.49
CA PHE B 77 1.80 2.96 -5.53
C PHE B 77 0.81 3.74 -4.65
N VAL B 78 -0.36 3.20 -4.30
CA VAL B 78 -1.25 3.75 -3.26
C VAL B 78 -0.47 3.95 -1.94
N ALA B 79 0.47 3.05 -1.61
CA ALA B 79 1.38 3.21 -0.47
C ALA B 79 2.45 4.31 -0.62
N ALA B 80 2.75 4.76 -1.83
CA ALA B 80 3.47 6.02 -2.04
C ALA B 80 2.50 7.20 -1.88
N ILE B 81 1.32 7.14 -2.54
CA ILE B 81 0.30 8.20 -2.62
C ILE B 81 -0.17 8.67 -1.25
N THR B 82 -0.47 7.74 -0.33
CA THR B 82 -0.83 8.03 1.06
C THR B 82 0.19 8.93 1.77
N SER B 83 1.47 8.85 1.36
CA SER B 83 2.50 9.79 1.77
C SER B 83 2.59 11.02 0.84
N ALA B 84 2.48 10.85 -0.48
CA ALA B 84 2.68 11.90 -1.49
C ALA B 84 1.82 13.14 -1.23
N SER B 85 0.52 12.97 -0.94
CA SER B 85 -0.38 14.10 -0.67
C SER B 85 0.01 14.91 0.57
N HIS B 86 0.80 14.31 1.48
CA HIS B 86 1.29 14.88 2.74
C HIS B 86 2.79 15.21 2.71
N LYS B 87 3.56 14.69 1.74
CA LYS B 87 4.93 15.13 1.41
C LYS B 87 4.97 16.60 1.00
N TYR B 88 3.87 17.14 0.44
CA TYR B 88 3.70 18.58 0.21
C TYR B 88 2.97 19.29 1.36
N PHE B 89 1.82 18.77 1.82
CA PHE B 89 0.97 19.29 2.91
C PHE B 89 0.36 20.69 2.69
N GLU B 90 0.95 21.58 1.87
CA GLU B 90 0.16 22.56 1.09
C GLU B 90 -0.87 21.87 0.19
N LYS B 91 -0.68 20.57 -0.11
CA LYS B 91 -1.66 19.68 -0.73
C LYS B 91 -2.69 19.23 0.32
N THR B 92 -2.54 18.06 0.98
CA THR B 92 -3.65 17.53 1.81
C THR B 92 -3.87 18.22 3.17
N GLY B 93 -3.07 19.22 3.54
CA GLY B 93 -3.40 20.13 4.64
C GLY B 93 -4.22 21.34 4.20
N LEU B 94 -4.47 21.51 2.88
CA LEU B 94 -5.60 22.28 2.37
C LEU B 94 -6.85 21.38 2.17
N LYS B 95 -6.65 20.09 1.84
CA LYS B 95 -7.71 19.11 1.55
C LYS B 95 -7.49 17.77 2.23
N MET A 1 -5.14 12.63 3.57
CA MET A 1 -6.24 11.65 3.77
C MET A 1 -7.41 11.93 2.83
N THR A 2 -7.98 10.85 2.29
CA THR A 2 -9.02 10.73 1.23
C THR A 2 -9.70 9.37 1.45
N GLU A 3 -10.61 8.86 0.59
CA GLU A 3 -11.09 7.48 0.75
C GLU A 3 -9.93 6.46 0.65
N LEU A 4 -9.16 6.54 -0.44
CA LEU A 4 -7.94 5.78 -0.68
C LEU A 4 -6.98 5.89 0.52
N GLU A 5 -6.68 7.13 0.94
CA GLU A 5 -5.73 7.36 2.02
C GLU A 5 -6.27 7.14 3.42
N ALA A 6 -7.59 7.05 3.65
CA ALA A 6 -8.15 6.65 4.94
C ALA A 6 -7.91 5.16 5.19
N ALA A 7 -8.13 4.34 4.15
CA ALA A 7 -7.76 2.93 4.19
C ALA A 7 -6.25 2.76 4.37
N MET A 8 -5.38 3.48 3.62
CA MET A 8 -3.94 3.49 3.95
C MET A 8 -3.62 4.09 5.32
N GLY A 9 -4.42 5.05 5.75
CA GLY A 9 -4.50 5.51 7.12
C GLY A 9 -4.58 4.33 8.09
N MET A 10 -5.35 3.27 7.80
CA MET A 10 -5.42 2.07 8.64
C MET A 10 -4.13 1.24 8.67
N ILE A 11 -3.34 1.19 7.59
CA ILE A 11 -2.07 0.42 7.58
C ILE A 11 -0.84 1.24 8.02
N ILE A 12 -0.85 2.55 7.77
CA ILE A 12 -0.02 3.51 8.52
C ILE A 12 -0.45 3.55 10.00
N ASP A 13 -1.73 3.35 10.33
CA ASP A 13 -2.20 3.21 11.71
C ASP A 13 -1.78 1.87 12.32
N VAL A 14 -1.81 0.75 11.59
CA VAL A 14 -1.14 -0.50 12.00
C VAL A 14 0.33 -0.24 12.39
N PHE A 15 1.07 0.51 11.56
CA PHE A 15 2.41 1.00 11.90
C PHE A 15 2.44 2.03 13.06
N SER A 16 1.32 2.70 13.35
CA SER A 16 1.13 3.63 14.47
C SER A 16 0.62 2.93 15.74
N ARG A 17 0.25 1.64 15.68
CA ARG A 17 0.03 0.78 16.85
C ARG A 17 1.37 0.39 17.48
N TYR A 18 2.28 -0.20 16.69
CA TYR A 18 3.41 -1.00 17.20
C TYR A 18 4.76 -0.28 17.19
N SER A 19 5.18 0.28 16.05
CA SER A 19 6.12 1.41 16.07
C SER A 19 5.52 2.67 16.71
N GLY A 20 4.20 2.69 16.97
CA GLY A 20 3.52 3.60 17.89
C GLY A 20 3.36 5.05 17.40
N SER A 21 3.99 5.38 16.27
CA SER A 21 4.45 6.68 15.74
C SER A 21 5.97 6.65 15.75
N GLU A 22 6.56 6.62 16.96
CA GLU A 22 7.97 6.33 17.20
C GLU A 22 8.13 5.46 18.45
N GLY A 23 9.23 4.71 18.53
CA GLY A 23 9.54 3.81 19.66
C GLY A 23 10.90 3.08 19.57
N SER A 24 11.67 3.39 18.52
CA SER A 24 12.67 2.53 17.90
C SER A 24 13.81 3.36 17.27
N THR A 25 13.71 4.70 17.27
CA THR A 25 13.51 5.52 16.06
C THR A 25 12.04 5.44 15.62
N GLN A 26 11.69 5.76 14.37
CA GLN A 26 10.32 5.62 13.84
C GLN A 26 10.22 4.46 12.84
N THR A 27 10.52 3.26 13.35
CA THR A 27 10.67 2.02 12.59
C THR A 27 10.05 0.85 13.35
N LEU A 28 9.75 -0.25 12.66
CA LEU A 28 9.77 -1.59 13.26
C LEU A 28 11.20 -2.12 13.28
N THR A 29 11.78 -2.35 14.47
CA THR A 29 12.85 -3.36 14.57
C THR A 29 12.28 -4.79 14.49
N LYS A 30 13.15 -5.77 14.22
CA LYS A 30 12.84 -7.21 14.10
C LYS A 30 12.13 -7.78 15.34
N GLY A 31 12.41 -7.22 16.51
CA GLY A 31 11.78 -7.57 17.79
C GLY A 31 10.43 -6.89 18.07
N GLU A 32 10.10 -5.84 17.31
CA GLU A 32 8.94 -4.95 17.44
C GLU A 32 7.88 -5.32 16.40
N LEU A 33 8.32 -5.67 15.19
CA LEU A 33 7.54 -6.29 14.09
C LEU A 33 6.80 -7.58 14.48
N LYS A 34 7.27 -8.35 15.47
CA LYS A 34 6.81 -9.73 15.70
C LYS A 34 5.48 -9.84 16.47
N VAL A 35 5.38 -9.11 17.59
CA VAL A 35 4.20 -9.03 18.46
C VAL A 35 3.06 -8.23 17.81
N LEU A 36 3.42 -7.49 16.76
CA LEU A 36 2.55 -7.00 15.70
C LEU A 36 2.03 -8.16 14.83
N MET A 37 2.85 -8.87 14.04
CA MET A 37 2.36 -9.82 13.01
C MET A 37 1.38 -10.94 13.46
N GLU A 38 1.21 -11.23 14.76
CA GLU A 38 0.09 -12.06 15.28
C GLU A 38 -1.31 -11.49 14.92
N LYS A 39 -1.39 -10.16 14.90
CA LYS A 39 -2.60 -9.32 14.98
C LYS A 39 -3.15 -9.02 13.58
N GLU A 40 -2.30 -8.59 12.67
CA GLU A 40 -2.65 -8.07 11.35
C GLU A 40 -1.85 -8.71 10.18
N LEU A 41 -0.94 -9.65 10.46
CA LEU A 41 -0.41 -10.63 9.50
C LEU A 41 -0.60 -12.11 9.95
N PRO A 42 -1.65 -12.54 10.69
CA PRO A 42 -1.82 -13.94 11.08
C PRO A 42 -1.80 -14.91 9.89
N GLY A 43 -1.02 -15.98 10.02
CA GLY A 43 -0.72 -16.95 8.97
C GLY A 43 0.74 -16.86 8.51
N PHE A 44 1.31 -15.65 8.41
CA PHE A 44 2.77 -15.46 8.25
C PHE A 44 3.54 -16.03 9.46
N LEU A 45 2.85 -16.08 10.61
CA LEU A 45 3.19 -16.70 11.88
C LEU A 45 3.29 -18.23 11.83
N GLN A 46 3.25 -18.87 10.66
CA GLN A 46 3.62 -20.28 10.48
C GLN A 46 4.98 -20.66 11.12
N SER A 47 5.91 -19.71 11.22
CA SER A 47 7.20 -19.79 11.94
C SER A 47 7.14 -19.30 13.40
N GLY A 48 6.13 -18.51 13.77
CA GLY A 48 6.12 -17.60 14.92
C GLY A 48 7.29 -16.60 14.91
N LYS A 49 8.47 -17.07 15.32
CA LYS A 49 9.77 -16.42 15.15
C LYS A 49 10.88 -17.46 14.99
N ASP A 50 11.64 -17.37 13.91
CA ASP A 50 12.63 -18.33 13.42
C ASP A 50 13.92 -17.66 12.92
N LYS A 51 14.00 -16.33 13.06
CA LYS A 51 14.92 -15.40 12.40
C LYS A 51 15.00 -15.53 10.86
N ASP A 52 13.97 -16.09 10.20
CA ASP A 52 13.88 -16.27 8.74
C ASP A 52 12.50 -15.99 8.10
N ALA A 53 11.45 -15.74 8.87
CA ALA A 53 10.11 -15.33 8.42
C ALA A 53 9.74 -13.97 9.01
N VAL A 54 9.83 -13.81 10.34
CA VAL A 54 9.89 -12.51 11.02
C VAL A 54 10.97 -11.62 10.36
N ASP A 55 12.13 -12.22 10.08
CA ASP A 55 13.25 -11.59 9.39
C ASP A 55 13.01 -11.33 7.90
N LYS A 56 12.03 -11.99 7.25
CA LYS A 56 11.71 -11.79 5.83
C LYS A 56 10.53 -10.85 5.63
N LEU A 57 9.67 -10.72 6.64
CA LEU A 57 8.81 -9.54 6.84
C LEU A 57 9.62 -8.33 7.33
N LEU A 58 10.95 -8.49 7.50
CA LEU A 58 11.93 -7.42 7.60
C LEU A 58 12.68 -7.26 6.26
N LYS A 59 13.62 -8.17 5.93
CA LYS A 59 14.61 -8.14 4.82
C LYS A 59 14.07 -7.65 3.48
N ASP A 60 12.88 -8.08 3.11
CA ASP A 60 12.17 -7.65 1.91
C ASP A 60 11.97 -6.12 1.87
N LEU A 61 11.50 -5.54 2.97
CA LEU A 61 11.20 -4.11 3.12
C LEU A 61 12.43 -3.30 3.54
N ASP A 62 13.17 -3.80 4.54
CA ASP A 62 14.49 -3.43 5.06
C ASP A 62 15.46 -2.85 4.01
N ALA A 63 15.41 -3.37 2.78
CA ALA A 63 16.08 -2.83 1.59
C ALA A 63 15.90 -1.32 1.36
N ASN A 64 14.81 -0.71 1.85
CA ASN A 64 14.47 0.70 1.72
C ASN A 64 15.16 1.56 2.81
N GLY A 65 15.71 0.98 3.89
CA GLY A 65 16.29 1.75 4.99
C GLY A 65 17.53 1.10 5.64
N ASP A 66 17.35 -0.04 6.31
CA ASP A 66 18.36 -0.62 7.19
C ASP A 66 18.10 -2.12 7.49
N ALA A 67 16.93 -2.38 8.06
CA ALA A 67 16.52 -3.51 8.91
C ALA A 67 15.52 -3.01 9.93
N GLN A 68 15.86 -1.94 10.65
CA GLN A 68 14.87 -1.09 11.28
C GLN A 68 13.99 -0.40 10.21
N VAL A 69 12.83 -1.01 9.97
CA VAL A 69 11.86 -0.79 8.89
C VAL A 69 11.02 0.47 9.16
N ASP A 70 11.31 1.58 8.48
CA ASP A 70 10.51 2.82 8.45
C ASP A 70 9.08 2.59 7.90
N PHE A 71 8.18 3.56 8.13
CA PHE A 71 6.80 3.52 7.66
C PHE A 71 6.72 3.36 6.15
N SER A 72 7.67 3.92 5.39
CA SER A 72 7.79 3.82 3.93
C SER A 72 8.00 2.36 3.52
N GLU A 73 9.02 1.73 4.11
CA GLU A 73 9.40 0.34 3.86
C GLU A 73 8.22 -0.58 4.17
N PHE A 74 7.63 -0.39 5.36
CA PHE A 74 6.43 -1.08 5.78
C PHE A 74 5.28 -0.88 4.79
N ILE A 75 4.77 0.34 4.60
CA ILE A 75 3.58 0.57 3.77
C ILE A 75 3.73 0.08 2.33
N VAL A 76 4.92 0.22 1.73
CA VAL A 76 5.25 -0.34 0.41
C VAL A 76 5.10 -1.87 0.41
N PHE A 77 5.71 -2.58 1.37
CA PHE A 77 5.58 -4.04 1.42
C PHE A 77 4.26 -4.55 2.00
N VAL A 78 3.53 -3.75 2.75
CA VAL A 78 2.11 -3.98 3.04
C VAL A 78 1.37 -4.12 1.71
N ALA A 79 1.51 -3.14 0.81
CA ALA A 79 1.00 -3.24 -0.56
C ALA A 79 1.64 -4.35 -1.43
N ALA A 80 2.69 -5.04 -0.97
CA ALA A 80 3.12 -6.32 -1.54
C ALA A 80 2.41 -7.51 -0.88
N ILE A 81 2.19 -7.50 0.45
CA ILE A 81 1.50 -8.52 1.24
C ILE A 81 0.12 -8.85 0.65
N THR A 82 -0.69 -7.84 0.30
CA THR A 82 -1.96 -8.01 -0.41
C THR A 82 -1.87 -8.78 -1.75
N SER A 83 -0.67 -9.04 -2.26
CA SER A 83 -0.40 -9.94 -3.38
C SER A 83 0.31 -11.23 -2.92
N ALA A 84 1.20 -11.16 -1.92
CA ALA A 84 2.01 -12.25 -1.41
C ALA A 84 1.20 -13.29 -0.62
N SER A 85 0.12 -12.90 0.06
CA SER A 85 -0.68 -13.73 0.97
C SER A 85 -1.43 -14.91 0.34
N HIS A 86 -1.33 -15.12 -0.98
CA HIS A 86 -1.92 -16.27 -1.67
C HIS A 86 -1.54 -17.64 -1.06
N LYS A 87 -0.45 -17.68 -0.26
CA LYS A 87 -0.02 -18.79 0.61
C LYS A 87 -1.12 -19.31 1.56
N TYR A 88 -2.17 -18.51 1.83
CA TYR A 88 -3.29 -18.93 2.68
C TYR A 88 -3.98 -20.21 2.19
N PHE A 89 -3.96 -20.51 0.89
CA PHE A 89 -4.11 -21.89 0.41
C PHE A 89 -3.23 -22.09 -0.83
N GLU A 90 -3.78 -22.44 -2.00
CA GLU A 90 -3.08 -22.24 -3.27
C GLU A 90 -3.31 -20.81 -3.82
N LYS A 91 -4.45 -20.16 -3.52
CA LYS A 91 -4.74 -18.78 -3.97
C LYS A 91 -5.09 -17.74 -2.90
N THR A 92 -5.57 -18.16 -1.73
CA THR A 92 -6.46 -17.48 -0.73
C THR A 92 -7.81 -18.22 -0.71
N GLY A 93 -7.79 -19.48 -0.25
CA GLY A 93 -8.90 -20.43 -0.29
C GLY A 93 -9.30 -20.99 1.08
N LEU A 94 -8.86 -20.32 2.14
CA LEU A 94 -8.94 -20.73 3.56
C LEU A 94 -8.92 -19.49 4.46
N LYS A 95 -8.12 -18.50 4.07
CA LYS A 95 -8.00 -17.16 4.63
C LYS A 95 -7.71 -16.20 3.46
N MET B 1 -7.31 -12.85 5.05
CA MET B 1 -7.51 -11.42 5.30
C MET B 1 -7.38 -11.16 6.79
N THR B 2 -6.86 -9.98 7.13
CA THR B 2 -6.57 -9.47 8.49
C THR B 2 -7.08 -8.03 8.59
N GLU B 3 -6.82 -7.28 9.67
CA GLU B 3 -7.10 -5.82 9.65
C GLU B 3 -6.34 -5.13 8.50
N LEU B 4 -5.00 -5.27 8.48
CA LEU B 4 -4.10 -4.78 7.45
C LEU B 4 -4.54 -5.18 6.03
N GLU B 5 -4.90 -6.46 5.83
CA GLU B 5 -5.32 -6.91 4.50
C GLU B 5 -6.76 -6.51 4.16
N ALA B 6 -7.68 -6.41 5.13
CA ALA B 6 -9.04 -5.93 4.90
C ALA B 6 -9.03 -4.45 4.55
N ALA B 7 -8.20 -3.65 5.24
CA ALA B 7 -7.87 -2.29 4.83
C ALA B 7 -7.35 -2.29 3.38
N MET B 8 -6.39 -3.16 3.03
CA MET B 8 -5.97 -3.30 1.64
C MET B 8 -7.05 -3.74 0.67
N GLY B 9 -8.01 -4.56 1.11
CA GLY B 9 -9.27 -4.80 0.41
C GLY B 9 -9.96 -3.51 0.01
N MET B 10 -9.87 -2.43 0.80
CA MET B 10 -10.48 -1.13 0.52
C MET B 10 -9.64 -0.27 -0.46
N ILE B 11 -8.30 -0.30 -0.42
CA ILE B 11 -7.51 0.38 -1.47
C ILE B 11 -7.51 -0.41 -2.79
N ILE B 12 -7.61 -1.74 -2.75
CA ILE B 12 -8.01 -2.56 -3.90
C ILE B 12 -9.44 -2.19 -4.33
N ASP B 13 -10.40 -1.99 -3.40
CA ASP B 13 -11.79 -1.63 -3.70
C ASP B 13 -11.91 -0.35 -4.53
N VAL B 14 -11.23 0.74 -4.17
CA VAL B 14 -11.42 1.99 -4.96
C VAL B 14 -11.04 1.81 -6.45
N PHE B 15 -10.04 0.97 -6.73
CA PHE B 15 -9.70 0.47 -8.07
C PHE B 15 -10.70 -0.56 -8.61
N SER B 16 -11.15 -1.52 -7.77
CA SER B 16 -12.17 -2.53 -8.07
C SER B 16 -13.60 -1.96 -8.18
N ARG B 17 -13.79 -0.65 -8.03
CA ARG B 17 -14.95 0.11 -8.50
C ARG B 17 -14.72 0.59 -9.93
N TYR B 18 -13.64 1.34 -10.18
CA TYR B 18 -13.39 2.04 -11.46
C TYR B 18 -12.90 1.12 -12.58
N SER B 19 -11.93 0.24 -12.31
CA SER B 19 -11.64 -0.92 -13.17
C SER B 19 -12.68 -2.04 -13.05
N GLY B 20 -13.67 -1.87 -12.15
CA GLY B 20 -14.43 -2.87 -11.37
C GLY B 20 -15.30 -3.89 -12.09
N SER B 21 -15.08 -4.06 -13.39
CA SER B 21 -15.51 -5.18 -14.22
C SER B 21 -14.60 -5.15 -15.43
N GLU B 22 -14.64 -4.02 -16.14
CA GLU B 22 -13.53 -3.44 -16.88
C GLU B 22 -13.51 -1.91 -16.67
N GLY B 23 -12.35 -1.29 -16.86
CA GLY B 23 -12.14 0.16 -16.99
C GLY B 23 -11.14 0.46 -18.12
N SER B 24 -11.20 -0.39 -19.17
CA SER B 24 -10.17 -0.74 -20.17
C SER B 24 -10.30 -2.22 -20.55
N THR B 25 -9.97 -3.09 -19.58
CA THR B 25 -9.84 -4.56 -19.63
C THR B 25 -9.42 -5.02 -18.21
N GLN B 26 -10.21 -4.57 -17.23
CA GLN B 26 -9.86 -4.36 -15.81
C GLN B 26 -8.41 -3.95 -15.55
N THR B 27 -8.09 -2.79 -16.11
CA THR B 27 -7.01 -1.89 -15.71
C THR B 27 -7.62 -0.50 -15.52
N LEU B 28 -6.85 0.44 -15.00
CA LEU B 28 -7.02 1.87 -15.24
C LEU B 28 -6.18 2.23 -16.48
N THR B 29 -6.83 2.53 -17.62
CA THR B 29 -6.22 3.50 -18.54
C THR B 29 -6.22 4.89 -17.90
N LYS B 30 -5.31 5.75 -18.38
CA LYS B 30 -5.18 7.18 -18.08
C LYS B 30 -6.51 7.94 -18.14
N GLY B 31 -7.41 7.54 -19.06
CA GLY B 31 -8.72 8.15 -19.24
C GLY B 31 -9.78 7.70 -18.22
N GLU B 32 -9.67 6.50 -17.67
CA GLU B 32 -10.47 5.99 -16.54
C GLU B 32 -9.94 6.62 -15.23
N LEU B 33 -8.62 6.55 -15.07
CA LEU B 33 -7.85 7.05 -13.94
C LEU B 33 -8.22 8.48 -13.53
N LYS B 34 -8.48 9.40 -14.48
CA LYS B 34 -8.69 10.82 -14.12
C LYS B 34 -9.88 11.07 -13.17
N VAL B 35 -11.06 10.49 -13.44
CA VAL B 35 -12.34 10.78 -12.74
C VAL B 35 -12.37 10.17 -11.33
N LEU B 36 -11.34 9.39 -11.00
CA LEU B 36 -11.02 8.77 -9.73
C LEU B 36 -10.13 9.68 -8.87
N MET B 37 -9.20 10.42 -9.48
CA MET B 37 -8.19 11.20 -8.77
C MET B 37 -8.82 12.40 -8.05
N GLU B 38 -9.97 12.91 -8.52
CA GLU B 38 -10.83 13.86 -7.79
C GLU B 38 -11.27 13.34 -6.42
N LYS B 39 -11.32 12.01 -6.27
CA LYS B 39 -11.96 11.28 -5.16
C LYS B 39 -10.89 10.70 -4.23
N GLU B 40 -9.90 10.03 -4.84
CA GLU B 40 -8.77 9.40 -4.16
C GLU B 40 -7.60 10.33 -3.88
N LEU B 41 -7.32 11.29 -4.78
CA LEU B 41 -6.09 12.08 -4.86
C LEU B 41 -6.31 13.63 -4.98
N PRO B 42 -7.26 14.25 -4.25
CA PRO B 42 -7.23 15.68 -3.95
C PRO B 42 -5.81 16.23 -3.73
N GLY B 43 -5.47 17.31 -4.46
CA GLY B 43 -4.15 17.94 -4.45
C GLY B 43 -3.30 17.61 -5.68
N PHE B 44 -3.30 16.37 -6.17
CA PHE B 44 -2.70 16.06 -7.49
C PHE B 44 -3.48 16.75 -8.64
N LEU B 45 -4.76 17.06 -8.35
CA LEU B 45 -5.69 17.85 -9.13
C LEU B 45 -5.32 19.34 -9.21
N GLN B 46 -4.31 19.83 -8.47
CA GLN B 46 -3.71 21.14 -8.71
C GLN B 46 -3.05 21.23 -10.10
N SER B 47 -2.67 20.08 -10.67
CA SER B 47 -2.52 19.90 -12.12
C SER B 47 -3.79 19.29 -12.70
N GLY B 48 -4.08 18.02 -12.34
CA GLY B 48 -5.15 17.21 -12.93
C GLY B 48 -4.87 16.68 -14.34
N LYS B 49 -3.68 16.91 -14.92
CA LYS B 49 -3.23 16.54 -16.30
C LYS B 49 -1.83 17.13 -16.61
N ASP B 50 -1.74 18.13 -17.48
CA ASP B 50 -0.53 18.89 -17.87
C ASP B 50 0.69 18.05 -18.28
N LYS B 51 0.47 16.75 -18.60
CA LYS B 51 1.43 15.65 -18.65
C LYS B 51 2.35 15.49 -17.42
N ASP B 52 1.98 16.08 -16.27
CA ASP B 52 2.70 16.01 -14.98
C ASP B 52 1.84 15.50 -13.80
N ALA B 53 0.53 15.36 -13.97
CA ALA B 53 -0.35 14.53 -13.12
C ALA B 53 -1.37 13.79 -14.00
N VAL B 54 -2.18 12.91 -13.41
CA VAL B 54 -2.93 11.82 -14.08
C VAL B 54 -1.98 10.88 -14.82
N ASP B 55 -1.27 11.37 -15.84
CA ASP B 55 -0.13 10.74 -16.51
C ASP B 55 0.93 10.21 -15.54
N LYS B 56 1.23 10.92 -14.44
CA LYS B 56 2.23 10.48 -13.44
C LYS B 56 1.63 9.68 -12.28
N LEU B 57 0.31 9.63 -12.18
CA LEU B 57 -0.39 8.65 -11.36
C LEU B 57 -0.67 7.37 -12.17
N LEU B 58 -0.26 7.38 -13.44
CA LEU B 58 -0.17 6.24 -14.35
C LEU B 58 1.31 5.79 -14.46
N LYS B 59 2.17 6.58 -15.15
CA LYS B 59 3.57 6.28 -15.56
C LYS B 59 4.45 5.60 -14.51
N ASP B 60 4.24 5.95 -13.24
CA ASP B 60 4.87 5.35 -12.08
C ASP B 60 4.56 3.85 -11.91
N LEU B 61 3.28 3.46 -12.06
CA LEU B 61 2.72 2.11 -11.83
C LEU B 61 2.48 1.32 -13.13
N ASP B 62 2.28 2.06 -14.22
CA ASP B 62 2.34 1.72 -15.65
C ASP B 62 3.54 0.86 -16.04
N ALA B 63 4.62 0.88 -15.23
CA ALA B 63 5.74 -0.06 -15.23
C ALA B 63 5.33 -1.55 -15.36
N ASN B 64 4.09 -1.89 -14.96
CA ASN B 64 3.37 -3.13 -15.24
C ASN B 64 3.36 -3.55 -16.72
N GLY B 65 3.19 -2.60 -17.65
CA GLY B 65 2.85 -2.87 -19.04
C GLY B 65 3.24 -1.75 -20.01
N ASP B 66 2.49 -0.64 -19.97
CA ASP B 66 2.43 0.35 -21.06
C ASP B 66 1.93 1.75 -20.65
N ALA B 67 0.78 1.77 -19.96
CA ALA B 67 -0.22 2.85 -19.78
C ALA B 67 -1.63 2.32 -19.37
N GLN B 68 -1.79 1.01 -19.14
CA GLN B 68 -2.97 0.38 -18.57
C GLN B 68 -2.59 -0.38 -17.30
N VAL B 69 -2.74 0.31 -16.16
CA VAL B 69 -2.37 -0.12 -14.80
C VAL B 69 -3.33 -1.20 -14.28
N ASP B 70 -2.85 -2.39 -13.88
CA ASP B 70 -3.68 -3.34 -13.12
C ASP B 70 -3.65 -3.13 -11.58
N PHE B 71 -4.55 -3.84 -10.88
CA PHE B 71 -4.78 -3.76 -9.43
C PHE B 71 -3.51 -4.00 -8.62
N SER B 72 -2.65 -4.91 -9.08
CA SER B 72 -1.41 -5.36 -8.43
C SER B 72 -0.33 -4.26 -8.37
N GLU B 73 -0.57 -3.16 -9.08
CA GLU B 73 0.43 -2.19 -9.55
C GLU B 73 0.00 -0.80 -9.11
N PHE B 74 -1.30 -0.52 -9.33
CA PHE B 74 -2.08 0.41 -8.53
C PHE B 74 -1.72 0.27 -7.05
N ILE B 75 -1.95 -0.89 -6.43
CA ILE B 75 -1.79 -1.04 -4.99
C ILE B 75 -0.39 -0.70 -4.46
N VAL B 76 0.69 -1.03 -5.21
CA VAL B 76 2.08 -0.68 -4.84
C VAL B 76 2.25 0.84 -4.79
N PHE B 77 1.77 1.54 -5.81
CA PHE B 77 1.94 2.98 -5.91
C PHE B 77 0.91 3.78 -5.13
N VAL B 78 -0.27 3.21 -4.84
CA VAL B 78 -1.16 3.65 -3.78
C VAL B 78 -0.37 3.77 -2.47
N ALA B 79 0.37 2.74 -2.07
CA ALA B 79 1.32 2.81 -0.96
C ALA B 79 2.51 3.78 -1.15
N ALA B 80 2.72 4.37 -2.34
CA ALA B 80 3.55 5.57 -2.51
C ALA B 80 2.71 6.87 -2.36
N ILE B 81 1.46 6.89 -2.88
CA ILE B 81 0.52 8.02 -2.78
C ILE B 81 0.36 8.48 -1.34
N THR B 82 0.14 7.54 -0.39
CA THR B 82 0.05 7.84 1.05
C THR B 82 1.25 8.59 1.63
N SER B 83 2.43 8.50 1.01
CA SER B 83 3.61 9.29 1.37
C SER B 83 3.72 10.55 0.50
N ALA B 84 3.31 10.47 -0.77
CA ALA B 84 3.32 11.56 -1.73
C ALA B 84 2.23 12.64 -1.50
N SER B 85 1.26 12.42 -0.60
CA SER B 85 0.14 13.31 -0.23
C SER B 85 0.52 14.72 0.23
N HIS B 86 1.81 14.94 0.48
CA HIS B 86 2.50 16.20 0.76
C HIS B 86 2.29 17.33 -0.29
N LYS B 87 1.36 17.17 -1.24
CA LYS B 87 0.93 18.18 -2.21
C LYS B 87 -0.25 19.04 -1.74
N TYR B 88 -0.99 18.62 -0.68
CA TYR B 88 -2.43 18.94 -0.59
C TYR B 88 -2.85 19.91 0.53
N PHE B 89 -2.19 19.98 1.69
CA PHE B 89 -2.41 21.08 2.66
C PHE B 89 -1.63 22.35 2.25
N GLU B 90 -1.39 22.51 0.94
CA GLU B 90 -0.11 22.89 0.32
C GLU B 90 1.04 21.91 0.67
N LYS B 91 1.09 21.39 1.91
CA LYS B 91 1.98 20.32 2.39
C LYS B 91 1.19 19.06 2.79
N THR B 92 1.50 18.43 3.94
CA THR B 92 0.85 17.24 4.53
C THR B 92 -0.71 17.32 4.51
N GLY B 93 -1.33 16.74 3.49
CA GLY B 93 -2.74 16.88 3.13
C GLY B 93 -3.73 16.18 4.06
N LEU B 94 -3.77 16.62 5.32
CA LEU B 94 -4.31 15.86 6.46
C LEU B 94 -3.69 14.44 6.44
N LYS B 95 -2.39 14.38 6.76
CA LYS B 95 -1.37 13.34 6.49
C LYS B 95 -0.76 13.53 5.10
N MET A 1 -4.85 12.85 2.99
CA MET A 1 -6.01 12.06 3.43
C MET A 1 -7.23 12.32 2.54
N THR A 2 -7.80 11.23 2.04
CA THR A 2 -8.96 11.03 1.15
C THR A 2 -9.56 9.68 1.54
N GLU A 3 -10.50 9.07 0.80
CA GLU A 3 -10.90 7.69 1.13
C GLU A 3 -9.71 6.72 1.02
N LEU A 4 -9.03 6.73 -0.14
CA LEU A 4 -7.82 5.97 -0.44
C LEU A 4 -6.77 6.17 0.68
N GLU A 5 -6.45 7.44 0.94
CA GLU A 5 -5.40 7.80 1.89
C GLU A 5 -5.81 7.68 3.37
N ALA A 6 -7.11 7.74 3.72
CA ALA A 6 -7.59 7.43 5.07
C ALA A 6 -7.52 5.93 5.34
N ALA A 7 -7.88 5.09 4.36
CA ALA A 7 -7.63 3.66 4.43
C ALA A 7 -6.13 3.37 4.57
N MET A 8 -5.24 4.05 3.83
CA MET A 8 -3.79 3.98 4.11
C MET A 8 -3.39 4.52 5.47
N GLY A 9 -4.06 5.55 5.97
CA GLY A 9 -4.03 5.96 7.37
C GLY A 9 -4.25 4.80 8.34
N MET A 10 -5.00 3.75 7.97
CA MET A 10 -5.19 2.56 8.80
C MET A 10 -4.01 1.56 8.75
N ILE A 11 -3.23 1.49 7.66
CA ILE A 11 -2.00 0.66 7.61
C ILE A 11 -0.76 1.43 8.04
N ILE A 12 -0.75 2.76 7.89
CA ILE A 12 0.09 3.61 8.73
C ILE A 12 -0.36 3.50 10.20
N ASP A 13 -1.66 3.30 10.52
CA ASP A 13 -2.05 2.94 11.88
C ASP A 13 -1.59 1.55 12.31
N VAL A 14 -1.46 0.56 11.42
CA VAL A 14 -0.75 -0.68 11.79
C VAL A 14 0.70 -0.40 12.22
N PHE A 15 1.32 0.66 11.67
CA PHE A 15 2.58 1.22 12.12
C PHE A 15 2.45 2.20 13.31
N SER A 16 1.24 2.63 13.70
CA SER A 16 0.94 3.42 14.90
C SER A 16 0.52 2.57 16.11
N ARG A 17 0.01 1.35 15.89
CA ARG A 17 -0.16 0.28 16.88
C ARG A 17 1.17 -0.06 17.57
N TYR A 18 2.14 -0.56 16.81
CA TYR A 18 3.37 -1.17 17.34
C TYR A 18 4.48 -0.13 17.51
N SER A 19 4.99 0.42 16.40
CA SER A 19 5.98 1.49 16.34
C SER A 19 5.49 2.88 16.82
N GLY A 20 4.26 2.99 17.33
CA GLY A 20 3.74 4.18 18.01
C GLY A 20 3.55 5.43 17.12
N SER A 21 3.67 5.25 15.80
CA SER A 21 3.69 6.19 14.67
C SER A 21 5.14 6.21 14.21
N GLU A 22 5.98 7.02 14.86
CA GLU A 22 7.42 7.03 14.62
C GLU A 22 8.14 7.14 15.95
N GLY A 23 8.07 6.06 16.73
CA GLY A 23 8.95 5.89 17.88
C GLY A 23 10.42 5.70 17.50
N SER A 24 10.75 5.56 16.19
CA SER A 24 11.81 4.90 15.41
C SER A 24 13.21 4.59 15.99
N THR A 25 13.38 4.73 17.29
CA THR A 25 13.85 3.66 18.18
C THR A 25 12.98 2.40 18.01
N GLN A 26 11.69 2.48 18.39
CA GLN A 26 10.63 1.52 18.05
C GLN A 26 10.14 1.75 16.61
N THR A 27 11.01 1.39 15.67
CA THR A 27 10.69 0.76 14.39
C THR A 27 10.06 -0.62 14.59
N LEU A 28 9.58 -1.23 13.49
CA LEU A 28 9.44 -2.69 13.42
C LEU A 28 10.82 -3.35 13.27
N THR A 29 11.54 -3.43 14.39
CA THR A 29 12.55 -4.47 14.60
C THR A 29 11.88 -5.85 14.54
N LYS A 30 12.64 -6.89 14.16
CA LYS A 30 12.25 -8.30 14.12
C LYS A 30 11.52 -8.77 15.39
N GLY A 31 11.87 -8.21 16.55
CA GLY A 31 11.25 -8.51 17.84
C GLY A 31 9.94 -7.77 18.13
N GLU A 32 9.71 -6.60 17.52
CA GLU A 32 8.48 -5.81 17.57
C GLU A 32 7.45 -6.40 16.59
N LEU A 33 7.92 -6.58 15.34
CA LEU A 33 7.20 -7.04 14.16
C LEU A 33 6.43 -8.36 14.39
N LYS A 34 6.96 -9.30 15.18
CA LYS A 34 6.39 -10.65 15.31
C LYS A 34 4.96 -10.68 15.88
N VAL A 35 4.67 -9.96 16.98
CA VAL A 35 3.39 -10.08 17.71
C VAL A 35 2.25 -9.55 16.85
N LEU A 36 2.51 -8.41 16.20
CA LEU A 36 1.71 -7.82 15.15
C LEU A 36 1.27 -8.85 14.10
N MET A 37 2.10 -9.83 13.77
CA MET A 37 1.81 -10.79 12.71
C MET A 37 0.87 -11.93 13.14
N GLU A 38 0.72 -12.21 14.44
CA GLU A 38 -0.30 -13.12 14.97
C GLU A 38 -1.74 -12.56 14.80
N LYS A 39 -1.80 -11.27 14.46
CA LYS A 39 -2.86 -10.31 14.75
C LYS A 39 -3.30 -9.59 13.48
N GLU A 40 -2.36 -9.15 12.64
CA GLU A 40 -2.60 -8.46 11.36
C GLU A 40 -1.89 -9.11 10.16
N LEU A 41 -1.03 -10.13 10.34
CA LEU A 41 -0.51 -10.98 9.26
C LEU A 41 -0.72 -12.51 9.48
N PRO A 42 -1.84 -13.00 10.06
CA PRO A 42 -2.08 -14.44 10.16
C PRO A 42 -2.04 -15.12 8.78
N GLY A 43 -1.57 -16.37 8.75
CA GLY A 43 -1.23 -17.11 7.52
C GLY A 43 0.28 -17.08 7.23
N PHE A 44 0.91 -15.89 7.25
CA PHE A 44 2.38 -15.76 7.20
C PHE A 44 3.06 -16.45 8.40
N LEU A 45 2.28 -16.74 9.45
CA LEU A 45 2.66 -17.51 10.63
C LEU A 45 2.75 -19.02 10.41
N GLN A 46 2.46 -19.54 9.20
CA GLN A 46 2.94 -20.87 8.81
C GLN A 46 4.49 -20.97 8.83
N SER A 47 5.16 -19.82 8.70
CA SER A 47 6.61 -19.65 8.83
C SER A 47 6.99 -19.06 10.19
N GLY A 48 6.25 -18.03 10.65
CA GLY A 48 6.08 -17.60 12.05
C GLY A 48 7.27 -16.99 12.78
N LYS A 49 8.49 -17.45 12.50
CA LYS A 49 9.77 -16.93 12.98
C LYS A 49 10.99 -17.41 12.17
N ASP A 50 10.85 -18.49 11.39
CA ASP A 50 11.94 -19.44 11.19
C ASP A 50 12.88 -19.09 10.04
N LYS A 51 13.39 -17.85 10.06
CA LYS A 51 14.34 -17.23 9.13
C LYS A 51 13.77 -16.99 7.72
N ASP A 52 12.68 -17.65 7.34
CA ASP A 52 11.95 -17.50 6.09
C ASP A 52 10.79 -16.47 6.17
N ALA A 53 10.29 -16.18 7.37
CA ALA A 53 9.35 -15.08 7.66
C ALA A 53 9.66 -14.42 9.02
N VAL A 54 8.88 -13.39 9.38
CA VAL A 54 9.21 -12.31 10.35
C VAL A 54 10.46 -11.55 9.85
N ASP A 55 11.58 -12.24 9.78
CA ASP A 55 12.84 -11.82 9.15
C ASP A 55 12.65 -11.27 7.73
N LYS A 56 11.77 -11.90 6.93
CA LYS A 56 11.49 -11.51 5.54
C LYS A 56 10.31 -10.54 5.37
N LEU A 57 9.47 -10.40 6.39
CA LEU A 57 8.54 -9.27 6.52
C LEU A 57 9.28 -8.00 7.01
N LEU A 58 10.60 -8.11 7.19
CA LEU A 58 11.57 -7.06 7.47
C LEU A 58 12.51 -6.88 6.27
N LYS A 59 13.32 -7.90 5.91
CA LYS A 59 14.38 -7.87 4.90
C LYS A 59 13.96 -7.37 3.50
N ASP A 60 12.70 -7.51 3.13
CA ASP A 60 12.16 -6.98 1.88
C ASP A 60 12.06 -5.43 1.91
N LEU A 61 11.69 -4.85 3.06
CA LEU A 61 11.39 -3.42 3.24
C LEU A 61 12.60 -2.63 3.78
N ASP A 62 13.34 -3.25 4.69
CA ASP A 62 14.70 -3.00 5.19
C ASP A 62 15.64 -2.20 4.25
N ALA A 63 15.52 -2.43 2.94
CA ALA A 63 16.18 -1.70 1.86
C ALA A 63 15.95 -0.17 1.87
N ASN A 64 14.83 0.30 2.44
CA ASN A 64 14.44 1.70 2.54
C ASN A 64 15.05 2.39 3.80
N GLY A 65 15.66 1.64 4.74
CA GLY A 65 16.22 2.23 5.96
C GLY A 65 17.40 1.46 6.57
N ASP A 66 17.15 0.27 7.13
CA ASP A 66 18.14 -0.48 7.90
C ASP A 66 17.88 -1.99 7.92
N ALA A 67 16.69 -2.36 8.44
CA ALA A 67 16.28 -3.63 9.06
C ALA A 67 15.31 -3.28 10.19
N GLN A 68 15.71 -2.36 11.07
CA GLN A 68 14.78 -1.59 11.88
C GLN A 68 13.88 -0.73 10.97
N VAL A 69 12.74 -1.32 10.57
CA VAL A 69 11.74 -0.80 9.61
C VAL A 69 10.96 0.40 10.16
N ASP A 70 11.14 1.57 9.54
CA ASP A 70 10.34 2.78 9.68
C ASP A 70 9.05 2.79 8.80
N PHE A 71 8.18 3.81 8.95
CA PHE A 71 6.82 3.82 8.39
C PHE A 71 6.78 3.77 6.86
N SER A 72 7.74 4.44 6.20
CA SER A 72 7.85 4.47 4.73
C SER A 72 8.21 3.08 4.19
N GLU A 73 9.22 2.45 4.81
CA GLU A 73 9.64 1.08 4.51
C GLU A 73 8.45 0.12 4.66
N PHE A 74 7.76 0.24 5.80
CA PHE A 74 6.55 -0.51 6.11
C PHE A 74 5.48 -0.30 5.03
N ILE A 75 4.90 0.90 4.89
CA ILE A 75 3.72 1.12 4.05
C ILE A 75 3.93 0.67 2.59
N VAL A 76 5.11 0.93 2.01
CA VAL A 76 5.47 0.50 0.64
C VAL A 76 5.36 -1.02 0.50
N PHE A 77 5.91 -1.79 1.43
CA PHE A 77 5.88 -3.26 1.36
C PHE A 77 4.66 -3.89 2.02
N VAL A 78 3.91 -3.18 2.87
CA VAL A 78 2.54 -3.52 3.23
C VAL A 78 1.73 -3.72 1.94
N ALA A 79 1.81 -2.76 1.00
CA ALA A 79 1.25 -2.93 -0.34
C ALA A 79 1.91 -4.00 -1.23
N ALA A 80 3.03 -4.61 -0.81
CA ALA A 80 3.51 -5.87 -1.37
C ALA A 80 2.91 -7.08 -0.64
N ILE A 81 2.63 -7.02 0.67
CA ILE A 81 2.04 -8.12 1.47
C ILE A 81 0.68 -8.54 0.92
N THR A 82 -0.19 -7.58 0.61
CA THR A 82 -1.48 -7.83 -0.08
C THR A 82 -1.36 -8.56 -1.43
N SER A 83 -0.15 -8.56 -2.03
CA SER A 83 0.22 -9.28 -3.25
C SER A 83 1.04 -10.55 -2.94
N ALA A 84 1.81 -10.60 -1.84
CA ALA A 84 2.41 -11.82 -1.28
C ALA A 84 1.33 -12.84 -0.86
N SER A 85 0.13 -12.36 -0.54
CA SER A 85 -1.09 -13.14 -0.39
C SER A 85 -1.63 -13.77 -1.70
N HIS A 86 -0.98 -13.56 -2.86
CA HIS A 86 -1.34 -14.11 -4.19
C HIS A 86 -1.95 -15.51 -4.16
N LYS A 87 -1.16 -16.52 -3.76
CA LYS A 87 -1.41 -17.97 -3.76
C LYS A 87 -2.13 -18.50 -5.02
N TYR A 88 -3.44 -18.26 -5.18
CA TYR A 88 -4.22 -18.59 -6.38
C TYR A 88 -4.39 -17.41 -7.38
N PHE A 89 -4.36 -16.16 -6.89
CA PHE A 89 -4.39 -14.83 -7.54
C PHE A 89 -5.32 -14.57 -8.74
N GLU A 90 -6.33 -15.41 -8.93
CA GLU A 90 -7.64 -14.98 -9.42
C GLU A 90 -8.34 -14.00 -8.43
N LYS A 91 -7.87 -13.97 -7.16
CA LYS A 91 -8.19 -13.01 -6.09
C LYS A 91 -6.90 -12.27 -5.67
N THR A 92 -6.48 -12.43 -4.41
CA THR A 92 -5.13 -12.80 -3.97
C THR A 92 -5.33 -13.84 -2.88
N GLY A 93 -5.56 -15.10 -3.33
CA GLY A 93 -5.97 -16.27 -2.55
C GLY A 93 -7.40 -16.17 -2.03
N LEU A 94 -7.68 -15.07 -1.34
CA LEU A 94 -8.93 -14.65 -0.70
C LEU A 94 -9.11 -13.11 -0.69
N LYS A 95 -8.17 -12.35 -1.27
CA LYS A 95 -8.07 -10.88 -1.33
C LYS A 95 -7.88 -10.22 0.04
N MET B 1 -6.50 -11.34 3.41
CA MET B 1 -7.26 -10.38 4.24
C MET B 1 -7.08 -10.72 5.71
N THR B 2 -6.80 -9.72 6.55
CA THR B 2 -6.44 -9.87 7.96
C THR B 2 -7.02 -8.71 8.79
N GLU B 3 -6.24 -7.65 8.98
CA GLU B 3 -6.59 -6.35 9.58
C GLU B 3 -5.81 -5.27 8.81
N LEU B 4 -4.48 -5.40 8.76
CA LEU B 4 -3.58 -4.82 7.76
C LEU B 4 -4.09 -5.09 6.32
N GLU B 5 -4.30 -6.37 5.97
CA GLU B 5 -4.87 -6.72 4.67
C GLU B 5 -6.38 -6.44 4.59
N ALA B 6 -7.10 -6.27 5.71
CA ALA B 6 -8.50 -5.82 5.67
C ALA B 6 -8.58 -4.35 5.25
N ALA B 7 -7.71 -3.51 5.81
CA ALA B 7 -7.51 -2.14 5.38
C ALA B 7 -7.05 -2.09 3.92
N MET B 8 -6.08 -2.92 3.50
CA MET B 8 -5.74 -3.02 2.07
C MET B 8 -6.88 -3.51 1.18
N GLY B 9 -7.74 -4.41 1.67
CA GLY B 9 -9.04 -4.70 1.06
C GLY B 9 -9.85 -3.43 0.75
N MET B 10 -9.71 -2.36 1.53
CA MET B 10 -10.40 -1.08 1.32
C MET B 10 -9.74 -0.21 0.26
N ILE B 11 -8.39 -0.16 0.15
CA ILE B 11 -7.75 0.53 -1.00
C ILE B 11 -7.86 -0.27 -2.30
N ILE B 12 -7.83 -1.61 -2.21
CA ILE B 12 -8.31 -2.50 -3.28
C ILE B 12 -9.79 -2.21 -3.59
N ASP B 13 -10.63 -1.83 -2.60
CA ASP B 13 -11.99 -1.39 -2.89
C ASP B 13 -12.09 0.01 -3.52
N VAL B 14 -11.27 1.00 -3.14
CA VAL B 14 -11.29 2.27 -3.90
C VAL B 14 -10.82 2.05 -5.35
N PHE B 15 -9.99 1.02 -5.60
CA PHE B 15 -9.75 0.48 -6.94
C PHE B 15 -11.01 -0.19 -7.55
N SER B 16 -11.77 -0.99 -6.78
CA SER B 16 -13.00 -1.70 -7.23
C SER B 16 -14.02 -0.77 -7.89
N ARG B 17 -14.05 0.50 -7.49
CA ARG B 17 -14.89 1.56 -8.06
C ARG B 17 -14.73 1.72 -9.57
N TYR B 18 -13.58 1.31 -10.14
CA TYR B 18 -13.30 1.33 -11.58
C TYR B 18 -12.82 -0.07 -12.04
N SER B 19 -11.62 -0.48 -11.65
CA SER B 19 -10.99 -1.71 -12.19
C SER B 19 -10.26 -2.60 -11.18
N GLY B 20 -10.54 -2.42 -9.88
CA GLY B 20 -10.62 -3.56 -8.96
C GLY B 20 -11.82 -4.48 -9.28
N SER B 21 -12.62 -4.11 -10.28
CA SER B 21 -13.37 -5.00 -11.17
C SER B 21 -12.51 -6.14 -11.74
N GLU B 22 -11.19 -5.91 -11.91
CA GLU B 22 -10.05 -6.78 -12.24
C GLU B 22 -10.24 -7.92 -13.26
N GLY B 23 -11.31 -7.85 -14.06
CA GLY B 23 -11.30 -8.27 -15.46
C GLY B 23 -10.43 -7.31 -16.27
N SER B 24 -9.12 -7.31 -15.99
CA SER B 24 -8.08 -6.34 -16.42
C SER B 24 -7.81 -6.26 -17.93
N THR B 25 -8.82 -6.50 -18.77
CA THR B 25 -8.99 -5.78 -20.04
C THR B 25 -9.32 -4.31 -19.75
N GLN B 26 -10.23 -4.06 -18.79
CA GLN B 26 -10.36 -2.78 -18.10
C GLN B 26 -9.62 -2.86 -16.76
N THR B 27 -8.34 -2.55 -16.87
CA THR B 27 -7.43 -1.84 -15.96
C THR B 27 -7.78 -0.35 -15.86
N LEU B 28 -7.10 0.40 -14.97
CA LEU B 28 -6.89 1.84 -15.14
C LEU B 28 -6.03 2.09 -16.39
N THR B 29 -6.67 2.18 -17.54
CA THR B 29 -6.15 2.99 -18.64
C THR B 29 -6.21 4.48 -18.23
N LYS B 30 -5.33 5.30 -18.82
CA LYS B 30 -5.22 6.75 -18.57
C LYS B 30 -6.55 7.49 -18.69
N GLY B 31 -7.41 7.03 -19.62
CA GLY B 31 -8.76 7.56 -19.83
C GLY B 31 -9.80 7.11 -18.80
N GLU B 32 -9.58 5.99 -18.11
CA GLU B 32 -10.42 5.51 -16.99
C GLU B 32 -9.96 6.16 -15.69
N LEU B 33 -8.64 6.14 -15.44
CA LEU B 33 -7.94 6.66 -14.26
C LEU B 33 -8.37 8.08 -13.87
N LYS B 34 -8.44 9.01 -14.82
CA LYS B 34 -8.65 10.45 -14.56
C LYS B 34 -9.80 10.76 -13.57
N VAL B 35 -10.92 10.06 -13.70
CA VAL B 35 -12.17 10.33 -12.95
C VAL B 35 -12.05 9.86 -11.50
N LEU B 36 -11.18 8.88 -11.22
CA LEU B 36 -10.90 8.36 -9.90
C LEU B 36 -10.02 9.32 -9.07
N MET B 37 -9.04 9.95 -9.72
CA MET B 37 -8.07 10.85 -9.08
C MET B 37 -8.73 12.06 -8.42
N GLU B 38 -9.84 12.55 -8.99
CA GLU B 38 -10.73 13.58 -8.43
C GLU B 38 -11.18 13.25 -7.00
N LYS B 39 -11.30 11.94 -6.70
CA LYS B 39 -11.83 11.39 -5.47
C LYS B 39 -10.69 10.95 -4.54
N GLU B 40 -9.68 10.30 -5.11
CA GLU B 40 -8.61 9.63 -4.37
C GLU B 40 -7.41 10.50 -4.01
N LEU B 41 -7.00 11.46 -4.86
CA LEU B 41 -5.90 12.39 -4.55
C LEU B 41 -6.01 13.78 -5.23
N PRO B 42 -7.05 14.57 -4.86
CA PRO B 42 -7.03 16.03 -4.94
C PRO B 42 -5.64 16.64 -4.67
N GLY B 43 -5.19 17.50 -5.60
CA GLY B 43 -3.84 18.06 -5.63
C GLY B 43 -3.16 17.79 -6.97
N PHE B 44 -3.05 16.52 -7.38
CA PHE B 44 -2.63 16.15 -8.74
C PHE B 44 -3.58 16.73 -9.81
N LEU B 45 -4.82 17.02 -9.41
CA LEU B 45 -5.86 17.70 -10.16
C LEU B 45 -5.55 19.18 -10.46
N GLN B 46 -4.49 19.76 -9.88
CA GLN B 46 -3.94 21.03 -10.36
C GLN B 46 -3.32 20.91 -11.77
N SER B 47 -2.84 19.72 -12.14
CA SER B 47 -2.52 19.35 -13.53
C SER B 47 -3.73 18.66 -14.20
N GLY B 48 -4.33 17.65 -13.54
CA GLY B 48 -5.60 17.00 -13.90
C GLY B 48 -5.71 16.30 -15.28
N LYS B 49 -4.70 16.46 -16.14
CA LYS B 49 -4.32 15.81 -17.41
C LYS B 49 -4.28 16.80 -18.57
N ASP B 50 -3.07 17.15 -18.98
CA ASP B 50 -2.72 17.88 -20.20
C ASP B 50 -1.67 17.13 -21.05
N LYS B 51 -1.23 15.96 -20.53
CA LYS B 51 0.09 15.27 -20.60
C LYS B 51 0.53 14.77 -19.21
N ASP B 52 0.12 15.41 -18.12
CA ASP B 52 0.66 15.20 -16.77
C ASP B 52 -0.31 14.49 -15.78
N ALA B 53 0.21 14.22 -14.57
CA ALA B 53 -0.41 13.88 -13.28
C ALA B 53 -1.31 12.63 -13.27
N VAL B 54 -2.45 12.67 -13.97
CA VAL B 54 -3.19 11.47 -14.40
C VAL B 54 -2.23 10.55 -15.16
N ASP B 55 -1.36 11.15 -15.99
CA ASP B 55 -0.27 10.44 -16.66
C ASP B 55 0.79 9.87 -15.71
N LYS B 56 1.03 10.47 -14.53
CA LYS B 56 2.09 10.04 -13.59
C LYS B 56 1.58 8.96 -12.63
N LEU B 57 0.40 9.20 -12.06
CA LEU B 57 -0.48 8.19 -11.43
C LEU B 57 -0.77 7.00 -12.36
N LEU B 58 -0.46 7.10 -13.65
CA LEU B 58 -0.22 5.96 -14.53
C LEU B 58 1.27 5.56 -14.54
N LYS B 59 2.16 6.39 -15.12
CA LYS B 59 3.54 6.12 -15.53
C LYS B 59 4.43 5.50 -14.47
N ASP B 60 4.20 5.82 -13.19
CA ASP B 60 4.93 5.25 -12.07
C ASP B 60 4.60 3.76 -11.87
N LEU B 61 3.31 3.42 -11.84
CA LEU B 61 2.78 2.08 -11.58
C LEU B 61 2.75 1.18 -12.82
N ASP B 62 2.49 1.78 -13.98
CA ASP B 62 2.63 1.27 -15.37
C ASP B 62 3.80 0.29 -15.58
N ALA B 63 4.88 0.45 -14.83
CA ALA B 63 6.06 -0.41 -14.80
C ALA B 63 5.78 -1.86 -14.36
N ASN B 64 4.70 -2.12 -13.63
CA ASN B 64 4.25 -3.46 -13.21
C ASN B 64 3.39 -4.13 -14.31
N GLY B 65 2.90 -3.40 -15.33
CA GLY B 65 2.10 -3.93 -16.44
C GLY B 65 2.65 -3.49 -17.80
N ASP B 66 2.13 -2.40 -18.34
CA ASP B 66 2.61 -1.74 -19.57
C ASP B 66 2.35 -0.22 -19.57
N ALA B 67 1.15 0.15 -19.08
CA ALA B 67 0.49 1.44 -19.04
C ALA B 67 -0.94 1.26 -18.51
N GLN B 68 -1.64 0.21 -18.97
CA GLN B 68 -2.92 -0.22 -18.46
C GLN B 68 -2.76 -0.84 -17.06
N VAL B 69 -3.06 -0.06 -16.01
CA VAL B 69 -2.82 -0.35 -14.57
C VAL B 69 -3.80 -1.38 -13.98
N ASP B 70 -3.32 -2.60 -13.69
CA ASP B 70 -3.96 -3.62 -12.86
C ASP B 70 -3.86 -3.33 -11.34
N PHE B 71 -4.56 -4.12 -10.50
CA PHE B 71 -4.61 -3.98 -9.05
C PHE B 71 -3.24 -4.09 -8.37
N SER B 72 -2.32 -4.93 -8.88
CA SER B 72 -0.96 -5.02 -8.35
C SER B 72 -0.24 -3.68 -8.48
N GLU B 73 -0.25 -3.16 -9.71
CA GLU B 73 0.38 -1.91 -10.10
C GLU B 73 -0.17 -0.77 -9.25
N PHE B 74 -1.50 -0.69 -9.18
CA PHE B 74 -2.24 0.24 -8.35
C PHE B 74 -1.84 0.14 -6.88
N ILE B 75 -2.10 -0.99 -6.22
CA ILE B 75 -1.95 -1.10 -4.76
C ILE B 75 -0.51 -0.79 -4.30
N VAL B 76 0.50 -1.25 -5.05
CA VAL B 76 1.92 -0.97 -4.79
C VAL B 76 2.17 0.54 -4.77
N PHE B 77 1.71 1.29 -5.78
CA PHE B 77 1.93 2.74 -5.82
C PHE B 77 0.92 3.57 -5.05
N VAL B 78 -0.25 3.04 -4.72
CA VAL B 78 -1.13 3.61 -3.69
C VAL B 78 -0.33 3.86 -2.41
N ALA B 79 0.47 2.89 -1.95
CA ALA B 79 1.42 3.09 -0.85
C ALA B 79 2.58 4.07 -1.13
N ALA B 80 2.82 4.48 -2.37
CA ALA B 80 3.63 5.66 -2.69
C ALA B 80 2.80 6.95 -2.62
N ILE B 81 1.53 6.95 -3.05
CA ILE B 81 0.61 8.10 -3.00
C ILE B 81 0.47 8.65 -1.58
N THR B 82 0.30 7.78 -0.57
CA THR B 82 0.37 8.15 0.86
C THR B 82 1.72 8.72 1.34
N SER B 83 2.67 8.92 0.42
CA SER B 83 3.85 9.78 0.59
C SER B 83 3.86 10.96 -0.42
N ALA B 84 3.45 10.74 -1.68
CA ALA B 84 3.51 11.70 -2.78
C ALA B 84 2.50 12.85 -2.67
N SER B 85 1.18 12.57 -2.63
CA SER B 85 0.16 13.60 -2.33
C SER B 85 0.39 14.15 -0.92
N HIS B 86 0.70 13.25 0.01
CA HIS B 86 0.82 13.44 1.44
C HIS B 86 1.91 14.43 1.84
N LYS B 87 3.18 14.18 1.48
CA LYS B 87 4.40 14.66 2.16
C LYS B 87 4.51 14.11 3.59
N TYR B 88 3.40 14.16 4.33
CA TYR B 88 3.11 13.32 5.50
C TYR B 88 1.64 12.87 5.57
N PHE B 89 0.70 13.84 5.58
CA PHE B 89 -0.77 13.64 5.55
C PHE B 89 -1.42 14.86 4.90
N GLU B 90 -1.77 14.79 3.60
CA GLU B 90 -1.96 15.83 2.53
C GLU B 90 -1.10 17.12 2.54
N LYS B 91 -0.57 17.53 3.70
CA LYS B 91 0.52 18.45 3.99
C LYS B 91 1.38 17.95 5.17
N THR B 92 0.71 17.40 6.20
CA THR B 92 1.06 16.99 7.58
C THR B 92 -0.16 17.28 8.50
N GLY B 93 -1.29 16.62 8.18
CA GLY B 93 -2.64 16.93 8.66
C GLY B 93 -3.05 16.27 9.98
N LEU B 94 -2.21 15.37 10.52
CA LEU B 94 -2.32 14.85 11.89
C LEU B 94 -0.94 14.69 12.54
N LYS B 95 0.05 14.24 11.77
CA LYS B 95 1.48 14.30 12.06
C LYS B 95 2.26 14.17 10.75
N MET A 1 -4.46 12.84 2.71
CA MET A 1 -5.36 11.71 3.02
C MET A 1 -6.71 11.87 2.32
N THR A 2 -7.32 10.74 1.91
CA THR A 2 -8.50 10.58 1.03
C THR A 2 -9.18 9.24 1.38
N GLU A 3 -10.23 8.80 0.66
CA GLU A 3 -10.79 7.45 0.84
C GLU A 3 -9.74 6.34 0.65
N LEU A 4 -8.93 6.41 -0.41
CA LEU A 4 -7.84 5.47 -0.67
C LEU A 4 -6.65 5.68 0.30
N GLU A 5 -6.25 6.94 0.49
CA GLU A 5 -5.11 7.25 1.36
C GLU A 5 -5.44 7.08 2.85
N ALA A 6 -6.71 7.01 3.26
CA ALA A 6 -7.14 6.68 4.62
C ALA A 6 -7.20 5.17 4.86
N ALA A 7 -7.46 4.36 3.84
CA ALA A 7 -7.21 2.93 3.93
C ALA A 7 -5.70 2.67 4.12
N MET A 8 -4.83 3.36 3.37
CA MET A 8 -3.42 3.43 3.72
C MET A 8 -3.15 4.11 5.06
N GLY A 9 -3.94 5.11 5.43
CA GLY A 9 -4.10 5.61 6.77
C GLY A 9 -4.19 4.48 7.78
N MET A 10 -4.98 3.42 7.56
CA MET A 10 -5.10 2.24 8.44
C MET A 10 -3.87 1.32 8.43
N ILE A 11 -3.08 1.29 7.35
CA ILE A 11 -1.82 0.53 7.29
C ILE A 11 -0.71 1.29 8.03
N ILE A 12 -0.61 2.58 7.73
CA ILE A 12 0.08 3.59 8.52
C ILE A 12 -0.44 3.58 9.97
N ASP A 13 -1.69 3.20 10.22
CA ASP A 13 -2.30 3.05 11.55
C ASP A 13 -1.88 1.74 12.22
N VAL A 14 -1.79 0.58 11.53
CA VAL A 14 -1.10 -0.60 12.09
C VAL A 14 0.35 -0.24 12.47
N PHE A 15 1.00 0.59 11.64
CA PHE A 15 2.31 1.19 11.92
C PHE A 15 2.25 2.30 13.01
N SER A 16 1.06 2.78 13.36
CA SER A 16 0.78 3.71 14.47
C SER A 16 0.23 3.01 15.72
N ARG A 17 -0.10 1.71 15.63
CA ARG A 17 -0.27 0.76 16.75
C ARG A 17 1.11 0.32 17.27
N TYR A 18 1.88 -0.36 16.42
CA TYR A 18 3.02 -1.19 16.84
C TYR A 18 4.31 -0.40 16.92
N SER A 19 4.82 0.06 15.79
CA SER A 19 5.77 1.18 15.72
C SER A 19 5.22 2.48 16.33
N GLY A 20 3.93 2.56 16.69
CA GLY A 20 3.33 3.62 17.51
C GLY A 20 3.21 5.00 16.84
N SER A 21 3.73 5.13 15.61
CA SER A 21 3.97 6.28 14.74
C SER A 21 5.45 6.21 14.35
N GLU A 22 6.31 6.57 15.31
CA GLU A 22 7.76 6.44 15.31
C GLU A 22 8.22 6.29 16.77
N GLY A 23 9.54 6.10 16.97
CA GLY A 23 10.15 5.81 18.26
C GLY A 23 11.50 5.11 18.10
N SER A 24 11.64 4.29 17.04
CA SER A 24 12.77 3.41 16.64
C SER A 24 13.59 2.74 17.76
N THR A 25 12.98 2.61 18.93
CA THR A 25 12.56 1.34 19.53
C THR A 25 11.40 0.70 18.76
N GLN A 26 10.49 1.54 18.25
CA GLN A 26 9.25 1.26 17.53
C GLN A 26 9.26 2.19 16.29
N THR A 27 9.95 1.99 15.17
CA THR A 27 10.08 0.99 14.09
C THR A 27 9.88 -0.48 14.39
N LEU A 28 9.47 -1.21 13.35
CA LEU A 28 9.45 -2.67 13.33
C LEU A 28 10.89 -3.22 13.13
N THR A 29 11.74 -3.02 14.13
CA THR A 29 12.76 -4.02 14.45
C THR A 29 12.06 -5.38 14.60
N LYS A 30 12.76 -6.45 14.21
CA LYS A 30 12.42 -7.86 14.39
C LYS A 30 11.69 -8.15 15.71
N GLY A 31 12.13 -7.51 16.80
CA GLY A 31 11.57 -7.67 18.15
C GLY A 31 10.27 -6.93 18.43
N GLU A 32 10.00 -5.80 17.75
CA GLU A 32 8.71 -5.11 17.72
C GLU A 32 7.75 -5.88 16.79
N LEU A 33 8.21 -6.07 15.55
CA LEU A 33 7.54 -6.68 14.41
C LEU A 33 6.74 -7.95 14.76
N LYS A 34 7.27 -8.83 15.61
CA LYS A 34 6.60 -10.09 15.98
C LYS A 34 5.22 -9.91 16.63
N VAL A 35 4.99 -8.87 17.45
CA VAL A 35 3.75 -8.72 18.25
C VAL A 35 2.58 -8.21 17.39
N LEU A 36 2.91 -7.68 16.21
CA LEU A 36 2.02 -7.36 15.09
C LEU A 36 1.70 -8.61 14.24
N MET A 37 2.54 -9.64 14.23
CA MET A 37 2.50 -10.70 13.22
C MET A 37 1.41 -11.73 13.49
N GLU A 38 1.36 -12.31 14.71
CA GLU A 38 0.41 -13.33 15.19
C GLU A 38 -1.07 -12.85 15.21
N LYS A 39 -1.28 -11.62 14.74
CA LYS A 39 -2.27 -10.65 15.16
C LYS A 39 -2.78 -9.89 13.94
N GLU A 40 -1.91 -9.33 13.09
CA GLU A 40 -2.25 -8.65 11.84
C GLU A 40 -1.58 -9.22 10.57
N LEU A 41 -0.71 -10.25 10.67
CA LEU A 41 -0.20 -11.03 9.53
C LEU A 41 -0.41 -12.58 9.59
N PRO A 42 -1.45 -13.18 10.25
CA PRO A 42 -1.69 -14.64 10.41
C PRO A 42 -1.34 -15.68 9.31
N GLY A 43 -1.06 -15.29 8.06
CA GLY A 43 -0.64 -16.21 6.97
C GLY A 43 0.87 -16.27 6.73
N PHE A 44 1.66 -15.38 7.33
CA PHE A 44 3.14 -15.47 7.35
C PHE A 44 3.65 -16.31 8.54
N LEU A 45 2.71 -16.70 9.40
CA LEU A 45 2.90 -17.39 10.68
C LEU A 45 3.04 -18.91 10.46
N GLN A 46 3.04 -19.33 9.19
CA GLN A 46 3.43 -20.63 8.69
C GLN A 46 4.94 -20.89 8.90
N SER A 47 5.77 -19.83 8.96
CA SER A 47 7.11 -19.87 9.58
C SER A 47 7.04 -19.51 11.09
N GLY A 48 6.09 -18.67 11.49
CA GLY A 48 5.76 -18.35 12.89
C GLY A 48 6.71 -17.35 13.54
N LYS A 49 8.00 -17.68 13.50
CA LYS A 49 9.14 -16.76 13.44
C LYS A 49 10.38 -17.53 12.98
N ASP A 50 10.98 -18.34 13.87
CA ASP A 50 12.20 -19.14 13.74
C ASP A 50 13.08 -18.75 12.54
N LYS A 51 13.64 -17.53 12.55
CA LYS A 51 14.39 -16.84 11.48
C LYS A 51 13.81 -16.86 10.04
N ASP A 52 12.79 -17.66 9.73
CA ASP A 52 12.23 -17.93 8.40
C ASP A 52 10.87 -17.22 8.17
N ALA A 53 10.40 -16.45 9.15
CA ALA A 53 9.65 -15.19 8.98
C ALA A 53 9.95 -14.26 10.17
N VAL A 54 9.17 -13.18 10.31
CA VAL A 54 9.46 -11.98 11.12
C VAL A 54 10.71 -11.28 10.57
N ASP A 55 11.86 -11.95 10.64
CA ASP A 55 13.10 -11.64 9.92
C ASP A 55 12.88 -11.39 8.43
N LYS A 56 11.92 -12.10 7.80
CA LYS A 56 11.58 -11.97 6.38
C LYS A 56 10.42 -11.00 6.09
N LEU A 57 9.69 -10.57 7.13
CA LEU A 57 8.80 -9.40 7.07
C LEU A 57 9.55 -8.13 7.48
N LEU A 58 10.86 -8.26 7.68
CA LEU A 58 11.87 -7.24 7.87
C LEU A 58 12.72 -7.19 6.61
N LYS A 59 13.54 -8.21 6.33
CA LYS A 59 14.56 -8.29 5.25
C LYS A 59 14.09 -7.84 3.86
N ASP A 60 12.83 -8.08 3.53
CA ASP A 60 12.17 -7.62 2.32
C ASP A 60 12.10 -6.07 2.25
N LEU A 61 11.65 -5.42 3.32
CA LEU A 61 11.35 -3.99 3.41
C LEU A 61 12.52 -3.16 3.93
N ASP A 62 13.30 -3.73 4.85
CA ASP A 62 14.63 -3.40 5.41
C ASP A 62 15.59 -2.70 4.44
N ALA A 63 15.41 -2.89 3.13
CA ALA A 63 16.08 -2.17 2.05
C ALA A 63 15.81 -0.64 2.03
N ASN A 64 14.65 -0.17 2.49
CA ASN A 64 14.27 1.25 2.49
C ASN A 64 14.91 2.00 3.69
N GLY A 65 15.36 1.30 4.73
CA GLY A 65 16.09 1.86 5.87
C GLY A 65 17.37 1.09 6.18
N ASP A 66 17.27 0.05 7.04
CA ASP A 66 18.39 -0.82 7.41
C ASP A 66 17.99 -2.23 7.86
N ALA A 67 16.90 -2.33 8.63
CA ALA A 67 16.30 -3.46 9.33
C ALA A 67 15.22 -2.96 10.30
N GLN A 68 15.42 -1.80 10.92
CA GLN A 68 14.43 -1.10 11.71
C GLN A 68 13.41 -0.41 10.81
N VAL A 69 12.51 -1.24 10.27
CA VAL A 69 11.41 -0.91 9.37
C VAL A 69 10.61 0.32 9.83
N ASP A 70 10.87 1.46 9.16
CA ASP A 70 10.08 2.69 9.14
C ASP A 70 8.73 2.51 8.39
N PHE A 71 7.82 3.49 8.55
CA PHE A 71 6.51 3.51 7.91
C PHE A 71 6.62 3.42 6.38
N SER A 72 7.64 4.05 5.76
CA SER A 72 7.91 3.97 4.32
C SER A 72 8.21 2.53 3.89
N GLU A 73 9.12 1.87 4.61
CA GLU A 73 9.51 0.49 4.34
C GLU A 73 8.29 -0.42 4.47
N PHE A 74 7.56 -0.24 5.57
CA PHE A 74 6.35 -0.96 5.89
C PHE A 74 5.26 -0.76 4.83
N ILE A 75 4.72 0.45 4.64
CA ILE A 75 3.61 0.74 3.72
C ILE A 75 3.84 0.20 2.31
N VAL A 76 5.06 0.37 1.78
CA VAL A 76 5.49 -0.14 0.46
C VAL A 76 5.36 -1.66 0.41
N PHE A 77 5.90 -2.38 1.40
CA PHE A 77 5.82 -3.84 1.42
C PHE A 77 4.51 -4.39 1.93
N VAL A 78 3.70 -3.62 2.65
CA VAL A 78 2.30 -3.97 2.89
C VAL A 78 1.61 -4.11 1.52
N ALA A 79 1.79 -3.16 0.60
CA ALA A 79 1.38 -3.33 -0.80
C ALA A 79 2.10 -4.43 -1.61
N ALA A 80 3.04 -5.17 -1.02
CA ALA A 80 3.44 -6.50 -1.50
C ALA A 80 2.69 -7.62 -0.74
N ILE A 81 2.49 -7.48 0.58
CA ILE A 81 1.72 -8.35 1.48
C ILE A 81 0.27 -8.54 0.99
N THR A 82 -0.37 -7.52 0.39
CA THR A 82 -1.67 -7.68 -0.30
C THR A 82 -1.69 -8.94 -1.17
N SER A 83 -0.70 -9.06 -2.06
CA SER A 83 -0.47 -10.22 -2.91
C SER A 83 0.12 -11.38 -2.12
N ALA A 84 1.26 -11.20 -1.44
CA ALA A 84 2.01 -12.30 -0.80
C ALA A 84 1.23 -13.04 0.30
N SER A 85 0.24 -12.40 0.95
CA SER A 85 -0.63 -13.04 1.92
C SER A 85 -1.72 -13.93 1.29
N HIS A 86 -1.96 -13.85 -0.03
CA HIS A 86 -3.02 -14.57 -0.76
C HIS A 86 -3.08 -16.06 -0.41
N LYS A 87 -2.21 -16.87 -1.05
CA LYS A 87 -2.00 -18.32 -0.91
C LYS A 87 -3.23 -19.26 -0.92
N TYR A 88 -4.48 -18.77 -0.89
CA TYR A 88 -5.64 -19.58 -0.51
C TYR A 88 -6.92 -19.46 -1.35
N PHE A 89 -7.17 -18.41 -2.14
CA PHE A 89 -8.18 -18.48 -3.21
C PHE A 89 -7.94 -17.49 -4.36
N GLU A 90 -8.94 -16.70 -4.79
CA GLU A 90 -8.76 -15.55 -5.70
C GLU A 90 -7.87 -14.48 -5.06
N LYS A 91 -7.94 -14.45 -3.72
CA LYS A 91 -7.28 -13.63 -2.73
C LYS A 91 -6.75 -14.65 -1.70
N THR A 92 -7.40 -14.76 -0.55
CA THR A 92 -7.11 -15.67 0.55
C THR A 92 -8.28 -16.61 0.84
N GLY A 93 -9.35 -16.53 0.03
CA GLY A 93 -10.70 -16.98 0.38
C GLY A 93 -11.21 -16.16 1.56
N LEU A 94 -10.75 -16.53 2.76
CA LEU A 94 -11.01 -15.88 4.05
C LEU A 94 -9.77 -15.74 4.98
N LYS A 95 -8.59 -16.28 4.62
CA LYS A 95 -7.34 -16.04 5.36
C LYS A 95 -7.07 -14.54 5.46
N MET B 1 -8.29 -12.03 6.41
CA MET B 1 -7.96 -10.59 6.38
C MET B 1 -7.70 -10.08 7.80
N THR B 2 -7.03 -8.93 7.91
CA THR B 2 -6.48 -8.35 9.15
C THR B 2 -6.57 -6.81 9.09
N GLU B 3 -6.13 -6.04 10.09
CA GLU B 3 -6.14 -4.57 10.08
C GLU B 3 -5.44 -4.01 8.83
N LEU B 4 -4.21 -4.43 8.54
CA LEU B 4 -3.47 -4.01 7.33
C LEU B 4 -4.00 -4.68 6.05
N GLU B 5 -4.39 -5.95 6.09
CA GLU B 5 -4.83 -6.65 4.89
C GLU B 5 -6.25 -6.27 4.45
N ALA B 6 -7.18 -6.04 5.40
CA ALA B 6 -8.53 -5.61 5.12
C ALA B 6 -8.54 -4.17 4.61
N ALA B 7 -7.68 -3.31 5.18
CA ALA B 7 -7.34 -2.02 4.59
C ALA B 7 -6.90 -2.19 3.14
N MET B 8 -5.98 -3.12 2.84
CA MET B 8 -5.63 -3.42 1.44
C MET B 8 -6.77 -3.99 0.59
N GLY B 9 -7.62 -4.81 1.18
CA GLY B 9 -8.96 -5.11 0.68
C GLY B 9 -9.65 -3.83 0.22
N MET B 10 -9.71 -2.80 1.09
CA MET B 10 -10.23 -1.49 0.70
C MET B 10 -9.44 -0.80 -0.41
N ILE B 11 -8.10 -0.67 -0.43
CA ILE B 11 -7.47 0.03 -1.59
C ILE B 11 -7.57 -0.76 -2.91
N ILE B 12 -7.50 -2.10 -2.88
CA ILE B 12 -7.93 -2.94 -4.01
C ILE B 12 -9.39 -2.63 -4.36
N ASP B 13 -10.28 -2.50 -3.37
CA ASP B 13 -11.69 -2.19 -3.56
C ASP B 13 -12.02 -0.69 -3.75
N VAL B 14 -11.03 0.21 -3.68
CA VAL B 14 -11.10 1.61 -4.14
C VAL B 14 -10.68 1.70 -5.60
N PHE B 15 -9.94 0.70 -6.08
CA PHE B 15 -9.65 0.50 -7.50
C PHE B 15 -10.76 -0.26 -8.22
N SER B 16 -11.29 -1.33 -7.61
CA SER B 16 -12.51 -2.12 -7.95
C SER B 16 -13.59 -1.32 -8.66
N ARG B 17 -14.00 -0.23 -7.99
CA ARG B 17 -14.87 0.89 -8.36
C ARG B 17 -14.79 1.30 -9.83
N TYR B 18 -13.56 1.41 -10.33
CA TYR B 18 -13.27 1.83 -11.70
C TYR B 18 -12.77 0.62 -12.50
N SER B 19 -11.72 -0.09 -12.03
CA SER B 19 -11.22 -1.27 -12.75
C SER B 19 -10.36 -2.28 -11.99
N GLY B 20 -10.45 -2.33 -10.65
CA GLY B 20 -10.21 -3.62 -9.97
C GLY B 20 -11.26 -4.68 -10.37
N SER B 21 -12.36 -4.21 -10.97
CA SER B 21 -13.31 -4.99 -11.75
C SER B 21 -12.71 -5.64 -13.02
N GLU B 22 -11.59 -5.11 -13.54
CA GLU B 22 -11.06 -5.39 -14.88
C GLU B 22 -12.15 -5.31 -15.98
N GLY B 23 -11.89 -5.86 -17.18
CA GLY B 23 -12.66 -5.57 -18.39
C GLY B 23 -12.00 -4.45 -19.19
N SER B 24 -10.67 -4.59 -19.38
CA SER B 24 -9.62 -3.61 -19.72
C SER B 24 -9.72 -2.87 -21.06
N THR B 25 -10.95 -2.51 -21.42
CA THR B 25 -11.35 -1.11 -21.61
C THR B 25 -11.15 -0.27 -20.33
N GLN B 26 -11.40 -0.89 -19.16
CA GLN B 26 -11.23 -0.41 -17.80
C GLN B 26 -10.45 -1.52 -17.05
N THR B 27 -9.15 -1.56 -16.71
CA THR B 27 -7.97 -0.68 -16.51
C THR B 27 -8.16 0.81 -16.33
N LEU B 28 -7.36 1.39 -15.42
CA LEU B 28 -7.02 2.81 -15.45
C LEU B 28 -6.15 3.06 -16.70
N THR B 29 -6.81 3.12 -17.85
CA THR B 29 -6.49 4.09 -18.88
C THR B 29 -6.55 5.48 -18.26
N LYS B 30 -5.64 6.34 -18.72
CA LYS B 30 -5.52 7.77 -18.42
C LYS B 30 -6.84 8.54 -18.47
N GLY B 31 -7.80 8.08 -19.29
CA GLY B 31 -9.14 8.66 -19.41
C GLY B 31 -10.15 8.17 -18.36
N GLU B 32 -9.97 6.98 -17.78
CA GLU B 32 -10.72 6.52 -16.61
C GLU B 32 -10.13 7.16 -15.33
N LEU B 33 -8.80 7.05 -15.20
CA LEU B 33 -7.97 7.44 -14.08
C LEU B 33 -8.33 8.81 -13.48
N LYS B 34 -8.73 9.78 -14.31
CA LYS B 34 -8.95 11.16 -13.88
C LYS B 34 -10.12 11.35 -12.91
N VAL B 35 -11.26 10.66 -13.12
CA VAL B 35 -12.49 10.90 -12.32
C VAL B 35 -12.32 10.37 -10.90
N LEU B 36 -11.62 9.24 -10.79
CA LEU B 36 -11.06 8.67 -9.57
C LEU B 36 -10.22 9.70 -8.79
N MET B 37 -9.60 10.70 -9.44
CA MET B 37 -8.64 11.56 -8.74
C MET B 37 -9.27 12.79 -8.06
N GLU B 38 -10.46 13.23 -8.51
CA GLU B 38 -11.27 14.25 -7.81
C GLU B 38 -11.82 13.74 -6.46
N LYS B 39 -11.68 12.44 -6.23
CA LYS B 39 -12.53 11.56 -5.45
C LYS B 39 -11.69 10.74 -4.48
N GLU B 40 -10.66 10.05 -4.99
CA GLU B 40 -9.71 9.23 -4.25
C GLU B 40 -8.32 9.90 -4.15
N LEU B 41 -7.98 10.93 -4.96
CA LEU B 41 -6.68 11.62 -4.95
C LEU B 41 -6.72 13.18 -4.96
N PRO B 42 -7.57 13.88 -4.16
CA PRO B 42 -7.49 15.34 -4.02
C PRO B 42 -6.07 15.84 -3.66
N GLY B 43 -5.70 17.01 -4.20
CA GLY B 43 -4.39 17.63 -4.04
C GLY B 43 -3.34 17.22 -5.09
N PHE B 44 -3.53 16.07 -5.75
CA PHE B 44 -2.84 15.70 -7.01
C PHE B 44 -3.46 16.48 -8.20
N LEU B 45 -4.63 17.07 -7.96
CA LEU B 45 -5.43 17.91 -8.86
C LEU B 45 -4.96 19.36 -8.94
N GLN B 46 -3.92 19.73 -8.18
CA GLN B 46 -3.12 20.93 -8.45
C GLN B 46 -2.48 20.87 -9.86
N SER B 47 -2.24 19.65 -10.37
CA SER B 47 -1.91 19.37 -11.78
C SER B 47 -3.15 18.89 -12.55
N GLY B 48 -3.84 17.83 -12.08
CA GLY B 48 -5.16 17.41 -12.57
C GLY B 48 -5.29 17.00 -14.05
N LYS B 49 -4.16 16.94 -14.77
CA LYS B 49 -3.87 16.62 -16.18
C LYS B 49 -3.39 17.86 -16.93
N ASP B 50 -2.08 17.99 -16.93
CA ASP B 50 -1.18 19.03 -17.46
C ASP B 50 0.02 18.36 -18.17
N LYS B 51 -0.08 17.03 -18.39
CA LYS B 51 0.99 16.10 -18.77
C LYS B 51 2.03 15.84 -17.66
N ASP B 52 1.91 16.44 -16.47
CA ASP B 52 2.77 16.21 -15.29
C ASP B 52 2.03 15.58 -14.08
N ALA B 53 0.70 15.46 -14.13
CA ALA B 53 -0.09 14.49 -13.38
C ALA B 53 -1.26 13.93 -14.22
N VAL B 54 -2.10 13.07 -13.60
CA VAL B 54 -2.94 12.03 -14.23
C VAL B 54 -2.05 11.06 -15.02
N ASP B 55 -1.35 11.55 -16.05
CA ASP B 55 -0.27 10.86 -16.75
C ASP B 55 0.81 10.31 -15.82
N LYS B 56 1.03 10.91 -14.63
CA LYS B 56 2.03 10.45 -13.64
C LYS B 56 1.42 9.70 -12.46
N LEU B 57 0.10 9.59 -12.42
CA LEU B 57 -0.62 8.58 -11.64
C LEU B 57 -0.91 7.35 -12.55
N LEU B 58 -0.50 7.44 -13.82
CA LEU B 58 -0.36 6.40 -14.80
C LEU B 58 1.12 5.95 -14.82
N LYS B 59 2.03 6.71 -15.48
CA LYS B 59 3.44 6.41 -15.83
C LYS B 59 4.26 5.69 -14.75
N ASP B 60 4.09 6.14 -13.51
CA ASP B 60 4.57 5.51 -12.29
C ASP B 60 4.29 4.00 -12.25
N LEU B 61 3.03 3.59 -12.40
CA LEU B 61 2.50 2.23 -12.25
C LEU B 61 2.41 1.47 -13.59
N ASP B 62 2.03 2.19 -14.64
CA ASP B 62 2.15 1.95 -16.09
C ASP B 62 3.47 1.27 -16.51
N ALA B 63 4.53 1.38 -15.70
CA ALA B 63 5.69 0.49 -15.71
C ALA B 63 5.36 -1.01 -15.88
N ASN B 64 4.20 -1.49 -15.39
CA ASN B 64 3.73 -2.86 -15.52
C ASN B 64 2.72 -3.06 -16.69
N GLY B 65 2.18 -1.98 -17.27
CA GLY B 65 0.99 -2.01 -18.14
C GLY B 65 0.89 -0.94 -19.24
N ASP B 66 2.01 -0.31 -19.65
CA ASP B 66 2.23 0.59 -20.81
C ASP B 66 1.57 1.98 -20.72
N ALA B 67 0.33 2.01 -20.21
CA ALA B 67 -0.63 3.12 -20.10
C ALA B 67 -2.06 2.65 -19.73
N GLN B 68 -2.26 1.36 -19.42
CA GLN B 68 -3.53 0.81 -18.98
C GLN B 68 -3.32 0.00 -17.69
N VAL B 69 -3.46 0.71 -16.57
CA VAL B 69 -3.13 0.24 -15.22
C VAL B 69 -4.10 -0.82 -14.69
N ASP B 70 -3.54 -1.92 -14.20
CA ASP B 70 -4.17 -3.03 -13.46
C ASP B 70 -4.11 -2.82 -11.91
N PHE B 71 -4.83 -3.65 -11.13
CA PHE B 71 -4.89 -3.58 -9.67
C PHE B 71 -3.55 -3.88 -9.00
N SER B 72 -2.66 -4.67 -9.61
CA SER B 72 -1.27 -4.86 -9.15
C SER B 72 -0.51 -3.53 -9.20
N GLU B 73 -0.36 -2.97 -10.40
CA GLU B 73 0.26 -1.68 -10.68
C GLU B 73 -0.28 -0.59 -9.76
N PHE B 74 -1.61 -0.49 -9.69
CA PHE B 74 -2.27 0.41 -8.76
C PHE B 74 -1.90 0.11 -7.32
N ILE B 75 -2.17 -1.08 -6.76
CA ILE B 75 -1.91 -1.34 -5.32
C ILE B 75 -0.44 -1.11 -4.93
N VAL B 76 0.51 -1.43 -5.83
CA VAL B 76 1.93 -1.10 -5.66
C VAL B 76 2.13 0.41 -5.51
N PHE B 77 1.67 1.20 -6.49
CA PHE B 77 1.89 2.66 -6.47
C PHE B 77 0.94 3.44 -5.58
N VAL B 78 -0.18 2.87 -5.17
CA VAL B 78 -0.96 3.28 -4.01
C VAL B 78 -0.03 3.43 -2.82
N ALA B 79 0.85 2.45 -2.55
CA ALA B 79 1.89 2.60 -1.52
C ALA B 79 3.05 3.57 -1.86
N ALA B 80 3.04 4.25 -3.02
CA ALA B 80 3.75 5.50 -3.25
C ALA B 80 2.84 6.72 -3.05
N ILE B 81 1.56 6.65 -3.47
CA ILE B 81 0.51 7.66 -3.33
C ILE B 81 0.33 8.06 -1.86
N THR B 82 0.39 7.11 -0.92
CA THR B 82 0.51 7.37 0.53
C THR B 82 1.62 8.36 0.90
N SER B 83 2.80 8.25 0.29
CA SER B 83 3.89 9.21 0.49
C SER B 83 3.59 10.55 -0.23
N ALA B 84 2.98 10.48 -1.41
CA ALA B 84 2.53 11.65 -2.16
C ALA B 84 1.31 12.36 -1.54
N SER B 85 0.61 11.73 -0.57
CA SER B 85 -0.47 12.26 0.27
C SER B 85 -0.07 13.55 0.98
N HIS B 86 1.24 13.79 1.10
CA HIS B 86 1.97 14.95 1.61
C HIS B 86 1.41 16.32 1.16
N LYS B 87 0.52 16.38 0.15
CA LYS B 87 -0.30 17.54 -0.26
C LYS B 87 -0.96 18.33 0.89
N TYR B 88 -1.13 17.70 2.05
CA TYR B 88 -1.76 18.25 3.25
C TYR B 88 -0.79 19.04 4.17
N PHE B 89 0.51 18.69 4.21
CA PHE B 89 1.66 19.35 4.86
C PHE B 89 1.58 19.80 6.35
N GLU B 90 0.43 19.79 7.04
CA GLU B 90 0.25 20.08 8.49
C GLU B 90 0.73 18.96 9.43
N LYS B 91 1.34 17.96 8.79
CA LYS B 91 1.48 16.51 8.96
C LYS B 91 2.03 16.14 7.57
N THR B 92 2.96 15.20 7.43
CA THR B 92 3.45 14.81 6.09
C THR B 92 2.42 13.89 5.43
N GLY B 93 1.31 14.54 5.09
CA GLY B 93 -0.01 14.16 4.58
C GLY B 93 -0.78 13.01 5.24
N LEU B 94 -0.06 12.12 5.92
CA LEU B 94 -0.58 11.10 6.83
C LEU B 94 0.41 10.66 7.91
N LYS B 95 1.66 11.18 7.92
CA LYS B 95 2.70 10.83 8.91
C LYS B 95 3.43 12.04 9.48
N MET A 1 -5.91 13.07 2.40
CA MET A 1 -6.65 11.87 2.85
C MET A 1 -8.00 11.82 2.13
N THR A 2 -8.45 10.62 1.77
CA THR A 2 -9.52 10.27 0.80
C THR A 2 -10.08 8.88 1.15
N GLU A 3 -10.98 8.25 0.37
CA GLU A 3 -11.30 6.81 0.58
C GLU A 3 -10.04 5.93 0.50
N LEU A 4 -9.26 6.08 -0.59
CA LEU A 4 -7.97 5.44 -0.82
C LEU A 4 -7.00 5.71 0.34
N GLU A 5 -6.77 7.00 0.62
CA GLU A 5 -5.76 7.44 1.55
C GLU A 5 -6.16 7.27 3.02
N ALA A 6 -7.46 7.22 3.36
CA ALA A 6 -7.92 6.90 4.71
C ALA A 6 -7.74 5.41 5.01
N ALA A 7 -8.01 4.53 4.03
CA ALA A 7 -7.62 3.13 4.14
C ALA A 7 -6.10 3.01 4.35
N MET A 8 -5.26 3.74 3.60
CA MET A 8 -3.82 3.80 3.92
C MET A 8 -3.49 4.47 5.25
N GLY A 9 -4.31 5.41 5.71
CA GLY A 9 -4.38 5.86 7.09
C GLY A 9 -4.48 4.71 8.08
N MET A 10 -5.15 3.59 7.76
CA MET A 10 -5.25 2.40 8.62
C MET A 10 -3.96 1.57 8.63
N ILE A 11 -3.27 1.40 7.49
CA ILE A 11 -1.99 0.66 7.49
C ILE A 11 -0.78 1.51 7.91
N ILE A 12 -0.79 2.82 7.66
CA ILE A 12 0.10 3.75 8.34
C ILE A 12 -0.30 3.91 9.82
N ASP A 13 -1.57 3.79 10.23
CA ASP A 13 -1.96 3.63 11.64
C ASP A 13 -1.32 2.36 12.22
N VAL A 14 -1.57 1.18 11.66
CA VAL A 14 -0.97 -0.10 12.08
C VAL A 14 0.54 0.04 12.31
N PHE A 15 1.26 0.75 11.43
CA PHE A 15 2.64 1.13 11.70
C PHE A 15 2.78 2.13 12.86
N SER A 16 2.08 3.29 12.83
CA SER A 16 2.03 4.34 13.87
C SER A 16 1.49 3.86 15.23
N ARG A 17 1.16 2.57 15.34
CA ARG A 17 0.54 1.80 16.43
C ARG A 17 1.52 0.75 16.99
N TYR A 18 2.23 0.02 16.12
CA TYR A 18 3.31 -0.90 16.55
C TYR A 18 4.70 -0.27 16.59
N SER A 19 5.09 0.55 15.61
CA SER A 19 6.16 1.55 15.81
C SER A 19 5.74 2.60 16.84
N GLY A 20 4.43 2.90 16.92
CA GLY A 20 3.88 3.91 17.83
C GLY A 20 4.07 5.36 17.36
N SER A 21 4.69 5.58 16.17
CA SER A 21 5.13 6.84 15.50
C SER A 21 6.58 6.77 15.01
N GLU A 22 7.38 5.88 15.61
CA GLU A 22 8.83 6.00 15.69
C GLU A 22 9.61 5.37 14.53
N GLY A 23 10.80 5.92 14.27
CA GLY A 23 11.78 5.45 13.28
C GLY A 23 13.16 5.38 13.93
N SER A 24 13.45 4.30 14.67
CA SER A 24 14.09 4.40 15.98
C SER A 24 14.65 3.04 16.45
N THR A 25 14.15 2.51 17.57
CA THR A 25 14.16 1.09 17.98
C THR A 25 12.77 0.43 17.87
N GLN A 26 11.75 1.22 17.51
CA GLN A 26 10.39 0.81 17.18
C GLN A 26 9.93 1.71 16.00
N THR A 27 10.40 1.73 14.75
CA THR A 27 10.89 0.70 13.79
C THR A 27 10.54 -0.74 14.07
N LEU A 28 9.96 -1.39 13.08
CA LEU A 28 9.79 -2.83 13.05
C LEU A 28 11.16 -3.51 12.82
N THR A 29 12.00 -3.51 13.86
CA THR A 29 12.90 -4.62 14.14
C THR A 29 12.08 -5.90 14.18
N LYS A 30 12.70 -7.00 13.74
CA LYS A 30 12.28 -8.40 13.87
C LYS A 30 11.57 -8.70 15.20
N GLY A 31 12.02 -8.08 16.31
CA GLY A 31 11.45 -8.26 17.64
C GLY A 31 10.19 -7.44 17.95
N GLU A 32 10.00 -6.29 17.30
CA GLU A 32 8.75 -5.50 17.33
C GLU A 32 7.73 -6.13 16.39
N LEU A 33 8.16 -6.35 15.14
CA LEU A 33 7.42 -6.83 13.97
C LEU A 33 6.50 -8.02 14.26
N LYS A 34 6.89 -8.93 15.16
CA LYS A 34 6.19 -10.19 15.43
C LYS A 34 4.79 -10.05 16.05
N VAL A 35 4.59 -9.14 17.03
CA VAL A 35 3.31 -9.06 17.80
C VAL A 35 2.18 -8.58 16.90
N LEU A 36 2.49 -7.51 16.17
CA LEU A 36 1.83 -7.01 14.97
C LEU A 36 1.38 -8.12 14.01
N MET A 37 2.07 -9.27 13.94
CA MET A 37 1.71 -10.32 12.98
C MET A 37 0.75 -11.37 13.54
N GLU A 38 0.59 -11.49 14.87
CA GLU A 38 -0.53 -12.25 15.46
C GLU A 38 -1.86 -11.54 15.16
N LYS A 39 -1.76 -10.21 15.10
CA LYS A 39 -2.82 -9.20 15.02
C LYS A 39 -3.21 -8.87 13.58
N GLU A 40 -2.27 -8.31 12.82
CA GLU A 40 -2.49 -7.63 11.55
C GLU A 40 -1.89 -8.41 10.37
N LEU A 41 -1.07 -9.45 10.62
CA LEU A 41 -0.67 -10.46 9.62
C LEU A 41 -0.96 -11.94 10.02
N PRO A 42 -2.09 -12.29 10.71
CA PRO A 42 -2.39 -13.70 10.99
C PRO A 42 -2.44 -14.55 9.72
N GLY A 43 -2.00 -15.81 9.85
CA GLY A 43 -1.77 -16.73 8.74
C GLY A 43 -0.32 -16.75 8.26
N PHE A 44 0.38 -15.60 8.24
CA PHE A 44 1.83 -15.58 8.05
C PHE A 44 2.57 -16.34 9.17
N LEU A 45 1.88 -16.47 10.31
CA LEU A 45 2.30 -17.18 11.51
C LEU A 45 2.17 -18.71 11.45
N GLN A 46 1.72 -19.27 10.31
CA GLN A 46 2.02 -20.68 9.99
C GLN A 46 3.54 -20.93 9.93
N SER A 47 4.31 -19.91 9.55
CA SER A 47 5.78 -19.89 9.64
C SER A 47 6.19 -19.24 10.98
N GLY A 48 5.91 -17.94 11.14
CA GLY A 48 5.88 -17.25 12.44
C GLY A 48 7.20 -16.83 13.07
N LYS A 49 8.35 -17.32 12.59
CA LYS A 49 9.71 -16.89 12.93
C LYS A 49 10.73 -17.66 12.10
N ASP A 50 11.14 -18.86 12.54
CA ASP A 50 11.88 -19.91 11.80
C ASP A 50 13.16 -19.50 11.03
N LYS A 51 13.56 -18.22 11.12
CA LYS A 51 14.62 -17.52 10.37
C LYS A 51 14.26 -17.22 8.90
N ASP A 52 13.15 -17.74 8.35
CA ASP A 52 12.64 -17.42 7.01
C ASP A 52 11.18 -16.91 6.99
N ALA A 53 10.62 -16.52 8.15
CA ALA A 53 9.53 -15.54 8.25
C ALA A 53 9.79 -14.55 9.39
N VAL A 54 8.96 -13.51 9.56
CA VAL A 54 9.23 -12.31 10.37
C VAL A 54 10.47 -11.56 9.85
N ASP A 55 11.63 -12.19 9.92
CA ASP A 55 12.85 -11.96 9.15
C ASP A 55 12.60 -11.62 7.67
N LYS A 56 11.61 -12.24 7.01
CA LYS A 56 11.25 -11.96 5.60
C LYS A 56 10.05 -11.02 5.43
N LEU A 57 9.35 -10.69 6.51
CA LEU A 57 8.45 -9.53 6.58
C LEU A 57 9.23 -8.27 6.98
N LEU A 58 10.56 -8.43 7.11
CA LEU A 58 11.59 -7.44 7.34
C LEU A 58 12.46 -7.36 6.08
N LYS A 59 13.22 -8.42 5.73
CA LYS A 59 14.24 -8.47 4.66
C LYS A 59 13.80 -7.96 3.30
N ASP A 60 12.51 -8.15 2.97
CA ASP A 60 11.83 -7.62 1.80
C ASP A 60 11.86 -6.08 1.78
N LEU A 61 11.45 -5.45 2.89
CA LEU A 61 11.21 -4.00 3.03
C LEU A 61 12.44 -3.23 3.50
N ASP A 62 13.22 -3.84 4.40
CA ASP A 62 14.56 -3.54 4.91
C ASP A 62 15.47 -2.77 3.93
N ALA A 63 15.36 -3.05 2.63
CA ALA A 63 16.01 -2.33 1.53
C ALA A 63 15.76 -0.81 1.51
N ASN A 64 14.63 -0.34 2.04
CA ASN A 64 14.24 1.07 2.11
C ASN A 64 14.82 1.77 3.37
N GLY A 65 15.47 1.05 4.29
CA GLY A 65 16.14 1.61 5.47
C GLY A 65 17.48 0.94 5.77
N ASP A 66 17.45 -0.16 6.53
CA ASP A 66 18.62 -0.97 6.87
C ASP A 66 18.28 -2.43 7.20
N ALA A 67 17.18 -2.63 7.96
CA ALA A 67 16.68 -3.84 8.61
C ALA A 67 15.66 -3.49 9.70
N GLN A 68 15.78 -2.33 10.36
CA GLN A 68 14.78 -1.78 11.26
C GLN A 68 13.77 -0.97 10.48
N VAL A 69 12.68 -1.62 10.09
CA VAL A 69 11.64 -1.14 9.17
C VAL A 69 10.90 0.12 9.66
N ASP A 70 11.13 1.25 8.97
CA ASP A 70 10.39 2.52 9.02
C ASP A 70 8.98 2.43 8.35
N PHE A 71 8.13 3.46 8.54
CA PHE A 71 6.77 3.53 7.99
C PHE A 71 6.75 3.47 6.46
N SER A 72 7.75 4.06 5.79
CA SER A 72 7.89 4.04 4.33
C SER A 72 8.14 2.62 3.83
N GLU A 73 9.18 1.97 4.36
CA GLU A 73 9.51 0.56 4.08
C GLU A 73 8.29 -0.33 4.32
N PHE A 74 7.66 -0.16 5.49
CA PHE A 74 6.43 -0.84 5.83
C PHE A 74 5.34 -0.58 4.81
N ILE A 75 4.79 0.65 4.69
CA ILE A 75 3.63 0.91 3.83
C ILE A 75 3.82 0.44 2.38
N VAL A 76 5.01 0.67 1.79
CA VAL A 76 5.38 0.19 0.45
C VAL A 76 5.22 -1.33 0.36
N PHE A 77 5.81 -2.07 1.30
CA PHE A 77 5.69 -3.52 1.32
C PHE A 77 4.43 -4.06 1.95
N VAL A 78 3.65 -3.29 2.68
CA VAL A 78 2.28 -3.64 3.07
C VAL A 78 1.50 -3.87 1.78
N ALA A 79 1.55 -2.93 0.83
CA ALA A 79 1.02 -3.15 -0.52
C ALA A 79 1.67 -4.30 -1.32
N ALA A 80 2.81 -4.85 -0.87
CA ALA A 80 3.28 -6.15 -1.32
C ALA A 80 2.66 -7.30 -0.51
N ILE A 81 2.56 -7.19 0.84
CA ILE A 81 2.02 -8.16 1.81
C ILE A 81 0.64 -8.68 1.40
N THR A 82 -0.27 -7.81 0.98
CA THR A 82 -1.57 -8.21 0.40
C THR A 82 -1.41 -9.34 -0.64
N SER A 83 -0.51 -9.14 -1.62
CA SER A 83 -0.12 -10.13 -2.62
C SER A 83 0.73 -11.26 -2.00
N ALA A 84 1.80 -10.93 -1.26
CA ALA A 84 2.75 -11.84 -0.65
C ALA A 84 2.14 -12.78 0.41
N SER A 85 0.90 -12.54 0.84
CA SER A 85 0.01 -13.51 1.48
C SER A 85 -0.13 -14.82 0.70
N HIS A 86 0.28 -14.86 -0.58
CA HIS A 86 0.33 -16.03 -1.45
C HIS A 86 1.74 -16.68 -1.51
N LYS A 87 2.81 -16.05 -0.97
CA LYS A 87 4.16 -16.64 -0.85
C LYS A 87 4.14 -18.02 -0.17
N TYR A 88 3.17 -18.21 0.74
CA TYR A 88 3.03 -19.37 1.61
C TYR A 88 2.83 -20.68 0.83
N PHE A 89 2.33 -20.61 -0.41
CA PHE A 89 2.28 -21.69 -1.42
C PHE A 89 1.44 -22.93 -1.05
N GLU A 90 1.52 -23.44 0.19
CA GLU A 90 0.47 -24.25 0.84
C GLU A 90 -0.90 -23.53 0.83
N LYS A 91 -0.85 -22.19 0.68
CA LYS A 91 -1.93 -21.25 0.44
C LYS A 91 -2.55 -21.43 -0.96
N THR A 92 -1.84 -21.06 -2.04
CA THR A 92 -2.33 -21.15 -3.44
C THR A 92 -1.35 -21.76 -4.45
N GLY A 93 -0.07 -21.92 -4.10
CA GLY A 93 0.94 -22.57 -4.96
C GLY A 93 0.65 -24.05 -5.23
N LEU A 94 -0.26 -24.66 -4.46
CA LEU A 94 -0.93 -25.94 -4.73
C LEU A 94 -2.48 -25.85 -4.70
N LYS A 95 -3.05 -24.64 -4.82
CA LYS A 95 -4.50 -24.36 -4.94
C LYS A 95 -4.76 -23.14 -5.83
N MET B 1 -6.66 -11.85 4.74
CA MET B 1 -7.22 -10.55 5.16
C MET B 1 -7.30 -10.49 6.68
N THR B 2 -7.04 -9.31 7.25
CA THR B 2 -6.74 -9.12 8.69
C THR B 2 -7.41 -7.83 9.21
N GLU B 3 -6.63 -6.77 9.45
CA GLU B 3 -7.05 -5.37 9.51
C GLU B 3 -6.14 -4.59 8.55
N LEU B 4 -4.82 -4.75 8.67
CA LEU B 4 -3.83 -4.35 7.67
C LEU B 4 -4.20 -4.84 6.26
N GLU B 5 -4.40 -6.15 6.09
CA GLU B 5 -4.79 -6.70 4.79
C GLU B 5 -6.24 -6.35 4.44
N ALA B 6 -7.14 -6.20 5.42
CA ALA B 6 -8.54 -5.87 5.17
C ALA B 6 -8.71 -4.41 4.71
N ALA B 7 -7.95 -3.49 5.31
CA ALA B 7 -7.71 -2.14 4.78
C ALA B 7 -7.15 -2.23 3.36
N MET B 8 -6.18 -3.12 3.08
CA MET B 8 -5.73 -3.32 1.70
C MET B 8 -6.78 -3.87 0.74
N GLY B 9 -7.70 -4.69 1.25
CA GLY B 9 -9.00 -4.92 0.64
C GLY B 9 -9.59 -3.61 0.11
N MET B 10 -9.70 -2.56 0.93
CA MET B 10 -10.28 -1.25 0.59
C MET B 10 -9.49 -0.44 -0.45
N ILE B 11 -8.15 -0.43 -0.43
CA ILE B 11 -7.40 0.25 -1.51
C ILE B 11 -7.42 -0.55 -2.81
N ILE B 12 -7.53 -1.88 -2.75
CA ILE B 12 -7.92 -2.72 -3.90
C ILE B 12 -9.42 -2.52 -4.24
N ASP B 13 -10.26 -2.09 -3.30
CA ASP B 13 -11.70 -1.83 -3.48
C ASP B 13 -11.96 -0.46 -4.15
N VAL B 14 -11.14 0.56 -3.88
CA VAL B 14 -11.03 1.77 -4.73
C VAL B 14 -10.59 1.39 -6.17
N PHE B 15 -9.85 0.29 -6.32
CA PHE B 15 -9.59 -0.32 -7.63
C PHE B 15 -10.71 -1.29 -8.08
N SER B 16 -11.70 -1.60 -7.24
CA SER B 16 -12.92 -2.34 -7.60
C SER B 16 -14.14 -1.42 -7.76
N ARG B 17 -14.00 -0.10 -7.51
CA ARG B 17 -14.90 1.00 -7.87
C ARG B 17 -14.86 1.20 -9.39
N TYR B 18 -13.76 1.80 -9.86
CA TYR B 18 -13.56 2.29 -11.23
C TYR B 18 -13.18 1.14 -12.16
N SER B 19 -11.95 0.64 -11.99
CA SER B 19 -11.47 -0.65 -12.44
C SER B 19 -12.19 -1.88 -11.84
N GLY B 20 -13.39 -1.70 -11.27
CA GLY B 20 -14.35 -2.78 -11.01
C GLY B 20 -14.68 -3.62 -12.26
N SER B 21 -14.44 -3.08 -13.46
CA SER B 21 -14.53 -3.81 -14.73
C SER B 21 -13.27 -4.63 -15.07
N GLU B 22 -12.27 -4.73 -14.17
CA GLU B 22 -11.13 -5.69 -14.10
C GLU B 22 -9.79 -5.08 -14.59
N GLY B 23 -9.19 -5.62 -15.67
CA GLY B 23 -8.00 -5.18 -16.38
C GLY B 23 -8.34 -4.70 -17.80
N SER B 24 -9.61 -4.32 -18.00
CA SER B 24 -10.36 -4.23 -19.25
C SER B 24 -10.01 -3.08 -20.23
N THR B 25 -9.62 -1.93 -19.68
CA THR B 25 -9.93 -0.52 -20.04
C THR B 25 -10.51 0.23 -18.82
N GLN B 26 -10.87 -0.53 -17.78
CA GLN B 26 -11.00 -0.15 -16.39
C GLN B 26 -10.46 -1.38 -15.63
N THR B 27 -9.22 -1.54 -15.14
CA THR B 27 -7.91 -0.83 -15.15
C THR B 27 -7.87 0.65 -15.47
N LEU B 28 -7.13 1.37 -14.63
CA LEU B 28 -6.79 2.77 -14.82
C LEU B 28 -5.84 2.92 -16.01
N THR B 29 -6.39 2.77 -17.23
CA THR B 29 -6.04 3.62 -18.37
C THR B 29 -6.17 5.08 -17.93
N LYS B 30 -5.35 5.93 -18.53
CA LYS B 30 -5.23 7.36 -18.21
C LYS B 30 -6.56 8.12 -18.27
N GLY B 31 -7.51 7.67 -19.11
CA GLY B 31 -8.85 8.23 -19.23
C GLY B 31 -9.83 7.80 -18.13
N GLU B 32 -9.63 6.61 -17.54
CA GLU B 32 -10.36 6.11 -16.37
C GLU B 32 -9.77 6.76 -15.11
N LEU B 33 -8.43 6.71 -15.00
CA LEU B 33 -7.60 7.20 -13.91
C LEU B 33 -8.06 8.54 -13.34
N LYS B 34 -8.36 9.51 -14.18
CA LYS B 34 -8.73 10.87 -13.76
C LYS B 34 -10.07 10.93 -12.98
N VAL B 35 -11.06 10.10 -13.34
CA VAL B 35 -12.45 10.20 -12.84
C VAL B 35 -12.58 9.69 -11.40
N LEU B 36 -11.62 8.84 -11.02
CA LEU B 36 -11.25 8.35 -9.69
C LEU B 36 -10.53 9.43 -8.86
N MET B 37 -9.75 10.33 -9.49
CA MET B 37 -8.85 11.22 -8.77
C MET B 37 -9.54 12.48 -8.21
N GLU B 38 -10.69 12.89 -8.76
CA GLU B 38 -11.55 13.91 -8.12
C GLU B 38 -12.05 13.44 -6.73
N LYS B 39 -12.15 12.13 -6.56
CA LYS B 39 -12.94 11.41 -5.57
C LYS B 39 -12.04 10.80 -4.49
N GLU B 40 -11.07 10.00 -4.95
CA GLU B 40 -10.22 9.12 -4.14
C GLU B 40 -8.75 9.56 -4.14
N LEU B 41 -8.36 10.56 -4.96
CA LEU B 41 -7.07 11.27 -4.87
C LEU B 41 -7.16 12.82 -5.02
N PRO B 42 -8.15 13.54 -4.43
CA PRO B 42 -8.27 15.00 -4.60
C PRO B 42 -6.98 15.77 -4.22
N GLY B 43 -6.68 16.81 -5.01
CA GLY B 43 -5.49 17.67 -4.88
C GLY B 43 -4.45 17.44 -5.98
N PHE B 44 -4.28 16.19 -6.45
CA PHE B 44 -3.61 15.90 -7.72
C PHE B 44 -4.33 16.56 -8.92
N LEU B 45 -5.59 16.94 -8.72
CA LEU B 45 -6.50 17.53 -9.70
C LEU B 45 -6.54 19.07 -9.69
N GLN B 46 -5.53 19.70 -9.07
CA GLN B 46 -5.05 21.07 -9.30
C GLN B 46 -5.17 21.60 -10.74
N SER B 47 -5.07 20.71 -11.75
CA SER B 47 -5.18 20.99 -13.18
C SER B 47 -6.22 20.09 -13.89
N GLY B 48 -6.91 19.20 -13.16
CA GLY B 48 -7.47 17.95 -13.68
C GLY B 48 -6.38 16.98 -14.17
N LYS B 49 -5.52 17.45 -15.08
CA LYS B 49 -4.25 16.90 -15.57
C LYS B 49 -4.39 15.70 -16.51
N ASP B 50 -3.55 15.72 -17.55
CA ASP B 50 -3.51 14.76 -18.66
C ASP B 50 -2.12 14.72 -19.35
N LYS B 51 -1.12 15.41 -18.79
CA LYS B 51 0.19 15.70 -19.43
C LYS B 51 1.34 15.51 -18.44
N ASP B 52 1.34 16.31 -17.38
CA ASP B 52 2.24 16.23 -16.22
C ASP B 52 1.86 15.02 -15.34
N ALA B 53 1.27 15.21 -14.16
CA ALA B 53 0.60 14.15 -13.40
C ALA B 53 -0.74 13.73 -14.06
N VAL B 54 -1.54 12.89 -13.36
CA VAL B 54 -2.48 11.90 -13.94
C VAL B 54 -1.70 10.90 -14.81
N ASP B 55 -1.03 11.38 -15.87
CA ASP B 55 -0.01 10.65 -16.61
C ASP B 55 1.12 10.11 -15.71
N LYS B 56 1.47 10.78 -14.59
CA LYS B 56 2.45 10.26 -13.60
C LYS B 56 1.81 9.53 -12.42
N LEU B 57 0.48 9.53 -12.32
CA LEU B 57 -0.26 8.54 -11.52
C LEU B 57 -0.52 7.29 -12.39
N LEU B 58 -0.11 7.33 -13.66
CA LEU B 58 -0.02 6.23 -14.60
C LEU B 58 1.43 5.73 -14.65
N LYS B 59 2.34 6.47 -15.31
CA LYS B 59 3.73 6.13 -15.68
C LYS B 59 4.57 5.48 -14.59
N ASP B 60 4.41 5.94 -13.36
CA ASP B 60 5.01 5.38 -12.16
C ASP B 60 4.63 3.90 -11.96
N LEU B 61 3.34 3.58 -12.07
CA LEU B 61 2.75 2.26 -11.79
C LEU B 61 2.70 1.38 -13.04
N ASP B 62 2.28 1.95 -14.17
CA ASP B 62 2.37 1.54 -15.59
C ASP B 62 3.55 0.61 -15.93
N ALA B 63 4.69 0.83 -15.27
CA ALA B 63 5.88 -0.04 -15.33
C ALA B 63 5.64 -1.51 -14.96
N ASN B 64 4.62 -1.84 -14.15
CA ASN B 64 4.32 -3.17 -13.64
C ASN B 64 3.45 -3.98 -14.62
N GLY B 65 2.85 -3.37 -15.66
CA GLY B 65 2.02 -4.06 -16.64
C GLY B 65 2.08 -3.50 -18.06
N ASP B 66 1.65 -2.25 -18.25
CA ASP B 66 1.42 -1.67 -19.59
C ASP B 66 1.49 -0.14 -19.63
N ALA B 67 0.58 0.50 -18.88
CA ALA B 67 -0.01 1.84 -19.00
C ALA B 67 -1.48 1.78 -18.61
N GLN B 68 -2.22 0.76 -19.09
CA GLN B 68 -3.36 0.21 -18.38
C GLN B 68 -2.92 -0.45 -17.07
N VAL B 69 -2.78 0.38 -16.03
CA VAL B 69 -2.50 0.06 -14.62
C VAL B 69 -3.46 -1.01 -14.09
N ASP B 70 -3.01 -2.26 -13.89
CA ASP B 70 -3.75 -3.30 -13.14
C ASP B 70 -3.71 -3.08 -11.60
N PHE B 71 -4.43 -3.94 -10.87
CA PHE B 71 -4.58 -3.89 -9.41
C PHE B 71 -3.24 -3.96 -8.65
N SER B 72 -2.26 -4.72 -9.17
CA SER B 72 -0.90 -4.82 -8.63
C SER B 72 -0.15 -3.50 -8.79
N GLU B 73 -0.11 -3.00 -10.03
CA GLU B 73 0.45 -1.70 -10.40
C GLU B 73 -0.12 -0.60 -9.49
N PHE B 74 -1.45 -0.57 -9.38
CA PHE B 74 -2.17 0.33 -8.48
C PHE B 74 -1.77 0.14 -7.03
N ILE B 75 -2.06 -1.01 -6.39
CA ILE B 75 -1.89 -1.17 -4.94
C ILE B 75 -0.47 -0.84 -4.47
N VAL B 76 0.55 -1.23 -5.26
CA VAL B 76 1.96 -0.90 -5.03
C VAL B 76 2.18 0.61 -4.96
N PHE B 77 1.75 1.36 -5.97
CA PHE B 77 1.97 2.82 -6.02
C PHE B 77 0.97 3.63 -5.21
N VAL B 78 -0.20 3.08 -4.92
CA VAL B 78 -1.11 3.57 -3.89
C VAL B 78 -0.35 3.72 -2.56
N ALA B 79 0.41 2.69 -2.14
CA ALA B 79 1.32 2.81 -1.00
C ALA B 79 2.49 3.80 -1.14
N ALA B 80 2.74 4.37 -2.33
CA ALA B 80 3.57 5.57 -2.48
C ALA B 80 2.71 6.86 -2.39
N ILE B 81 1.54 6.88 -3.05
CA ILE B 81 0.56 7.96 -3.08
C ILE B 81 0.24 8.44 -1.67
N THR B 82 0.02 7.53 -0.71
CA THR B 82 -0.15 7.89 0.71
C THR B 82 0.97 8.81 1.20
N SER B 83 2.23 8.42 1.04
CA SER B 83 3.37 9.21 1.50
C SER B 83 3.75 10.37 0.57
N ALA B 84 3.19 10.43 -0.64
CA ALA B 84 3.20 11.64 -1.49
C ALA B 84 2.21 12.67 -0.92
N SER B 85 0.94 12.26 -0.76
CA SER B 85 -0.14 13.04 -0.17
C SER B 85 0.10 13.41 1.29
N HIS B 86 1.14 12.89 1.97
CA HIS B 86 1.66 13.45 3.23
C HIS B 86 1.88 14.97 3.15
N LYS B 87 2.11 15.53 1.96
CA LYS B 87 2.11 16.98 1.71
C LYS B 87 0.78 17.71 2.01
N TYR B 88 -0.37 17.02 2.14
CA TYR B 88 -1.66 17.50 2.65
C TYR B 88 -2.58 16.36 3.18
N PHE B 89 -2.08 15.41 4.01
CA PHE B 89 -2.85 14.21 4.38
C PHE B 89 -3.95 14.51 5.41
N GLU B 90 -3.50 14.76 6.63
CA GLU B 90 -4.12 15.38 7.78
C GLU B 90 -2.99 16.23 8.40
N LYS B 91 -1.93 15.56 8.88
CA LYS B 91 -0.49 15.92 8.88
C LYS B 91 -0.21 17.40 8.64
N THR B 92 -0.14 17.81 7.37
CA THR B 92 -0.06 19.21 6.95
C THR B 92 -1.16 19.59 5.94
N GLY B 93 -2.25 18.81 5.93
CA GLY B 93 -3.54 19.19 5.35
C GLY B 93 -4.35 20.10 6.28
N LEU B 94 -4.06 20.06 7.59
CA LEU B 94 -4.68 20.85 8.65
C LEU B 94 -3.66 21.69 9.45
N LYS B 95 -2.36 21.60 9.14
CA LYS B 95 -1.24 22.27 9.82
C LYS B 95 -0.23 22.80 8.80
N MET A 1 -5.18 13.20 2.12
CA MET A 1 -5.93 12.07 2.69
C MET A 1 -7.36 12.08 2.17
N THR A 2 -7.91 10.90 1.86
CA THR A 2 -9.08 10.60 1.00
C THR A 2 -9.62 9.20 1.39
N GLU A 3 -10.59 8.60 0.69
CA GLU A 3 -10.91 7.16 0.86
C GLU A 3 -9.66 6.27 0.71
N LEU A 4 -9.08 6.25 -0.50
CA LEU A 4 -7.81 5.62 -0.91
C LEU A 4 -6.72 5.86 0.16
N GLU A 5 -6.49 7.13 0.51
CA GLU A 5 -5.38 7.51 1.39
C GLU A 5 -5.68 7.33 2.89
N ALA A 6 -6.94 7.38 3.34
CA ALA A 6 -7.33 7.14 4.73
C ALA A 6 -7.37 5.64 5.05
N ALA A 7 -7.76 4.80 4.08
CA ALA A 7 -7.49 3.37 4.17
C ALA A 7 -5.98 3.14 4.36
N MET A 8 -5.11 3.83 3.60
CA MET A 8 -3.67 3.81 3.90
C MET A 8 -3.27 4.43 5.23
N GLY A 9 -4.01 5.43 5.71
CA GLY A 9 -3.99 5.87 7.09
C GLY A 9 -4.16 4.71 8.09
N MET A 10 -4.90 3.64 7.76
CA MET A 10 -5.06 2.45 8.61
C MET A 10 -3.87 1.48 8.52
N ILE A 11 -3.25 1.26 7.36
CA ILE A 11 -2.03 0.42 7.28
C ILE A 11 -0.78 1.15 7.78
N ILE A 12 -0.72 2.49 7.63
CA ILE A 12 0.18 3.30 8.44
C ILE A 12 -0.27 3.28 9.91
N ASP A 13 -1.56 3.24 10.25
CA ASP A 13 -1.94 3.06 11.66
C ASP A 13 -1.50 1.72 12.22
N VAL A 14 -1.57 0.60 11.50
CA VAL A 14 -1.01 -0.67 11.98
C VAL A 14 0.49 -0.56 12.31
N PHE A 15 1.20 0.42 11.73
CA PHE A 15 2.53 0.85 12.16
C PHE A 15 2.47 1.83 13.36
N SER A 16 1.60 2.85 13.35
CA SER A 16 1.29 3.77 14.47
C SER A 16 0.75 3.07 15.74
N ARG A 17 0.28 1.82 15.65
CA ARG A 17 0.06 0.88 16.75
C ARG A 17 1.39 0.49 17.42
N TYR A 18 2.33 0.00 16.63
CA TYR A 18 3.50 -0.77 17.09
C TYR A 18 4.78 0.06 17.16
N SER A 19 5.18 0.70 16.05
CA SER A 19 6.15 1.79 16.06
C SER A 19 5.63 2.99 16.87
N GLY A 20 4.31 3.09 17.04
CA GLY A 20 3.69 4.10 17.90
C GLY A 20 3.61 5.50 17.28
N SER A 21 4.26 5.71 16.12
CA SER A 21 4.60 6.94 15.37
C SER A 21 6.06 6.96 14.91
N GLU A 22 6.95 6.21 15.57
CA GLU A 22 8.39 6.47 15.55
C GLU A 22 9.17 5.68 14.47
N GLY A 23 10.35 6.21 14.14
CA GLY A 23 11.29 5.73 13.12
C GLY A 23 12.70 5.64 13.73
N SER A 24 12.95 4.58 14.51
CA SER A 24 13.62 4.70 15.81
C SER A 24 14.32 3.40 16.27
N THR A 25 14.18 3.06 17.55
CA THR A 25 14.18 1.67 18.07
C THR A 25 12.80 0.98 17.94
N GLN A 26 11.76 1.74 17.60
CA GLN A 26 10.37 1.36 17.34
C GLN A 26 9.83 2.21 16.17
N THR A 27 10.07 2.02 14.86
CA THR A 27 10.58 0.93 13.98
C THR A 27 10.32 -0.50 14.38
N LEU A 28 9.78 -1.26 13.44
CA LEU A 28 9.72 -2.71 13.45
C LEU A 28 11.14 -3.31 13.35
N THR A 29 11.89 -3.23 14.45
CA THR A 29 12.89 -4.22 14.84
C THR A 29 12.23 -5.59 14.88
N LYS A 30 13.02 -6.64 14.66
CA LYS A 30 12.62 -8.05 14.62
C LYS A 30 11.67 -8.47 15.77
N GLY A 31 11.91 -7.95 16.98
CA GLY A 31 11.11 -8.23 18.17
C GLY A 31 9.80 -7.43 18.28
N GLU A 32 9.72 -6.26 17.64
CA GLU A 32 8.48 -5.47 17.51
C GLU A 32 7.64 -5.99 16.33
N LEU A 33 8.32 -6.28 15.21
CA LEU A 33 7.76 -6.87 14.00
C LEU A 33 6.91 -8.09 14.33
N LYS A 34 7.38 -9.01 15.21
CA LYS A 34 6.64 -10.24 15.52
C LYS A 34 5.36 -10.04 16.35
N VAL A 35 5.34 -9.17 17.37
CA VAL A 35 4.17 -8.97 18.27
C VAL A 35 2.98 -8.30 17.57
N LEU A 36 3.26 -7.67 16.43
CA LEU A 36 2.36 -7.19 15.39
C LEU A 36 1.80 -8.33 14.52
N MET A 37 2.62 -9.35 14.19
CA MET A 37 2.30 -10.30 13.12
C MET A 37 1.29 -11.38 13.53
N GLU A 38 1.18 -11.77 14.81
CA GLU A 38 0.07 -12.66 15.23
C GLU A 38 -1.29 -12.03 14.91
N LYS A 39 -1.32 -10.69 15.02
CA LYS A 39 -2.50 -9.82 14.98
C LYS A 39 -2.81 -9.41 13.54
N GLU A 40 -1.77 -8.93 12.83
CA GLU A 40 -1.90 -8.18 11.58
C GLU A 40 -1.15 -8.81 10.40
N LEU A 41 -0.43 -9.93 10.60
CA LEU A 41 0.08 -10.80 9.54
C LEU A 41 -0.06 -12.33 9.86
N PRO A 42 -1.16 -12.84 10.46
CA PRO A 42 -1.32 -14.27 10.69
C PRO A 42 -1.19 -15.08 9.39
N GLY A 43 -0.54 -16.24 9.50
CA GLY A 43 -0.12 -17.08 8.35
C GLY A 43 1.36 -16.91 8.00
N PHE A 44 1.95 -15.72 8.19
CA PHE A 44 3.42 -15.57 8.23
C PHE A 44 4.03 -16.22 9.48
N LEU A 45 3.19 -16.60 10.44
CA LEU A 45 3.56 -17.19 11.74
C LEU A 45 3.57 -18.73 11.75
N GLN A 46 3.53 -19.37 10.58
CA GLN A 46 3.93 -20.79 10.43
C GLN A 46 5.34 -21.04 10.96
N SER A 47 6.21 -20.02 10.85
CA SER A 47 7.51 -19.93 11.53
C SER A 47 7.45 -19.01 12.75
N GLY A 48 6.99 -17.76 12.59
CA GLY A 48 6.94 -16.76 13.67
C GLY A 48 8.30 -16.43 14.28
N LYS A 49 9.36 -16.47 13.46
CA LYS A 49 10.74 -16.74 13.86
C LYS A 49 11.57 -15.53 14.35
N ASP A 50 12.88 -15.75 14.26
CA ASP A 50 14.04 -14.92 14.56
C ASP A 50 15.07 -15.02 13.39
N LYS A 51 15.17 -16.18 12.69
CA LYS A 51 16.06 -16.40 11.55
C LYS A 51 15.36 -16.50 10.18
N ASP A 52 14.03 -16.57 10.14
CA ASP A 52 13.20 -16.54 8.93
C ASP A 52 11.82 -15.90 9.21
N ALA A 53 10.93 -15.88 8.20
CA ALA A 53 9.53 -15.39 8.19
C ALA A 53 9.27 -14.01 8.80
N VAL A 54 9.39 -13.85 10.12
CA VAL A 54 9.59 -12.56 10.80
C VAL A 54 10.81 -11.84 10.21
N ASP A 55 11.93 -12.57 10.05
CA ASP A 55 13.13 -12.07 9.40
C ASP A 55 12.94 -11.89 7.89
N LYS A 56 12.04 -12.66 7.23
CA LYS A 56 11.83 -12.57 5.77
C LYS A 56 10.75 -11.57 5.37
N LEU A 57 9.91 -11.13 6.33
CA LEU A 57 9.41 -9.76 6.38
C LEU A 57 10.61 -8.82 6.53
N LEU A 58 11.25 -8.78 7.71
CA LEU A 58 12.27 -7.78 8.06
C LEU A 58 13.21 -7.47 6.88
N LYS A 59 13.98 -8.46 6.42
CA LYS A 59 15.03 -8.37 5.39
C LYS A 59 14.57 -7.81 4.05
N ASP A 60 13.29 -7.94 3.71
CA ASP A 60 12.72 -7.46 2.47
C ASP A 60 12.40 -5.96 2.57
N LEU A 61 11.72 -5.54 3.65
CA LEU A 61 11.36 -4.14 3.89
C LEU A 61 12.59 -3.29 4.26
N ASP A 62 13.48 -3.85 5.11
CA ASP A 62 14.84 -3.42 5.50
C ASP A 62 15.62 -2.67 4.41
N ALA A 63 15.49 -3.11 3.16
CA ALA A 63 16.15 -2.52 2.00
C ALA A 63 15.83 -1.03 1.77
N ASN A 64 14.73 -0.52 2.32
CA ASN A 64 14.29 0.87 2.20
C ASN A 64 14.89 1.75 3.34
N GLY A 65 15.51 1.19 4.39
CA GLY A 65 16.07 2.00 5.49
C GLY A 65 17.27 1.38 6.20
N ASP A 66 17.07 0.30 6.95
CA ASP A 66 18.10 -0.24 7.86
C ASP A 66 18.04 -1.76 8.02
N ALA A 67 16.92 -2.24 8.58
CA ALA A 67 16.69 -3.50 9.31
C ALA A 67 15.66 -3.23 10.40
N GLN A 68 15.88 -2.20 11.23
CA GLN A 68 14.83 -1.51 11.96
C GLN A 68 13.94 -0.74 10.97
N VAL A 69 12.81 -1.36 10.62
CA VAL A 69 11.86 -0.93 9.56
C VAL A 69 11.05 0.31 9.96
N ASP A 70 11.26 1.43 9.25
CA ASP A 70 10.44 2.66 9.18
C ASP A 70 9.06 2.44 8.50
N PHE A 71 8.15 3.43 8.61
CA PHE A 71 6.81 3.37 8.03
C PHE A 71 6.84 3.28 6.51
N SER A 72 7.82 3.89 5.83
CA SER A 72 8.01 3.78 4.38
C SER A 72 8.32 2.34 3.98
N GLU A 73 9.36 1.76 4.60
CA GLU A 73 9.77 0.37 4.48
C GLU A 73 8.56 -0.56 4.66
N PHE A 74 7.83 -0.37 5.77
CA PHE A 74 6.60 -1.11 6.05
C PHE A 74 5.54 -0.90 4.97
N ILE A 75 5.00 0.32 4.77
CA ILE A 75 3.84 0.58 3.91
C ILE A 75 4.04 0.09 2.46
N VAL A 76 5.26 0.24 1.92
CA VAL A 76 5.67 -0.29 0.61
C VAL A 76 5.53 -1.81 0.55
N PHE A 77 6.07 -2.54 1.52
CA PHE A 77 5.96 -4.00 1.54
C PHE A 77 4.62 -4.53 2.05
N VAL A 78 3.89 -3.75 2.83
CA VAL A 78 2.49 -4.00 3.14
C VAL A 78 1.70 -4.08 1.82
N ALA A 79 1.90 -3.15 0.88
CA ALA A 79 1.40 -3.28 -0.50
C ALA A 79 1.97 -4.48 -1.31
N ALA A 80 2.99 -5.21 -0.83
CA ALA A 80 3.35 -6.53 -1.34
C ALA A 80 2.64 -7.66 -0.57
N ILE A 81 2.44 -7.53 0.75
CA ILE A 81 1.70 -8.46 1.61
C ILE A 81 0.26 -8.62 1.11
N THR A 82 -0.41 -7.53 0.71
CA THR A 82 -1.72 -7.65 0.04
C THR A 82 -1.67 -8.41 -1.29
N SER A 83 -0.54 -8.54 -1.98
CA SER A 83 -0.45 -9.44 -3.13
C SER A 83 -0.40 -10.91 -2.68
N ALA A 84 0.29 -11.19 -1.57
CA ALA A 84 0.34 -12.50 -0.93
C ALA A 84 -1.04 -12.98 -0.43
N SER A 85 -1.96 -12.06 -0.11
CA SER A 85 -3.37 -12.37 0.17
C SER A 85 -4.30 -12.24 -1.06
N HIS A 86 -4.10 -11.26 -1.96
CA HIS A 86 -4.87 -11.17 -3.22
C HIS A 86 -4.67 -12.41 -4.12
N LYS A 87 -3.58 -13.14 -3.92
CA LYS A 87 -3.47 -14.59 -4.18
C LYS A 87 -4.52 -15.38 -3.37
N TYR A 88 -5.79 -15.26 -3.75
CA TYR A 88 -6.99 -15.93 -3.25
C TYR A 88 -7.09 -16.08 -1.71
N PHE A 89 -7.50 -15.00 -1.04
CA PHE A 89 -8.12 -14.96 0.30
C PHE A 89 -9.64 -14.70 0.17
N GLU A 90 -10.35 -14.45 1.28
CA GLU A 90 -11.70 -13.83 1.30
C GLU A 90 -11.78 -12.51 0.50
N LYS A 91 -10.60 -11.97 0.15
CA LYS A 91 -10.23 -11.10 -0.97
C LYS A 91 -10.72 -11.74 -2.31
N THR A 92 -9.82 -12.15 -3.23
CA THR A 92 -10.20 -12.59 -4.59
C THR A 92 -10.67 -14.04 -4.72
N GLY A 93 -10.74 -14.79 -3.60
CA GLY A 93 -11.64 -15.93 -3.46
C GLY A 93 -13.13 -15.54 -3.50
N LEU A 94 -13.44 -14.24 -3.43
CA LEU A 94 -14.77 -13.69 -3.72
C LEU A 94 -14.70 -12.51 -4.71
N LYS A 95 -13.90 -11.48 -4.39
CA LYS A 95 -13.61 -10.32 -5.26
C LYS A 95 -12.31 -9.62 -4.87
N MET B 1 -9.40 -11.91 7.28
CA MET B 1 -8.57 -10.74 6.89
C MET B 1 -8.28 -9.90 8.14
N THR B 2 -7.02 -9.54 8.38
CA THR B 2 -6.58 -8.62 9.45
C THR B 2 -6.98 -7.17 9.12
N GLU B 3 -6.81 -6.17 10.01
CA GLU B 3 -7.04 -4.77 9.59
C GLU B 3 -6.01 -4.29 8.57
N LEU B 4 -4.73 -4.67 8.70
CA LEU B 4 -3.69 -4.45 7.68
C LEU B 4 -4.18 -4.89 6.29
N GLU B 5 -4.48 -6.17 6.19
CA GLU B 5 -4.91 -6.86 4.97
C GLU B 5 -6.31 -6.43 4.50
N ALA B 6 -7.25 -6.13 5.42
CA ALA B 6 -8.60 -5.67 5.09
C ALA B 6 -8.65 -4.20 4.69
N ALA B 7 -7.83 -3.33 5.30
CA ALA B 7 -7.62 -1.97 4.83
C ALA B 7 -7.05 -1.99 3.42
N MET B 8 -6.05 -2.86 3.14
CA MET B 8 -5.65 -3.11 1.76
C MET B 8 -6.77 -3.67 0.89
N GLY B 9 -7.61 -4.55 1.45
CA GLY B 9 -8.92 -4.92 0.89
C GLY B 9 -9.89 -3.76 0.66
N MET B 10 -9.61 -2.53 1.13
CA MET B 10 -10.33 -1.30 0.77
C MET B 10 -9.62 -0.54 -0.36
N ILE B 11 -8.27 -0.37 -0.36
CA ILE B 11 -7.60 0.28 -1.50
C ILE B 11 -7.58 -0.60 -2.76
N ILE B 12 -7.31 -1.91 -2.62
CA ILE B 12 -7.63 -2.87 -3.68
C ILE B 12 -9.10 -2.75 -4.12
N ASP B 13 -10.00 -2.28 -3.25
CA ASP B 13 -11.39 -1.99 -3.60
C ASP B 13 -11.68 -0.58 -4.11
N VAL B 14 -10.74 0.37 -4.01
CA VAL B 14 -10.70 1.55 -4.88
C VAL B 14 -10.38 1.09 -6.32
N PHE B 15 -9.47 0.12 -6.48
CA PHE B 15 -9.28 -0.59 -7.73
C PHE B 15 -10.50 -1.48 -8.11
N SER B 16 -11.29 -1.96 -7.15
CA SER B 16 -12.59 -2.61 -7.42
C SER B 16 -13.73 -1.63 -7.80
N ARG B 17 -13.56 -0.30 -7.75
CA ARG B 17 -14.60 0.66 -8.22
C ARG B 17 -14.58 0.73 -9.75
N TYR B 18 -13.43 1.13 -10.29
CA TYR B 18 -13.24 1.58 -11.67
C TYR B 18 -12.85 0.40 -12.56
N SER B 19 -11.65 -0.13 -12.37
CA SER B 19 -11.14 -1.42 -12.81
C SER B 19 -11.89 -2.63 -12.18
N GLY B 20 -13.18 -2.45 -11.87
CA GLY B 20 -14.00 -3.19 -10.92
C GLY B 20 -14.41 -4.59 -11.32
N SER B 21 -13.58 -5.28 -12.11
CA SER B 21 -13.73 -6.70 -12.45
C SER B 21 -12.47 -7.31 -13.08
N GLU B 22 -11.52 -6.53 -13.62
CA GLU B 22 -10.54 -7.08 -14.56
C GLU B 22 -9.18 -6.34 -14.59
N GLY B 23 -8.25 -6.89 -15.38
CA GLY B 23 -7.08 -6.20 -15.93
C GLY B 23 -7.06 -6.39 -17.45
N SER B 24 -7.26 -5.30 -18.20
CA SER B 24 -8.26 -5.30 -19.27
C SER B 24 -8.16 -4.06 -20.17
N THR B 25 -9.29 -3.49 -20.57
CA THR B 25 -9.51 -2.06 -20.77
C THR B 25 -9.83 -1.32 -19.45
N GLN B 26 -10.19 -2.05 -18.38
CA GLN B 26 -10.47 -1.58 -17.01
C GLN B 26 -9.91 -2.57 -15.95
N THR B 27 -8.67 -2.55 -15.41
CA THR B 27 -7.45 -1.69 -15.47
C THR B 27 -7.58 -0.19 -15.67
N LEU B 28 -6.98 0.59 -14.76
CA LEU B 28 -6.78 2.04 -14.93
C LEU B 28 -5.92 2.35 -16.17
N THR B 29 -6.56 2.36 -17.34
CA THR B 29 -6.20 3.24 -18.45
C THR B 29 -6.36 4.69 -18.02
N LYS B 30 -5.61 5.59 -18.67
CA LYS B 30 -5.46 7.00 -18.35
C LYS B 30 -6.77 7.81 -18.36
N GLY B 31 -7.78 7.33 -19.11
CA GLY B 31 -9.12 7.90 -19.11
C GLY B 31 -10.00 7.43 -17.94
N GLU B 32 -9.85 6.17 -17.52
CA GLU B 32 -10.52 5.60 -16.34
C GLU B 32 -9.93 6.20 -15.07
N LEU B 33 -8.59 6.21 -14.97
CA LEU B 33 -7.79 6.75 -13.88
C LEU B 33 -8.29 8.11 -13.39
N LYS B 34 -8.68 8.96 -14.35
CA LYS B 34 -8.96 10.37 -14.22
C LYS B 34 -10.15 10.67 -13.30
N VAL B 35 -11.32 10.10 -13.62
CA VAL B 35 -12.62 10.32 -12.94
C VAL B 35 -12.61 9.84 -11.48
N LEU B 36 -11.67 8.96 -11.13
CA LEU B 36 -11.35 8.46 -9.79
C LEU B 36 -10.55 9.48 -8.96
N MET B 37 -9.56 10.15 -9.57
CA MET B 37 -8.55 10.95 -8.85
C MET B 37 -9.14 12.24 -8.26
N GLU B 38 -10.15 12.80 -8.92
CA GLU B 38 -10.99 13.91 -8.42
C GLU B 38 -11.60 13.59 -7.05
N LYS B 39 -11.95 12.31 -6.84
CA LYS B 39 -12.76 11.79 -5.75
C LYS B 39 -11.86 11.23 -4.64
N GLU B 40 -10.90 10.37 -5.03
CA GLU B 40 -10.16 9.53 -4.09
C GLU B 40 -8.66 9.83 -4.07
N LEU B 41 -8.13 10.72 -4.92
CA LEU B 41 -6.77 11.24 -4.80
C LEU B 41 -6.63 12.80 -4.83
N PRO B 42 -7.62 13.63 -4.38
CA PRO B 42 -7.55 15.09 -4.52
C PRO B 42 -6.22 15.74 -4.11
N GLY B 43 -5.76 16.62 -5.00
CA GLY B 43 -4.54 17.42 -4.89
C GLY B 43 -3.46 17.08 -5.92
N PHE B 44 -3.48 15.88 -6.54
CA PHE B 44 -2.83 15.69 -7.85
C PHE B 44 -3.56 16.44 -8.97
N LEU B 45 -4.78 16.88 -8.67
CA LEU B 45 -5.71 17.66 -9.47
C LEU B 45 -5.23 19.11 -9.71
N GLN B 46 -4.06 19.49 -9.17
CA GLN B 46 -3.21 20.56 -9.72
C GLN B 46 -2.95 20.39 -11.24
N SER B 47 -2.98 19.14 -11.71
CA SER B 47 -3.05 18.76 -13.11
C SER B 47 -4.48 18.34 -13.46
N GLY B 48 -4.94 17.22 -12.86
CA GLY B 48 -6.16 16.51 -13.27
C GLY B 48 -6.15 16.02 -14.72
N LYS B 49 -4.97 16.02 -15.36
CA LYS B 49 -4.83 16.37 -16.77
C LYS B 49 -4.84 15.17 -17.71
N ASP B 50 -3.66 14.63 -18.05
CA ASP B 50 -3.29 13.86 -19.25
C ASP B 50 -1.94 14.36 -19.82
N LYS B 51 -1.67 15.68 -19.75
CA LYS B 51 -0.50 16.31 -20.41
C LYS B 51 0.67 16.62 -19.46
N ASP B 52 0.48 16.52 -18.14
CA ASP B 52 1.57 16.53 -17.15
C ASP B 52 1.33 15.42 -16.12
N ALA B 53 0.54 15.64 -15.06
CA ALA B 53 0.03 14.54 -14.21
C ALA B 53 -1.36 14.06 -14.69
N VAL B 54 -2.04 13.22 -13.88
CA VAL B 54 -2.90 12.10 -14.32
C VAL B 54 -2.07 11.07 -15.09
N ASP B 55 -1.36 11.50 -16.14
CA ASP B 55 -0.31 10.74 -16.81
C ASP B 55 0.81 10.25 -15.87
N LYS B 56 1.20 11.03 -14.84
CA LYS B 56 2.15 10.56 -13.80
C LYS B 56 1.51 9.84 -12.62
N LEU B 57 0.18 9.74 -12.60
CA LEU B 57 -0.51 8.73 -11.81
C LEU B 57 -0.72 7.45 -12.63
N LEU B 58 -0.34 7.47 -13.92
CA LEU B 58 -0.17 6.32 -14.78
C LEU B 58 1.31 5.88 -14.77
N LYS B 59 2.19 6.64 -15.46
CA LYS B 59 3.59 6.34 -15.86
C LYS B 59 4.45 5.72 -14.78
N ASP B 60 4.31 6.21 -13.56
CA ASP B 60 4.96 5.72 -12.36
C ASP B 60 4.60 4.23 -12.07
N LEU B 61 3.31 3.89 -12.11
CA LEU B 61 2.79 2.54 -11.85
C LEU B 61 2.81 1.64 -13.10
N ASP B 62 2.37 2.18 -14.22
CA ASP B 62 2.46 1.74 -15.63
C ASP B 62 3.70 0.91 -15.98
N ALA B 63 4.84 1.21 -15.36
CA ALA B 63 6.08 0.42 -15.42
C ALA B 63 5.92 -1.07 -15.06
N ASN B 64 4.89 -1.45 -14.30
CA ASN B 64 4.55 -2.80 -13.87
C ASN B 64 3.56 -3.47 -14.85
N GLY B 65 3.12 -2.79 -15.93
CA GLY B 65 2.26 -3.33 -16.98
C GLY B 65 2.62 -2.83 -18.37
N ASP B 66 2.03 -1.70 -18.77
CA ASP B 66 2.33 -0.99 -20.03
C ASP B 66 1.95 0.50 -19.98
N ALA B 67 0.80 0.77 -19.35
CA ALA B 67 0.01 2.01 -19.29
C ALA B 67 -1.39 1.72 -18.73
N GLN B 68 -1.96 0.54 -19.00
CA GLN B 68 -3.19 0.07 -18.37
C GLN B 68 -2.86 -0.61 -17.04
N VAL B 69 -2.95 0.16 -15.97
CA VAL B 69 -2.57 -0.18 -14.59
C VAL B 69 -3.42 -1.33 -14.03
N ASP B 70 -2.83 -2.51 -13.82
CA ASP B 70 -3.30 -3.64 -13.00
C ASP B 70 -3.30 -3.34 -11.47
N PHE B 71 -3.96 -4.19 -10.68
CA PHE B 71 -4.08 -4.05 -9.22
C PHE B 71 -2.71 -4.05 -8.53
N SER B 72 -1.73 -4.80 -9.05
CA SER B 72 -0.36 -4.83 -8.53
C SER B 72 0.33 -3.47 -8.69
N GLU B 73 0.39 -2.98 -9.93
CA GLU B 73 0.89 -1.65 -10.30
C GLU B 73 0.26 -0.56 -9.42
N PHE B 74 -1.07 -0.56 -9.39
CA PHE B 74 -1.89 0.27 -8.52
C PHE B 74 -1.43 0.17 -7.07
N ILE B 75 -1.55 -0.99 -6.42
CA ILE B 75 -1.39 -1.08 -4.96
C ILE B 75 0.02 -0.72 -4.49
N VAL B 76 1.05 -1.09 -5.28
CA VAL B 76 2.44 -0.71 -5.05
C VAL B 76 2.60 0.82 -5.02
N PHE B 77 2.09 1.52 -6.04
CA PHE B 77 2.21 2.99 -6.09
C PHE B 77 1.18 3.72 -5.25
N VAL B 78 0.06 3.10 -4.89
CA VAL B 78 -0.84 3.55 -3.83
C VAL B 78 -0.03 3.66 -2.52
N ALA B 79 0.77 2.64 -2.17
CA ALA B 79 1.76 2.75 -1.08
C ALA B 79 2.91 3.76 -1.32
N ALA B 80 2.98 4.44 -2.47
CA ALA B 80 3.72 5.69 -2.63
C ALA B 80 2.81 6.93 -2.47
N ILE B 81 1.57 6.89 -3.00
CA ILE B 81 0.54 7.92 -2.89
C ILE B 81 0.24 8.28 -1.43
N THR B 82 0.29 7.31 -0.50
CA THR B 82 0.25 7.59 0.95
C THR B 82 1.31 8.60 1.39
N SER B 83 2.58 8.42 0.99
CA SER B 83 3.66 9.38 1.25
C SER B 83 3.38 10.75 0.61
N ALA B 84 2.71 10.75 -0.55
CA ALA B 84 2.26 11.94 -1.26
C ALA B 84 0.93 12.52 -0.74
N SER B 85 0.27 11.91 0.26
CA SER B 85 -1.11 12.23 0.67
C SER B 85 -1.32 13.69 1.12
N HIS B 86 -0.23 14.34 1.52
CA HIS B 86 -0.15 15.77 1.78
C HIS B 86 -0.42 16.65 0.55
N LYS B 87 0.06 16.22 -0.62
CA LYS B 87 0.16 16.89 -1.94
C LYS B 87 0.88 18.25 -1.93
N TYR B 88 0.57 19.12 -0.96
CA TYR B 88 1.25 20.38 -0.65
C TYR B 88 1.41 20.69 0.86
N PHE B 89 0.85 19.86 1.77
CA PHE B 89 1.01 19.97 3.24
C PHE B 89 0.29 21.18 3.87
N GLU B 90 0.56 22.39 3.38
CA GLU B 90 -0.23 23.60 3.66
C GLU B 90 -1.69 23.44 3.17
N LYS B 91 -1.97 22.49 2.26
CA LYS B 91 -3.34 22.08 1.89
C LYS B 91 -3.86 20.86 2.68
N THR B 92 -3.01 20.06 3.32
CA THR B 92 -3.34 18.80 4.00
C THR B 92 -2.11 18.32 4.80
N GLY B 93 -2.02 18.69 6.08
CA GLY B 93 -0.81 18.52 6.91
C GLY B 93 -0.75 19.56 8.01
N LEU B 94 -0.54 20.84 7.65
CA LEU B 94 -0.79 21.97 8.54
C LEU B 94 -2.28 22.30 8.60
N LYS B 95 -2.97 22.21 7.44
CA LYS B 95 -4.43 22.17 7.31
C LYS B 95 -4.90 20.74 7.55
N MET A 1 -4.51 12.76 3.09
CA MET A 1 -5.30 11.63 3.61
C MET A 1 -6.75 11.73 3.12
N THR A 2 -6.98 11.34 1.88
CA THR A 2 -8.29 10.99 1.29
C THR A 2 -8.82 9.65 1.86
N GLU A 3 -10.01 9.18 1.46
CA GLU A 3 -10.52 7.86 1.87
C GLU A 3 -9.52 6.73 1.55
N LEU A 4 -9.00 6.73 0.32
CA LEU A 4 -7.92 5.85 -0.15
C LEU A 4 -6.70 5.96 0.76
N GLU A 5 -6.14 7.16 0.84
CA GLU A 5 -4.88 7.40 1.53
C GLU A 5 -4.99 7.19 3.03
N ALA A 6 -6.16 7.41 3.64
CA ALA A 6 -6.47 7.26 5.06
C ALA A 6 -6.86 5.83 5.44
N ALA A 7 -7.36 5.01 4.50
CA ALA A 7 -7.30 3.56 4.66
C ALA A 7 -5.83 3.10 4.75
N MET A 8 -4.95 3.61 3.88
CA MET A 8 -3.50 3.43 4.09
C MET A 8 -2.91 4.21 5.28
N GLY A 9 -3.59 5.27 5.73
CA GLY A 9 -3.31 5.99 6.96
C GLY A 9 -3.56 5.12 8.18
N MET A 10 -4.69 4.40 8.25
CA MET A 10 -4.96 3.45 9.34
C MET A 10 -4.14 2.15 9.22
N ILE A 11 -3.65 1.78 8.04
CA ILE A 11 -2.56 0.81 7.87
C ILE A 11 -1.27 1.33 8.53
N ILE A 12 -0.83 2.53 8.15
CA ILE A 12 0.27 3.25 8.82
C ILE A 12 -0.03 3.47 10.31
N ASP A 13 -1.30 3.43 10.73
CA ASP A 13 -1.70 3.41 12.14
C ASP A 13 -1.59 2.02 12.79
N VAL A 14 -1.82 0.89 12.12
CA VAL A 14 -1.49 -0.43 12.70
C VAL A 14 0.04 -0.59 12.84
N PHE A 15 0.83 0.04 11.97
CA PHE A 15 2.26 0.31 12.25
C PHE A 15 2.44 1.24 13.46
N SER A 16 1.77 2.40 13.46
CA SER A 16 1.82 3.40 14.55
C SER A 16 1.12 2.95 15.85
N ARG A 17 0.59 1.73 15.92
CA ARG A 17 0.27 0.95 17.12
C ARG A 17 1.54 0.32 17.70
N TYR A 18 2.28 -0.44 16.88
CA TYR A 18 3.37 -1.32 17.30
C TYR A 18 4.75 -0.62 17.27
N SER A 19 5.10 0.08 16.18
CA SER A 19 6.14 1.12 16.24
C SER A 19 5.69 2.22 17.23
N GLY A 20 4.41 2.59 17.18
CA GLY A 20 3.83 3.58 18.09
C GLY A 20 3.79 5.01 17.51
N SER A 21 4.37 5.21 16.31
CA SER A 21 4.67 6.44 15.54
C SER A 21 6.17 6.55 15.25
N GLU A 22 6.98 5.86 16.05
CA GLU A 22 8.43 5.95 16.13
C GLU A 22 9.16 5.22 14.99
N GLY A 23 10.30 5.78 14.60
CA GLY A 23 11.29 5.24 13.66
C GLY A 23 12.68 5.36 14.30
N SER A 24 13.02 4.40 15.16
CA SER A 24 13.81 4.65 16.38
C SER A 24 14.44 3.37 16.91
N THR A 25 13.62 2.59 17.60
CA THR A 25 13.88 1.33 18.32
C THR A 25 12.69 0.43 18.03
N GLN A 26 11.49 0.98 18.26
CA GLN A 26 10.20 0.56 17.73
C GLN A 26 9.80 1.53 16.59
N THR A 27 10.05 1.48 15.27
CA THR A 27 10.52 0.51 14.25
C THR A 27 10.20 -0.96 14.47
N LEU A 28 9.77 -1.65 13.41
CA LEU A 28 9.63 -3.10 13.47
C LEU A 28 11.03 -3.73 13.36
N THR A 29 11.81 -3.61 14.44
CA THR A 29 12.82 -4.59 14.82
C THR A 29 12.15 -5.96 14.88
N LYS A 30 12.93 -6.99 14.57
CA LYS A 30 12.65 -8.42 14.60
C LYS A 30 11.66 -8.88 15.70
N GLY A 31 11.78 -8.34 16.92
CA GLY A 31 10.92 -8.68 18.06
C GLY A 31 9.65 -7.83 18.21
N GLU A 32 9.63 -6.60 17.71
CA GLU A 32 8.42 -5.76 17.61
C GLU A 32 7.53 -6.27 16.47
N LEU A 33 8.18 -6.60 15.35
CA LEU A 33 7.60 -7.11 14.12
C LEU A 33 6.66 -8.30 14.34
N LYS A 34 7.05 -9.26 15.17
CA LYS A 34 6.34 -10.56 15.24
C LYS A 34 4.94 -10.48 15.86
N VAL A 35 4.73 -9.65 16.89
CA VAL A 35 3.42 -9.52 17.56
C VAL A 35 2.40 -8.92 16.59
N LEU A 36 2.79 -7.85 15.91
CA LEU A 36 2.11 -7.24 14.78
C LEU A 36 1.73 -8.26 13.69
N MET A 37 2.49 -9.34 13.50
CA MET A 37 2.20 -10.33 12.45
C MET A 37 1.17 -11.39 12.89
N GLU A 38 0.90 -11.55 14.20
CA GLU A 38 -0.30 -12.25 14.68
C GLU A 38 -1.59 -11.51 14.28
N LYS A 39 -1.48 -10.18 14.20
CA LYS A 39 -2.54 -9.22 13.96
C LYS A 39 -2.76 -9.01 12.45
N GLU A 40 -1.71 -8.57 11.77
CA GLU A 40 -1.75 -8.10 10.38
C GLU A 40 -1.59 -9.22 9.34
N LEU A 41 -0.70 -10.19 9.56
CA LEU A 41 -0.36 -11.26 8.62
C LEU A 41 -0.52 -12.69 9.22
N PRO A 42 -1.63 -13.08 9.91
CA PRO A 42 -1.75 -14.38 10.58
C PRO A 42 -1.23 -15.62 9.83
N GLY A 43 -1.38 -15.73 8.51
CA GLY A 43 -0.88 -16.88 7.73
C GLY A 43 0.64 -16.89 7.47
N PHE A 44 1.34 -15.77 7.69
CA PHE A 44 2.80 -15.73 7.73
C PHE A 44 3.35 -16.39 9.01
N LEU A 45 2.52 -16.58 10.04
CA LEU A 45 2.92 -17.22 11.28
C LEU A 45 3.09 -18.75 11.16
N GLN A 46 2.87 -19.32 9.96
CA GLN A 46 3.46 -20.61 9.58
C GLN A 46 4.99 -20.61 9.68
N SER A 47 5.63 -19.43 9.55
CA SER A 47 6.96 -19.19 10.11
C SER A 47 6.85 -18.75 11.57
N GLY A 48 6.38 -17.52 11.82
CA GLY A 48 6.31 -16.89 13.16
C GLY A 48 7.66 -16.72 13.87
N LYS A 49 8.76 -17.08 13.19
CA LYS A 49 10.05 -17.45 13.74
C LYS A 49 11.15 -16.71 13.00
N ASP A 50 11.58 -15.63 13.63
CA ASP A 50 12.64 -14.65 13.32
C ASP A 50 14.05 -15.21 13.00
N LYS A 51 14.16 -16.52 12.76
CA LYS A 51 15.34 -17.23 12.25
C LYS A 51 15.17 -17.65 10.78
N ASP A 52 13.94 -17.62 10.23
CA ASP A 52 13.65 -17.88 8.81
C ASP A 52 12.96 -16.66 8.16
N ALA A 53 11.62 -16.61 8.09
CA ALA A 53 10.86 -15.38 7.87
C ALA A 53 10.70 -14.61 9.20
N VAL A 54 9.77 -13.64 9.26
CA VAL A 54 9.74 -12.51 10.23
C VAL A 54 10.99 -11.63 10.05
N ASP A 55 12.20 -12.20 10.11
CA ASP A 55 13.45 -11.66 9.59
C ASP A 55 13.36 -11.20 8.12
N LYS A 56 12.56 -11.87 7.27
CA LYS A 56 12.29 -11.46 5.88
C LYS A 56 11.07 -10.54 5.73
N LEU A 57 10.35 -10.27 6.83
CA LEU A 57 9.38 -9.15 6.88
C LEU A 57 10.08 -7.89 7.42
N LEU A 58 11.35 -8.04 7.78
CA LEU A 58 12.35 -7.03 8.04
C LEU A 58 13.15 -6.85 6.75
N LYS A 59 14.13 -7.71 6.44
CA LYS A 59 15.16 -7.52 5.38
C LYS A 59 14.63 -6.94 4.08
N ASP A 60 13.63 -7.60 3.48
CA ASP A 60 12.98 -7.25 2.23
C ASP A 60 12.56 -5.77 2.15
N LEU A 61 11.99 -5.22 3.23
CA LEU A 61 11.60 -3.81 3.35
C LEU A 61 12.70 -2.94 3.95
N ASP A 62 13.42 -3.44 4.96
CA ASP A 62 14.58 -2.80 5.59
C ASP A 62 15.74 -2.54 4.62
N ALA A 63 15.67 -3.03 3.38
CA ALA A 63 16.46 -2.53 2.26
C ALA A 63 16.42 -1.01 2.08
N ASN A 64 15.38 -0.33 2.59
CA ASN A 64 15.30 1.14 2.68
C ASN A 64 16.05 1.73 3.91
N GLY A 65 16.37 0.91 4.92
CA GLY A 65 16.87 1.31 6.24
C GLY A 65 18.11 0.52 6.68
N ASP A 66 17.93 -0.55 7.48
CA ASP A 66 19.01 -1.41 7.99
C ASP A 66 18.48 -2.80 8.40
N ALA A 67 18.10 -2.97 9.66
CA ALA A 67 17.41 -4.12 10.25
C ALA A 67 16.38 -3.65 11.31
N GLN A 68 15.80 -2.46 11.10
CA GLN A 68 14.74 -1.83 11.88
C GLN A 68 13.78 -1.09 10.93
N VAL A 69 12.64 -1.72 10.60
CA VAL A 69 11.66 -1.22 9.62
C VAL A 69 10.96 0.06 10.08
N ASP A 70 11.12 1.16 9.32
CA ASP A 70 10.32 2.39 9.36
C ASP A 70 8.94 2.24 8.66
N PHE A 71 8.03 3.21 8.89
CA PHE A 71 6.66 3.22 8.35
C PHE A 71 6.63 3.23 6.82
N SER A 72 7.58 3.88 6.15
CA SER A 72 7.68 3.95 4.68
C SER A 72 7.93 2.55 4.10
N GLU A 73 9.01 1.93 4.57
CA GLU A 73 9.50 0.58 4.33
C GLU A 73 8.37 -0.44 4.54
N PHE A 74 7.70 -0.35 5.70
CA PHE A 74 6.43 -1.00 5.99
C PHE A 74 5.40 -0.76 4.87
N ILE A 75 4.90 0.47 4.66
CA ILE A 75 3.76 0.69 3.76
C ILE A 75 4.04 0.24 2.32
N VAL A 76 5.27 0.45 1.82
CA VAL A 76 5.73 -0.02 0.50
C VAL A 76 5.57 -1.53 0.37
N PHE A 77 6.14 -2.32 1.29
CA PHE A 77 6.03 -3.79 1.20
C PHE A 77 4.69 -4.33 1.64
N VAL A 78 3.95 -3.66 2.52
CA VAL A 78 2.55 -3.94 2.83
C VAL A 78 1.73 -4.02 1.53
N ALA A 79 1.92 -3.07 0.60
CA ALA A 79 1.30 -3.16 -0.72
C ALA A 79 1.87 -4.23 -1.67
N ALA A 80 2.89 -5.00 -1.27
CA ALA A 80 3.22 -6.31 -1.83
C ALA A 80 2.57 -7.46 -1.02
N ILE A 81 2.44 -7.33 0.30
CA ILE A 81 1.76 -8.29 1.19
C ILE A 81 0.32 -8.53 0.74
N THR A 82 -0.44 -7.50 0.36
CA THR A 82 -1.78 -7.63 -0.26
C THR A 82 -1.83 -8.47 -1.55
N SER A 83 -0.68 -8.83 -2.13
CA SER A 83 -0.57 -9.74 -3.27
C SER A 83 -0.01 -11.09 -2.78
N ALA A 84 1.09 -11.06 -2.02
CA ALA A 84 1.73 -12.23 -1.41
C ALA A 84 0.74 -13.11 -0.62
N SER A 85 -0.05 -12.48 0.27
CA SER A 85 -1.06 -13.09 1.15
C SER A 85 -2.36 -13.49 0.44
N HIS A 86 -2.55 -13.16 -0.84
CA HIS A 86 -3.91 -13.09 -1.41
C HIS A 86 -4.21 -14.10 -2.51
N LYS A 87 -3.25 -14.99 -2.82
CA LYS A 87 -3.46 -16.20 -3.65
C LYS A 87 -4.31 -17.29 -2.94
N TYR A 88 -4.94 -16.92 -1.80
CA TYR A 88 -6.11 -17.43 -1.06
C TYR A 88 -5.98 -17.42 0.49
N PHE A 89 -4.86 -16.95 1.05
CA PHE A 89 -4.61 -16.71 2.50
C PHE A 89 -4.56 -17.98 3.36
N GLU A 90 -3.68 -18.00 4.37
CA GLU A 90 -3.18 -19.20 5.07
C GLU A 90 -2.59 -20.23 4.08
N LYS A 91 -3.47 -20.94 3.34
CA LYS A 91 -3.27 -21.58 2.02
C LYS A 91 -2.17 -20.86 1.24
N THR A 92 -2.31 -19.54 1.12
CA THR A 92 -1.27 -18.63 0.68
C THR A 92 -1.20 -17.41 1.59
N GLY A 93 -0.88 -17.60 2.87
CA GLY A 93 -0.40 -16.51 3.74
C GLY A 93 1.09 -16.28 3.51
N LEU A 94 1.47 -15.86 2.28
CA LEU A 94 2.81 -15.68 1.67
C LEU A 94 2.96 -16.58 0.44
N LYS A 95 2.70 -17.87 0.64
CA LYS A 95 3.03 -19.03 -0.22
C LYS A 95 2.19 -19.06 -1.53
N MET B 1 -6.21 -11.64 3.82
CA MET B 1 -7.12 -10.53 4.13
C MET B 1 -7.45 -10.60 5.63
N THR B 2 -7.15 -9.54 6.39
CA THR B 2 -6.94 -9.62 7.85
C THR B 2 -7.50 -8.40 8.60
N GLU B 3 -6.68 -7.36 8.70
CA GLU B 3 -6.83 -6.09 9.42
C GLU B 3 -6.06 -5.07 8.58
N LEU B 4 -4.74 -5.24 8.51
CA LEU B 4 -3.81 -4.69 7.52
C LEU B 4 -4.22 -5.05 6.09
N GLU B 5 -4.36 -6.35 5.79
CA GLU B 5 -4.73 -6.81 4.46
C GLU B 5 -6.22 -6.59 4.17
N ALA B 6 -7.07 -6.51 5.22
CA ALA B 6 -8.47 -6.14 5.07
C ALA B 6 -8.63 -4.64 4.78
N ALA B 7 -7.81 -3.78 5.40
CA ALA B 7 -7.68 -2.38 5.02
C ALA B 7 -7.21 -2.23 3.57
N MET B 8 -6.21 -3.01 3.11
CA MET B 8 -5.90 -3.05 1.67
C MET B 8 -7.06 -3.54 0.82
N GLY B 9 -7.82 -4.51 1.33
CA GLY B 9 -9.16 -4.87 0.87
C GLY B 9 -10.22 -3.76 0.85
N MET B 10 -9.89 -2.51 1.26
CA MET B 10 -10.71 -1.31 1.07
C MET B 10 -10.14 -0.39 0.00
N ILE B 11 -8.81 -0.18 -0.08
CA ILE B 11 -8.22 0.62 -1.17
C ILE B 11 -8.29 -0.10 -2.52
N ILE B 12 -8.05 -1.43 -2.54
CA ILE B 12 -8.42 -2.30 -3.68
C ILE B 12 -9.89 -2.10 -4.08
N ASP B 13 -10.75 -1.69 -3.13
CA ASP B 13 -12.20 -1.65 -3.26
C ASP B 13 -12.78 -0.24 -3.50
N VAL B 14 -11.95 0.79 -3.71
CA VAL B 14 -12.36 1.97 -4.49
C VAL B 14 -11.92 1.81 -5.96
N PHE B 15 -10.82 1.08 -6.21
CA PHE B 15 -10.37 0.66 -7.54
C PHE B 15 -11.26 -0.39 -8.19
N SER B 16 -11.74 -1.40 -7.43
CA SER B 16 -12.69 -2.44 -7.83
C SER B 16 -14.10 -1.91 -8.22
N ARG B 17 -14.24 -0.60 -8.45
CA ARG B 17 -15.35 0.09 -9.11
C ARG B 17 -15.02 0.23 -10.60
N TYR B 18 -13.93 0.95 -10.88
CA TYR B 18 -13.45 1.33 -12.20
C TYR B 18 -12.78 0.16 -12.92
N SER B 19 -11.54 -0.20 -12.54
CA SER B 19 -10.90 -1.46 -12.97
C SER B 19 -11.45 -2.69 -12.21
N GLY B 20 -12.50 -2.51 -11.40
CA GLY B 20 -13.55 -3.53 -11.24
C GLY B 20 -14.10 -4.07 -12.56
N SER B 21 -13.97 -3.30 -13.66
CA SER B 21 -14.20 -3.71 -15.05
C SER B 21 -13.09 -4.63 -15.63
N GLU B 22 -12.11 -5.02 -14.80
CA GLU B 22 -11.11 -6.09 -14.92
C GLU B 22 -9.72 -5.54 -15.35
N GLY B 23 -8.92 -6.31 -16.11
CA GLY B 23 -7.58 -6.01 -16.61
C GLY B 23 -7.59 -5.99 -18.15
N SER B 24 -8.25 -4.98 -18.73
CA SER B 24 -9.41 -5.24 -19.57
C SER B 24 -9.56 -4.33 -20.79
N THR B 25 -9.09 -3.07 -20.67
CA THR B 25 -9.54 -1.81 -21.31
C THR B 25 -9.85 -0.82 -20.19
N GLN B 26 -10.48 -1.32 -19.13
CA GLN B 26 -10.70 -0.70 -17.83
C GLN B 26 -10.28 -1.70 -16.75
N THR B 27 -9.03 -1.91 -16.28
CA THR B 27 -7.74 -1.19 -16.21
C THR B 27 -7.76 0.32 -16.17
N LEU B 28 -7.01 0.93 -15.24
CA LEU B 28 -6.73 2.37 -15.25
C LEU B 28 -5.84 2.76 -16.44
N THR B 29 -6.44 2.76 -17.63
CA THR B 29 -6.14 3.67 -18.73
C THR B 29 -6.31 5.10 -18.24
N LYS B 30 -5.50 6.00 -18.80
CA LYS B 30 -5.37 7.42 -18.44
C LYS B 30 -6.70 8.17 -18.34
N GLY B 31 -7.71 7.75 -19.12
CA GLY B 31 -9.06 8.33 -19.14
C GLY B 31 -10.03 7.74 -18.10
N GLU B 32 -9.83 6.49 -17.66
CA GLU B 32 -10.52 5.92 -16.49
C GLU B 32 -9.90 6.49 -15.21
N LEU B 33 -8.57 6.49 -15.18
CA LEU B 33 -7.73 6.95 -14.08
C LEU B 33 -8.14 8.33 -13.57
N LYS B 34 -8.29 9.33 -14.45
CA LYS B 34 -8.51 10.72 -14.03
C LYS B 34 -9.75 10.94 -13.12
N VAL B 35 -10.93 10.44 -13.52
CA VAL B 35 -12.19 10.70 -12.80
C VAL B 35 -12.25 10.05 -11.41
N LEU B 36 -11.44 9.01 -11.20
CA LEU B 36 -11.19 8.34 -9.93
C LEU B 36 -10.31 9.19 -9.00
N MET B 37 -9.32 9.92 -9.55
CA MET B 37 -8.33 10.69 -8.78
C MET B 37 -8.95 11.94 -8.14
N GLU B 38 -10.09 12.42 -8.62
CA GLU B 38 -10.95 13.40 -7.92
C GLU B 38 -11.48 12.87 -6.58
N LYS B 39 -11.53 11.56 -6.42
CA LYS B 39 -12.22 10.84 -5.33
C LYS B 39 -11.19 10.22 -4.39
N GLU B 40 -10.28 9.43 -4.96
CA GLU B 40 -9.23 8.74 -4.22
C GLU B 40 -7.99 9.61 -3.97
N LEU B 41 -7.64 10.56 -4.85
CA LEU B 41 -6.37 11.32 -4.80
C LEU B 41 -6.52 12.89 -4.84
N PRO B 42 -7.59 13.54 -4.33
CA PRO B 42 -7.63 15.01 -4.27
C PRO B 42 -6.36 15.62 -3.64
N GLY B 43 -5.69 16.47 -4.42
CA GLY B 43 -4.35 17.00 -4.14
C GLY B 43 -3.32 16.61 -5.22
N PHE B 44 -3.41 15.42 -5.84
CA PHE B 44 -2.69 15.18 -7.10
C PHE B 44 -3.29 15.95 -8.28
N LEU B 45 -4.55 16.37 -8.16
CA LEU B 45 -5.29 17.17 -9.14
C LEU B 45 -4.77 18.60 -9.34
N GLN B 46 -3.69 18.98 -8.65
CA GLN B 46 -2.81 20.07 -9.08
C GLN B 46 -2.30 19.85 -10.53
N SER B 47 -2.23 18.58 -10.96
CA SER B 47 -2.18 18.16 -12.37
C SER B 47 -3.56 18.27 -13.05
N GLY B 48 -4.50 17.39 -12.67
CA GLY B 48 -5.90 17.32 -13.08
C GLY B 48 -6.11 16.85 -14.53
N LYS B 49 -5.02 16.51 -15.22
CA LYS B 49 -4.86 16.68 -16.67
C LYS B 49 -3.71 15.79 -17.13
N ASP B 50 -4.04 14.76 -17.91
CA ASP B 50 -3.18 13.76 -18.55
C ASP B 50 -2.16 14.31 -19.59
N LYS B 51 -1.50 15.41 -19.23
CA LYS B 51 -0.41 16.08 -19.96
C LYS B 51 0.79 16.46 -19.07
N ASP B 52 0.66 16.43 -17.74
CA ASP B 52 1.81 16.49 -16.82
C ASP B 52 1.83 15.28 -15.89
N ALA B 53 1.01 15.25 -14.83
CA ALA B 53 0.62 14.03 -14.12
C ALA B 53 -0.77 13.58 -14.57
N VAL B 54 -1.51 12.81 -13.75
CA VAL B 54 -2.48 11.77 -14.16
C VAL B 54 -1.77 10.69 -15.00
N ASP B 55 -1.13 11.09 -16.10
CA ASP B 55 -0.09 10.38 -16.82
C ASP B 55 1.03 9.81 -15.93
N LYS B 56 1.38 10.45 -14.80
CA LYS B 56 2.35 9.93 -13.82
C LYS B 56 1.71 9.21 -12.63
N LEU B 57 0.39 9.28 -12.47
CA LEU B 57 -0.36 8.31 -11.66
C LEU B 57 -0.63 7.02 -12.47
N LEU B 58 -0.17 6.99 -13.73
CA LEU B 58 -0.05 5.85 -14.62
C LEU B 58 1.43 5.42 -14.68
N LYS B 59 2.30 6.22 -15.32
CA LYS B 59 3.71 5.91 -15.66
C LYS B 59 4.58 5.39 -14.51
N ASP B 60 4.28 5.78 -13.26
CA ASP B 60 4.95 5.27 -12.07
C ASP B 60 4.63 3.79 -11.81
N LEU B 61 3.34 3.42 -11.85
CA LEU B 61 2.82 2.09 -11.51
C LEU B 61 2.83 1.13 -12.70
N ASP B 62 2.51 1.65 -13.89
CA ASP B 62 2.66 1.14 -15.27
C ASP B 62 3.79 0.12 -15.49
N ALA B 63 4.91 0.24 -14.77
CA ALA B 63 6.01 -0.71 -14.70
C ALA B 63 5.62 -2.15 -14.31
N ASN B 64 4.51 -2.35 -13.57
CA ASN B 64 4.06 -3.65 -13.08
C ASN B 64 3.24 -4.42 -14.13
N GLY B 65 2.64 -3.76 -15.14
CA GLY B 65 1.80 -4.41 -16.15
C GLY B 65 2.04 -3.90 -17.57
N ASP B 66 1.69 -2.65 -17.84
CA ASP B 66 1.66 -2.08 -19.19
C ASP B 66 1.77 -0.54 -19.19
N ALA B 67 0.76 0.10 -18.58
CA ALA B 67 0.28 1.48 -18.74
C ALA B 67 -1.21 1.50 -18.41
N GLN B 68 -2.00 0.65 -19.07
CA GLN B 68 -3.29 0.22 -18.57
C GLN B 68 -3.11 -0.52 -17.23
N VAL B 69 -3.30 0.19 -16.12
CA VAL B 69 -2.96 -0.24 -14.76
C VAL B 69 -3.94 -1.27 -14.16
N ASP B 70 -3.42 -2.43 -13.72
CA ASP B 70 -4.09 -3.41 -12.84
C ASP B 70 -4.08 -3.03 -11.34
N PHE B 71 -4.87 -3.75 -10.52
CA PHE B 71 -4.99 -3.52 -9.07
C PHE B 71 -3.67 -3.68 -8.32
N SER B 72 -2.78 -4.54 -8.82
CA SER B 72 -1.43 -4.80 -8.30
C SER B 72 -0.56 -3.54 -8.47
N GLU B 73 -0.44 -3.04 -9.70
CA GLU B 73 0.28 -1.81 -10.03
C GLU B 73 -0.24 -0.64 -9.18
N PHE B 74 -1.57 -0.48 -9.17
CA PHE B 74 -2.28 0.47 -8.33
C PHE B 74 -1.88 0.34 -6.86
N ILE B 75 -2.18 -0.78 -6.19
CA ILE B 75 -2.02 -0.88 -4.74
C ILE B 75 -0.58 -0.64 -4.29
N VAL B 76 0.40 -1.14 -5.07
CA VAL B 76 1.85 -0.92 -4.86
C VAL B 76 2.20 0.58 -4.82
N PHE B 77 1.58 1.41 -5.66
CA PHE B 77 1.83 2.85 -5.67
C PHE B 77 0.85 3.67 -4.83
N VAL B 78 -0.34 3.14 -4.51
CA VAL B 78 -1.23 3.69 -3.48
C VAL B 78 -0.48 3.82 -2.13
N ALA B 79 0.43 2.88 -1.85
CA ALA B 79 1.39 2.92 -0.75
C ALA B 79 2.47 4.01 -0.82
N ALA B 80 2.73 4.60 -1.99
CA ALA B 80 3.51 5.83 -2.12
C ALA B 80 2.58 7.05 -1.99
N ILE B 81 1.49 7.06 -2.78
CA ILE B 81 0.44 8.08 -2.90
C ILE B 81 -0.08 8.54 -1.52
N THR B 82 -0.36 7.61 -0.61
CA THR B 82 -0.78 7.88 0.80
C THR B 82 0.14 8.85 1.55
N SER B 83 1.43 8.93 1.17
CA SER B 83 2.33 9.99 1.60
C SER B 83 2.49 11.08 0.52
N ALA B 84 2.69 10.68 -0.73
CA ALA B 84 3.16 11.54 -1.83
C ALA B 84 2.18 12.64 -2.29
N SER B 85 0.86 12.42 -2.28
CA SER B 85 -0.10 13.38 -2.88
C SER B 85 -0.01 14.78 -2.26
N HIS B 86 0.27 14.83 -0.97
CA HIS B 86 0.54 16.01 -0.18
C HIS B 86 1.64 16.88 -0.78
N LYS B 87 2.67 16.27 -1.39
CA LYS B 87 3.94 16.82 -1.91
C LYS B 87 4.80 17.63 -0.91
N TYR B 88 4.17 18.11 0.16
CA TYR B 88 4.63 18.65 1.45
C TYR B 88 3.46 19.01 2.41
N PHE B 89 2.20 18.86 1.98
CA PHE B 89 0.95 19.09 2.73
C PHE B 89 0.64 20.57 2.96
N GLU B 90 1.62 21.39 3.35
CA GLU B 90 1.59 22.84 3.15
C GLU B 90 1.64 23.25 1.66
N LYS B 91 1.89 22.30 0.74
CA LYS B 91 1.75 22.46 -0.70
C LYS B 91 0.32 22.26 -1.24
N THR B 92 -0.47 21.34 -0.67
CA THR B 92 -1.84 21.02 -1.18
C THR B 92 -2.79 20.45 -0.11
N GLY B 93 -2.26 19.70 0.87
CA GLY B 93 -3.03 18.97 1.88
C GLY B 93 -3.74 19.83 2.93
N LEU B 94 -3.31 21.09 3.14
CA LEU B 94 -4.00 22.05 4.02
C LEU B 94 -4.37 23.37 3.32
N LYS B 95 -3.67 23.71 2.22
CA LYS B 95 -3.85 24.88 1.35
C LYS B 95 -3.21 24.56 0.00
N MET A 1 -4.73 13.59 2.34
CA MET A 1 -5.62 12.51 2.83
C MET A 1 -6.96 12.62 2.11
N THR A 2 -7.48 11.49 1.62
CA THR A 2 -8.58 11.34 0.66
C THR A 2 -9.28 9.99 0.91
N GLU A 3 -10.22 9.53 0.09
CA GLU A 3 -10.83 8.19 0.25
C GLU A 3 -9.76 7.08 0.26
N LEU A 4 -8.86 7.13 -0.73
CA LEU A 4 -7.67 6.29 -0.91
C LEU A 4 -6.67 6.45 0.23
N GLU A 5 -6.28 7.69 0.55
CA GLU A 5 -5.26 7.91 1.57
C GLU A 5 -5.79 7.75 3.00
N ALA A 6 -7.09 7.91 3.27
CA ALA A 6 -7.68 7.65 4.58
C ALA A 6 -7.71 6.14 4.88
N ALA A 7 -7.98 5.30 3.87
CA ALA A 7 -7.78 3.86 3.97
C ALA A 7 -6.31 3.55 4.30
N MET A 8 -5.34 4.16 3.62
CA MET A 8 -3.93 4.06 4.02
C MET A 8 -3.63 4.63 5.40
N GLY A 9 -4.33 5.67 5.83
CA GLY A 9 -4.39 6.13 7.21
C GLY A 9 -4.71 5.00 8.21
N MET A 10 -5.45 3.96 7.80
CA MET A 10 -5.76 2.81 8.66
C MET A 10 -4.66 1.74 8.68
N ILE A 11 -3.88 1.54 7.60
CA ILE A 11 -2.67 0.70 7.70
C ILE A 11 -1.51 1.46 8.36
N ILE A 12 -1.33 2.75 8.05
CA ILE A 12 -0.50 3.65 8.85
C ILE A 12 -0.99 3.69 10.30
N ASP A 13 -2.30 3.53 10.58
CA ASP A 13 -2.77 3.25 11.94
C ASP A 13 -2.32 1.89 12.43
N VAL A 14 -2.46 0.76 11.71
CA VAL A 14 -1.90 -0.54 12.16
C VAL A 14 -0.38 -0.48 12.41
N PHE A 15 0.37 0.38 11.70
CA PHE A 15 1.74 0.75 12.11
C PHE A 15 1.77 1.62 13.37
N SER A 16 0.99 2.68 13.45
CA SER A 16 0.89 3.61 14.61
C SER A 16 0.35 2.93 15.88
N ARG A 17 -0.31 1.78 15.72
CA ARG A 17 -0.78 0.77 16.68
C ARG A 17 0.42 -0.04 17.16
N TYR A 18 1.18 -0.68 16.26
CA TYR A 18 2.31 -1.55 16.63
C TYR A 18 3.59 -0.81 17.03
N SER A 19 4.05 0.14 16.21
CA SER A 19 5.09 1.13 16.58
C SER A 19 4.64 2.05 17.72
N GLY A 20 3.34 2.07 18.02
CA GLY A 20 2.70 2.92 19.01
C GLY A 20 2.73 4.42 18.69
N SER A 21 3.30 4.83 17.54
CA SER A 21 3.61 6.17 17.00
C SER A 21 5.07 6.30 16.52
N GLU A 22 5.96 5.39 16.91
CA GLU A 22 7.40 5.67 16.95
C GLU A 22 8.19 5.36 15.68
N GLY A 23 9.39 5.96 15.63
CA GLY A 23 10.48 5.74 14.68
C GLY A 23 11.81 5.50 15.41
N SER A 24 11.81 4.61 16.43
CA SER A 24 12.81 4.57 17.50
C SER A 24 13.61 3.26 17.62
N THR A 25 12.94 2.12 17.38
CA THR A 25 13.15 0.75 17.92
C THR A 25 11.81 0.07 18.20
N GLN A 26 10.76 0.88 18.34
CA GLN A 26 9.42 0.64 17.82
C GLN A 26 9.26 1.65 16.65
N THR A 27 8.68 1.34 15.50
CA THR A 27 9.28 0.60 14.34
C THR A 27 9.15 -0.91 14.38
N LEU A 28 8.85 -1.52 13.22
CA LEU A 28 8.96 -2.96 12.99
C LEU A 28 10.43 -3.41 12.97
N THR A 29 11.09 -3.34 14.13
CA THR A 29 12.20 -4.24 14.47
C THR A 29 11.73 -5.69 14.35
N LYS A 30 12.68 -6.58 14.11
CA LYS A 30 12.58 -8.04 14.05
C LYS A 30 11.60 -8.66 15.07
N GLY A 31 11.54 -8.11 16.28
CA GLY A 31 10.64 -8.54 17.37
C GLY A 31 9.26 -7.87 17.42
N GLU A 32 9.14 -6.57 17.06
CA GLU A 32 7.84 -5.90 16.93
C GLU A 32 7.09 -6.44 15.71
N LEU A 33 7.79 -6.53 14.58
CA LEU A 33 7.33 -7.12 13.35
C LEU A 33 6.62 -8.44 13.64
N LYS A 34 7.30 -9.33 14.37
CA LYS A 34 6.87 -10.66 14.76
C LYS A 34 5.51 -10.66 15.49
N VAL A 35 5.34 -9.89 16.59
CA VAL A 35 4.08 -9.83 17.37
C VAL A 35 2.91 -9.13 16.65
N LEU A 36 3.17 -8.48 15.52
CA LEU A 36 2.17 -8.03 14.56
C LEU A 36 1.71 -9.17 13.63
N MET A 37 2.53 -10.19 13.35
CA MET A 37 2.32 -11.04 12.18
C MET A 37 1.47 -12.29 12.41
N GLU A 38 1.34 -12.84 13.63
CA GLU A 38 0.32 -13.88 13.89
C GLU A 38 -1.10 -13.28 13.85
N LYS A 39 -1.19 -11.97 14.03
CA LYS A 39 -2.41 -11.17 14.11
C LYS A 39 -2.78 -10.63 12.71
N GLU A 40 -1.87 -9.86 12.12
CA GLU A 40 -2.12 -9.01 10.96
C GLU A 40 -1.46 -9.50 9.67
N LEU A 41 -0.66 -10.58 9.73
CA LEU A 41 -0.12 -11.27 8.55
C LEU A 41 -0.16 -12.84 8.63
N PRO A 42 -1.19 -13.52 9.20
CA PRO A 42 -1.30 -14.97 9.12
C PRO A 42 -1.11 -15.51 7.69
N GLY A 43 -0.29 -16.56 7.57
CA GLY A 43 0.16 -17.15 6.32
C GLY A 43 1.61 -16.82 5.96
N PHE A 44 2.18 -15.68 6.44
CA PHE A 44 3.64 -15.52 6.50
C PHE A 44 4.28 -16.34 7.64
N LEU A 45 3.47 -16.80 8.59
CA LEU A 45 3.86 -17.53 9.79
C LEU A 45 4.18 -19.02 9.55
N GLN A 46 4.12 -19.45 8.29
CA GLN A 46 4.80 -20.65 7.80
C GLN A 46 6.33 -20.54 7.99
N SER A 47 6.87 -19.32 7.99
CA SER A 47 8.14 -19.00 8.63
C SER A 47 7.95 -18.77 10.13
N GLY A 48 7.36 -17.63 10.54
CA GLY A 48 7.15 -17.17 11.93
C GLY A 48 8.42 -16.94 12.78
N LYS A 49 9.52 -17.53 12.32
CA LYS A 49 10.85 -17.65 12.90
C LYS A 49 11.80 -16.72 12.16
N ASP A 50 12.16 -15.63 12.83
CA ASP A 50 13.12 -14.56 12.51
C ASP A 50 14.56 -15.04 12.24
N LYS A 51 14.76 -16.32 11.90
CA LYS A 51 16.00 -16.93 11.44
C LYS A 51 15.92 -17.36 9.96
N ASP A 52 14.72 -17.34 9.36
CA ASP A 52 14.53 -17.35 7.90
C ASP A 52 13.80 -16.07 7.47
N ALA A 53 12.50 -16.09 7.15
CA ALA A 53 11.65 -14.90 7.02
C ALA A 53 11.24 -14.34 8.40
N VAL A 54 10.18 -13.51 8.47
CA VAL A 54 9.94 -12.48 9.52
C VAL A 54 11.07 -11.44 9.48
N ASP A 55 12.30 -11.89 9.68
CA ASP A 55 13.53 -11.20 9.31
C ASP A 55 13.57 -10.81 7.81
N LYS A 56 13.07 -11.66 6.89
CA LYS A 56 12.87 -11.32 5.45
C LYS A 56 11.49 -10.75 5.12
N LEU A 57 10.66 -10.43 6.12
CA LEU A 57 9.77 -9.29 5.94
C LEU A 57 10.64 -8.05 6.17
N LEU A 58 11.16 -7.85 7.41
CA LEU A 58 12.04 -6.74 7.79
C LEU A 58 13.00 -6.36 6.65
N LYS A 59 13.92 -7.25 6.25
CA LYS A 59 14.98 -7.04 5.25
C LYS A 59 14.53 -6.53 3.88
N ASP A 60 13.25 -6.71 3.52
CA ASP A 60 12.69 -6.20 2.27
C ASP A 60 12.23 -4.73 2.41
N LEU A 61 11.59 -4.38 3.54
CA LEU A 61 11.08 -3.02 3.80
C LEU A 61 12.16 -2.09 4.40
N ASP A 62 13.06 -2.66 5.21
CA ASP A 62 14.38 -2.20 5.67
C ASP A 62 15.14 -1.35 4.65
N ALA A 63 15.08 -1.73 3.37
CA ALA A 63 15.66 -1.00 2.24
C ALA A 63 15.27 0.48 2.16
N ASN A 64 14.10 0.87 2.68
CA ASN A 64 13.62 2.26 2.68
C ASN A 64 14.06 3.05 3.93
N GLY A 65 14.87 2.48 4.84
CA GLY A 65 15.38 3.16 6.03
C GLY A 65 16.69 2.62 6.63
N ASP A 66 16.61 1.43 7.23
CA ASP A 66 17.66 0.86 8.10
C ASP A 66 17.52 -0.67 8.22
N ALA A 67 16.44 -1.10 8.90
CA ALA A 67 16.14 -2.41 9.47
C ALA A 67 15.04 -2.25 10.52
N GLN A 68 15.19 -1.26 11.42
CA GLN A 68 14.09 -0.76 12.24
C GLN A 68 13.12 0.06 11.39
N VAL A 69 12.28 -0.67 10.66
CA VAL A 69 11.26 -0.23 9.70
C VAL A 69 10.35 0.86 10.27
N ASP A 70 10.32 2.02 9.59
CA ASP A 70 9.37 3.11 9.85
C ASP A 70 8.06 3.01 9.02
N PHE A 71 7.08 3.87 9.30
CA PHE A 71 5.76 3.93 8.65
C PHE A 71 5.83 3.92 7.12
N SER A 72 6.73 4.72 6.53
CA SER A 72 6.99 4.85 5.10
C SER A 72 7.65 3.60 4.47
N GLU A 73 8.13 2.68 5.30
CA GLU A 73 8.95 1.54 4.93
C GLU A 73 8.06 0.29 5.03
N PHE A 74 7.32 0.19 6.13
CA PHE A 74 6.13 -0.61 6.31
C PHE A 74 5.14 -0.43 5.15
N ILE A 75 4.60 0.79 4.94
CA ILE A 75 3.40 1.00 4.11
C ILE A 75 3.58 0.56 2.65
N VAL A 76 4.75 0.85 2.08
CA VAL A 76 5.16 0.44 0.73
C VAL A 76 5.08 -1.07 0.57
N PHE A 77 5.61 -1.83 1.54
CA PHE A 77 5.59 -3.28 1.49
C PHE A 77 4.30 -3.90 2.01
N VAL A 78 3.53 -3.20 2.82
CA VAL A 78 2.14 -3.58 3.14
C VAL A 78 1.37 -3.75 1.83
N ALA A 79 1.49 -2.80 0.89
CA ALA A 79 0.98 -2.97 -0.48
C ALA A 79 1.66 -4.04 -1.36
N ALA A 80 2.73 -4.69 -0.91
CA ALA A 80 3.19 -5.98 -1.45
C ALA A 80 2.52 -7.15 -0.71
N ILE A 81 2.47 -7.10 0.63
CA ILE A 81 1.90 -8.08 1.57
C ILE A 81 0.45 -8.46 1.21
N THR A 82 -0.38 -7.50 0.79
CA THR A 82 -1.72 -7.77 0.24
C THR A 82 -1.73 -8.87 -0.83
N SER A 83 -0.71 -8.91 -1.69
CA SER A 83 -0.47 -10.00 -2.64
C SER A 83 0.38 -11.12 -1.99
N ALA A 84 1.42 -10.77 -1.24
CA ALA A 84 2.50 -11.65 -0.83
C ALA A 84 2.25 -12.49 0.44
N SER A 85 1.27 -12.17 1.31
CA SER A 85 0.76 -13.11 2.30
C SER A 85 0.10 -14.27 1.57
N HIS A 86 -0.96 -13.93 0.83
CA HIS A 86 -1.84 -14.80 0.06
C HIS A 86 -1.10 -15.64 -0.98
N LYS A 87 -0.17 -15.02 -1.73
CA LYS A 87 0.61 -15.55 -2.88
C LYS A 87 -0.24 -15.98 -4.09
N TYR A 88 -1.52 -16.28 -3.83
CA TYR A 88 -2.75 -16.21 -4.62
C TYR A 88 -4.02 -16.63 -3.82
N PHE A 89 -3.88 -17.16 -2.59
CA PHE A 89 -4.89 -17.70 -1.66
C PHE A 89 -6.00 -18.64 -2.16
N GLU A 90 -5.97 -19.00 -3.46
CA GLU A 90 -6.18 -20.37 -3.94
C GLU A 90 -4.90 -21.24 -3.79
N LYS A 91 -3.90 -20.75 -3.05
CA LYS A 91 -2.50 -21.20 -2.99
C LYS A 91 -2.04 -21.39 -1.54
N THR A 92 -1.56 -20.34 -0.86
CA THR A 92 -1.62 -20.32 0.61
C THR A 92 -3.07 -20.01 0.99
N GLY A 93 -3.90 -21.06 1.00
CA GLY A 93 -5.36 -21.00 1.09
C GLY A 93 -5.84 -20.55 2.47
N LEU A 94 -5.61 -19.27 2.80
CA LEU A 94 -5.65 -18.66 4.14
C LEU A 94 -4.65 -19.30 5.16
N LYS A 95 -3.98 -20.39 4.77
CA LYS A 95 -3.00 -21.19 5.53
C LYS A 95 -1.56 -20.81 5.23
N MET B 1 -8.40 -11.83 4.40
CA MET B 1 -7.54 -10.68 4.73
C MET B 1 -7.65 -10.34 6.22
N THR B 2 -6.53 -9.92 6.81
CA THR B 2 -6.32 -9.45 8.20
C THR B 2 -6.84 -8.03 8.42
N GLU B 3 -6.60 -7.30 9.53
CA GLU B 3 -7.05 -5.89 9.59
C GLU B 3 -6.17 -4.99 8.72
N LEU B 4 -4.84 -5.21 8.79
CA LEU B 4 -3.84 -4.65 7.88
C LEU B 4 -4.23 -4.90 6.41
N GLU B 5 -4.54 -6.15 6.07
CA GLU B 5 -4.94 -6.50 4.70
C GLU B 5 -6.40 -6.15 4.38
N ALA B 6 -7.30 -5.96 5.36
CA ALA B 6 -8.68 -5.52 5.14
C ALA B 6 -8.74 -4.03 4.85
N ALA B 7 -7.93 -3.22 5.54
CA ALA B 7 -7.72 -1.83 5.15
C ALA B 7 -7.15 -1.76 3.72
N MET B 8 -6.24 -2.67 3.32
CA MET B 8 -5.87 -2.81 1.91
C MET B 8 -6.97 -3.35 1.01
N GLY B 9 -7.81 -4.26 1.52
CA GLY B 9 -9.12 -4.57 0.97
C GLY B 9 -9.90 -3.30 0.64
N MET B 10 -9.84 -2.26 1.47
CA MET B 10 -10.46 -0.96 1.18
C MET B 10 -9.76 -0.14 0.08
N ILE B 11 -8.44 -0.28 -0.21
CA ILE B 11 -7.83 0.38 -1.39
C ILE B 11 -7.89 -0.48 -2.66
N ILE B 12 -7.89 -1.81 -2.54
CA ILE B 12 -8.36 -2.71 -3.60
C ILE B 12 -9.84 -2.41 -3.90
N ASP B 13 -10.67 -2.12 -2.89
CA ASP B 13 -12.08 -1.74 -3.09
C ASP B 13 -12.29 -0.24 -3.38
N VAL B 14 -11.31 0.62 -3.14
CA VAL B 14 -11.25 1.96 -3.74
C VAL B 14 -10.91 1.86 -5.24
N PHE B 15 -10.10 0.87 -5.63
CA PHE B 15 -9.83 0.53 -7.03
C PHE B 15 -11.03 -0.16 -7.72
N SER B 16 -11.74 -1.06 -7.02
CA SER B 16 -12.97 -1.79 -7.38
C SER B 16 -14.05 -0.94 -8.05
N ARG B 17 -14.15 0.32 -7.59
CA ARG B 17 -14.96 1.43 -8.13
C ARG B 17 -14.79 1.64 -9.64
N TYR B 18 -13.63 1.27 -10.18
CA TYR B 18 -13.24 1.42 -11.58
C TYR B 18 -12.67 0.11 -12.15
N SER B 19 -11.65 -0.50 -11.52
CA SER B 19 -10.96 -1.68 -12.07
C SER B 19 -10.51 -2.76 -11.08
N GLY B 20 -10.74 -2.63 -9.76
CA GLY B 20 -10.70 -3.82 -8.89
C GLY B 20 -11.79 -4.85 -9.28
N SER B 21 -12.73 -4.40 -10.12
CA SER B 21 -13.76 -5.17 -10.81
C SER B 21 -13.36 -5.65 -12.22
N GLU B 22 -12.29 -5.12 -12.85
CA GLU B 22 -12.11 -5.17 -14.31
C GLU B 22 -10.64 -5.07 -14.80
N GLY B 23 -10.33 -5.76 -15.90
CA GLY B 23 -9.00 -5.85 -16.52
C GLY B 23 -9.06 -5.86 -18.05
N SER B 24 -9.67 -4.83 -18.65
CA SER B 24 -10.38 -4.90 -19.93
C SER B 24 -10.16 -3.72 -20.90
N THR B 25 -9.94 -2.51 -20.37
CA THR B 25 -10.19 -1.14 -20.93
C THR B 25 -10.76 -0.22 -19.85
N GLN B 26 -11.37 -0.84 -18.85
CA GLN B 26 -11.30 -0.50 -17.44
C GLN B 26 -10.46 -1.65 -16.84
N THR B 27 -9.40 -1.53 -16.06
CA THR B 27 -8.13 -0.80 -16.17
C THR B 27 -8.19 0.72 -16.15
N LEU B 28 -7.41 1.33 -15.26
CA LEU B 28 -7.14 2.76 -15.24
C LEU B 28 -6.21 3.14 -16.42
N THR B 29 -6.76 2.99 -17.64
CA THR B 29 -6.49 3.87 -18.77
C THR B 29 -6.70 5.30 -18.31
N LYS B 30 -5.88 6.20 -18.85
CA LYS B 30 -5.82 7.63 -18.60
C LYS B 30 -7.20 8.31 -18.46
N GLY B 31 -8.14 7.94 -19.33
CA GLY B 31 -9.51 8.49 -19.37
C GLY B 31 -10.45 7.95 -18.28
N GLU B 32 -10.21 6.75 -17.75
CA GLU B 32 -10.86 6.22 -16.55
C GLU B 32 -10.17 6.83 -15.31
N LEU B 33 -8.84 6.69 -15.26
CA LEU B 33 -7.94 7.10 -14.19
C LEU B 33 -8.29 8.48 -13.65
N LYS B 34 -8.36 9.51 -14.51
CA LYS B 34 -8.63 10.89 -14.09
C LYS B 34 -9.88 11.03 -13.19
N VAL B 35 -10.95 10.28 -13.48
CA VAL B 35 -12.25 10.40 -12.81
C VAL B 35 -12.19 9.91 -11.36
N LEU B 36 -11.16 9.12 -11.02
CA LEU B 36 -10.78 8.73 -9.66
C LEU B 36 -9.92 9.81 -8.98
N MET B 37 -8.95 10.36 -9.70
CA MET B 37 -7.89 11.22 -9.16
C MET B 37 -8.39 12.59 -8.71
N GLU B 38 -9.38 13.14 -9.43
CA GLU B 38 -10.14 14.34 -9.06
C GLU B 38 -10.77 14.25 -7.66
N LYS B 39 -10.89 13.02 -7.13
CA LYS B 39 -11.63 12.65 -5.93
C LYS B 39 -10.65 12.11 -4.86
N GLU B 40 -9.76 11.22 -5.26
CA GLU B 40 -8.84 10.49 -4.38
C GLU B 40 -7.40 11.00 -4.35
N LEU B 41 -7.00 11.87 -5.30
CA LEU B 41 -5.68 12.49 -5.38
C LEU B 41 -5.68 14.03 -5.62
N PRO B 42 -6.63 14.84 -5.10
CA PRO B 42 -6.48 16.29 -4.95
C PRO B 42 -5.07 16.75 -4.60
N GLY B 43 -4.40 17.42 -5.54
CA GLY B 43 -3.00 17.85 -5.46
C GLY B 43 -2.15 17.39 -6.65
N PHE B 44 -2.32 16.14 -7.11
CA PHE B 44 -1.77 15.71 -8.41
C PHE B 44 -2.47 16.42 -9.59
N LEU B 45 -3.67 16.91 -9.31
CA LEU B 45 -4.55 17.70 -10.18
C LEU B 45 -4.02 19.12 -10.45
N GLN B 46 -2.87 19.50 -9.85
CA GLN B 46 -2.08 20.67 -10.29
C GLN B 46 -1.76 20.62 -11.80
N SER B 47 -1.55 19.41 -12.32
CA SER B 47 -1.47 19.12 -13.75
C SER B 47 -2.70 18.36 -14.22
N GLY B 48 -3.12 17.31 -13.50
CA GLY B 48 -4.31 16.53 -13.83
C GLY B 48 -4.31 15.90 -15.24
N LYS B 49 -3.12 15.69 -15.83
CA LYS B 49 -2.95 15.63 -17.29
C LYS B 49 -2.29 14.36 -17.84
N ASP B 50 -2.53 14.23 -19.15
CA ASP B 50 -2.03 13.28 -20.14
C ASP B 50 -0.51 13.29 -20.37
N LYS B 51 0.23 14.25 -19.80
CA LYS B 51 1.68 14.40 -19.96
C LYS B 51 2.46 14.17 -18.66
N ASP B 52 1.88 14.55 -17.52
CA ASP B 52 2.64 14.92 -16.32
C ASP B 52 1.95 14.62 -14.97
N ALA B 53 0.72 14.07 -14.93
CA ALA B 53 0.13 13.60 -13.66
C ALA B 53 -0.75 12.35 -13.80
N VAL B 54 -1.90 12.46 -14.47
CA VAL B 54 -2.78 11.30 -14.78
C VAL B 54 -1.99 10.26 -15.58
N ASP B 55 -1.13 10.72 -16.49
CA ASP B 55 -0.15 9.90 -17.20
C ASP B 55 0.90 9.23 -16.30
N LYS B 56 1.23 9.79 -15.13
CA LYS B 56 2.24 9.24 -14.20
C LYS B 56 1.63 8.29 -13.20
N LEU B 57 0.44 8.63 -12.68
CA LEU B 57 -0.44 7.71 -11.97
C LEU B 57 -0.90 6.52 -12.83
N LEU B 58 -0.59 6.56 -14.12
CA LEU B 58 -0.51 5.44 -15.03
C LEU B 58 0.97 4.95 -15.04
N LYS B 59 1.88 5.61 -15.78
CA LYS B 59 3.23 5.12 -16.11
C LYS B 59 4.04 4.56 -14.95
N ASP B 60 4.01 5.17 -13.77
CA ASP B 60 4.79 4.75 -12.60
C ASP B 60 4.40 3.35 -12.13
N LEU B 61 3.10 3.01 -12.19
CA LEU B 61 2.53 1.73 -11.76
C LEU B 61 2.38 0.75 -12.94
N ASP B 62 1.89 1.25 -14.07
CA ASP B 62 1.77 0.53 -15.34
C ASP B 62 3.13 0.04 -15.89
N ALA B 63 4.24 0.39 -15.24
CA ALA B 63 5.52 -0.32 -15.35
C ALA B 63 5.40 -1.84 -15.14
N ASN B 64 4.37 -2.31 -14.41
CA ASN B 64 4.01 -3.72 -14.28
C ASN B 64 3.20 -4.27 -15.49
N GLY B 65 2.63 -3.40 -16.34
CA GLY B 65 1.70 -3.74 -17.43
C GLY B 65 2.08 -3.05 -18.74
N ASP B 66 1.48 -1.90 -19.07
CA ASP B 66 1.89 -1.03 -20.18
C ASP B 66 1.36 0.40 -19.99
N ALA B 67 0.08 0.62 -20.31
CA ALA B 67 -0.63 1.90 -20.21
C ALA B 67 -2.11 1.72 -19.84
N GLN B 68 -2.45 0.60 -19.19
CA GLN B 68 -3.77 0.27 -18.66
C GLN B 68 -3.69 -0.40 -17.27
N VAL B 69 -3.44 0.42 -16.23
CA VAL B 69 -3.25 0.05 -14.82
C VAL B 69 -4.22 -1.03 -14.30
N ASP B 70 -3.65 -2.13 -13.77
CA ASP B 70 -4.31 -3.20 -13.00
C ASP B 70 -4.23 -2.99 -11.47
N PHE B 71 -5.01 -3.78 -10.69
CA PHE B 71 -5.07 -3.70 -9.23
C PHE B 71 -3.73 -3.96 -8.55
N SER B 72 -2.92 -4.91 -9.05
CA SER B 72 -1.61 -5.24 -8.48
C SER B 72 -0.54 -4.20 -8.81
N GLU B 73 -0.91 -3.15 -9.53
CA GLU B 73 -0.07 -2.04 -9.99
C GLU B 73 -0.50 -0.79 -9.24
N PHE B 74 -1.82 -0.54 -9.26
CA PHE B 74 -2.49 0.43 -8.42
C PHE B 74 -2.12 0.24 -6.95
N ILE B 75 -2.39 -0.92 -6.33
CA ILE B 75 -2.20 -1.10 -4.89
C ILE B 75 -0.76 -0.79 -4.42
N VAL B 76 0.25 -1.19 -5.21
CA VAL B 76 1.67 -0.92 -4.95
C VAL B 76 1.91 0.60 -4.91
N PHE B 77 1.47 1.31 -5.94
CA PHE B 77 1.69 2.76 -6.02
C PHE B 77 0.70 3.59 -5.21
N VAL B 78 -0.45 3.05 -4.81
CA VAL B 78 -1.29 3.58 -3.74
C VAL B 78 -0.42 3.80 -2.49
N ALA B 79 0.35 2.80 -2.06
CA ALA B 79 1.34 3.00 -0.99
C ALA B 79 2.50 3.95 -1.33
N ALA B 80 2.74 4.25 -2.61
CA ALA B 80 3.57 5.37 -3.05
C ALA B 80 2.84 6.73 -3.02
N ILE B 81 1.49 6.77 -3.01
CA ILE B 81 0.67 8.00 -2.92
C ILE B 81 0.58 8.48 -1.48
N THR B 82 0.30 7.59 -0.51
CA THR B 82 0.56 7.95 0.90
C THR B 82 2.00 8.39 1.05
N SER B 83 2.96 7.67 0.44
CA SER B 83 4.38 8.07 0.44
C SER B 83 4.65 9.39 -0.32
N ALA B 84 3.71 9.92 -1.12
CA ALA B 84 3.78 11.24 -1.74
C ALA B 84 3.20 12.32 -0.82
N SER B 85 2.07 12.05 -0.13
CA SER B 85 1.63 12.87 1.01
C SER B 85 2.71 12.95 2.09
N HIS B 86 3.38 11.82 2.38
CA HIS B 86 4.59 11.76 3.18
C HIS B 86 5.69 12.62 2.56
N LYS B 87 6.09 12.35 1.30
CA LYS B 87 7.44 12.56 0.73
C LYS B 87 8.48 11.63 1.38
N TYR B 88 8.54 11.62 2.72
CA TYR B 88 9.12 10.53 3.52
C TYR B 88 8.43 10.36 4.89
N PHE B 89 7.91 11.45 5.48
CA PHE B 89 6.92 11.61 6.57
C PHE B 89 7.53 12.23 7.83
N GLU B 90 7.41 13.57 7.96
CA GLU B 90 8.06 14.40 8.99
C GLU B 90 9.59 14.38 8.87
N LYS B 91 10.21 13.21 9.11
CA LYS B 91 11.47 12.68 8.53
C LYS B 91 11.90 13.44 7.28
N THR B 92 11.01 13.43 6.29
CA THR B 92 10.85 14.48 5.30
C THR B 92 9.36 14.65 5.02
N GLY B 93 8.74 15.68 5.62
CA GLY B 93 7.38 16.12 5.25
C GLY B 93 7.36 17.07 4.05
N LEU B 94 8.56 17.48 3.60
CA LEU B 94 9.01 18.54 2.66
C LEU B 94 10.29 19.19 3.21
N LYS B 95 10.45 19.17 4.55
CA LYS B 95 11.70 19.29 5.32
C LYS B 95 12.71 18.23 4.89
N MET A 1 -6.51 13.30 3.97
CA MET A 1 -7.09 11.97 3.67
C MET A 1 -8.09 12.06 2.51
N THR A 2 -8.33 10.92 1.90
CA THR A 2 -9.20 10.60 0.75
C THR A 2 -9.70 9.16 0.98
N GLU A 3 -10.47 8.53 0.06
CA GLU A 3 -10.85 7.11 0.25
C GLU A 3 -9.62 6.19 0.44
N LEU A 4 -8.63 6.23 -0.48
CA LEU A 4 -7.41 5.43 -0.31
C LEU A 4 -6.53 5.88 0.86
N GLU A 5 -6.44 7.19 1.12
CA GLU A 5 -5.58 7.67 2.18
C GLU A 5 -6.17 7.45 3.57
N ALA A 6 -7.50 7.42 3.73
CA ALA A 6 -8.15 6.99 4.96
C ALA A 6 -7.81 5.53 5.27
N ALA A 7 -7.93 4.65 4.26
CA ALA A 7 -7.54 3.25 4.37
C ALA A 7 -6.05 3.07 4.66
N MET A 8 -5.14 3.73 3.92
CA MET A 8 -3.70 3.69 4.25
C MET A 8 -3.39 4.29 5.61
N GLY A 9 -4.15 5.32 6.02
CA GLY A 9 -4.26 5.77 7.40
C GLY A 9 -4.37 4.61 8.38
N MET A 10 -5.13 3.54 8.08
CA MET A 10 -5.31 2.36 8.93
C MET A 10 -4.11 1.39 8.96
N ILE A 11 -3.19 1.41 7.99
CA ILE A 11 -1.97 0.57 8.02
C ILE A 11 -0.71 1.36 8.37
N ILE A 12 -0.69 2.67 8.12
CA ILE A 12 0.07 3.60 8.96
C ILE A 12 -0.47 3.50 10.42
N ASP A 13 -1.75 3.14 10.63
CA ASP A 13 -2.27 2.86 11.97
C ASP A 13 -1.80 1.53 12.52
N VAL A 14 -1.75 0.41 11.77
CA VAL A 14 -1.11 -0.82 12.33
C VAL A 14 0.37 -0.57 12.67
N PHE A 15 1.09 0.24 11.90
CA PHE A 15 2.39 0.78 12.30
C PHE A 15 2.28 1.60 13.59
N SER A 16 1.29 2.49 13.70
CA SER A 16 0.98 3.28 14.90
C SER A 16 0.57 2.43 16.12
N ARG A 17 0.04 1.20 15.96
CA ARG A 17 -0.14 0.25 17.07
C ARG A 17 1.22 -0.27 17.54
N TYR A 18 2.09 -0.65 16.60
CA TYR A 18 3.20 -1.57 16.88
C TYR A 18 4.59 -0.92 16.95
N SER A 19 4.81 0.24 16.32
CA SER A 19 5.77 1.24 16.81
C SER A 19 5.22 2.02 18.01
N GLY A 20 3.93 1.84 18.34
CA GLY A 20 3.17 2.71 19.25
C GLY A 20 2.96 4.13 18.73
N SER A 21 3.34 4.39 17.47
CA SER A 21 3.52 5.62 16.69
C SER A 21 4.99 5.67 16.26
N GLU A 22 5.89 5.77 17.24
CA GLU A 22 7.35 5.85 17.14
C GLU A 22 7.96 5.77 18.56
N GLY A 23 9.29 5.79 18.68
CA GLY A 23 10.01 5.61 19.96
C GLY A 23 11.08 4.51 19.89
N SER A 24 10.86 3.49 19.05
CA SER A 24 11.85 2.56 18.49
C SER A 24 13.01 3.28 17.78
N THR A 25 12.71 4.50 17.35
CA THR A 25 13.33 5.53 16.51
C THR A 25 12.10 6.16 15.85
N GLN A 26 11.79 5.88 14.59
CA GLN A 26 10.44 6.00 14.00
C GLN A 26 10.04 4.65 13.34
N THR A 27 10.36 3.54 14.02
CA THR A 27 10.60 2.22 13.40
C THR A 27 9.82 1.05 14.02
N LEU A 28 9.90 -0.10 13.35
CA LEU A 28 9.67 -1.48 13.81
C LEU A 28 11.03 -2.19 13.89
N THR A 29 11.53 -2.51 15.09
CA THR A 29 12.58 -3.54 15.22
C THR A 29 12.01 -4.95 15.05
N LYS A 30 12.87 -5.94 14.77
CA LYS A 30 12.53 -7.36 14.56
C LYS A 30 11.69 -7.97 15.69
N GLY A 31 11.93 -7.53 16.93
CA GLY A 31 11.22 -7.96 18.14
C GLY A 31 9.92 -7.20 18.44
N GLU A 32 9.68 -6.08 17.74
CA GLU A 32 8.55 -5.15 17.88
C GLU A 32 7.52 -5.45 16.77
N LEU A 33 8.05 -5.66 15.56
CA LEU A 33 7.41 -6.23 14.38
C LEU A 33 6.63 -7.53 14.64
N LYS A 34 6.93 -8.35 15.66
CA LYS A 34 6.43 -9.73 15.72
C LYS A 34 4.95 -9.87 16.14
N VAL A 35 4.49 -9.14 17.15
CA VAL A 35 3.10 -9.24 17.69
C VAL A 35 2.07 -8.59 16.75
N LEU A 36 2.56 -7.85 15.74
CA LEU A 36 1.88 -7.41 14.54
C LEU A 36 1.67 -8.56 13.54
N MET A 37 2.53 -9.57 13.48
CA MET A 37 2.51 -10.60 12.43
C MET A 37 1.35 -11.58 12.64
N GLU A 38 1.17 -12.10 13.86
CA GLU A 38 0.14 -13.07 14.33
C GLU A 38 -1.31 -12.65 14.06
N LYS A 39 -1.48 -11.43 13.55
CA LYS A 39 -2.57 -10.50 13.73
C LYS A 39 -2.83 -9.79 12.40
N GLU A 40 -1.80 -9.20 11.80
CA GLU A 40 -1.89 -8.45 10.55
C GLU A 40 -1.37 -9.18 9.31
N LEU A 41 -0.50 -10.20 9.41
CA LEU A 41 -0.23 -11.12 8.30
C LEU A 41 0.10 -12.57 8.72
N PRO A 42 -0.89 -13.32 9.26
CA PRO A 42 -0.86 -14.77 9.52
C PRO A 42 -0.27 -15.74 8.45
N GLY A 43 0.10 -15.28 7.26
CA GLY A 43 0.69 -16.08 6.18
C GLY A 43 2.22 -16.23 6.24
N PHE A 44 2.86 -15.67 7.27
CA PHE A 44 4.31 -15.80 7.53
C PHE A 44 4.60 -16.49 8.89
N LEU A 45 3.54 -17.00 9.54
CA LEU A 45 3.52 -17.48 10.93
C LEU A 45 3.74 -19.00 11.03
N GLN A 46 3.60 -19.68 9.89
CA GLN A 46 3.94 -21.08 9.67
C GLN A 46 5.46 -21.31 9.84
N SER A 47 6.25 -20.24 9.66
CA SER A 47 7.56 -20.05 10.28
C SER A 47 7.42 -19.29 11.61
N GLY A 48 7.06 -18.00 11.56
CA GLY A 48 6.65 -17.20 12.73
C GLY A 48 7.73 -16.79 13.73
N LYS A 49 8.97 -17.30 13.64
CA LYS A 49 10.11 -16.77 14.43
C LYS A 49 11.48 -17.03 13.81
N ASP A 50 11.90 -18.31 13.78
CA ASP A 50 13.08 -19.02 13.25
C ASP A 50 14.45 -18.31 13.13
N LYS A 51 14.58 -17.08 13.65
CA LYS A 51 15.53 -16.02 13.24
C LYS A 51 15.25 -15.50 11.82
N ASP A 52 14.18 -15.98 11.17
CA ASP A 52 13.80 -15.78 9.77
C ASP A 52 12.32 -15.29 9.65
N ALA A 53 11.72 -15.26 8.45
CA ALA A 53 10.32 -14.90 8.09
C ALA A 53 9.74 -13.60 8.70
N VAL A 54 9.55 -13.54 10.02
CA VAL A 54 9.54 -12.32 10.85
C VAL A 54 10.72 -11.41 10.44
N ASP A 55 11.88 -12.02 10.19
CA ASP A 55 13.06 -11.37 9.61
C ASP A 55 12.88 -10.87 8.16
N LYS A 56 12.01 -11.47 7.34
CA LYS A 56 11.86 -11.12 5.91
C LYS A 56 10.78 -10.06 5.69
N LEU A 57 9.75 -10.08 6.55
CA LEU A 57 8.88 -8.92 6.84
C LEU A 57 9.63 -7.73 7.46
N LEU A 58 10.95 -7.87 7.62
CA LEU A 58 11.92 -6.81 7.87
C LEU A 58 12.84 -6.67 6.64
N LYS A 59 13.71 -7.65 6.35
CA LYS A 59 14.76 -7.66 5.31
C LYS A 59 14.31 -7.25 3.92
N ASP A 60 13.04 -7.48 3.53
CA ASP A 60 12.52 -7.05 2.24
C ASP A 60 12.30 -5.52 2.18
N LEU A 61 11.85 -4.92 3.30
CA LEU A 61 11.49 -3.51 3.43
C LEU A 61 12.69 -2.65 3.89
N ASP A 62 13.47 -3.18 4.83
CA ASP A 62 14.79 -2.82 5.36
C ASP A 62 15.74 -2.09 4.39
N ALA A 63 15.67 -2.40 3.09
CA ALA A 63 16.35 -1.67 2.00
C ALA A 63 16.01 -0.17 1.92
N ASN A 64 14.87 0.27 2.48
CA ASN A 64 14.39 1.65 2.51
C ASN A 64 14.94 2.41 3.74
N GLY A 65 15.61 1.75 4.71
CA GLY A 65 16.18 2.44 5.88
C GLY A 65 17.34 1.69 6.52
N ASP A 66 17.05 0.64 7.29
CA ASP A 66 18.04 -0.04 8.15
C ASP A 66 17.81 -1.56 8.28
N ALA A 67 16.66 -1.91 8.86
CA ALA A 67 16.30 -3.16 9.56
C ALA A 67 15.31 -2.81 10.67
N GLN A 68 15.67 -1.86 11.53
CA GLN A 68 14.66 -1.05 12.22
C GLN A 68 13.86 -0.28 11.16
N VAL A 69 12.66 -0.79 10.86
CA VAL A 69 11.86 -0.51 9.67
C VAL A 69 10.95 0.71 9.90
N ASP A 70 11.28 1.83 9.27
CA ASP A 70 10.48 3.07 9.23
C ASP A 70 9.09 2.86 8.58
N PHE A 71 8.16 3.80 8.83
CA PHE A 71 6.78 3.75 8.32
C PHE A 71 6.73 3.66 6.78
N SER A 72 7.68 4.30 6.08
CA SER A 72 7.78 4.27 4.61
C SER A 72 8.11 2.87 4.12
N GLU A 73 9.17 2.26 4.67
CA GLU A 73 9.57 0.87 4.43
C GLU A 73 8.38 -0.06 4.66
N PHE A 74 7.75 0.09 5.83
CA PHE A 74 6.56 -0.66 6.19
C PHE A 74 5.43 -0.48 5.18
N ILE A 75 4.88 0.72 5.02
CA ILE A 75 3.69 0.95 4.19
C ILE A 75 3.88 0.54 2.72
N VAL A 76 5.09 0.75 2.16
CA VAL A 76 5.47 0.26 0.83
C VAL A 76 5.31 -1.27 0.77
N PHE A 77 5.93 -2.00 1.69
CA PHE A 77 5.81 -3.46 1.71
C PHE A 77 4.50 -3.99 2.28
N VAL A 78 3.71 -3.21 3.00
CA VAL A 78 2.31 -3.54 3.32
C VAL A 78 1.54 -3.76 2.03
N ALA A 79 1.61 -2.84 1.06
CA ALA A 79 1.06 -3.09 -0.27
C ALA A 79 1.70 -4.32 -0.95
N ALA A 80 2.98 -4.60 -0.72
CA ALA A 80 3.57 -5.86 -1.14
C ALA A 80 2.98 -7.10 -0.43
N ILE A 81 2.47 -7.00 0.81
CA ILE A 81 1.85 -8.12 1.56
C ILE A 81 0.47 -8.48 0.99
N THR A 82 -0.43 -7.52 0.72
CA THR A 82 -1.68 -7.85 0.00
C THR A 82 -1.36 -8.44 -1.37
N SER A 83 -0.32 -7.92 -2.03
CA SER A 83 0.24 -8.49 -3.24
C SER A 83 0.70 -9.94 -3.00
N ALA A 84 1.44 -10.22 -1.92
CA ALA A 84 2.00 -11.53 -1.62
C ALA A 84 0.92 -12.62 -1.54
N SER A 85 -0.23 -12.29 -0.94
CA SER A 85 -1.43 -13.13 -0.86
C SER A 85 -2.04 -13.51 -2.22
N HIS A 86 -1.61 -12.88 -3.35
CA HIS A 86 -1.94 -13.34 -4.70
C HIS A 86 -1.18 -14.63 -5.10
N LYS A 87 -0.12 -14.97 -4.36
CA LYS A 87 0.75 -16.17 -4.34
C LYS A 87 1.21 -16.87 -5.64
N TYR A 88 0.84 -16.40 -6.83
CA TYR A 88 1.33 -16.93 -8.11
C TYR A 88 2.86 -16.81 -8.33
N PHE A 89 3.53 -15.89 -7.60
CA PHE A 89 4.97 -15.99 -7.30
C PHE A 89 5.27 -15.26 -5.98
N GLU A 90 6.14 -14.24 -5.99
CA GLU A 90 6.26 -13.26 -4.89
C GLU A 90 4.88 -12.69 -4.52
N LYS A 91 4.13 -12.34 -5.57
CA LYS A 91 2.76 -11.85 -5.72
C LYS A 91 2.13 -12.59 -6.90
N THR A 92 2.63 -12.28 -8.09
CA THR A 92 2.35 -12.85 -9.42
C THR A 92 3.46 -12.29 -10.33
N GLY A 93 4.51 -13.08 -10.54
CA GLY A 93 5.68 -12.66 -11.30
C GLY A 93 5.44 -12.60 -12.81
N LEU A 94 4.32 -13.19 -13.27
CA LEU A 94 3.88 -13.23 -14.67
C LEU A 94 3.00 -12.03 -15.08
N LYS A 95 2.30 -11.41 -14.10
CA LYS A 95 1.46 -10.22 -14.28
C LYS A 95 1.37 -9.50 -12.94
N MET B 1 -6.80 -12.26 4.20
CA MET B 1 -7.38 -11.05 4.79
C MET B 1 -7.15 -11.05 6.30
N THR B 2 -6.87 -9.88 6.86
CA THR B 2 -6.37 -9.55 8.21
C THR B 2 -6.87 -8.13 8.56
N GLU B 3 -6.47 -7.43 9.64
CA GLU B 3 -6.84 -5.99 9.73
C GLU B 3 -6.14 -5.19 8.61
N LEU B 4 -4.82 -5.38 8.49
CA LEU B 4 -3.96 -4.84 7.45
C LEU B 4 -4.46 -5.17 6.04
N GLU B 5 -4.81 -6.43 5.76
CA GLU B 5 -5.36 -6.82 4.45
C GLU B 5 -6.85 -6.46 4.29
N ALA B 6 -7.64 -6.29 5.34
CA ALA B 6 -9.00 -5.73 5.23
C ALA B 6 -8.96 -4.24 4.88
N ALA B 7 -8.06 -3.50 5.55
CA ALA B 7 -7.71 -2.15 5.14
C ALA B 7 -7.20 -2.14 3.68
N MET B 8 -6.31 -3.06 3.29
CA MET B 8 -5.93 -3.16 1.86
C MET B 8 -7.02 -3.65 0.92
N GLY B 9 -8.02 -4.38 1.41
CA GLY B 9 -9.31 -4.55 0.76
C GLY B 9 -9.85 -3.20 0.31
N MET B 10 -9.79 -2.15 1.15
CA MET B 10 -10.21 -0.79 0.83
C MET B 10 -9.30 -0.08 -0.19
N ILE B 11 -7.97 -0.30 -0.17
CA ILE B 11 -7.10 0.22 -1.25
C ILE B 11 -7.12 -0.61 -2.55
N ILE B 12 -7.75 -1.80 -2.52
CA ILE B 12 -8.28 -2.49 -3.70
C ILE B 12 -9.72 -2.03 -4.01
N ASP B 13 -10.46 -1.48 -3.05
CA ASP B 13 -11.85 -1.02 -3.21
C ASP B 13 -11.94 0.34 -3.93
N VAL B 14 -10.98 1.26 -3.74
CA VAL B 14 -10.81 2.43 -4.63
C VAL B 14 -10.59 2.01 -6.09
N PHE B 15 -9.85 0.92 -6.32
CA PHE B 15 -9.62 0.39 -7.66
C PHE B 15 -10.89 -0.28 -8.18
N SER B 16 -11.58 -0.98 -7.29
CA SER B 16 -12.91 -1.57 -7.46
C SER B 16 -14.04 -0.52 -7.49
N ARG B 17 -13.74 0.79 -7.43
CA ARG B 17 -14.64 1.84 -7.93
C ARG B 17 -14.62 1.81 -9.45
N TYR B 18 -13.52 2.24 -10.08
CA TYR B 18 -13.54 2.54 -11.51
C TYR B 18 -13.29 1.31 -12.40
N SER B 19 -12.37 0.42 -12.01
CA SER B 19 -12.28 -0.92 -12.63
C SER B 19 -13.41 -1.85 -12.16
N GLY B 20 -14.30 -1.37 -11.27
CA GLY B 20 -15.26 -2.06 -10.37
C GLY B 20 -16.22 -3.12 -10.93
N SER B 21 -16.11 -3.47 -12.19
CA SER B 21 -16.43 -4.80 -12.70
C SER B 21 -15.52 -5.02 -13.90
N GLU B 22 -15.67 -4.18 -14.93
CA GLU B 22 -14.55 -3.63 -15.71
C GLU B 22 -14.83 -2.14 -16.01
N GLY B 23 -13.81 -1.39 -16.44
CA GLY B 23 -13.91 -0.04 -17.02
C GLY B 23 -12.98 0.14 -18.24
N SER B 24 -12.61 -1.00 -18.81
CA SER B 24 -11.34 -1.45 -19.39
C SER B 24 -11.54 -2.96 -19.68
N THR B 25 -10.49 -3.75 -19.90
CA THR B 25 -10.49 -5.16 -19.45
C THR B 25 -9.91 -5.23 -18.02
N GLN B 26 -10.75 -4.94 -17.02
CA GLN B 26 -10.47 -4.65 -15.60
C GLN B 26 -9.04 -4.20 -15.26
N THR B 27 -8.70 -3.05 -15.83
CA THR B 27 -7.54 -2.22 -15.54
C THR B 27 -8.03 -0.80 -15.22
N LEU B 28 -7.11 0.14 -15.01
CA LEU B 28 -7.32 1.58 -15.14
C LEU B 28 -6.58 2.06 -16.39
N THR B 29 -7.31 2.23 -17.50
CA THR B 29 -6.80 3.03 -18.62
C THR B 29 -6.76 4.50 -18.22
N LYS B 30 -5.80 5.26 -18.77
CA LYS B 30 -5.56 6.68 -18.52
C LYS B 30 -6.84 7.54 -18.62
N GLY B 31 -7.74 7.18 -19.53
CA GLY B 31 -9.02 7.85 -19.76
C GLY B 31 -10.11 7.56 -18.74
N GLU B 32 -10.07 6.41 -18.04
CA GLU B 32 -10.99 6.06 -16.95
C GLU B 32 -10.44 6.61 -15.62
N LEU B 33 -9.13 6.40 -15.41
CA LEU B 33 -8.33 6.75 -14.25
C LEU B 33 -8.62 8.16 -13.73
N LYS B 34 -8.63 9.16 -14.62
CA LYS B 34 -8.82 10.58 -14.27
C LYS B 34 -10.06 10.88 -13.41
N VAL B 35 -11.21 10.25 -13.69
CA VAL B 35 -12.50 10.62 -13.08
C VAL B 35 -12.57 10.19 -11.60
N LEU B 36 -11.86 9.10 -11.28
CA LEU B 36 -11.62 8.59 -9.93
C LEU B 36 -10.71 9.54 -9.13
N MET B 37 -9.68 10.09 -9.77
CA MET B 37 -8.63 10.90 -9.13
C MET B 37 -9.16 12.20 -8.51
N GLU B 38 -10.28 12.74 -9.04
CA GLU B 38 -11.03 13.84 -8.41
C GLU B 38 -11.55 13.49 -7.01
N LYS B 39 -11.73 12.19 -6.74
CA LYS B 39 -12.49 11.65 -5.59
C LYS B 39 -11.54 11.05 -4.55
N GLU B 40 -10.52 10.30 -4.98
CA GLU B 40 -9.59 9.61 -4.09
C GLU B 40 -8.11 10.00 -4.23
N LEU B 41 -7.73 10.78 -5.26
CA LEU B 41 -6.43 11.44 -5.43
C LEU B 41 -6.42 13.00 -5.47
N PRO B 42 -7.35 13.74 -4.78
CA PRO B 42 -7.21 15.18 -4.54
C PRO B 42 -5.78 15.63 -4.23
N GLY B 43 -5.23 16.49 -5.08
CA GLY B 43 -3.87 16.99 -5.02
C GLY B 43 -3.05 16.70 -6.28
N PHE B 44 -3.17 15.50 -6.87
CA PHE B 44 -2.57 15.22 -8.18
C PHE B 44 -3.30 16.00 -9.31
N LEU B 45 -4.53 16.40 -9.02
CA LEU B 45 -5.38 17.34 -9.75
C LEU B 45 -4.83 18.78 -9.78
N GLN B 46 -3.75 19.11 -9.04
CA GLN B 46 -3.00 20.37 -9.24
C GLN B 46 -2.44 20.47 -10.67
N SER B 47 -2.15 19.32 -11.30
CA SER B 47 -2.04 19.20 -12.75
C SER B 47 -3.32 18.61 -13.32
N GLY B 48 -3.64 17.36 -12.97
CA GLY B 48 -4.81 16.63 -13.46
C GLY B 48 -4.78 16.20 -14.94
N LYS B 49 -3.78 16.65 -15.75
CA LYS B 49 -3.49 16.10 -17.09
C LYS B 49 -2.08 16.44 -17.57
N ASP B 50 -1.95 17.46 -18.42
CA ASP B 50 -0.73 18.14 -18.89
C ASP B 50 0.36 17.20 -19.45
N LYS B 51 -0.04 15.97 -19.83
CA LYS B 51 0.80 14.80 -20.16
C LYS B 51 1.63 14.25 -18.97
N ASP B 52 1.65 14.94 -17.82
CA ASP B 52 2.58 14.71 -16.71
C ASP B 52 1.91 14.61 -15.31
N ALA B 53 0.58 14.60 -15.24
CA ALA B 53 -0.18 13.86 -14.22
C ALA B 53 -1.32 13.09 -14.89
N VAL B 54 -2.05 12.26 -14.13
CA VAL B 54 -2.92 11.16 -14.61
C VAL B 54 -2.10 10.10 -15.38
N ASP B 55 -1.39 10.52 -16.44
CA ASP B 55 -0.31 9.80 -17.12
C ASP B 55 0.76 9.24 -16.18
N LYS B 56 1.10 9.95 -15.10
CA LYS B 56 2.11 9.54 -14.11
C LYS B 56 1.51 8.84 -12.87
N LEU B 57 0.18 8.80 -12.79
CA LEU B 57 -0.56 7.86 -11.94
C LEU B 57 -0.88 6.57 -12.72
N LEU B 58 -0.41 6.50 -13.96
CA LEU B 58 -0.42 5.37 -14.86
C LEU B 58 1.02 4.85 -15.05
N LYS B 59 1.85 5.50 -15.87
CA LYS B 59 3.18 5.06 -16.32
C LYS B 59 4.07 4.50 -15.20
N ASP B 60 4.21 5.24 -14.10
CA ASP B 60 5.03 4.95 -12.93
C ASP B 60 4.68 3.62 -12.21
N LEU B 61 3.55 3.00 -12.56
CA LEU B 61 3.10 1.69 -12.08
C LEU B 61 2.76 0.71 -13.22
N ASP B 62 2.21 1.22 -14.33
CA ASP B 62 2.05 0.50 -15.60
C ASP B 62 3.39 0.02 -16.20
N ALA B 63 4.53 0.40 -15.61
CA ALA B 63 5.81 -0.30 -15.75
C ALA B 63 5.72 -1.83 -15.51
N ASN B 64 4.71 -2.31 -14.78
CA ASN B 64 4.39 -3.73 -14.60
C ASN B 64 3.37 -4.26 -15.66
N GLY B 65 2.85 -3.39 -16.54
CA GLY B 65 1.80 -3.66 -17.53
C GLY B 65 2.15 -3.08 -18.92
N ASP B 66 1.54 -1.94 -19.29
CA ASP B 66 1.86 -1.14 -20.48
C ASP B 66 1.35 0.31 -20.32
N ALA B 67 0.07 0.56 -20.61
CA ALA B 67 -0.68 1.80 -20.43
C ALA B 67 -2.13 1.53 -19.97
N GLN B 68 -2.35 0.39 -19.32
CA GLN B 68 -3.58 -0.03 -18.66
C GLN B 68 -3.25 -0.72 -17.32
N VAL B 69 -3.23 0.08 -16.23
CA VAL B 69 -2.83 -0.32 -14.87
C VAL B 69 -3.71 -1.46 -14.32
N ASP B 70 -3.14 -2.58 -13.86
CA ASP B 70 -3.89 -3.58 -13.06
C ASP B 70 -3.88 -3.29 -11.54
N PHE B 71 -4.73 -4.03 -10.80
CA PHE B 71 -4.95 -3.86 -9.35
C PHE B 71 -3.66 -3.95 -8.53
N SER B 72 -2.74 -4.84 -8.89
CA SER B 72 -1.48 -5.04 -8.19
C SER B 72 -0.60 -3.80 -8.33
N GLU B 73 -0.36 -3.38 -9.56
CA GLU B 73 0.37 -2.17 -9.99
C GLU B 73 -0.19 -0.93 -9.28
N PHE B 74 -1.52 -0.78 -9.32
CA PHE B 74 -2.24 0.22 -8.56
C PHE B 74 -1.89 0.15 -7.08
N ILE B 75 -2.15 -0.97 -6.38
CA ILE B 75 -1.93 -1.09 -4.93
C ILE B 75 -0.47 -0.76 -4.52
N VAL B 76 0.54 -1.15 -5.32
CA VAL B 76 1.94 -0.75 -5.01
C VAL B 76 2.09 0.78 -5.03
N PHE B 77 1.59 1.45 -6.07
CA PHE B 77 1.71 2.91 -6.15
C PHE B 77 0.76 3.66 -5.21
N VAL B 78 -0.36 3.05 -4.82
CA VAL B 78 -1.18 3.55 -3.72
C VAL B 78 -0.34 3.68 -2.45
N ALA B 79 0.46 2.66 -2.10
CA ALA B 79 1.46 2.79 -1.04
C ALA B 79 2.62 3.77 -1.33
N ALA B 80 2.78 4.28 -2.56
CA ALA B 80 3.58 5.47 -2.84
C ALA B 80 2.79 6.76 -2.62
N ILE B 81 1.47 6.80 -2.89
CA ILE B 81 0.60 7.96 -2.63
C ILE B 81 0.59 8.34 -1.15
N THR B 82 0.48 7.37 -0.23
CA THR B 82 0.67 7.62 1.22
C THR B 82 2.09 8.06 1.63
N SER B 83 3.05 8.06 0.70
CA SER B 83 4.37 8.69 0.86
C SER B 83 4.42 10.07 0.20
N ALA B 84 3.65 10.31 -0.87
CA ALA B 84 3.47 11.64 -1.46
C ALA B 84 2.80 12.60 -0.47
N SER B 85 1.83 12.11 0.31
CA SER B 85 1.12 12.85 1.36
C SER B 85 1.90 13.03 2.68
N HIS B 86 3.20 12.71 2.74
CA HIS B 86 4.04 12.86 3.95
C HIS B 86 3.96 14.24 4.63
N LYS B 87 3.61 15.29 3.85
CA LYS B 87 3.25 16.64 4.31
C LYS B 87 2.19 16.67 5.43
N TYR B 88 1.45 15.59 5.65
CA TYR B 88 0.59 15.41 6.82
C TYR B 88 1.33 15.45 8.17
N PHE B 89 2.67 15.37 8.21
CA PHE B 89 3.45 16.07 9.25
C PHE B 89 4.87 16.34 8.71
N GLU B 90 5.92 15.79 9.33
CA GLU B 90 7.17 15.50 8.64
C GLU B 90 7.02 14.24 7.76
N LYS B 91 6.23 13.25 8.25
CA LYS B 91 6.15 11.90 7.67
C LYS B 91 4.75 11.40 7.27
N THR B 92 3.71 11.87 7.97
CA THR B 92 2.33 11.35 8.16
C THR B 92 2.06 11.15 9.66
N GLY B 93 2.14 12.26 10.43
CA GLY B 93 2.07 12.25 11.90
C GLY B 93 0.86 12.98 12.51
N LEU B 94 0.06 13.70 11.70
CA LEU B 94 -1.28 14.16 12.07
C LEU B 94 -2.29 13.00 12.18
N LYS B 95 -1.97 11.85 11.57
CA LYS B 95 -2.69 10.58 11.65
C LYS B 95 -2.16 9.74 12.81
N MET A 1 -5.17 13.34 3.04
CA MET A 1 -6.01 12.15 3.26
C MET A 1 -7.42 12.35 2.72
N THR A 2 -8.07 11.22 2.44
CA THR A 2 -9.36 10.95 1.78
C THR A 2 -9.90 9.63 2.37
N GLU A 3 -11.04 9.11 1.93
CA GLU A 3 -11.53 7.80 2.40
C GLU A 3 -10.48 6.68 2.27
N LEU A 4 -9.78 6.60 1.13
CA LEU A 4 -8.86 5.50 0.84
C LEU A 4 -7.39 5.87 1.04
N GLU A 5 -7.02 7.15 0.99
CA GLU A 5 -5.78 7.59 1.63
C GLU A 5 -5.83 7.38 3.16
N ALA A 6 -7.00 7.53 3.81
CA ALA A 6 -7.19 7.21 5.23
C ALA A 6 -7.44 5.72 5.46
N ALA A 7 -7.91 4.93 4.48
CA ALA A 7 -7.71 3.48 4.50
C ALA A 7 -6.22 3.17 4.61
N MET A 8 -5.37 3.82 3.81
CA MET A 8 -3.92 3.81 4.04
C MET A 8 -3.49 4.37 5.38
N GLY A 9 -4.17 5.41 5.88
CA GLY A 9 -4.13 5.81 7.27
C GLY A 9 -4.34 4.66 8.27
N MET A 10 -5.06 3.58 7.93
CA MET A 10 -5.22 2.38 8.77
C MET A 10 -4.05 1.38 8.66
N ILE A 11 -3.34 1.29 7.52
CA ILE A 11 -2.13 0.46 7.43
C ILE A 11 -0.86 1.19 7.85
N ILE A 12 -0.85 2.52 7.68
CA ILE A 12 -0.04 3.40 8.50
C ILE A 12 -0.48 3.29 9.97
N ASP A 13 -1.78 3.16 10.30
CA ASP A 13 -2.20 3.01 11.71
C ASP A 13 -1.53 1.82 12.36
N VAL A 14 -1.58 0.63 11.76
CA VAL A 14 -0.86 -0.57 12.24
C VAL A 14 0.62 -0.25 12.62
N PHE A 15 1.25 0.69 11.92
CA PHE A 15 2.59 1.24 12.20
C PHE A 15 2.60 2.44 13.20
N SER A 16 1.52 3.22 13.29
CA SER A 16 1.14 4.13 14.39
C SER A 16 0.98 3.41 15.74
N ARG A 17 0.63 2.12 15.73
CA ARG A 17 0.39 1.33 16.96
C ARG A 17 1.68 0.80 17.56
N TYR A 18 2.41 -0.06 16.84
CA TYR A 18 3.55 -0.81 17.37
C TYR A 18 4.83 0.01 17.42
N SER A 19 5.29 0.44 16.24
CA SER A 19 6.31 1.47 16.04
C SER A 19 5.90 2.87 16.50
N GLY A 20 4.66 3.03 16.97
CA GLY A 20 4.17 4.26 17.60
C GLY A 20 3.96 5.44 16.63
N SER A 21 4.16 5.22 15.32
CA SER A 21 4.17 6.13 14.15
C SER A 21 5.59 6.15 13.61
N GLU A 22 6.49 6.75 14.38
CA GLU A 22 7.93 6.70 14.24
C GLU A 22 8.56 7.00 15.60
N GLY A 23 8.46 6.05 16.53
CA GLY A 23 9.38 6.04 17.65
C GLY A 23 10.84 5.81 17.23
N SER A 24 11.05 5.35 15.97
CA SER A 24 12.09 4.62 15.21
C SER A 24 13.45 4.23 15.85
N THR A 25 13.52 4.32 17.17
CA THR A 25 13.94 3.28 18.10
C THR A 25 12.99 2.07 17.97
N GLN A 26 11.69 2.29 18.18
CA GLN A 26 10.59 1.42 17.77
C GLN A 26 10.27 1.65 16.29
N THR A 27 11.25 1.23 15.49
CA THR A 27 11.10 0.58 14.19
C THR A 27 10.61 -0.84 14.39
N LEU A 28 10.08 -1.45 13.33
CA LEU A 28 9.90 -2.91 13.26
C LEU A 28 11.27 -3.59 13.06
N THR A 29 12.09 -3.58 14.11
CA THR A 29 13.02 -4.69 14.38
C THR A 29 12.24 -6.01 14.35
N LYS A 30 12.91 -7.08 13.93
CA LYS A 30 12.44 -8.48 13.93
C LYS A 30 11.63 -8.86 15.18
N GLY A 31 12.02 -8.32 16.34
CA GLY A 31 11.38 -8.56 17.63
C GLY A 31 10.09 -7.76 17.88
N GLU A 32 9.94 -6.57 17.29
CA GLU A 32 8.71 -5.76 17.32
C GLU A 32 7.77 -6.18 16.18
N LEU A 33 8.35 -6.43 15.00
CA LEU A 33 7.70 -6.91 13.79
C LEU A 33 6.77 -8.09 14.08
N LYS A 34 7.15 -9.03 14.95
CA LYS A 34 6.38 -10.26 15.18
C LYS A 34 5.03 -10.06 15.90
N VAL A 35 4.95 -9.18 16.91
CA VAL A 35 3.77 -9.05 17.80
C VAL A 35 2.59 -8.31 17.15
N LEU A 36 2.89 -7.70 16.01
CA LEU A 36 2.05 -7.15 14.94
C LEU A 36 1.42 -8.26 14.07
N MET A 37 2.08 -9.41 13.92
CA MET A 37 1.83 -10.30 12.79
C MET A 37 0.89 -11.46 13.14
N GLU A 38 0.71 -11.81 14.42
CA GLU A 38 -0.43 -12.64 14.86
C GLU A 38 -1.76 -11.93 14.59
N LYS A 39 -1.70 -10.59 14.64
CA LYS A 39 -2.83 -9.65 14.75
C LYS A 39 -3.22 -9.13 13.36
N GLU A 40 -2.24 -8.58 12.65
CA GLU A 40 -2.41 -7.76 11.46
C GLU A 40 -1.78 -8.43 10.22
N LEU A 41 -0.97 -9.48 10.35
CA LEU A 41 -0.58 -10.41 9.25
C LEU A 41 -0.83 -11.92 9.54
N PRO A 42 -1.93 -12.35 10.22
CA PRO A 42 -2.16 -13.78 10.47
C PRO A 42 -2.08 -14.64 9.20
N GLY A 43 -1.43 -15.79 9.32
CA GLY A 43 -1.10 -16.69 8.21
C GLY A 43 0.33 -16.52 7.67
N PHE A 44 0.91 -15.32 7.72
CA PHE A 44 2.36 -15.15 7.53
C PHE A 44 3.15 -15.87 8.66
N LEU A 45 2.43 -16.14 9.76
CA LEU A 45 2.83 -16.93 10.92
C LEU A 45 2.84 -18.45 10.68
N GLN A 46 2.50 -18.92 9.48
CA GLN A 46 2.80 -20.29 9.02
C GLN A 46 4.32 -20.57 8.94
N SER A 47 5.16 -19.52 8.92
CA SER A 47 6.56 -19.56 9.38
C SER A 47 6.68 -18.87 10.75
N GLY A 48 6.29 -17.59 10.85
CA GLY A 48 6.29 -16.85 12.12
C GLY A 48 7.66 -16.66 12.78
N LYS A 49 8.75 -16.89 12.04
CA LYS A 49 10.18 -16.91 12.42
C LYS A 49 10.65 -18.30 12.86
N ASP A 50 11.19 -19.04 11.89
CA ASP A 50 11.95 -20.29 12.07
C ASP A 50 13.44 -20.13 11.73
N LYS A 51 13.75 -19.09 10.94
CA LYS A 51 14.94 -18.70 10.16
C LYS A 51 14.55 -18.15 8.78
N ASP A 52 13.38 -18.53 8.24
CA ASP A 52 12.80 -17.89 7.05
C ASP A 52 12.04 -16.59 7.36
N ALA A 53 10.72 -16.61 7.63
CA ALA A 53 9.90 -15.38 7.66
C ALA A 53 9.99 -14.62 9.00
N VAL A 54 9.19 -13.54 9.14
CA VAL A 54 9.36 -12.39 10.07
C VAL A 54 10.66 -11.67 9.78
N ASP A 55 11.79 -12.38 9.85
CA ASP A 55 13.04 -12.06 9.18
C ASP A 55 12.80 -11.74 7.68
N LYS A 56 12.14 -12.60 6.88
CA LYS A 56 11.77 -12.30 5.47
C LYS A 56 10.55 -11.37 5.29
N LEU A 57 9.95 -10.85 6.36
CA LEU A 57 9.24 -9.58 6.25
C LEU A 57 10.32 -8.49 6.29
N LEU A 58 10.93 -8.28 7.46
CA LEU A 58 12.00 -7.30 7.68
C LEU A 58 12.95 -7.17 6.49
N LYS A 59 13.64 -8.25 6.10
CA LYS A 59 14.67 -8.31 5.03
C LYS A 59 14.24 -7.77 3.68
N ASP A 60 12.94 -7.75 3.39
CA ASP A 60 12.38 -7.27 2.14
C ASP A 60 12.13 -5.76 2.22
N LEU A 61 11.54 -5.29 3.32
CA LEU A 61 11.23 -3.88 3.56
C LEU A 61 12.49 -3.04 3.93
N ASP A 62 13.40 -3.64 4.69
CA ASP A 62 14.81 -3.32 5.01
C ASP A 62 15.56 -2.51 3.95
N ALA A 63 15.31 -2.78 2.67
CA ALA A 63 15.86 -2.05 1.53
C ALA A 63 15.59 -0.53 1.52
N ASN A 64 14.50 -0.08 2.16
CA ASN A 64 14.09 1.34 2.21
C ASN A 64 14.78 2.10 3.37
N GLY A 65 15.46 1.43 4.31
CA GLY A 65 16.13 2.10 5.44
C GLY A 65 17.34 1.34 5.99
N ASP A 66 17.11 0.20 6.64
CA ASP A 66 18.16 -0.53 7.37
C ASP A 66 17.89 -2.05 7.44
N ALA A 67 16.80 -2.40 8.12
CA ALA A 67 16.43 -3.68 8.75
C ALA A 67 15.52 -3.36 9.93
N GLN A 68 15.93 -2.46 10.81
CA GLN A 68 15.03 -1.71 11.65
C GLN A 68 14.14 -0.79 10.79
N VAL A 69 13.00 -1.36 10.37
CA VAL A 69 11.98 -0.85 9.46
C VAL A 69 11.22 0.36 10.02
N ASP A 70 11.24 1.48 9.28
CA ASP A 70 10.39 2.67 9.43
C ASP A 70 9.07 2.61 8.58
N PHE A 71 8.23 3.66 8.64
CA PHE A 71 6.85 3.62 8.12
C PHE A 71 6.79 3.50 6.61
N SER A 72 7.73 4.13 5.89
CA SER A 72 7.89 3.98 4.44
C SER A 72 8.15 2.52 4.08
N GLU A 73 9.20 1.96 4.70
CA GLU A 73 9.66 0.59 4.50
C GLU A 73 8.47 -0.37 4.66
N PHE A 74 7.75 -0.24 5.78
CA PHE A 74 6.52 -0.96 6.04
C PHE A 74 5.46 -0.68 4.96
N ILE A 75 4.91 0.53 4.85
CA ILE A 75 3.73 0.81 4.01
C ILE A 75 3.93 0.43 2.54
N VAL A 76 5.14 0.62 2.00
CA VAL A 76 5.55 0.22 0.65
C VAL A 76 5.41 -1.30 0.48
N PHE A 77 5.93 -2.09 1.44
CA PHE A 77 5.81 -3.54 1.38
C PHE A 77 4.46 -4.07 1.87
N VAL A 78 3.71 -3.30 2.65
CA VAL A 78 2.32 -3.62 2.96
C VAL A 78 1.53 -3.75 1.63
N ALA A 79 1.71 -2.84 0.68
CA ALA A 79 1.21 -3.00 -0.70
C ALA A 79 1.75 -4.23 -1.48
N ALA A 80 2.84 -4.87 -1.04
CA ALA A 80 3.24 -6.20 -1.52
C ALA A 80 2.55 -7.33 -0.73
N ILE A 81 2.38 -7.17 0.58
CA ILE A 81 1.71 -8.08 1.52
C ILE A 81 0.26 -8.34 1.08
N THR A 82 -0.52 -7.31 0.70
CA THR A 82 -1.86 -7.53 0.09
C THR A 82 -1.81 -8.44 -1.12
N SER A 83 -0.80 -8.27 -1.99
CA SER A 83 -0.60 -9.11 -3.16
C SER A 83 -0.13 -10.53 -2.78
N ALA A 84 0.60 -10.67 -1.66
CA ALA A 84 1.00 -11.96 -1.07
C ALA A 84 -0.14 -12.71 -0.35
N SER A 85 -1.17 -12.00 0.12
CA SER A 85 -2.33 -12.52 0.90
C SER A 85 -3.01 -13.77 0.32
N HIS A 86 -2.86 -14.01 -0.98
CA HIS A 86 -3.33 -15.17 -1.73
C HIS A 86 -2.85 -16.54 -1.22
N LYS A 87 -2.05 -16.60 -0.14
CA LYS A 87 -1.78 -17.83 0.63
C LYS A 87 -3.07 -18.55 1.07
N TYR A 88 -4.19 -17.83 1.16
CA TYR A 88 -5.45 -18.36 1.70
C TYR A 88 -6.34 -19.02 0.63
N PHE A 89 -6.38 -18.46 -0.58
CA PHE A 89 -7.03 -18.90 -1.84
C PHE A 89 -8.43 -19.57 -1.85
N GLU A 90 -9.06 -19.81 -0.70
CA GLU A 90 -10.50 -20.02 -0.55
C GLU A 90 -11.33 -18.84 -1.10
N LYS A 91 -10.74 -17.64 -1.07
CA LYS A 91 -11.28 -16.35 -1.51
C LYS A 91 -10.29 -15.57 -2.41
N THR A 92 -9.20 -16.23 -2.84
CA THR A 92 -7.92 -15.64 -3.29
C THR A 92 -7.16 -14.88 -2.18
N GLY A 93 -7.49 -15.09 -0.89
CA GLY A 93 -7.04 -14.28 0.25
C GLY A 93 -7.66 -12.88 0.30
N LEU A 94 -7.78 -12.29 -0.90
CA LEU A 94 -8.50 -11.14 -1.46
C LEU A 94 -7.51 -10.40 -2.37
N LYS A 95 -7.33 -10.97 -3.57
CA LYS A 95 -6.57 -10.42 -4.69
C LYS A 95 -7.19 -9.11 -5.16
N MET B 1 -6.40 -12.02 4.23
CA MET B 1 -6.94 -10.76 4.77
C MET B 1 -7.05 -10.78 6.29
N THR B 2 -6.85 -9.60 6.88
CA THR B 2 -6.56 -9.25 8.29
C THR B 2 -7.05 -7.80 8.51
N GLU B 3 -6.80 -7.13 9.63
CA GLU B 3 -7.09 -5.67 9.70
C GLU B 3 -6.28 -4.87 8.66
N LEU B 4 -4.95 -5.03 8.65
CA LEU B 4 -4.00 -4.47 7.68
C LEU B 4 -4.45 -4.78 6.24
N GLU B 5 -4.64 -6.07 5.96
CA GLU B 5 -4.96 -6.53 4.62
C GLU B 5 -6.40 -6.18 4.21
N ALA B 6 -7.38 -6.10 5.12
CA ALA B 6 -8.74 -5.64 4.79
C ALA B 6 -8.80 -4.13 4.60
N ALA B 7 -8.00 -3.35 5.35
CA ALA B 7 -7.74 -1.96 4.99
C ALA B 7 -7.16 -1.88 3.58
N MET B 8 -6.16 -2.70 3.24
CA MET B 8 -5.71 -2.83 1.85
C MET B 8 -6.79 -3.28 0.88
N GLY B 9 -7.71 -4.16 1.29
CA GLY B 9 -8.96 -4.42 0.60
C GLY B 9 -9.67 -3.16 0.12
N MET B 10 -9.56 -2.03 0.83
CA MET B 10 -10.17 -0.75 0.48
C MET B 10 -9.34 0.13 -0.49
N ILE B 11 -8.02 -0.08 -0.63
CA ILE B 11 -7.19 0.61 -1.63
C ILE B 11 -6.93 -0.26 -2.87
N ILE B 12 -6.93 -1.59 -2.70
CA ILE B 12 -7.40 -2.54 -3.70
C ILE B 12 -8.82 -2.14 -4.12
N ASP B 13 -9.71 -1.66 -3.24
CA ASP B 13 -11.03 -1.17 -3.66
C ASP B 13 -11.00 0.13 -4.47
N VAL B 14 -10.05 1.05 -4.31
CA VAL B 14 -9.87 2.12 -5.33
C VAL B 14 -9.62 1.51 -6.73
N PHE B 15 -9.14 0.26 -6.78
CA PHE B 15 -9.03 -0.52 -8.01
C PHE B 15 -10.18 -1.53 -8.23
N SER B 16 -11.07 -1.78 -7.25
CA SER B 16 -12.31 -2.55 -7.39
C SER B 16 -13.56 -1.65 -7.60
N ARG B 17 -13.37 -0.33 -7.46
CA ARG B 17 -14.13 0.79 -8.06
C ARG B 17 -14.17 0.65 -9.59
N TYR B 18 -13.10 1.07 -10.29
CA TYR B 18 -13.15 1.35 -11.73
C TYR B 18 -12.69 0.15 -12.57
N SER B 19 -11.45 -0.29 -12.35
CA SER B 19 -11.01 -1.60 -12.82
C SER B 19 -11.50 -2.73 -11.91
N GLY B 20 -12.55 -2.51 -11.10
CA GLY B 20 -13.47 -3.55 -10.66
C GLY B 20 -14.05 -4.35 -11.83
N SER B 21 -13.96 -3.76 -13.02
CA SER B 21 -13.93 -4.38 -14.33
C SER B 21 -13.08 -5.67 -14.41
N GLU B 22 -11.87 -5.67 -13.82
CA GLU B 22 -10.75 -6.63 -13.92
C GLU B 22 -10.63 -7.39 -15.26
N GLY B 23 -10.93 -6.73 -16.38
CA GLY B 23 -10.86 -7.36 -17.70
C GLY B 23 -9.44 -7.45 -18.28
N SER B 24 -8.39 -7.15 -17.50
CA SER B 24 -7.48 -5.97 -17.63
C SER B 24 -7.19 -5.38 -19.03
N THR B 25 -8.24 -5.28 -19.83
CA THR B 25 -8.57 -4.29 -20.85
C THR B 25 -8.89 -2.95 -20.18
N GLN B 26 -9.55 -3.04 -19.02
CA GLN B 26 -9.71 -2.05 -17.97
C GLN B 26 -9.20 -2.74 -16.69
N THR B 27 -7.91 -2.70 -16.29
CA THR B 27 -6.90 -1.66 -16.06
C THR B 27 -7.35 -0.21 -15.96
N LEU B 28 -6.68 0.51 -15.04
CA LEU B 28 -6.52 1.95 -15.13
C LEU B 28 -5.64 2.24 -16.36
N THR B 29 -6.29 2.23 -17.52
CA THR B 29 -5.91 3.09 -18.63
C THR B 29 -6.03 4.55 -18.19
N LYS B 30 -5.22 5.42 -18.80
CA LYS B 30 -5.16 6.87 -18.59
C LYS B 30 -6.54 7.54 -18.61
N GLY B 31 -7.44 7.07 -19.47
CA GLY B 31 -8.80 7.55 -19.61
C GLY B 31 -9.80 7.01 -18.57
N GLU B 32 -9.50 5.88 -17.94
CA GLU B 32 -10.26 5.32 -16.80
C GLU B 32 -9.83 6.03 -15.51
N LEU B 33 -8.52 6.13 -15.28
CA LEU B 33 -7.86 6.71 -14.12
C LEU B 33 -8.49 8.05 -13.68
N LYS B 34 -8.48 9.08 -14.55
CA LYS B 34 -8.72 10.48 -14.19
C LYS B 34 -9.86 10.72 -13.17
N VAL B 35 -11.05 10.16 -13.45
CA VAL B 35 -12.32 10.36 -12.74
C VAL B 35 -12.38 9.68 -11.37
N LEU B 36 -11.43 8.80 -11.07
CA LEU B 36 -11.19 8.16 -9.77
C LEU B 36 -10.41 9.09 -8.84
N MET B 37 -9.52 9.90 -9.41
CA MET B 37 -8.50 10.63 -8.65
C MET B 37 -9.07 11.92 -8.05
N GLU B 38 -10.10 12.49 -8.68
CA GLU B 38 -10.99 13.53 -8.12
C GLU B 38 -11.62 13.10 -6.79
N LYS B 39 -11.80 11.77 -6.61
CA LYS B 39 -12.60 11.15 -5.58
C LYS B 39 -11.69 10.61 -4.47
N GLU B 40 -10.78 9.71 -4.83
CA GLU B 40 -10.08 8.87 -3.86
C GLU B 40 -8.67 9.39 -3.51
N LEU B 41 -8.07 10.27 -4.33
CA LEU B 41 -6.89 11.07 -3.95
C LEU B 41 -6.88 12.54 -4.47
N PRO B 42 -7.91 13.37 -4.18
CA PRO B 42 -8.06 14.78 -4.57
C PRO B 42 -6.88 15.76 -4.43
N GLY B 43 -5.79 15.42 -3.72
CA GLY B 43 -4.61 16.31 -3.64
C GLY B 43 -3.75 16.31 -4.90
N PHE B 44 -3.79 15.24 -5.71
CA PHE B 44 -3.09 15.15 -6.99
C PHE B 44 -3.75 15.97 -8.10
N LEU B 45 -4.94 16.52 -7.84
CA LEU B 45 -5.78 17.20 -8.82
C LEU B 45 -5.41 18.67 -9.03
N GLN B 46 -4.46 19.17 -8.23
CA GLN B 46 -3.61 20.32 -8.54
C GLN B 46 -2.88 20.14 -9.88
N SER B 47 -2.57 18.88 -10.23
CA SER B 47 -2.12 18.41 -11.54
C SER B 47 -3.33 17.99 -12.39
N GLY B 48 -4.10 16.99 -11.94
CA GLY B 48 -5.46 16.65 -12.39
C GLY B 48 -5.71 16.37 -13.88
N LYS B 49 -4.66 16.26 -14.69
CA LYS B 49 -4.50 15.90 -16.13
C LYS B 49 -3.79 17.01 -16.91
N ASP B 50 -2.64 16.69 -17.51
CA ASP B 50 -1.82 17.64 -18.27
C ASP B 50 -1.16 16.96 -19.49
N LYS B 51 -1.70 15.87 -20.03
CA LYS B 51 -1.00 14.88 -20.88
C LYS B 51 0.22 14.18 -20.24
N ASP B 52 0.91 14.87 -19.32
CA ASP B 52 2.04 14.46 -18.45
C ASP B 52 1.65 14.42 -16.96
N ALA B 53 0.44 14.86 -16.62
CA ALA B 53 -0.22 14.51 -15.36
C ALA B 53 -1.55 13.81 -15.68
N VAL B 54 -2.15 13.16 -14.67
CA VAL B 54 -2.87 11.87 -14.82
C VAL B 54 -1.91 10.79 -15.35
N ASP B 55 -1.19 11.07 -16.44
CA ASP B 55 -0.07 10.31 -16.99
C ASP B 55 1.06 9.98 -16.00
N LYS B 56 1.38 10.83 -15.01
CA LYS B 56 2.42 10.52 -14.00
C LYS B 56 1.82 9.85 -12.75
N LEU B 57 0.49 9.75 -12.69
CA LEU B 57 -0.24 8.81 -11.85
C LEU B 57 -0.53 7.52 -12.64
N LEU B 58 0.02 7.42 -13.86
CA LEU B 58 0.06 6.26 -14.74
C LEU B 58 1.51 5.75 -14.83
N LYS B 59 2.42 6.45 -15.53
CA LYS B 59 3.82 6.10 -15.88
C LYS B 59 4.64 5.43 -14.77
N ASP B 60 4.39 5.81 -13.51
CA ASP B 60 5.03 5.26 -12.31
C ASP B 60 4.56 3.85 -11.91
N LEU B 61 3.38 3.41 -12.37
CA LEU B 61 2.69 2.13 -12.06
C LEU B 61 2.39 1.30 -13.33
N ASP B 62 2.21 2.00 -14.45
CA ASP B 62 2.37 1.66 -15.87
C ASP B 62 3.64 0.87 -16.21
N ALA B 63 4.60 0.78 -15.28
CA ALA B 63 5.64 -0.25 -15.20
C ALA B 63 5.13 -1.67 -15.55
N ASN B 64 3.86 -1.97 -15.22
CA ASN B 64 3.13 -3.19 -15.57
C ASN B 64 2.70 -3.32 -17.05
N GLY B 65 2.53 -2.22 -17.80
CA GLY B 65 1.82 -2.28 -19.09
C GLY B 65 1.74 -0.98 -19.91
N ASP B 66 2.75 -0.10 -19.87
CA ASP B 66 3.04 1.10 -20.69
C ASP B 66 1.91 2.16 -20.86
N ALA B 67 0.75 1.93 -20.25
CA ALA B 67 -0.38 2.84 -20.03
C ALA B 67 -1.56 2.14 -19.35
N GLN B 68 -1.54 0.81 -19.27
CA GLN B 68 -2.59 0.00 -18.66
C GLN B 68 -2.06 -0.64 -17.38
N VAL B 69 -2.49 -0.08 -16.25
CA VAL B 69 -2.18 -0.42 -14.86
C VAL B 69 -3.12 -1.51 -14.31
N ASP B 70 -2.59 -2.68 -13.89
CA ASP B 70 -3.29 -3.66 -13.02
C ASP B 70 -3.34 -3.24 -11.52
N PHE B 71 -4.10 -4.02 -10.73
CA PHE B 71 -4.44 -3.80 -9.32
C PHE B 71 -3.23 -3.60 -8.40
N SER B 72 -2.30 -4.58 -8.37
CA SER B 72 -1.10 -4.60 -7.54
C SER B 72 -0.16 -3.44 -7.84
N GLU B 73 -0.24 -2.90 -9.05
CA GLU B 73 0.65 -1.94 -9.70
C GLU B 73 0.23 -0.54 -9.30
N PHE B 74 -1.07 -0.27 -9.48
CA PHE B 74 -1.77 0.76 -8.75
C PHE B 74 -1.41 0.69 -7.27
N ILE B 75 -1.60 -0.45 -6.61
CA ILE B 75 -1.35 -0.61 -5.17
C ILE B 75 0.08 -0.28 -4.71
N VAL B 76 1.15 -0.60 -5.47
CA VAL B 76 2.51 -0.10 -5.16
C VAL B 76 2.51 1.42 -5.06
N PHE B 77 1.90 2.08 -6.05
CA PHE B 77 1.85 3.54 -6.10
C PHE B 77 0.86 4.14 -5.12
N VAL B 78 -0.21 3.43 -4.76
CA VAL B 78 -1.10 3.83 -3.67
C VAL B 78 -0.29 3.90 -2.37
N ALA B 79 0.51 2.88 -2.06
CA ALA B 79 1.50 2.94 -0.97
C ALA B 79 2.61 4.02 -1.15
N ALA B 80 2.69 4.71 -2.30
CA ALA B 80 3.40 6.00 -2.42
C ALA B 80 2.46 7.20 -2.17
N ILE B 81 1.23 7.20 -2.70
CA ILE B 81 0.15 8.19 -2.53
C ILE B 81 -0.09 8.50 -1.06
N THR B 82 -0.11 7.50 -0.17
CA THR B 82 -0.10 7.72 1.28
C THR B 82 1.01 8.68 1.69
N SER B 83 2.28 8.31 1.44
CA SER B 83 3.47 9.10 1.73
C SER B 83 3.48 10.48 1.05
N ALA B 84 2.83 10.60 -0.12
CA ALA B 84 2.62 11.85 -0.84
C ALA B 84 1.66 12.76 -0.06
N SER B 85 0.40 12.31 0.08
CA SER B 85 -0.68 13.01 0.79
C SER B 85 -0.29 13.38 2.20
N HIS B 86 0.38 12.45 2.91
CA HIS B 86 0.89 12.58 4.27
C HIS B 86 1.79 13.79 4.55
N LYS B 87 2.28 14.52 3.52
CA LYS B 87 3.39 15.48 3.59
C LYS B 87 3.46 16.25 4.92
N TYR B 88 2.34 16.87 5.32
CA TYR B 88 2.08 17.32 6.69
C TYR B 88 0.59 17.06 7.04
N PHE B 89 0.15 15.80 6.94
CA PHE B 89 -1.27 15.43 6.84
C PHE B 89 -1.57 14.05 7.46
N GLU B 90 -2.33 13.99 8.57
CA GLU B 90 -2.63 12.80 9.39
C GLU B 90 -1.36 12.26 10.09
N LYS B 91 -0.33 11.97 9.30
CA LYS B 91 1.11 11.89 9.61
C LYS B 91 1.52 12.93 10.66
N THR B 92 1.28 14.21 10.34
CA THR B 92 1.69 15.38 11.12
C THR B 92 0.90 16.60 10.60
N GLY B 93 -0.39 16.69 10.92
CA GLY B 93 -1.36 17.65 10.37
C GLY B 93 -1.02 19.12 10.68
N LEU B 94 -0.17 19.75 9.87
CA LEU B 94 0.62 20.98 10.12
C LEU B 94 1.39 21.03 11.47
N LYS B 95 1.44 19.91 12.21
CA LYS B 95 1.90 19.83 13.59
C LYS B 95 2.62 18.53 13.89
N MET A 1 -6.43 12.08 2.35
CA MET A 1 -7.27 11.06 3.01
C MET A 1 -8.66 11.06 2.37
N THR A 2 -9.17 9.86 2.04
CA THR A 2 -10.31 9.55 1.15
C THR A 2 -10.78 8.12 1.51
N GLU A 3 -11.64 7.43 0.73
CA GLU A 3 -11.82 5.98 0.94
C GLU A 3 -10.48 5.22 0.78
N LEU A 4 -9.84 5.38 -0.39
CA LEU A 4 -8.53 4.83 -0.76
C LEU A 4 -7.42 5.27 0.22
N GLU A 5 -7.37 6.56 0.53
CA GLU A 5 -6.29 7.17 1.32
C GLU A 5 -6.52 7.07 2.83
N ALA A 6 -7.76 6.89 3.32
CA ALA A 6 -7.98 6.43 4.70
C ALA A 6 -7.59 4.95 4.82
N ALA A 7 -7.95 4.12 3.82
CA ALA A 7 -7.47 2.75 3.75
C ALA A 7 -5.94 2.68 3.84
N MET A 8 -5.17 3.36 2.97
CA MET A 8 -3.71 3.34 3.17
C MET A 8 -3.24 4.13 4.41
N GLY A 9 -4.04 5.10 4.87
CA GLY A 9 -4.03 5.59 6.24
C GLY A 9 -3.94 4.47 7.28
N MET A 10 -4.74 3.40 7.19
CA MET A 10 -4.72 2.27 8.14
C MET A 10 -3.38 1.49 8.15
N ILE A 11 -2.69 1.36 7.01
CA ILE A 11 -1.40 0.67 6.99
C ILE A 11 -0.24 1.56 7.43
N ILE A 12 -0.36 2.89 7.26
CA ILE A 12 0.42 3.86 8.02
C ILE A 12 -0.03 3.90 9.51
N ASP A 13 -1.26 3.50 9.83
CA ASP A 13 -1.77 3.47 11.20
C ASP A 13 -1.28 2.27 12.00
N VAL A 14 -1.24 1.04 11.46
CA VAL A 14 -0.61 -0.08 12.17
C VAL A 14 0.87 0.18 12.46
N PHE A 15 1.51 1.00 11.62
CA PHE A 15 2.81 1.59 11.90
C PHE A 15 2.70 2.63 13.03
N SER A 16 1.75 3.57 12.92
CA SER A 16 1.40 4.58 13.94
C SER A 16 1.02 4.02 15.32
N ARG A 17 0.55 2.76 15.40
CA ARG A 17 0.50 1.95 16.61
C ARG A 17 1.91 1.68 17.16
N TYR A 18 2.74 0.94 16.40
CA TYR A 18 3.95 0.33 16.92
C TYR A 18 5.22 1.20 16.86
N SER A 19 5.52 1.87 15.74
CA SER A 19 6.62 2.84 15.64
C SER A 19 6.23 4.24 16.16
N GLY A 20 4.96 4.45 16.53
CA GLY A 20 4.43 5.80 16.74
C GLY A 20 4.53 6.66 15.47
N SER A 21 4.43 6.02 14.30
CA SER A 21 4.60 6.53 12.94
C SER A 21 6.10 6.62 12.66
N GLU A 22 6.78 7.56 13.30
CA GLU A 22 8.22 7.79 13.15
C GLU A 22 8.82 8.23 14.49
N GLY A 23 8.71 7.38 15.53
CA GLY A 23 9.46 7.56 16.78
C GLY A 23 10.95 7.25 16.64
N SER A 24 11.35 6.78 15.44
CA SER A 24 12.50 6.10 14.81
C SER A 24 13.78 5.74 15.58
N THR A 25 13.79 5.96 16.89
CA THR A 25 14.17 4.96 17.90
C THR A 25 13.33 3.67 17.78
N GLN A 26 12.00 3.78 17.83
CA GLN A 26 10.98 2.81 17.42
C GLN A 26 10.49 3.24 16.03
N THR A 27 11.11 2.94 14.90
CA THR A 27 11.34 1.72 14.11
C THR A 27 10.92 0.35 14.64
N LEU A 28 10.37 -0.43 13.71
CA LEU A 28 10.28 -1.89 13.75
C LEU A 28 11.69 -2.49 13.68
N THR A 29 12.40 -2.46 14.81
CA THR A 29 13.38 -3.51 15.12
C THR A 29 12.67 -4.86 15.11
N LYS A 30 13.45 -5.92 14.83
CA LYS A 30 13.08 -7.34 14.89
C LYS A 30 12.27 -7.70 16.15
N GLY A 31 12.56 -7.03 17.28
CA GLY A 31 11.90 -7.22 18.57
C GLY A 31 10.61 -6.43 18.77
N GLU A 32 10.38 -5.35 18.02
CA GLU A 32 9.12 -4.58 18.00
C GLU A 32 8.15 -5.20 16.99
N LEU A 33 8.66 -5.45 15.78
CA LEU A 33 7.99 -6.05 14.63
C LEU A 33 7.09 -7.24 15.00
N LYS A 34 7.57 -8.14 15.85
CA LYS A 34 6.82 -9.33 16.29
C LYS A 34 5.50 -9.02 17.01
N VAL A 35 5.45 -7.93 17.80
CA VAL A 35 4.29 -7.60 18.67
C VAL A 35 3.12 -7.09 17.84
N LEU A 36 3.43 -6.32 16.78
CA LEU A 36 2.57 -5.97 15.67
C LEU A 36 2.00 -7.21 14.97
N MET A 37 2.86 -8.20 14.67
CA MET A 37 2.51 -9.29 13.76
C MET A 37 1.45 -10.26 14.28
N GLU A 38 1.30 -10.44 15.61
CA GLU A 38 0.20 -11.23 16.19
C GLU A 38 -1.17 -10.64 15.86
N LYS A 39 -1.21 -9.32 15.62
CA LYS A 39 -2.41 -8.48 15.54
C LYS A 39 -2.69 -8.13 14.08
N GLU A 40 -1.66 -7.63 13.39
CA GLU A 40 -1.79 -7.00 12.08
C GLU A 40 -1.17 -7.82 10.94
N LEU A 41 -0.38 -8.86 11.25
CA LEU A 41 0.12 -9.88 10.30
C LEU A 41 -0.20 -11.35 10.71
N PRO A 42 -1.29 -11.69 11.44
CA PRO A 42 -1.55 -13.07 11.84
C PRO A 42 -1.63 -14.02 10.64
N GLY A 43 -0.98 -15.17 10.78
CA GLY A 43 -0.77 -16.14 9.72
C GLY A 43 0.68 -16.17 9.24
N PHE A 44 1.39 -15.04 9.17
CA PHE A 44 2.87 -15.08 9.08
C PHE A 44 3.46 -15.72 10.36
N LEU A 45 2.71 -15.66 11.47
CA LEU A 45 3.02 -16.32 12.74
C LEU A 45 2.84 -17.86 12.73
N GLN A 46 2.44 -18.46 11.60
CA GLN A 46 2.69 -19.89 11.35
C GLN A 46 4.20 -20.21 11.27
N SER A 47 5.07 -19.20 11.11
CA SER A 47 6.50 -19.26 11.45
C SER A 47 6.77 -18.53 12.77
N GLY A 48 6.45 -17.23 12.83
CA GLY A 48 6.56 -16.44 14.06
C GLY A 48 7.98 -16.01 14.47
N LYS A 49 9.03 -16.62 13.88
CA LYS A 49 10.48 -16.36 13.91
C LYS A 49 11.30 -17.65 13.81
N ASP A 50 11.78 -17.97 12.60
CA ASP A 50 12.67 -19.10 12.33
C ASP A 50 14.05 -18.62 11.84
N LYS A 51 14.43 -17.37 12.18
CA LYS A 51 15.53 -16.59 11.55
C LYS A 51 15.34 -16.35 10.04
N ASP A 52 14.41 -17.04 9.38
CA ASP A 52 13.94 -16.79 8.01
C ASP A 52 12.47 -16.34 7.93
N ALA A 53 11.87 -15.95 9.06
CA ALA A 53 10.76 -14.99 9.15
C ALA A 53 10.91 -14.16 10.43
N VAL A 54 10.06 -13.13 10.59
CA VAL A 54 10.25 -11.92 11.45
C VAL A 54 11.52 -11.16 11.07
N ASP A 55 12.67 -11.84 11.05
CA ASP A 55 13.92 -11.42 10.44
C ASP A 55 13.73 -10.98 8.97
N LYS A 56 13.01 -11.77 8.16
CA LYS A 56 12.78 -11.46 6.73
C LYS A 56 11.72 -10.39 6.49
N LEU A 57 10.73 -10.33 7.39
CA LEU A 57 9.73 -9.27 7.50
C LEU A 57 10.39 -7.92 7.90
N LEU A 58 11.72 -7.93 8.14
CA LEU A 58 12.63 -6.81 8.29
C LEU A 58 13.61 -6.77 7.09
N LYS A 59 14.36 -7.85 6.82
CA LYS A 59 15.44 -7.90 5.82
C LYS A 59 15.01 -7.56 4.40
N ASP A 60 13.73 -7.78 4.04
CA ASP A 60 13.20 -7.52 2.70
C ASP A 60 12.96 -6.01 2.44
N LEU A 61 13.02 -5.16 3.47
CA LEU A 61 12.64 -3.75 3.43
C LEU A 61 13.65 -2.81 4.08
N ASP A 62 14.34 -3.28 5.12
CA ASP A 62 15.68 -2.91 5.59
C ASP A 62 16.55 -2.17 4.55
N ALA A 63 16.55 -2.65 3.30
CA ALA A 63 17.23 -2.04 2.16
C ALA A 63 16.88 -0.55 1.90
N ASN A 64 15.73 -0.06 2.37
CA ASN A 64 15.29 1.34 2.25
C ASN A 64 15.86 2.22 3.38
N GLY A 65 16.34 1.66 4.50
CA GLY A 65 16.79 2.44 5.66
C GLY A 65 17.99 1.85 6.39
N ASP A 66 17.78 0.75 7.12
CA ASP A 66 18.78 0.18 8.05
C ASP A 66 18.64 -1.34 8.24
N ALA A 67 17.49 -1.76 8.75
CA ALA A 67 17.16 -2.99 9.51
C ALA A 67 16.14 -2.61 10.59
N GLN A 68 16.47 -1.61 11.41
CA GLN A 68 15.47 -0.84 12.13
C GLN A 68 14.56 -0.09 11.14
N VAL A 69 13.44 -0.73 10.78
CA VAL A 69 12.49 -0.33 9.73
C VAL A 69 11.66 0.90 10.09
N ASP A 70 11.70 1.93 9.24
CA ASP A 70 10.84 3.12 9.19
C ASP A 70 9.66 2.98 8.19
N PHE A 71 8.80 4.01 8.07
CA PHE A 71 7.47 3.89 7.47
C PHE A 71 7.50 3.73 5.95
N SER A 72 8.49 4.33 5.26
CA SER A 72 8.74 4.10 3.83
C SER A 72 8.96 2.61 3.57
N GLU A 73 9.94 2.04 4.30
CA GLU A 73 10.34 0.65 4.20
C GLU A 73 9.15 -0.27 4.44
N PHE A 74 8.40 -0.01 5.53
CA PHE A 74 7.21 -0.75 5.86
C PHE A 74 6.10 -0.61 4.79
N ILE A 75 5.67 0.61 4.45
CA ILE A 75 4.52 0.81 3.54
C ILE A 75 4.78 0.25 2.12
N VAL A 76 6.03 0.32 1.64
CA VAL A 76 6.49 -0.37 0.42
C VAL A 76 6.40 -1.88 0.57
N PHE A 77 6.95 -2.48 1.64
CA PHE A 77 6.84 -3.91 1.90
C PHE A 77 5.39 -4.37 2.01
N VAL A 78 4.57 -3.61 2.71
CA VAL A 78 3.13 -3.79 2.86
C VAL A 78 2.45 -3.92 1.49
N ALA A 79 2.74 -3.02 0.53
CA ALA A 79 2.26 -3.17 -0.85
C ALA A 79 2.82 -4.40 -1.61
N ALA A 80 3.83 -5.09 -1.09
CA ALA A 80 4.16 -6.47 -1.48
C ALA A 80 3.37 -7.50 -0.65
N ILE A 81 3.22 -7.33 0.67
CA ILE A 81 2.46 -8.20 1.60
C ILE A 81 1.05 -8.50 1.10
N THR A 82 0.30 -7.51 0.62
CA THR A 82 -1.01 -7.72 -0.04
C THR A 82 -1.00 -8.68 -1.25
N SER A 83 0.18 -9.08 -1.74
CA SER A 83 0.38 -10.18 -2.66
C SER A 83 1.02 -11.39 -1.95
N ALA A 84 2.05 -11.15 -1.13
CA ALA A 84 2.82 -12.15 -0.39
C ALA A 84 2.07 -12.82 0.77
N SER A 85 0.83 -12.42 1.07
CA SER A 85 -0.11 -13.14 1.94
C SER A 85 -0.21 -14.63 1.59
N HIS A 86 0.07 -14.99 0.33
CA HIS A 86 0.12 -16.35 -0.19
C HIS A 86 1.16 -17.29 0.46
N LYS A 87 1.99 -16.85 1.41
CA LYS A 87 3.25 -17.45 1.94
C LYS A 87 3.26 -18.96 2.32
N TYR A 88 2.14 -19.68 2.31
CA TYR A 88 2.06 -21.16 2.39
C TYR A 88 1.19 -21.84 1.31
N PHE A 89 0.56 -21.06 0.42
CA PHE A 89 -0.27 -21.38 -0.76
C PHE A 89 -1.51 -22.25 -0.52
N GLU A 90 -1.43 -23.29 0.31
CA GLU A 90 -2.51 -24.24 0.61
C GLU A 90 -3.82 -23.59 1.10
N LYS A 91 -3.72 -22.54 1.92
CA LYS A 91 -4.84 -21.70 2.38
C LYS A 91 -4.76 -20.28 1.78
N THR A 92 -4.04 -20.14 0.65
CA THR A 92 -3.31 -18.94 0.23
C THR A 92 -2.63 -18.23 1.41
N GLY A 93 -1.84 -19.01 2.16
CA GLY A 93 -0.93 -18.58 3.24
C GLY A 93 -1.62 -18.05 4.49
N LEU A 94 -2.33 -16.94 4.33
CA LEU A 94 -3.14 -16.26 5.35
C LEU A 94 -4.26 -15.37 4.74
N LYS A 95 -4.51 -15.45 3.44
CA LYS A 95 -5.49 -14.65 2.68
C LYS A 95 -6.40 -15.58 1.89
N MET B 1 -5.40 -11.96 5.04
CA MET B 1 -6.15 -10.77 5.47
C MET B 1 -6.11 -10.60 6.98
N THR B 2 -5.91 -9.35 7.40
CA THR B 2 -5.71 -8.80 8.75
C THR B 2 -6.32 -7.38 8.75
N GLU B 3 -6.17 -6.51 9.76
CA GLU B 3 -6.54 -5.09 9.53
C GLU B 3 -5.68 -4.50 8.41
N LEU B 4 -4.35 -4.61 8.53
CA LEU B 4 -3.41 -4.05 7.55
C LEU B 4 -3.65 -4.63 6.16
N GLU B 5 -3.81 -5.95 6.05
CA GLU B 5 -4.04 -6.58 4.76
C GLU B 5 -5.45 -6.35 4.24
N ALA B 6 -6.48 -6.26 5.09
CA ALA B 6 -7.85 -5.95 4.63
C ALA B 6 -8.03 -4.46 4.30
N ALA B 7 -7.20 -3.57 4.87
CA ALA B 7 -7.07 -2.19 4.40
C ALA B 7 -6.47 -2.14 3.00
N MET B 8 -5.43 -2.94 2.70
CA MET B 8 -5.06 -3.19 1.30
C MET B 8 -6.13 -3.95 0.53
N GLY B 9 -6.93 -4.78 1.17
CA GLY B 9 -8.21 -5.27 0.68
C GLY B 9 -9.09 -4.12 0.19
N MET B 10 -9.25 -3.03 0.94
CA MET B 10 -9.99 -1.83 0.51
C MET B 10 -9.32 -1.11 -0.68
N ILE B 11 -7.98 -1.14 -0.78
CA ILE B 11 -7.22 -0.57 -1.90
C ILE B 11 -7.41 -1.42 -3.17
N ILE B 12 -7.21 -2.73 -3.06
CA ILE B 12 -7.53 -3.74 -4.08
C ILE B 12 -9.03 -3.70 -4.41
N ASP B 13 -9.91 -3.42 -3.46
CA ASP B 13 -11.35 -3.18 -3.68
C ASP B 13 -11.64 -1.87 -4.40
N VAL B 14 -10.93 -0.77 -4.12
CA VAL B 14 -10.95 0.45 -4.94
C VAL B 14 -10.46 0.18 -6.37
N PHE B 15 -9.53 -0.75 -6.57
CA PHE B 15 -9.28 -1.29 -7.91
C PHE B 15 -10.50 -2.08 -8.43
N SER B 16 -11.03 -3.01 -7.62
CA SER B 16 -12.22 -3.84 -7.88
C SER B 16 -13.58 -3.09 -7.96
N ARG B 17 -13.62 -1.77 -7.75
CA ARG B 17 -14.69 -0.85 -8.15
C ARG B 17 -14.68 -0.70 -9.68
N TYR B 18 -13.53 -0.31 -10.22
CA TYR B 18 -13.35 0.18 -11.58
C TYR B 18 -12.88 -0.95 -12.50
N SER B 19 -11.66 -1.43 -12.32
CA SER B 19 -11.18 -2.61 -13.03
C SER B 19 -11.72 -3.90 -12.44
N GLY B 20 -12.59 -3.81 -11.42
CA GLY B 20 -13.64 -4.80 -11.15
C GLY B 20 -14.48 -5.17 -12.38
N SER B 21 -14.49 -4.31 -13.41
CA SER B 21 -14.90 -4.61 -14.78
C SER B 21 -14.18 -5.84 -15.37
N GLU B 22 -12.87 -5.95 -15.12
CA GLU B 22 -11.88 -6.77 -15.83
C GLU B 22 -12.03 -6.75 -17.37
N GLY B 23 -11.29 -7.63 -18.06
CA GLY B 23 -11.14 -7.65 -19.52
C GLY B 23 -9.91 -6.88 -20.01
N SER B 24 -9.16 -6.27 -19.08
CA SER B 24 -7.79 -5.72 -19.07
C SER B 24 -7.26 -4.87 -20.25
N THR B 25 -8.13 -4.65 -21.24
CA THR B 25 -8.60 -3.35 -21.71
C THR B 25 -9.13 -2.47 -20.56
N GLN B 26 -9.70 -3.09 -19.52
CA GLN B 26 -10.07 -2.46 -18.26
C GLN B 26 -9.56 -3.31 -17.08
N THR B 27 -8.46 -3.04 -16.35
CA THR B 27 -7.47 -1.97 -16.21
C THR B 27 -7.94 -0.52 -16.09
N LEU B 28 -7.22 0.23 -15.25
CA LEU B 28 -7.21 1.69 -15.28
C LEU B 28 -6.51 2.13 -16.57
N THR B 29 -7.23 2.05 -17.69
CA THR B 29 -7.02 2.97 -18.80
C THR B 29 -7.28 4.39 -18.30
N LYS B 30 -6.64 5.37 -18.94
CA LYS B 30 -6.77 6.82 -18.69
C LYS B 30 -8.24 7.30 -18.67
N GLY B 31 -9.12 6.60 -19.40
CA GLY B 31 -10.57 6.86 -19.42
C GLY B 31 -11.35 6.23 -18.25
N GLU B 32 -10.86 5.15 -17.64
CA GLU B 32 -11.44 4.51 -16.44
C GLU B 32 -10.97 5.24 -15.18
N LEU B 33 -9.67 5.53 -15.09
CA LEU B 33 -8.99 6.16 -13.96
C LEU B 33 -9.61 7.50 -13.51
N LYS B 34 -10.16 8.31 -14.42
CA LYS B 34 -10.67 9.66 -14.09
C LYS B 34 -11.81 9.64 -13.05
N VAL B 35 -12.82 8.77 -13.25
CA VAL B 35 -14.02 8.63 -12.41
C VAL B 35 -13.74 7.86 -11.11
N LEU B 36 -12.56 7.26 -11.00
CA LEU B 36 -11.94 6.80 -9.77
C LEU B 36 -11.38 7.98 -8.95
N MET B 37 -10.76 8.99 -9.58
CA MET B 37 -10.09 10.09 -8.87
C MET B 37 -11.08 10.98 -8.12
N GLU B 38 -12.14 11.40 -8.80
CA GLU B 38 -13.19 12.34 -8.37
C GLU B 38 -14.04 11.85 -7.17
N LYS B 39 -13.62 10.73 -6.59
CA LYS B 39 -14.37 9.79 -5.75
C LYS B 39 -13.41 9.20 -4.70
N GLU B 40 -12.31 8.57 -5.14
CA GLU B 40 -11.35 7.92 -4.23
C GLU B 40 -10.03 8.69 -4.03
N LEU B 41 -9.70 9.71 -4.85
CA LEU B 41 -8.46 10.51 -4.75
C LEU B 41 -8.63 12.07 -4.67
N PRO B 42 -9.64 12.64 -3.95
CA PRO B 42 -9.64 14.04 -3.54
C PRO B 42 -8.28 14.66 -3.17
N GLY B 43 -8.00 15.84 -3.72
CA GLY B 43 -6.78 16.62 -3.49
C GLY B 43 -5.79 16.60 -4.67
N PHE B 44 -5.72 15.49 -5.43
CA PHE B 44 -5.14 15.49 -6.78
C PHE B 44 -6.03 16.25 -7.79
N LEU B 45 -7.30 16.45 -7.41
CA LEU B 45 -8.34 17.09 -8.19
C LEU B 45 -8.13 18.60 -8.41
N GLN B 46 -7.07 19.18 -7.81
CA GLN B 46 -6.53 20.49 -8.19
C GLN B 46 -6.20 20.61 -9.69
N SER B 47 -5.91 19.48 -10.33
CA SER B 47 -5.78 19.35 -11.79
C SER B 47 -6.98 18.63 -12.42
N GLY B 48 -7.58 17.67 -11.71
CA GLY B 48 -8.87 17.03 -12.01
C GLY B 48 -8.89 16.06 -13.20
N LYS B 49 -8.13 16.36 -14.27
CA LYS B 49 -7.82 15.46 -15.39
C LYS B 49 -6.74 16.01 -16.32
N ASP B 50 -7.01 17.17 -16.92
CA ASP B 50 -6.20 18.01 -17.84
C ASP B 50 -5.37 17.32 -18.97
N LYS B 51 -5.49 15.99 -19.13
CA LYS B 51 -4.73 15.13 -20.05
C LYS B 51 -3.26 14.89 -19.63
N ASP B 52 -2.75 15.56 -18.60
CA ASP B 52 -1.41 15.36 -18.01
C ASP B 52 -1.41 15.00 -16.51
N ALA B 53 -2.52 15.12 -15.78
CA ALA B 53 -2.60 14.81 -14.35
C ALA B 53 -3.33 13.48 -14.07
N VAL B 54 -4.49 13.25 -14.69
CA VAL B 54 -5.05 11.89 -14.82
C VAL B 54 -4.04 10.96 -15.49
N ASP B 55 -3.21 11.51 -16.38
CA ASP B 55 -2.07 10.86 -17.01
C ASP B 55 -0.89 10.60 -16.06
N LYS B 56 -0.74 11.33 -14.95
CA LYS B 56 0.41 11.16 -14.04
C LYS B 56 0.06 10.21 -12.91
N LEU B 57 -1.20 10.22 -12.46
CA LEU B 57 -1.81 9.11 -11.74
C LEU B 57 -1.96 7.85 -12.62
N LEU B 58 -1.71 7.96 -13.93
CA LEU B 58 -1.37 6.83 -14.81
C LEU B 58 0.15 6.57 -14.77
N LYS B 59 0.96 7.45 -15.40
CA LYS B 59 2.40 7.35 -15.73
C LYS B 59 3.31 6.89 -14.59
N ASP B 60 3.00 7.28 -13.36
CA ASP B 60 3.67 6.77 -12.17
C ASP B 60 3.58 5.24 -12.08
N LEU B 61 2.37 4.68 -12.15
CA LEU B 61 2.06 3.26 -11.98
C LEU B 61 2.26 2.46 -13.27
N ASP B 62 1.74 3.00 -14.38
CA ASP B 62 1.93 2.66 -15.80
C ASP B 62 3.29 2.05 -16.15
N ALA B 63 4.37 2.51 -15.51
CA ALA B 63 5.71 1.93 -15.57
C ALA B 63 5.79 0.41 -15.27
N ASN B 64 4.84 -0.14 -14.51
CA ASN B 64 4.74 -1.55 -14.12
C ASN B 64 3.99 -2.39 -15.19
N GLY B 65 3.41 -1.79 -16.23
CA GLY B 65 2.65 -2.52 -17.25
C GLY B 65 2.70 -1.92 -18.65
N ASP B 66 2.02 -0.78 -18.85
CA ASP B 66 1.75 -0.19 -20.16
C ASP B 66 1.36 1.30 -20.06
N ALA B 67 0.25 1.53 -19.35
CA ALA B 67 -0.67 2.67 -19.36
C ALA B 67 -2.07 2.20 -19.00
N GLN B 68 -2.56 1.11 -19.60
CA GLN B 68 -3.63 0.28 -19.05
C GLN B 68 -3.18 -0.37 -17.72
N VAL B 69 -3.42 0.33 -16.61
CA VAL B 69 -2.93 0.00 -15.26
C VAL B 69 -3.65 -1.22 -14.64
N ASP B 70 -2.91 -2.31 -14.41
CA ASP B 70 -3.26 -3.48 -13.59
C ASP B 70 -3.24 -3.20 -12.06
N PHE B 71 -3.78 -4.13 -11.25
CA PHE B 71 -3.80 -4.03 -9.79
C PHE B 71 -2.41 -4.00 -9.16
N SER B 72 -1.42 -4.71 -9.73
CA SER B 72 -0.03 -4.68 -9.24
C SER B 72 0.56 -3.27 -9.34
N GLU B 73 0.37 -2.62 -10.48
CA GLU B 73 0.74 -1.23 -10.74
C GLU B 73 0.03 -0.31 -9.73
N PHE B 74 -1.30 -0.44 -9.63
CA PHE B 74 -2.11 0.35 -8.71
C PHE B 74 -1.66 0.20 -7.26
N ILE B 75 -1.68 -1.01 -6.68
CA ILE B 75 -1.34 -1.24 -5.26
C ILE B 75 0.06 -0.74 -4.90
N VAL B 76 1.05 -0.93 -5.77
CA VAL B 76 2.41 -0.41 -5.58
C VAL B 76 2.40 1.12 -5.49
N PHE B 77 1.71 1.82 -6.40
CA PHE B 77 1.66 3.28 -6.32
C PHE B 77 0.63 3.84 -5.36
N VAL B 78 -0.33 3.05 -4.88
CA VAL B 78 -1.09 3.44 -3.69
C VAL B 78 -0.14 3.56 -2.48
N ALA B 79 0.92 2.72 -2.38
CA ALA B 79 2.04 2.92 -1.46
C ALA B 79 2.99 4.09 -1.80
N ALA B 80 2.75 4.85 -2.88
CA ALA B 80 3.28 6.20 -3.05
C ALA B 80 2.22 7.24 -2.64
N ILE B 81 0.96 7.08 -3.12
CA ILE B 81 -0.21 7.89 -2.78
C ILE B 81 -0.42 7.98 -1.26
N THR B 82 -0.06 6.94 -0.50
CA THR B 82 -0.06 6.94 0.97
C THR B 82 0.75 8.07 1.61
N SER B 83 1.75 8.61 0.89
CA SER B 83 2.53 9.78 1.28
C SER B 83 1.88 11.07 0.78
N ALA B 84 1.40 11.08 -0.47
CA ALA B 84 0.62 12.20 -1.02
C ALA B 84 -0.71 12.43 -0.27
N SER B 85 -1.23 11.39 0.39
CA SER B 85 -2.48 11.35 1.18
C SER B 85 -2.57 12.42 2.26
N HIS B 86 -1.41 12.95 2.65
CA HIS B 86 -1.22 14.13 3.46
C HIS B 86 -1.87 15.39 2.87
N LYS B 87 -1.71 15.63 1.56
CA LYS B 87 -2.14 16.80 0.76
C LYS B 87 -1.69 18.20 1.24
N TYR B 88 -1.21 18.36 2.49
CA TYR B 88 -0.56 19.58 3.02
C TYR B 88 0.56 19.29 4.05
N PHE B 89 0.46 18.19 4.82
CA PHE B 89 1.54 17.61 5.65
C PHE B 89 2.05 18.44 6.85
N GLU B 90 1.71 19.73 7.00
CA GLU B 90 1.75 20.48 8.28
C GLU B 90 1.21 19.66 9.46
N LYS B 91 0.15 18.91 9.17
CA LYS B 91 -0.75 18.19 10.06
C LYS B 91 -0.87 16.70 9.71
N THR B 92 -0.22 16.25 8.62
CA THR B 92 -0.80 15.28 7.65
C THR B 92 -2.08 15.77 6.94
N GLY B 93 -2.36 17.09 7.03
CA GLY B 93 -3.24 17.88 6.18
C GLY B 93 -4.68 17.39 6.03
N LEU B 94 -4.95 16.57 5.01
CA LEU B 94 -6.27 15.94 4.81
C LEU B 94 -6.49 14.70 5.70
N LYS B 95 -5.43 14.19 6.34
CA LYS B 95 -5.48 13.25 7.46
C LYS B 95 -5.32 13.98 8.81
N MET A 1 -4.81 12.78 2.33
CA MET A 1 -5.85 11.88 2.87
C MET A 1 -7.21 12.06 2.16
N THR A 2 -7.89 10.93 1.92
CA THR A 2 -9.18 10.66 1.24
C THR A 2 -9.79 9.42 1.91
N GLU A 3 -10.92 8.83 1.48
CA GLU A 3 -11.36 7.51 2.03
C GLU A 3 -10.27 6.42 1.89
N LEU A 4 -9.43 6.54 0.86
CA LEU A 4 -8.52 5.51 0.36
C LEU A 4 -7.12 5.76 0.89
N GLU A 5 -6.69 7.03 0.89
CA GLU A 5 -5.55 7.44 1.69
C GLU A 5 -5.85 7.38 3.20
N ALA A 6 -7.11 7.32 3.66
CA ALA A 6 -7.49 6.99 5.03
C ALA A 6 -7.56 5.48 5.27
N ALA A 7 -7.93 4.66 4.28
CA ALA A 7 -7.67 3.22 4.32
C ALA A 7 -6.17 2.93 4.48
N MET A 8 -5.32 3.63 3.70
CA MET A 8 -3.88 3.66 3.98
C MET A 8 -3.55 4.33 5.31
N GLY A 9 -4.29 5.36 5.71
CA GLY A 9 -4.32 5.90 7.06
C GLY A 9 -4.47 4.82 8.13
N MET A 10 -5.26 3.75 7.89
CA MET A 10 -5.39 2.61 8.80
C MET A 10 -4.15 1.70 8.83
N ILE A 11 -3.27 1.75 7.81
CA ILE A 11 -2.10 0.85 7.74
C ILE A 11 -0.76 1.58 7.94
N ILE A 12 -0.76 2.90 7.72
CA ILE A 12 0.05 3.86 8.47
C ILE A 12 -0.37 3.88 9.95
N ASP A 13 -1.67 3.74 10.30
CA ASP A 13 -2.09 3.53 11.69
C ASP A 13 -1.52 2.24 12.22
N VAL A 14 -1.65 1.08 11.55
CA VAL A 14 -0.95 -0.15 11.95
C VAL A 14 0.54 0.12 12.27
N PHE A 15 1.29 0.81 11.40
CA PHE A 15 2.65 1.27 11.73
C PHE A 15 2.72 2.17 12.97
N SER A 16 1.78 3.11 13.10
CA SER A 16 1.60 4.01 14.26
C SER A 16 1.13 3.27 15.53
N ARG A 17 0.66 2.01 15.43
CA ARG A 17 0.40 1.10 16.56
C ARG A 17 1.65 0.28 16.89
N TYR A 18 2.36 -0.25 15.90
CA TYR A 18 3.42 -1.26 16.11
C TYR A 18 4.85 -0.71 16.15
N SER A 19 5.10 0.44 15.54
CA SER A 19 6.12 1.38 16.00
C SER A 19 5.62 2.27 17.14
N GLY A 20 4.29 2.45 17.26
CA GLY A 20 3.64 3.20 18.34
C GLY A 20 3.69 4.73 18.22
N SER A 21 4.42 5.24 17.21
CA SER A 21 4.93 6.61 16.96
C SER A 21 6.45 6.51 16.84
N GLU A 22 7.13 6.20 17.95
CA GLU A 22 8.42 5.51 17.97
C GLU A 22 8.42 4.47 19.11
N GLY A 23 9.13 3.35 18.89
CA GLY A 23 9.42 2.35 19.90
C GLY A 23 10.94 2.20 20.03
N SER A 24 11.56 1.57 19.03
CA SER A 24 13.02 1.56 18.82
C SER A 24 13.67 2.94 18.63
N THR A 25 12.89 3.96 18.22
CA THR A 25 13.15 5.05 17.25
C THR A 25 12.55 4.59 15.93
N GLN A 26 11.69 5.41 15.29
CA GLN A 26 10.62 4.98 14.37
C GLN A 26 11.09 4.13 13.19
N THR A 27 11.17 2.86 13.51
CA THR A 27 11.70 1.71 12.80
C THR A 27 11.15 0.49 13.54
N LEU A 28 11.23 -0.73 12.98
CA LEU A 28 11.07 -1.95 13.78
C LEU A 28 12.31 -2.83 13.70
N THR A 29 12.87 -3.17 14.86
CA THR A 29 13.70 -4.38 14.96
C THR A 29 12.86 -5.65 14.86
N LYS A 30 13.51 -6.76 14.49
CA LYS A 30 12.96 -8.09 14.21
C LYS A 30 12.04 -8.63 15.33
N GLY A 31 12.33 -8.29 16.59
CA GLY A 31 11.55 -8.70 17.76
C GLY A 31 10.46 -7.71 18.20
N GLU A 32 10.56 -6.43 17.81
CA GLU A 32 9.52 -5.41 17.99
C GLU A 32 8.39 -5.66 16.98
N LEU A 33 8.79 -5.97 15.74
CA LEU A 33 7.94 -6.31 14.60
C LEU A 33 6.92 -7.42 14.90
N LYS A 34 7.37 -8.55 15.46
CA LYS A 34 6.59 -9.80 15.50
C LYS A 34 5.30 -9.75 16.31
N VAL A 35 5.21 -8.93 17.37
CA VAL A 35 4.06 -8.90 18.31
C VAL A 35 2.75 -8.53 17.61
N LEU A 36 2.88 -7.76 16.52
CA LEU A 36 1.81 -7.36 15.62
C LEU A 36 1.32 -8.53 14.75
N MET A 37 2.25 -9.36 14.29
CA MET A 37 2.03 -10.18 13.11
C MET A 37 1.19 -11.43 13.43
N GLU A 38 1.04 -11.79 14.71
CA GLU A 38 -0.01 -12.70 15.19
C GLU A 38 -1.41 -12.15 14.92
N LYS A 39 -1.55 -10.82 14.93
CA LYS A 39 -2.81 -10.07 14.96
C LYS A 39 -3.15 -9.57 13.54
N GLU A 40 -2.21 -8.86 12.94
CA GLU A 40 -2.43 -8.10 11.70
C GLU A 40 -1.86 -8.78 10.45
N LEU A 41 -0.92 -9.73 10.59
CA LEU A 41 -0.36 -10.52 9.48
C LEU A 41 -0.27 -12.05 9.78
N PRO A 42 -1.30 -12.73 10.34
CA PRO A 42 -1.28 -14.18 10.47
C PRO A 42 -1.10 -14.89 9.11
N GLY A 43 -0.53 -16.10 9.14
CA GLY A 43 -0.08 -16.83 7.97
C GLY A 43 1.42 -16.65 7.69
N PHE A 44 1.99 -15.48 7.96
CA PHE A 44 3.46 -15.30 8.06
C PHE A 44 4.03 -15.92 9.36
N LEU A 45 3.15 -16.35 10.25
CA LEU A 45 3.41 -16.88 11.60
C LEU A 45 3.69 -18.38 11.65
N GLN A 46 3.66 -19.09 10.51
CA GLN A 46 4.08 -20.49 10.45
C GLN A 46 5.60 -20.65 10.68
N SER A 47 6.36 -19.56 10.57
CA SER A 47 7.68 -19.36 11.18
C SER A 47 7.54 -18.63 12.52
N GLY A 48 6.90 -17.44 12.55
CA GLY A 48 6.66 -16.60 13.73
C GLY A 48 7.91 -15.98 14.40
N LYS A 49 9.07 -16.60 14.18
CA LYS A 49 10.42 -16.04 14.26
C LYS A 49 11.42 -16.89 13.46
N ASP A 50 11.33 -18.23 13.58
CA ASP A 50 12.29 -19.31 13.24
C ASP A 50 13.77 -18.86 13.07
N LYS A 51 14.04 -18.15 11.98
CA LYS A 51 15.15 -17.24 11.68
C LYS A 51 14.80 -16.32 10.49
N ASP A 52 13.78 -16.69 9.70
CA ASP A 52 13.30 -16.04 8.48
C ASP A 52 11.92 -15.39 8.73
N ALA A 53 11.03 -15.34 7.71
CA ALA A 53 9.67 -14.79 7.65
C ALA A 53 9.41 -13.44 8.36
N VAL A 54 9.40 -13.40 9.69
CA VAL A 54 9.52 -12.18 10.51
C VAL A 54 10.75 -11.37 10.09
N ASP A 55 11.83 -12.06 9.72
CA ASP A 55 13.02 -11.50 9.08
C ASP A 55 12.79 -10.96 7.67
N LYS A 56 11.78 -11.44 6.93
CA LYS A 56 11.53 -11.06 5.54
C LYS A 56 10.51 -9.93 5.46
N LEU A 57 9.49 -9.97 6.32
CA LEU A 57 8.71 -8.81 6.75
C LEU A 57 9.54 -7.68 7.38
N LEU A 58 10.84 -7.94 7.60
CA LEU A 58 11.89 -6.97 7.77
C LEU A 58 12.65 -6.79 6.43
N LYS A 59 13.58 -7.69 6.08
CA LYS A 59 14.53 -7.61 4.96
C LYS A 59 13.95 -7.18 3.62
N ASP A 60 12.76 -7.64 3.24
CA ASP A 60 12.16 -7.35 1.93
C ASP A 60 11.89 -5.83 1.78
N LEU A 61 11.50 -5.19 2.89
CA LEU A 61 11.20 -3.76 3.00
C LEU A 61 12.41 -2.95 3.46
N ASP A 62 13.14 -3.46 4.47
CA ASP A 62 14.41 -2.90 4.97
C ASP A 62 15.51 -2.85 3.90
N ALA A 63 15.29 -3.42 2.72
CA ALA A 63 16.01 -3.10 1.49
C ALA A 63 16.09 -1.59 1.20
N ASN A 64 15.14 -0.79 1.70
CA ASN A 64 15.17 0.68 1.68
C ASN A 64 16.06 1.30 2.79
N GLY A 65 16.43 0.54 3.83
CA GLY A 65 17.09 1.02 5.06
C GLY A 65 18.32 0.18 5.42
N ASP A 66 18.16 -0.79 6.33
CA ASP A 66 19.20 -1.78 6.67
C ASP A 66 18.55 -3.03 7.30
N ALA A 67 18.29 -2.99 8.62
CA ALA A 67 17.63 -4.04 9.39
C ALA A 67 16.74 -3.48 10.52
N GLN A 68 16.24 -2.24 10.37
CA GLN A 68 15.20 -1.65 11.20
C GLN A 68 14.16 -0.85 10.39
N VAL A 69 12.98 -1.43 10.14
CA VAL A 69 11.91 -1.03 9.16
C VAL A 69 11.23 0.31 9.46
N ASP A 70 11.46 1.37 8.65
CA ASP A 70 10.71 2.63 8.66
C ASP A 70 9.26 2.51 8.09
N PHE A 71 8.41 3.52 8.33
CA PHE A 71 7.01 3.54 7.88
C PHE A 71 6.85 3.50 6.36
N SER A 72 7.78 4.11 5.62
CA SER A 72 7.83 4.09 4.14
C SER A 72 7.97 2.66 3.64
N GLU A 73 8.90 1.94 4.28
CA GLU A 73 9.33 0.60 3.97
C GLU A 73 8.19 -0.36 4.26
N PHE A 74 7.58 -0.24 5.45
CA PHE A 74 6.34 -0.93 5.77
C PHE A 74 5.24 -0.65 4.76
N ILE A 75 4.81 0.61 4.58
CA ILE A 75 3.65 0.89 3.72
C ILE A 75 3.85 0.38 2.28
N VAL A 76 5.05 0.56 1.70
CA VAL A 76 5.41 0.01 0.39
C VAL A 76 5.24 -1.51 0.36
N PHE A 77 5.79 -2.26 1.32
CA PHE A 77 5.64 -3.71 1.31
C PHE A 77 4.31 -4.23 1.85
N VAL A 78 3.52 -3.45 2.58
CA VAL A 78 2.11 -3.76 2.82
C VAL A 78 1.37 -3.92 1.48
N ALA A 79 1.71 -3.10 0.47
CA ALA A 79 1.26 -3.30 -0.91
C ALA A 79 1.89 -4.48 -1.67
N ALA A 80 2.93 -5.12 -1.14
CA ALA A 80 3.35 -6.45 -1.57
C ALA A 80 2.58 -7.54 -0.80
N ILE A 81 2.43 -7.40 0.53
CA ILE A 81 1.73 -8.31 1.43
C ILE A 81 0.28 -8.54 0.98
N THR A 82 -0.44 -7.48 0.59
CA THR A 82 -1.76 -7.65 -0.05
C THR A 82 -1.67 -8.62 -1.24
N SER A 83 -0.74 -8.44 -2.17
CA SER A 83 -0.51 -9.33 -3.33
C SER A 83 0.04 -10.72 -2.98
N ALA A 84 0.57 -10.91 -1.77
CA ALA A 84 0.85 -12.24 -1.21
C ALA A 84 -0.44 -12.88 -0.68
N SER A 85 -1.24 -12.11 0.07
CA SER A 85 -2.49 -12.55 0.71
C SER A 85 -3.63 -12.81 -0.28
N HIS A 86 -3.85 -11.94 -1.27
CA HIS A 86 -5.07 -11.74 -2.12
C HIS A 86 -5.65 -12.96 -2.89
N LYS A 87 -5.20 -14.20 -2.62
CA LYS A 87 -5.55 -15.44 -3.30
C LYS A 87 -7.02 -15.87 -3.06
N TYR A 88 -7.94 -15.12 -3.66
CA TYR A 88 -9.31 -15.48 -4.08
C TYR A 88 -10.42 -15.46 -3.01
N PHE A 89 -10.14 -15.44 -1.70
CA PHE A 89 -11.17 -15.68 -0.66
C PHE A 89 -11.55 -14.44 0.19
N GLU A 90 -11.38 -14.43 1.52
CA GLU A 90 -11.47 -13.18 2.32
C GLU A 90 -10.40 -12.16 1.87
N LYS A 91 -9.42 -12.71 1.17
CA LYS A 91 -8.31 -12.20 0.39
C LYS A 91 -8.72 -11.37 -0.84
N THR A 92 -9.82 -11.75 -1.51
CA THR A 92 -10.28 -11.17 -2.80
C THR A 92 -11.80 -11.26 -2.92
N GLY A 93 -12.36 -12.49 -2.98
CA GLY A 93 -13.79 -12.78 -3.14
C GLY A 93 -14.75 -11.97 -2.26
N LEU A 94 -14.33 -11.57 -1.06
CA LEU A 94 -15.05 -10.62 -0.20
C LEU A 94 -14.12 -9.62 0.52
N LYS A 95 -13.01 -9.22 -0.12
CA LYS A 95 -12.01 -8.29 0.43
C LYS A 95 -12.53 -6.87 0.73
N MET B 1 -6.21 -12.19 4.50
CA MET B 1 -6.73 -10.84 4.82
C MET B 1 -7.06 -10.73 6.31
N THR B 2 -6.87 -9.54 6.92
CA THR B 2 -6.73 -9.36 8.38
C THR B 2 -7.45 -8.09 8.90
N GLU B 3 -6.71 -7.06 9.33
CA GLU B 3 -7.14 -5.66 9.41
C GLU B 3 -6.14 -4.83 8.61
N LEU B 4 -4.83 -5.00 8.81
CA LEU B 4 -3.77 -4.53 7.91
C LEU B 4 -4.07 -4.91 6.46
N GLU B 5 -4.22 -6.20 6.18
CA GLU B 5 -4.49 -6.67 4.82
C GLU B 5 -5.92 -6.33 4.37
N ALA B 6 -6.90 -6.30 5.29
CA ALA B 6 -8.31 -6.05 4.96
C ALA B 6 -8.60 -4.56 4.71
N ALA B 7 -7.92 -3.66 5.44
CA ALA B 7 -7.78 -2.26 5.06
C ALA B 7 -7.13 -2.18 3.68
N MET B 8 -6.12 -2.99 3.35
CA MET B 8 -5.66 -3.03 1.97
C MET B 8 -6.67 -3.62 0.97
N GLY B 9 -7.58 -4.47 1.42
CA GLY B 9 -8.83 -4.81 0.74
C GLY B 9 -9.66 -3.58 0.34
N MET B 10 -9.58 -2.48 1.11
CA MET B 10 -10.22 -1.17 0.85
C MET B 10 -9.43 -0.26 -0.11
N ILE B 11 -8.16 -0.55 -0.43
CA ILE B 11 -7.42 0.15 -1.50
C ILE B 11 -7.23 -0.71 -2.76
N ILE B 12 -7.27 -2.05 -2.64
CA ILE B 12 -7.73 -2.91 -3.73
C ILE B 12 -9.16 -2.54 -4.12
N ASP B 13 -9.99 -2.02 -3.19
CA ASP B 13 -11.33 -1.51 -3.50
C ASP B 13 -11.34 -0.28 -4.42
N VAL B 14 -10.25 0.50 -4.50
CA VAL B 14 -10.08 1.53 -5.55
C VAL B 14 -10.04 0.88 -6.94
N PHE B 15 -9.40 -0.30 -7.01
CA PHE B 15 -9.45 -1.18 -8.17
C PHE B 15 -10.74 -2.03 -8.24
N SER B 16 -11.64 -1.90 -7.24
CA SER B 16 -13.02 -2.39 -7.31
C SER B 16 -14.03 -1.27 -7.59
N ARG B 17 -13.62 0.02 -7.60
CA ARG B 17 -14.43 1.19 -7.95
C ARG B 17 -14.54 1.34 -9.47
N TYR B 18 -13.46 1.74 -10.16
CA TYR B 18 -13.51 2.01 -11.60
C TYR B 18 -13.36 0.71 -12.40
N SER B 19 -12.12 0.28 -12.66
CA SER B 19 -11.80 -0.93 -13.44
C SER B 19 -12.16 -2.24 -12.72
N GLY B 20 -12.80 -2.13 -11.55
CA GLY B 20 -13.47 -3.18 -10.77
C GLY B 20 -14.57 -3.93 -11.52
N SER B 21 -15.01 -3.41 -12.66
CA SER B 21 -15.49 -4.25 -13.75
C SER B 21 -15.14 -3.64 -15.09
N GLU B 22 -13.84 -3.72 -15.41
CA GLU B 22 -13.26 -3.49 -16.73
C GLU B 22 -13.30 -2.01 -17.17
N GLY B 23 -12.79 -1.77 -18.38
CA GLY B 23 -12.75 -0.46 -19.05
C GLY B 23 -11.61 -0.30 -20.07
N SER B 24 -10.87 -1.39 -20.32
CA SER B 24 -9.47 -1.36 -20.73
C SER B 24 -9.05 -2.68 -21.42
N THR B 25 -9.85 -3.76 -21.29
CA THR B 25 -9.48 -4.96 -20.49
C THR B 25 -9.79 -4.64 -19.00
N GLN B 26 -9.15 -5.30 -18.01
CA GLN B 26 -9.19 -4.90 -16.59
C GLN B 26 -7.83 -4.40 -16.13
N THR B 27 -7.58 -3.14 -16.44
CA THR B 27 -6.46 -2.31 -16.02
C THR B 27 -7.01 -0.89 -15.83
N LEU B 28 -6.30 0.01 -15.15
CA LEU B 28 -6.49 1.44 -15.28
C LEU B 28 -5.69 1.93 -16.51
N THR B 29 -6.36 2.26 -17.62
CA THR B 29 -5.74 3.17 -18.60
C THR B 29 -5.84 4.63 -18.11
N LYS B 30 -4.91 5.48 -18.57
CA LYS B 30 -4.79 6.91 -18.21
C LYS B 30 -6.11 7.68 -18.39
N GLY B 31 -6.84 7.35 -19.46
CA GLY B 31 -8.12 7.96 -19.81
C GLY B 31 -9.31 7.48 -18.96
N GLU B 32 -9.19 6.36 -18.25
CA GLU B 32 -10.21 5.84 -17.34
C GLU B 32 -9.90 6.25 -15.89
N LEU B 33 -8.62 6.12 -15.51
CA LEU B 33 -8.00 6.54 -14.25
C LEU B 33 -8.51 7.90 -13.76
N LYS B 34 -8.45 8.93 -14.61
CA LYS B 34 -8.68 10.34 -14.23
C LYS B 34 -9.96 10.58 -13.40
N VAL B 35 -11.05 9.92 -13.75
CA VAL B 35 -12.39 10.17 -13.18
C VAL B 35 -12.49 9.73 -11.72
N LEU B 36 -11.68 8.72 -11.35
CA LEU B 36 -11.50 8.18 -10.01
C LEU B 36 -10.73 9.17 -9.13
N MET B 37 -9.68 9.78 -9.68
CA MET B 37 -8.74 10.63 -8.94
C MET B 37 -9.42 11.87 -8.35
N GLU B 38 -10.40 12.46 -9.05
CA GLU B 38 -11.25 13.58 -8.57
C GLU B 38 -11.90 13.27 -7.21
N LYS B 39 -12.24 12.01 -7.01
CA LYS B 39 -13.04 11.50 -5.88
C LYS B 39 -12.11 10.93 -4.81
N GLU B 40 -11.10 10.17 -5.26
CA GLU B 40 -10.34 9.25 -4.41
C GLU B 40 -8.89 9.71 -4.16
N LEU B 41 -8.37 10.65 -4.97
CA LEU B 41 -7.05 11.28 -4.87
C LEU B 41 -7.06 12.85 -5.06
N PRO B 42 -8.02 13.65 -4.52
CA PRO B 42 -8.05 15.12 -4.67
C PRO B 42 -6.76 15.94 -4.44
N GLY B 43 -5.73 15.39 -3.77
CA GLY B 43 -4.42 16.05 -3.62
C GLY B 43 -3.54 16.01 -4.86
N PHE B 44 -3.85 15.15 -5.83
CA PHE B 44 -3.12 15.01 -7.09
C PHE B 44 -3.84 15.78 -8.22
N LEU B 45 -5.05 16.27 -7.94
CA LEU B 45 -5.89 17.10 -8.80
C LEU B 45 -5.45 18.56 -8.84
N GLN B 46 -4.49 18.95 -8.01
CA GLN B 46 -3.82 20.26 -8.10
C GLN B 46 -2.97 20.36 -9.39
N SER B 47 -2.56 19.21 -9.96
CA SER B 47 -2.17 19.04 -11.37
C SER B 47 -3.38 18.71 -12.25
N GLY B 48 -4.19 17.72 -11.85
CA GLY B 48 -5.48 17.41 -12.49
C GLY B 48 -5.40 16.63 -13.79
N LYS B 49 -4.52 17.05 -14.70
CA LYS B 49 -3.96 16.45 -15.93
C LYS B 49 -3.67 17.48 -17.03
N ASP B 50 -2.41 17.86 -17.17
CA ASP B 50 -1.87 18.43 -18.41
C ASP B 50 -0.54 17.72 -18.75
N LYS B 51 -0.63 16.43 -19.11
CA LYS B 51 0.45 15.43 -19.25
C LYS B 51 1.48 15.36 -18.10
N ASP B 52 1.27 16.10 -17.02
CA ASP B 52 2.07 16.15 -15.80
C ASP B 52 1.66 15.02 -14.85
N ALA B 53 0.56 15.16 -14.09
CA ALA B 53 -0.04 14.11 -13.27
C ALA B 53 -1.25 13.50 -13.99
N VAL B 54 -1.96 12.58 -13.32
CA VAL B 54 -2.73 11.47 -13.94
C VAL B 54 -1.81 10.57 -14.78
N ASP B 55 -1.07 11.15 -15.72
CA ASP B 55 0.10 10.58 -16.38
C ASP B 55 1.12 10.01 -15.38
N LYS B 56 1.44 10.74 -14.28
CA LYS B 56 2.34 10.23 -13.21
C LYS B 56 1.64 9.40 -12.14
N LEU B 57 0.29 9.39 -12.11
CA LEU B 57 -0.47 8.36 -11.39
C LEU B 57 -0.60 7.08 -12.25
N LEU B 58 0.05 7.07 -13.43
CA LEU B 58 0.22 5.95 -14.33
C LEU B 58 1.71 5.58 -14.41
N LYS B 59 2.56 6.41 -15.04
CA LYS B 59 3.98 6.22 -15.40
C LYS B 59 4.84 5.60 -14.28
N ASP B 60 4.60 5.98 -13.04
CA ASP B 60 5.25 5.45 -11.85
C ASP B 60 4.99 3.93 -11.66
N LEU B 61 3.75 3.47 -11.90
CA LEU B 61 3.26 2.11 -11.68
C LEU B 61 3.26 1.26 -12.97
N ASP B 62 2.88 1.87 -14.09
CA ASP B 62 3.05 1.53 -15.51
C ASP B 62 4.33 0.74 -15.81
N ALA B 63 5.41 1.04 -15.07
CA ALA B 63 6.67 0.30 -15.03
C ALA B 63 6.54 -1.24 -14.89
N ASN B 64 5.47 -1.74 -14.25
CA ASN B 64 5.22 -3.18 -14.09
C ASN B 64 4.54 -3.80 -15.34
N GLY B 65 3.90 -2.99 -16.20
CA GLY B 65 3.09 -3.47 -17.31
C GLY B 65 3.50 -2.85 -18.65
N ASP B 66 2.95 -1.67 -18.95
CA ASP B 66 3.26 -0.86 -20.13
C ASP B 66 2.82 0.61 -19.96
N ALA B 67 1.63 0.77 -19.37
CA ALA B 67 0.79 1.96 -19.20
C ALA B 67 -0.59 1.56 -18.68
N GLN B 68 -1.16 0.45 -19.16
CA GLN B 68 -2.41 -0.10 -18.65
C GLN B 68 -2.16 -0.81 -17.31
N VAL B 69 -2.36 -0.05 -16.24
CA VAL B 69 -2.06 -0.36 -14.84
C VAL B 69 -2.95 -1.47 -14.27
N ASP B 70 -2.40 -2.67 -14.05
CA ASP B 70 -3.05 -3.74 -13.26
C ASP B 70 -3.25 -3.35 -11.77
N PHE B 71 -4.08 -4.10 -11.04
CA PHE B 71 -4.33 -3.92 -9.60
C PHE B 71 -3.04 -3.99 -8.78
N SER B 72 -2.07 -4.80 -9.21
CA SER B 72 -0.76 -4.98 -8.57
C SER B 72 0.02 -3.67 -8.60
N GLU B 73 0.14 -3.11 -9.80
CA GLU B 73 0.85 -1.86 -10.09
C GLU B 73 0.17 -0.71 -9.34
N PHE B 74 -1.16 -0.67 -9.43
CA PHE B 74 -1.99 0.25 -8.67
C PHE B 74 -1.69 0.15 -7.18
N ILE B 75 -1.93 -1.00 -6.53
CA ILE B 75 -1.78 -1.11 -5.08
C ILE B 75 -0.36 -0.80 -4.59
N VAL B 76 0.68 -1.23 -5.33
CA VAL B 76 2.09 -0.91 -5.06
C VAL B 76 2.32 0.61 -4.98
N PHE B 77 1.81 1.38 -5.95
CA PHE B 77 1.99 2.83 -5.93
C PHE B 77 0.91 3.60 -5.19
N VAL B 78 -0.24 3.01 -4.89
CA VAL B 78 -1.15 3.51 -3.86
C VAL B 78 -0.38 3.65 -2.54
N ALA B 79 0.40 2.65 -2.14
CA ALA B 79 1.34 2.77 -1.01
C ALA B 79 2.45 3.84 -1.17
N ALA B 80 2.70 4.37 -2.37
CA ALA B 80 3.52 5.58 -2.58
C ALA B 80 2.68 6.86 -2.51
N ILE B 81 1.43 6.83 -3.01
CA ILE B 81 0.44 7.92 -2.99
C ILE B 81 0.17 8.38 -1.56
N THR B 82 -0.07 7.44 -0.62
CA THR B 82 -0.13 7.78 0.81
C THR B 82 1.09 8.58 1.25
N SER B 83 2.31 8.09 1.02
CA SER B 83 3.54 8.83 1.32
C SER B 83 3.52 10.22 0.67
N ALA B 84 3.18 10.32 -0.61
CA ALA B 84 3.11 11.58 -1.35
C ALA B 84 2.11 12.61 -0.77
N SER B 85 0.93 12.20 -0.27
CA SER B 85 0.10 13.13 0.51
C SER B 85 0.68 13.36 1.92
N HIS B 86 1.16 12.31 2.59
CA HIS B 86 1.44 12.28 4.03
C HIS B 86 2.77 12.92 4.47
N LYS B 87 3.84 12.86 3.67
CA LYS B 87 5.26 12.91 4.14
C LYS B 87 5.76 14.08 5.02
N TYR B 88 4.97 15.12 5.26
CA TYR B 88 5.28 16.20 6.21
C TYR B 88 4.11 16.54 7.16
N PHE B 89 2.99 15.83 7.05
CA PHE B 89 1.80 15.78 7.91
C PHE B 89 1.03 17.09 8.15
N GLU B 90 1.68 18.26 8.23
CA GLU B 90 1.09 19.53 7.81
C GLU B 90 0.68 19.45 6.32
N LYS B 91 1.41 18.65 5.54
CA LYS B 91 1.13 18.32 4.13
C LYS B 91 -0.22 17.62 3.95
N THR B 92 -0.45 16.43 4.52
CA THR B 92 -1.80 15.82 4.50
C THR B 92 -2.80 16.50 5.45
N GLY B 93 -2.33 17.37 6.37
CA GLY B 93 -3.15 18.30 7.13
C GLY B 93 -3.82 19.34 6.23
N LEU B 94 -3.15 19.74 5.14
CA LEU B 94 -3.76 20.46 4.03
C LEU B 94 -4.49 19.51 3.07
N LYS B 95 -3.78 18.54 2.46
CA LYS B 95 -4.41 17.64 1.49
C LYS B 95 -3.87 16.20 1.43
N MET A 1 -6.83 13.05 2.16
CA MET A 1 -7.44 11.82 2.70
C MET A 1 -8.81 11.57 2.06
N THR A 2 -9.06 10.32 1.66
CA THR A 2 -10.28 9.79 1.01
C THR A 2 -10.50 8.33 1.46
N GLU A 3 -11.35 7.50 0.83
CA GLU A 3 -11.30 6.05 1.06
C GLU A 3 -9.88 5.52 0.79
N LEU A 4 -9.35 5.70 -0.43
CA LEU A 4 -7.99 5.44 -0.87
C LEU A 4 -6.98 5.94 0.17
N GLU A 5 -6.90 7.26 0.34
CA GLU A 5 -5.80 7.85 1.07
C GLU A 5 -5.92 7.64 2.59
N ALA A 6 -7.13 7.59 3.16
CA ALA A 6 -7.31 7.32 4.60
C ALA A 6 -7.14 5.83 4.91
N ALA A 7 -7.62 4.92 4.05
CA ALA A 7 -7.29 3.51 4.20
C ALA A 7 -5.78 3.31 4.14
N MET A 8 -5.05 3.88 3.17
CA MET A 8 -3.58 3.79 3.23
C MET A 8 -2.91 4.71 4.25
N GLY A 9 -3.67 5.54 4.96
CA GLY A 9 -3.34 6.06 6.28
C GLY A 9 -3.40 4.99 7.37
N MET A 10 -4.37 4.06 7.35
CA MET A 10 -4.49 2.97 8.35
C MET A 10 -3.29 2.01 8.37
N ILE A 11 -2.69 1.70 7.21
CA ILE A 11 -1.54 0.79 7.18
C ILE A 11 -0.22 1.49 7.53
N ILE A 12 -0.14 2.83 7.50
CA ILE A 12 0.87 3.57 8.30
C ILE A 12 0.42 3.65 9.77
N ASP A 13 -0.88 3.80 10.06
CA ASP A 13 -1.37 3.75 11.43
C ASP A 13 -0.97 2.44 12.12
N VAL A 14 -0.94 1.29 11.44
CA VAL A 14 -0.40 0.05 12.05
C VAL A 14 1.04 0.20 12.55
N PHE A 15 1.85 1.00 11.86
CA PHE A 15 3.18 1.40 12.32
C PHE A 15 3.07 2.31 13.55
N SER A 16 2.09 3.22 13.58
CA SER A 16 1.65 3.97 14.78
C SER A 16 1.10 3.09 15.93
N ARG A 17 0.56 1.88 15.66
CA ARG A 17 0.21 0.88 16.69
C ARG A 17 1.47 0.19 17.21
N TYR A 18 2.28 -0.42 16.33
CA TYR A 18 3.27 -1.44 16.70
C TYR A 18 4.74 -1.00 16.63
N SER A 19 5.10 0.08 15.90
CA SER A 19 6.23 0.90 16.34
C SER A 19 5.76 1.90 17.41
N GLY A 20 4.47 2.26 17.46
CA GLY A 20 3.88 3.08 18.51
C GLY A 20 3.94 4.59 18.25
N SER A 21 4.73 5.03 17.26
CA SER A 21 5.23 6.37 16.90
C SER A 21 6.75 6.32 16.84
N GLU A 22 7.38 5.88 17.93
CA GLU A 22 8.71 5.24 18.03
C GLU A 22 8.65 4.15 19.12
N GLY A 23 9.21 2.96 18.85
CA GLY A 23 9.27 1.84 19.81
C GLY A 23 10.69 1.32 20.03
N SER A 24 11.60 1.71 19.14
CA SER A 24 12.88 1.11 18.80
C SER A 24 13.87 2.18 18.28
N THR A 25 13.54 3.47 18.48
CA THR A 25 13.29 4.46 17.40
C THR A 25 12.09 4.04 16.51
N GLN A 26 11.65 4.86 15.55
CA GLN A 26 10.59 4.51 14.59
C GLN A 26 11.00 3.50 13.52
N THR A 27 11.20 2.27 14.00
CA THR A 27 11.44 1.07 13.20
C THR A 27 10.77 -0.13 13.87
N LEU A 28 10.42 -1.18 13.12
CA LEU A 28 10.14 -2.53 13.62
C LEU A 28 11.43 -3.34 13.65
N THR A 29 12.00 -3.60 14.84
CA THR A 29 12.96 -4.72 14.97
C THR A 29 12.25 -6.08 14.87
N LYS A 30 12.97 -7.17 14.57
CA LYS A 30 12.45 -8.54 14.47
C LYS A 30 11.60 -8.94 15.70
N GLY A 31 12.04 -8.53 16.89
CA GLY A 31 11.37 -8.78 18.17
C GLY A 31 10.10 -7.94 18.44
N GLU A 32 9.87 -6.90 17.65
CA GLU A 32 8.78 -5.94 17.72
C GLU A 32 7.75 -6.27 16.63
N LEU A 33 8.26 -6.42 15.41
CA LEU A 33 7.60 -6.93 14.20
C LEU A 33 6.73 -8.15 14.45
N LYS A 34 7.16 -9.11 15.29
CA LYS A 34 6.37 -10.30 15.64
C LYS A 34 5.01 -9.98 16.28
N VAL A 35 4.92 -8.93 17.13
CA VAL A 35 3.76 -8.64 17.99
C VAL A 35 2.55 -8.21 17.16
N LEU A 36 2.83 -7.54 16.04
CA LEU A 36 1.96 -7.16 14.94
C LEU A 36 1.44 -8.37 14.15
N MET A 37 2.23 -9.45 14.01
CA MET A 37 1.99 -10.46 12.98
C MET A 37 0.89 -11.45 13.36
N GLU A 38 0.73 -11.78 14.65
CA GLU A 38 -0.40 -12.58 15.16
C GLU A 38 -1.76 -11.93 14.90
N LYS A 39 -1.75 -10.60 14.73
CA LYS A 39 -2.91 -9.72 14.79
C LYS A 39 -3.28 -9.23 13.39
N GLU A 40 -2.30 -8.64 12.70
CA GLU A 40 -2.50 -7.89 11.46
C GLU A 40 -1.93 -8.61 10.22
N LEU A 41 -1.19 -9.72 10.40
CA LEU A 41 -0.78 -10.66 9.35
C LEU A 41 -1.05 -12.17 9.66
N PRO A 42 -2.11 -12.60 10.40
CA PRO A 42 -2.44 -14.02 10.57
C PRO A 42 -2.43 -14.81 9.25
N GLY A 43 -1.52 -15.79 9.19
CA GLY A 43 -1.25 -16.60 8.01
C GLY A 43 0.24 -16.72 7.69
N PHE A 44 1.02 -15.64 7.83
CA PHE A 44 2.49 -15.79 7.93
C PHE A 44 2.90 -16.55 9.20
N LEU A 45 1.99 -16.59 10.17
CA LEU A 45 2.01 -17.42 11.39
C LEU A 45 1.96 -18.93 11.12
N GLN A 46 1.74 -19.37 9.87
CA GLN A 46 2.03 -20.74 9.43
C GLN A 46 3.53 -21.08 9.50
N SER A 47 4.40 -20.06 9.53
CA SER A 47 5.82 -20.19 9.86
C SER A 47 6.13 -19.51 11.19
N GLY A 48 5.64 -18.28 11.40
CA GLY A 48 5.47 -17.60 12.70
C GLY A 48 6.74 -17.23 13.47
N LYS A 49 7.83 -17.98 13.35
CA LYS A 49 9.19 -17.66 13.80
C LYS A 49 10.19 -18.46 12.96
N ASP A 50 10.33 -19.77 13.23
CA ASP A 50 11.42 -20.65 12.78
C ASP A 50 12.80 -20.08 13.16
N LYS A 51 13.24 -19.07 12.40
CA LYS A 51 14.39 -18.16 12.47
C LYS A 51 14.45 -17.32 11.18
N ASP A 52 13.91 -17.84 10.07
CA ASP A 52 13.80 -17.24 8.75
C ASP A 52 12.38 -16.71 8.41
N ALA A 53 11.40 -16.81 9.32
CA ALA A 53 10.15 -16.05 9.25
C ALA A 53 10.05 -15.08 10.42
N VAL A 54 9.13 -14.10 10.34
CA VAL A 54 9.27 -12.76 10.96
C VAL A 54 10.49 -12.03 10.37
N ASP A 55 11.66 -12.69 10.36
CA ASP A 55 12.87 -12.39 9.60
C ASP A 55 12.66 -12.09 8.11
N LYS A 56 11.78 -12.81 7.41
CA LYS A 56 11.47 -12.54 5.98
C LYS A 56 10.27 -11.62 5.79
N LEU A 57 9.53 -11.32 6.86
CA LEU A 57 8.64 -10.15 6.94
C LEU A 57 9.44 -8.88 7.33
N LEU A 58 10.77 -9.01 7.42
CA LEU A 58 11.77 -8.00 7.71
C LEU A 58 12.69 -7.87 6.48
N LYS A 59 13.52 -8.88 6.18
CA LYS A 59 14.55 -8.96 5.12
C LYS A 59 14.07 -8.54 3.72
N ASP A 60 12.80 -8.77 3.41
CA ASP A 60 12.17 -8.31 2.17
C ASP A 60 12.11 -6.78 2.08
N LEU A 61 11.74 -6.11 3.19
CA LEU A 61 11.52 -4.66 3.27
C LEU A 61 12.78 -3.90 3.69
N ASP A 62 13.50 -4.44 4.67
CA ASP A 62 14.85 -4.16 5.19
C ASP A 62 15.83 -3.51 4.20
N ALA A 63 15.79 -3.91 2.92
CA ALA A 63 16.52 -3.28 1.82
C ALA A 63 16.32 -1.75 1.68
N ASN A 64 15.21 -1.21 2.21
CA ASN A 64 14.87 0.22 2.21
C ASN A 64 15.51 0.97 3.41
N GLY A 65 16.12 0.30 4.39
CA GLY A 65 16.72 0.96 5.56
C GLY A 65 17.87 0.20 6.20
N ASP A 66 17.57 -0.92 6.87
CA ASP A 66 18.53 -1.63 7.72
C ASP A 66 18.19 -3.12 7.90
N ALA A 67 17.03 -3.38 8.51
CA ALA A 67 16.59 -4.58 9.24
C ALA A 67 15.63 -4.15 10.35
N GLN A 68 16.05 -3.18 11.18
CA GLN A 68 15.10 -2.33 11.90
C GLN A 68 14.27 -1.53 10.88
N VAL A 69 13.11 -2.08 10.52
CA VAL A 69 12.23 -1.70 9.40
C VAL A 69 11.46 -0.41 9.69
N ASP A 70 11.83 0.70 9.04
CA ASP A 70 11.12 1.99 9.02
C ASP A 70 9.70 1.90 8.38
N PHE A 71 8.88 2.94 8.58
CA PHE A 71 7.52 3.03 8.07
C PHE A 71 7.46 2.97 6.54
N SER A 72 8.47 3.51 5.83
CA SER A 72 8.56 3.48 4.37
C SER A 72 8.73 2.04 3.88
N GLU A 73 9.74 1.34 4.39
CA GLU A 73 10.00 -0.08 4.15
C GLU A 73 8.74 -0.90 4.39
N PHE A 74 8.13 -0.66 5.56
CA PHE A 74 6.89 -1.29 5.96
C PHE A 74 5.75 -1.03 4.97
N ILE A 75 5.31 0.22 4.76
CA ILE A 75 4.15 0.52 3.90
C ILE A 75 4.33 0.04 2.45
N VAL A 76 5.56 0.10 1.92
CA VAL A 76 5.90 -0.44 0.60
C VAL A 76 5.68 -1.95 0.53
N PHE A 77 6.18 -2.73 1.50
CA PHE A 77 5.97 -4.18 1.49
C PHE A 77 4.64 -4.64 2.06
N VAL A 78 3.93 -3.80 2.80
CA VAL A 78 2.50 -3.97 3.08
C VAL A 78 1.74 -4.03 1.75
N ALA A 79 1.99 -3.08 0.82
CA ALA A 79 1.52 -3.18 -0.56
C ALA A 79 2.02 -4.43 -1.34
N ALA A 80 3.00 -5.19 -0.83
CA ALA A 80 3.31 -6.54 -1.30
C ALA A 80 2.49 -7.61 -0.54
N ILE A 81 2.30 -7.49 0.78
CA ILE A 81 1.53 -8.39 1.68
C ILE A 81 0.09 -8.61 1.17
N THR A 82 -0.60 -7.55 0.69
CA THR A 82 -1.91 -7.67 0.00
C THR A 82 -1.89 -8.53 -1.28
N SER A 83 -0.70 -8.95 -1.73
CA SER A 83 -0.50 -9.97 -2.76
C SER A 83 0.17 -11.23 -2.20
N ALA A 84 1.00 -11.12 -1.16
CA ALA A 84 1.89 -12.18 -0.68
C ALA A 84 1.28 -13.06 0.44
N SER A 85 0.43 -12.53 1.33
CA SER A 85 -0.39 -13.39 2.21
C SER A 85 -1.27 -14.30 1.35
N HIS A 86 -1.95 -13.66 0.39
CA HIS A 86 -2.94 -14.22 -0.51
C HIS A 86 -2.33 -15.17 -1.54
N LYS A 87 -1.50 -14.64 -2.46
CA LYS A 87 -0.92 -15.17 -3.71
C LYS A 87 -1.86 -15.93 -4.67
N TYR A 88 -3.15 -15.95 -4.34
CA TYR A 88 -4.18 -16.91 -4.79
C TYR A 88 -3.80 -18.37 -4.49
N PHE A 89 -4.57 -19.02 -3.60
CA PHE A 89 -4.42 -20.46 -3.31
C PHE A 89 -5.75 -21.20 -3.59
N GLU A 90 -6.70 -21.27 -2.65
CA GLU A 90 -8.11 -21.52 -2.96
C GLU A 90 -8.76 -20.23 -3.49
N LYS A 91 -8.40 -19.12 -2.84
CA LYS A 91 -8.54 -17.70 -3.18
C LYS A 91 -7.53 -16.82 -2.40
N THR A 92 -7.13 -17.18 -1.17
CA THR A 92 -6.06 -16.49 -0.40
C THR A 92 -5.24 -17.41 0.53
N GLY A 93 -5.39 -18.73 0.44
CA GLY A 93 -4.85 -19.74 1.35
C GLY A 93 -5.57 -19.79 2.69
N LEU A 94 -6.81 -19.30 2.78
CA LEU A 94 -7.50 -18.84 4.01
C LEU A 94 -6.84 -17.66 4.77
N LYS A 95 -5.90 -16.91 4.15
CA LYS A 95 -5.44 -15.60 4.64
C LYS A 95 -5.55 -14.53 3.55
N MET B 1 -6.80 -11.99 4.91
CA MET B 1 -7.36 -10.62 4.90
C MET B 1 -7.72 -10.19 6.33
N THR B 2 -6.74 -9.61 7.03
CA THR B 2 -6.74 -9.03 8.39
C THR B 2 -7.39 -7.64 8.46
N GLU B 3 -7.36 -6.92 9.60
CA GLU B 3 -7.80 -5.50 9.65
C GLU B 3 -7.08 -4.68 8.56
N LEU B 4 -5.75 -4.82 8.50
CA LEU B 4 -4.92 -4.00 7.63
C LEU B 4 -4.77 -4.57 6.22
N GLU B 5 -4.89 -5.89 6.02
CA GLU B 5 -5.12 -6.42 4.67
C GLU B 5 -6.53 -6.09 4.16
N ALA B 6 -7.55 -5.90 5.02
CA ALA B 6 -8.86 -5.39 4.64
C ALA B 6 -8.84 -3.87 4.37
N ALA B 7 -8.04 -3.11 5.12
CA ALA B 7 -7.67 -1.74 4.74
C ALA B 7 -7.02 -1.74 3.35
N MET B 8 -6.08 -2.64 3.06
CA MET B 8 -5.61 -2.83 1.68
C MET B 8 -6.67 -3.35 0.71
N GLY B 9 -7.61 -4.17 1.19
CA GLY B 9 -8.89 -4.41 0.56
C GLY B 9 -9.50 -3.10 0.07
N MET B 10 -9.65 -2.08 0.93
CA MET B 10 -10.14 -0.74 0.52
C MET B 10 -9.31 -0.09 -0.60
N ILE B 11 -7.96 -0.11 -0.57
CA ILE B 11 -7.17 0.49 -1.68
C ILE B 11 -7.04 -0.37 -2.94
N ILE B 12 -7.22 -1.70 -2.84
CA ILE B 12 -7.52 -2.56 -3.99
C ILE B 12 -8.97 -2.33 -4.46
N ASP B 13 -9.88 -1.92 -3.58
CA ASP B 13 -11.31 -1.74 -3.86
C ASP B 13 -11.64 -0.37 -4.46
N VAL B 14 -10.95 0.73 -4.13
CA VAL B 14 -11.03 1.94 -4.95
C VAL B 14 -10.49 1.70 -6.37
N PHE B 15 -9.61 0.71 -6.57
CA PHE B 15 -9.27 0.19 -7.88
C PHE B 15 -10.37 -0.75 -8.43
N SER B 16 -10.98 -1.61 -7.59
CA SER B 16 -12.17 -2.43 -7.91
C SER B 16 -13.49 -1.66 -8.03
N ARG B 17 -13.48 -0.33 -7.84
CA ARG B 17 -14.49 0.63 -8.32
C ARG B 17 -14.30 0.84 -9.82
N TYR B 18 -13.12 1.33 -10.23
CA TYR B 18 -12.91 1.93 -11.56
C TYR B 18 -12.24 1.01 -12.59
N SER B 19 -11.54 -0.03 -12.16
CA SER B 19 -11.31 -1.24 -12.97
C SER B 19 -12.45 -2.27 -12.83
N GLY B 20 -13.54 -1.91 -12.12
CA GLY B 20 -14.29 -2.74 -11.17
C GLY B 20 -15.02 -4.01 -11.65
N SER B 21 -14.95 -4.29 -12.95
CA SER B 21 -15.03 -5.64 -13.51
C SER B 21 -13.86 -5.71 -14.49
N GLU B 22 -13.95 -4.83 -15.50
CA GLU B 22 -12.87 -4.33 -16.31
C GLU B 22 -13.12 -2.82 -16.59
N GLY B 23 -12.09 -2.10 -17.05
CA GLY B 23 -12.17 -0.71 -17.52
C GLY B 23 -11.06 -0.43 -18.54
N SER B 24 -10.90 -1.38 -19.48
CA SER B 24 -9.66 -1.99 -20.02
C SER B 24 -9.90 -3.52 -20.06
N THR B 25 -8.85 -4.35 -19.98
CA THR B 25 -8.93 -5.71 -19.42
C THR B 25 -8.45 -5.67 -17.96
N GLN B 26 -9.31 -5.16 -17.07
CA GLN B 26 -9.11 -4.78 -15.65
C GLN B 26 -7.77 -4.15 -15.23
N THR B 27 -7.13 -3.42 -16.14
CA THR B 27 -6.22 -2.33 -15.79
C THR B 27 -6.99 -1.00 -15.61
N LEU B 28 -6.31 0.00 -15.06
CA LEU B 28 -6.57 1.42 -15.27
C LEU B 28 -5.82 1.88 -16.52
N THR B 29 -6.54 2.07 -17.63
CA THR B 29 -6.07 2.99 -18.67
C THR B 29 -6.21 4.44 -18.17
N LYS B 30 -5.37 5.33 -18.73
CA LYS B 30 -5.34 6.78 -18.48
C LYS B 30 -6.73 7.44 -18.55
N GLY B 31 -7.59 6.97 -19.48
CA GLY B 31 -8.94 7.48 -19.69
C GLY B 31 -9.98 6.99 -18.67
N GLU B 32 -9.74 5.86 -18.00
CA GLU B 32 -10.56 5.33 -16.91
C GLU B 32 -10.14 6.01 -15.59
N LEU B 33 -8.83 5.92 -15.33
CA LEU B 33 -8.11 6.49 -14.20
C LEU B 33 -8.61 7.88 -13.80
N LYS B 34 -8.86 8.80 -14.75
CA LYS B 34 -9.31 10.16 -14.43
C LYS B 34 -10.58 10.22 -13.54
N VAL B 35 -11.57 9.34 -13.77
CA VAL B 35 -12.90 9.45 -13.15
C VAL B 35 -12.86 9.12 -11.66
N LEU B 36 -11.94 8.23 -11.28
CA LEU B 36 -11.52 7.91 -9.92
C LEU B 36 -10.88 9.11 -9.20
N MET B 37 -10.09 9.94 -9.91
CA MET B 37 -9.24 10.94 -9.26
C MET B 37 -10.06 12.04 -8.57
N GLU B 38 -11.20 12.45 -9.14
CA GLU B 38 -12.16 13.36 -8.51
C GLU B 38 -12.61 12.90 -7.12
N LYS B 39 -12.63 11.58 -6.92
CA LYS B 39 -13.18 10.88 -5.76
C LYS B 39 -12.08 10.54 -4.75
N GLU B 40 -10.97 10.01 -5.26
CA GLU B 40 -9.96 9.32 -4.48
C GLU B 40 -8.55 9.93 -4.53
N LEU B 41 -8.29 10.91 -5.42
CA LEU B 41 -7.22 11.89 -5.23
C LEU B 41 -7.68 13.34 -5.59
N PRO B 42 -8.72 13.89 -4.92
CA PRO B 42 -8.99 15.32 -4.92
C PRO B 42 -7.76 16.14 -4.50
N GLY B 43 -7.78 17.44 -4.75
CA GLY B 43 -6.61 18.30 -4.54
C GLY B 43 -5.54 18.10 -5.64
N PHE B 44 -5.15 16.87 -6.00
CA PHE B 44 -4.33 16.62 -7.22
C PHE B 44 -5.03 17.15 -8.48
N LEU B 45 -6.37 17.21 -8.44
CA LEU B 45 -7.25 17.90 -9.37
C LEU B 45 -6.95 19.41 -9.53
N GLN B 46 -6.00 19.99 -8.78
CA GLN B 46 -5.35 21.26 -9.13
C GLN B 46 -4.74 21.26 -10.55
N SER B 47 -4.34 20.09 -11.06
CA SER B 47 -4.04 19.85 -12.48
C SER B 47 -5.25 19.36 -13.28
N GLY B 48 -6.06 18.49 -12.68
CA GLY B 48 -7.25 17.89 -13.29
C GLY B 48 -6.88 16.90 -14.40
N LYS B 49 -6.57 17.42 -15.59
CA LYS B 49 -5.77 16.74 -16.63
C LYS B 49 -5.10 17.77 -17.55
N ASP B 50 -3.78 17.75 -17.58
CA ASP B 50 -2.87 18.70 -18.23
C ASP B 50 -1.64 17.98 -18.84
N LYS B 51 -1.68 16.64 -18.87
CA LYS B 51 -0.58 15.66 -19.05
C LYS B 51 0.61 15.78 -18.06
N ASP B 52 0.53 16.65 -17.05
CA ASP B 52 1.52 16.78 -15.97
C ASP B 52 0.98 16.17 -14.65
N ALA B 53 -0.34 15.95 -14.56
CA ALA B 53 -1.03 14.95 -13.75
C ALA B 53 -2.05 14.20 -14.62
N VAL B 54 -2.82 13.27 -14.01
CA VAL B 54 -3.50 12.12 -14.64
C VAL B 54 -2.53 11.20 -15.38
N ASP B 55 -1.79 11.71 -16.36
CA ASP B 55 -0.65 11.05 -17.02
C ASP B 55 0.42 10.62 -16.01
N LYS B 56 0.64 11.38 -14.93
CA LYS B 56 1.61 11.06 -13.87
C LYS B 56 1.01 10.30 -12.68
N LEU B 57 -0.32 10.28 -12.57
CA LEU B 57 -1.06 9.33 -11.74
C LEU B 57 -1.10 7.94 -12.42
N LEU B 58 -0.52 7.83 -13.63
CA LEU B 58 -0.32 6.64 -14.44
C LEU B 58 1.19 6.31 -14.56
N LYS B 59 2.00 7.19 -15.17
CA LYS B 59 3.44 6.97 -15.50
C LYS B 59 4.30 6.45 -14.34
N ASP B 60 3.97 6.78 -13.09
CA ASP B 60 4.65 6.33 -11.87
C ASP B 60 4.41 4.85 -11.52
N LEU B 61 3.46 4.17 -12.17
CA LEU B 61 2.99 2.80 -11.89
C LEU B 61 2.84 1.93 -13.15
N ASP B 62 2.54 2.60 -14.27
CA ASP B 62 2.73 2.27 -15.70
C ASP B 62 4.11 1.66 -16.04
N ALA B 63 5.08 1.72 -15.13
CA ALA B 63 6.22 0.82 -15.05
C ALA B 63 5.85 -0.68 -15.25
N ASN B 64 4.61 -1.05 -14.89
CA ASN B 64 3.92 -2.30 -15.23
C ASN B 64 3.71 -2.55 -16.73
N GLY B 65 3.21 -1.55 -17.48
CA GLY B 65 2.41 -1.76 -18.68
C GLY B 65 2.09 -0.51 -19.50
N ASP B 66 3.08 0.40 -19.64
CA ASP B 66 3.25 1.52 -20.61
C ASP B 66 2.19 2.63 -20.69
N ALA B 67 0.92 2.30 -20.41
CA ALA B 67 -0.23 3.19 -20.20
C ALA B 67 -1.47 2.48 -19.60
N GLN B 68 -1.38 1.19 -19.24
CA GLN B 68 -2.46 0.39 -18.66
C GLN B 68 -1.98 -0.31 -17.38
N VAL B 69 -2.33 0.27 -16.23
CA VAL B 69 -1.90 -0.09 -14.87
C VAL B 69 -2.72 -1.27 -14.30
N ASP B 70 -2.10 -2.39 -13.90
CA ASP B 70 -2.79 -3.41 -13.08
C ASP B 70 -2.97 -2.98 -11.59
N PHE B 71 -3.85 -3.71 -10.87
CA PHE B 71 -4.22 -3.47 -9.46
C PHE B 71 -3.03 -3.46 -8.49
N SER B 72 -2.09 -4.41 -8.65
CA SER B 72 -0.83 -4.49 -7.90
C SER B 72 0.00 -3.20 -8.01
N GLU B 73 -0.13 -2.52 -9.14
CA GLU B 73 0.84 -1.52 -9.60
C GLU B 73 0.35 -0.15 -9.14
N PHE B 74 -0.97 0.03 -9.26
CA PHE B 74 -1.73 0.95 -8.44
C PHE B 74 -1.44 0.78 -6.94
N ILE B 75 -1.47 -0.44 -6.39
CA ILE B 75 -1.21 -0.62 -4.94
C ILE B 75 0.21 -0.21 -4.52
N VAL B 76 1.25 -0.39 -5.36
CA VAL B 76 2.57 0.22 -5.08
C VAL B 76 2.50 1.76 -5.09
N PHE B 77 1.84 2.36 -6.10
CA PHE B 77 1.66 3.81 -6.15
C PHE B 77 0.92 4.33 -4.93
N VAL B 78 -0.20 3.71 -4.54
CA VAL B 78 -0.97 4.10 -3.37
C VAL B 78 -0.12 3.99 -2.09
N ALA B 79 0.84 3.04 -2.02
CA ALA B 79 1.86 2.96 -0.98
C ALA B 79 3.02 3.99 -1.12
N ALA B 80 3.04 4.81 -2.17
CA ALA B 80 3.68 6.12 -2.17
C ALA B 80 2.68 7.21 -1.73
N ILE B 81 1.44 7.22 -2.25
CA ILE B 81 0.38 8.21 -1.97
C ILE B 81 0.06 8.35 -0.48
N THR B 82 0.07 7.24 0.29
CA THR B 82 0.10 7.21 1.76
C THR B 82 1.01 8.28 2.40
N SER B 83 2.10 8.66 1.71
CA SER B 83 2.95 9.82 1.98
C SER B 83 2.70 11.01 1.03
N ALA B 84 2.63 10.76 -0.29
CA ALA B 84 2.61 11.78 -1.34
C ALA B 84 1.27 12.56 -1.47
N SER B 85 0.21 12.17 -0.74
CA SER B 85 -1.04 12.95 -0.59
C SER B 85 -0.84 14.38 -0.09
N HIS B 86 0.37 14.74 0.36
CA HIS B 86 0.74 16.11 0.71
C HIS B 86 0.58 17.11 -0.47
N LYS B 87 0.37 16.62 -1.70
CA LYS B 87 0.03 17.41 -2.89
C LYS B 87 -1.18 18.36 -2.71
N TYR B 88 -2.08 18.10 -1.75
CA TYR B 88 -3.31 18.86 -1.47
C TYR B 88 -3.09 20.38 -1.28
N PHE B 89 -2.48 20.86 -0.17
CA PHE B 89 -2.16 22.31 0.05
C PHE B 89 -1.12 22.91 -0.94
N GLU B 90 -0.92 22.23 -2.06
CA GLU B 90 0.34 22.02 -2.78
C GLU B 90 1.34 21.15 -1.99
N LYS B 91 1.45 21.29 -0.64
CA LYS B 91 2.50 20.68 0.21
C LYS B 91 2.10 20.00 1.55
N THR B 92 0.84 20.04 1.98
CA THR B 92 0.21 19.21 3.03
C THR B 92 -1.32 19.26 2.82
N GLY B 93 -2.12 19.87 3.70
CA GLY B 93 -3.52 20.23 3.43
C GLY B 93 -4.51 19.20 3.98
N LEU B 94 -4.48 17.99 3.45
CA LEU B 94 -5.19 16.85 4.03
C LEU B 94 -4.34 15.57 3.98
N LYS B 95 -3.05 15.76 4.32
CA LYS B 95 -2.00 14.78 4.59
C LYS B 95 -0.88 15.48 5.39
#